data_3TAF
#
_entry.id   3TAF
#
_cell.length_a   132.984
_cell.length_b   123.242
_cell.length_c   169.347
_cell.angle_alpha   90.00
_cell.angle_beta   96.96
_cell.angle_gamma   90.00
#
_symmetry.space_group_name_H-M   'P 1 21 1'
#
loop_
_entity.id
_entity.type
_entity.pdbx_description
1 polymer 'DNA-directed DNA polymerase'
2 polymer "DNA (5'-D(*CP*CP*(C37)P*GP*GP*TP*AP*TP*GP*AP*CP*AP*GP*CP*CP*GP*CP*G)-3')"
3 polymer "DNA (5'-D(*GP*CP*GP*GP*CP*TP*GP*TP*CP*AP*TP*AP*CP*CP*G)-3')"
4 non-polymer 'SULFATE ION'
5 water water
#
loop_
_entity_poly.entity_id
_entity_poly.type
_entity_poly.pdbx_seq_one_letter_code
_entity_poly.pdbx_strand_id
1 'polypeptide(L)'
;MKEFYLTVEQIGDSIFERYIDSNGRERTREVEYKPSLFAHCPESQATKYFDIYGKPCTRKLFANMRDASQWIKRMEDIGL
EALGMDDFKLAYLSDTYNYEIKYDHTKIRVANFDIEVTSPDGFPEPSQAKHPIDAITHYDSIDDRFYVFDLLNSPYGNVE
EWSIEIAAKLQEQGGDEVPSEIIDKIIYMPFDNEKELLMEYLNFWQQKTPVILTGWNVESFAIPYVYNRIKNIFGESTAK
RLSPHRKTRVKVIENMYGSREIITLFGISVLDYIDLYKKFSFTNQPSYSLDYISEFELNVGKLKYDGPISKLRESNHQRY
ISYNIIAVYRVLQIDAKRQFINLSLDMGYYAKIQIQSVFSPIKTWDAIIFNSLKEQNKVIPQGRSHPVQPYPGAFVKEPI
PNRYKYVMSFDLTSLYPSIIRQVNISPETIAGTFKVAPLHDYINAVAERPSDVYSCSPNGMMYYKDRDGVVPTEITKVFN
QRKEHKGYMLAAQRNGEIIKEALHNPNLSVDEPLDVDYRFDFSDEIKEKIKKLSAKSLNEMLFRAQRTEVAGMTAQINRK
LLINSLYGALGNVWFRYYDLRNATAITTFGQMALQWIERKVNEYLNEVCGTEGEAFVLYGDTDSIYVSADKIIDKVGESK
FRDTNHWVDFLDKFARERMEPAIDRGFREMCEYMNNKQHLMFMDREAIAGPPLGSKGIGGFWTGKKRYALNVWDMEGTRY
AEPKLKIMGLETQKSSTPKAVQKALKECIRRMLQEGEESLQEYFKEFEKEFRQLNYISIASVSSANNIAKYDVGGFPGPK
CPFHIRGILTYNRAIKGNIDAPQVVEGEKVYVLPLREGNPFGDKCIAWPSGTEITDLIKDDVLHWMDYTVLLEKTFIKPL
EGFTSAAKLDYEKKASLFDMFDFHHH
;
A,B,C,D
2 'polydeoxyribonucleotide' (DC)(DC)(C37)(DG)(DG)(DT)(DA)(DT)(DG)(DA)(DC)(DA)(DG)(DC)(DC)(DG)(DC)(DG) E,G,I,K
3 'polydeoxyribonucleotide' (DG)(DC)(DG)(DG)(DC)(DT)(DG)(DT)(DC)(DA)(DT)(DA)(DC)(DC)(DG) F,H,J,L
#
loop_
_chem_comp.id
_chem_comp.type
_chem_comp.name
_chem_comp.formula
C37 DNA linking 5-FLUORO-2'-DEOXY-CYTIDINE-5'-MONOPHOSPHATE 'C9 H13 F N3 O7 P'
DA DNA linking 2'-DEOXYADENOSINE-5'-MONOPHOSPHATE 'C10 H14 N5 O6 P'
DC DNA linking 2'-DEOXYCYTIDINE-5'-MONOPHOSPHATE 'C9 H14 N3 O7 P'
DG DNA linking 2'-DEOXYGUANOSINE-5'-MONOPHOSPHATE 'C10 H14 N5 O7 P'
DT DNA linking THYMIDINE-5'-MONOPHOSPHATE 'C10 H15 N2 O8 P'
SO4 non-polymer 'SULFATE ION' 'O4 S -2'
#
# COMPACT_ATOMS: atom_id res chain seq x y z
N MET A 1 8.73 0.75 -35.25
CA MET A 1 8.43 -0.03 -36.48
C MET A 1 8.08 0.88 -37.67
N LYS A 2 8.18 0.33 -38.88
CA LYS A 2 7.85 1.06 -40.10
C LYS A 2 6.34 1.16 -40.24
N GLU A 3 5.86 2.34 -40.63
CA GLU A 3 4.41 2.60 -40.73
C GLU A 3 3.77 1.84 -41.89
N PHE A 4 2.50 1.49 -41.72
CA PHE A 4 1.71 0.88 -42.80
C PHE A 4 0.22 1.23 -42.72
N TYR A 5 -0.47 1.10 -43.86
CA TYR A 5 -1.89 1.47 -43.95
C TYR A 5 -2.81 0.33 -43.54
N LEU A 6 -4.08 0.67 -43.24
CA LEU A 6 -5.09 -0.33 -42.92
C LEU A 6 -6.23 -0.29 -43.92
N THR A 7 -6.87 0.88 -44.04
CA THR A 7 -7.92 1.11 -45.02
C THR A 7 -7.72 2.47 -45.69
N VAL A 8 -8.20 2.60 -46.93
CA VAL A 8 -8.13 3.86 -47.66
C VAL A 8 -9.45 4.11 -48.40
N GLU A 9 -9.93 5.36 -48.35
CA GLU A 9 -11.17 5.74 -49.03
C GLU A 9 -11.08 7.16 -49.60
N GLN A 10 -11.85 7.42 -50.66
CA GLN A 10 -11.98 8.76 -51.23
C GLN A 10 -13.40 9.28 -51.05
N ILE A 11 -13.53 10.35 -50.26
CA ILE A 11 -14.82 11.02 -50.05
C ILE A 11 -14.71 12.47 -50.51
N GLY A 12 -15.21 12.75 -51.71
CA GLY A 12 -15.12 14.07 -52.30
C GLY A 12 -13.70 14.46 -52.67
N ASP A 13 -13.22 15.56 -52.08
CA ASP A 13 -11.89 16.11 -52.38
C ASP A 13 -10.86 15.80 -51.30
N SER A 14 -11.10 14.74 -50.53
CA SER A 14 -10.18 14.31 -49.49
C SER A 14 -10.18 12.79 -49.34
N ILE A 15 -8.99 12.21 -49.19
CA ILE A 15 -8.88 10.77 -48.91
C ILE A 15 -8.87 10.54 -47.40
N PHE A 16 -9.54 9.48 -46.96
CA PHE A 16 -9.56 9.11 -45.56
C PHE A 16 -8.76 7.82 -45.35
N GLU A 17 -7.72 7.91 -44.52
CA GLU A 17 -6.86 6.77 -44.27
C GLU A 17 -6.86 6.39 -42.80
N ARG A 18 -7.07 5.10 -42.55
CA ARG A 18 -6.78 4.51 -41.25
C ARG A 18 -5.44 3.82 -41.39
N TYR A 19 -4.58 3.99 -40.40
CA TYR A 19 -3.23 3.43 -40.46
C TYR A 19 -2.64 3.13 -39.09
N ILE A 20 -1.55 2.37 -39.09
CA ILE A 20 -0.74 2.11 -37.91
C ILE A 20 0.49 3.00 -37.99
N ASP A 21 0.70 3.84 -36.97
CA ASP A 21 1.82 4.77 -36.96
C ASP A 21 3.14 4.11 -36.54
N SER A 22 4.15 4.94 -36.30
CA SER A 22 5.50 4.44 -35.97
C SER A 22 5.62 3.83 -34.57
N ASN A 23 4.61 4.06 -33.73
CA ASN A 23 4.64 3.57 -32.35
C ASN A 23 3.56 2.53 -32.03
N GLY A 24 3.05 1.87 -33.07
CA GLY A 24 2.10 0.76 -32.90
C GLY A 24 0.63 1.10 -32.78
N ARG A 25 0.33 2.37 -32.55
CA ARG A 25 -1.06 2.84 -32.38
C ARG A 25 -1.85 2.83 -33.68
N GLU A 26 -3.14 2.53 -33.60
CA GLU A 26 -4.04 2.69 -34.75
C GLU A 26 -4.56 4.11 -34.79
N ARG A 27 -4.27 4.81 -35.88
CA ARG A 27 -4.66 6.20 -36.04
C ARG A 27 -5.38 6.45 -37.36
N THR A 28 -6.09 7.57 -37.43
CA THR A 28 -6.83 7.96 -38.62
C THR A 28 -6.51 9.41 -39.01
N ARG A 29 -6.54 9.70 -40.30
CA ARG A 29 -6.24 11.05 -40.80
C ARG A 29 -6.98 11.38 -42.10
N GLU A 30 -7.29 12.66 -42.26
CA GLU A 30 -7.84 13.19 -43.50
C GLU A 30 -6.77 13.97 -44.23
N VAL A 31 -6.66 13.74 -45.53
CA VAL A 31 -5.66 14.41 -46.36
C VAL A 31 -6.32 15.05 -47.58
N GLU A 32 -6.13 16.36 -47.75
CA GLU A 32 -6.50 17.01 -49.01
C GLU A 32 -5.42 16.68 -50.03
N TYR A 33 -5.48 15.45 -50.53
CA TYR A 33 -4.46 14.90 -51.41
C TYR A 33 -4.38 15.65 -52.73
N LYS A 34 -3.15 15.96 -53.13
CA LYS A 34 -2.88 16.65 -54.38
C LYS A 34 -2.39 15.65 -55.44
N PRO A 35 -3.29 15.18 -56.31
CA PRO A 35 -2.94 14.18 -57.32
C PRO A 35 -2.15 14.75 -58.48
N SER A 36 -1.57 13.86 -59.28
CA SER A 36 -0.85 14.25 -60.48
C SER A 36 -1.27 13.36 -61.65
N LEU A 37 -1.49 13.99 -62.79
CA LEU A 37 -1.78 13.29 -64.04
C LEU A 37 -0.94 13.86 -65.17
N PHE A 38 -0.78 13.08 -66.24
CA PHE A 38 0.20 13.41 -67.28
C PHE A 38 -0.41 13.52 -68.67
N ALA A 39 0.20 14.37 -69.50
CA ALA A 39 -0.26 14.57 -70.88
C ALA A 39 0.92 14.72 -71.83
N HIS A 40 0.71 14.37 -73.11
CA HIS A 40 1.73 14.47 -74.15
C HIS A 40 2.20 15.88 -74.34
N CYS A 41 3.49 16.03 -74.62
CA CYS A 41 4.12 17.34 -74.78
C CYS A 41 5.08 17.37 -75.96
N PRO A 42 5.53 18.57 -76.38
CA PRO A 42 6.55 18.67 -77.44
C PRO A 42 7.88 18.05 -77.04
N GLU A 43 8.64 17.61 -78.04
CA GLU A 43 9.96 17.00 -77.82
C GLU A 43 10.91 17.93 -77.06
N SER A 44 10.95 19.18 -77.48
CA SER A 44 11.84 20.19 -76.89
C SER A 44 11.62 20.39 -75.39
N GLN A 45 10.36 20.28 -74.94
CA GLN A 45 10.02 20.40 -73.53
C GLN A 45 10.61 19.23 -72.74
N ALA A 46 11.53 19.57 -71.82
CA ALA A 46 12.28 18.58 -71.07
C ALA A 46 11.60 18.15 -69.76
N THR A 47 11.49 16.84 -69.58
CA THR A 47 11.05 16.25 -68.31
C THR A 47 11.81 14.96 -68.02
N LYS A 48 11.52 14.35 -66.88
CA LYS A 48 12.05 13.03 -66.52
C LYS A 48 11.00 11.96 -66.78
N TYR A 49 9.77 12.42 -67.03
CA TYR A 49 8.63 11.52 -67.23
C TYR A 49 8.44 11.15 -68.71
N PHE A 50 8.42 9.85 -68.97
CA PHE A 50 8.11 9.30 -70.28
C PHE A 50 7.11 8.17 -70.13
N ASP A 51 6.33 7.90 -71.18
CA ASP A 51 5.43 6.74 -71.16
C ASP A 51 6.15 5.45 -71.58
N ILE A 52 5.41 4.34 -71.58
CA ILE A 52 5.95 3.02 -71.90
C ILE A 52 6.39 2.89 -73.37
N TYR A 53 5.84 3.75 -74.23
CA TYR A 53 6.17 3.76 -75.66
C TYR A 53 7.40 4.63 -75.96
N GLY A 54 7.77 5.49 -75.02
CA GLY A 54 8.95 6.34 -75.17
C GLY A 54 8.66 7.83 -75.37
N LYS A 55 7.38 8.17 -75.54
CA LYS A 55 6.97 9.56 -75.80
C LYS A 55 7.00 10.43 -74.54
N PRO A 56 7.41 11.70 -74.68
CA PRO A 56 7.58 12.60 -73.53
C PRO A 56 6.24 13.11 -72.97
N CYS A 57 6.21 13.34 -71.66
CA CYS A 57 5.00 13.82 -70.98
C CYS A 57 5.29 14.85 -69.88
N THR A 58 4.29 15.69 -69.62
CA THR A 58 4.40 16.73 -68.60
C THR A 58 3.51 16.40 -67.39
N ARG A 59 4.07 16.58 -66.20
CA ARG A 59 3.36 16.38 -64.94
C ARG A 59 2.45 17.57 -64.68
N LYS A 60 1.18 17.29 -64.40
CA LYS A 60 0.21 18.34 -64.09
C LYS A 60 -0.39 18.12 -62.70
N LEU A 61 0.05 18.94 -61.75
CA LEU A 61 -0.41 18.84 -60.36
C LEU A 61 -1.72 19.60 -60.17
N PHE A 62 -2.72 18.91 -59.64
CA PHE A 62 -4.04 19.51 -59.41
C PHE A 62 -4.23 19.89 -57.94
N ALA A 63 -4.96 20.97 -57.71
CA ALA A 63 -5.22 21.48 -56.36
C ALA A 63 -6.04 20.50 -55.52
N ASN A 64 -6.99 19.84 -56.18
CA ASN A 64 -7.82 18.81 -55.54
C ASN A 64 -8.25 17.73 -56.54
N MET A 65 -8.76 16.61 -56.03
CA MET A 65 -9.10 15.44 -56.84
C MET A 65 -10.25 15.66 -57.83
N ARG A 66 -11.15 16.59 -57.53
CA ARG A 66 -12.24 16.93 -58.45
C ARG A 66 -11.69 17.55 -59.73
N ASP A 67 -10.72 18.46 -59.57
CA ASP A 67 -10.04 19.09 -60.70
C ASP A 67 -9.36 18.06 -61.60
N ALA A 68 -8.85 16.99 -60.99
CA ALA A 68 -8.18 15.92 -61.69
C ALA A 68 -9.16 15.08 -62.51
N SER A 69 -10.31 14.77 -61.91
CA SER A 69 -11.34 13.97 -62.56
C SER A 69 -12.10 14.75 -63.64
N GLN A 70 -12.29 16.05 -63.42
CA GLN A 70 -12.94 16.93 -64.40
C GLN A 70 -12.06 17.16 -65.62
N TRP A 71 -10.75 17.02 -65.41
CA TRP A 71 -9.76 17.20 -66.47
C TRP A 71 -9.72 16.05 -67.42
N ILE A 72 -9.82 14.82 -66.89
CA ILE A 72 -9.91 13.62 -67.71
C ILE A 72 -11.17 13.64 -68.59
N LYS A 73 -12.26 14.15 -68.00
CA LYS A 73 -13.53 14.32 -68.71
C LYS A 73 -13.37 15.20 -69.96
N ARG A 74 -12.61 16.28 -69.83
CA ARG A 74 -12.34 17.20 -70.93
C ARG A 74 -11.42 16.60 -72.00
N MET A 75 -10.45 15.81 -71.56
CA MET A 75 -9.53 15.11 -72.47
C MET A 75 -10.26 14.07 -73.33
N GLU A 76 -11.34 13.52 -72.78
CA GLU A 76 -12.20 12.58 -73.50
C GLU A 76 -12.99 13.30 -74.61
N ASP A 77 -13.52 14.47 -74.28
CA ASP A 77 -14.35 15.26 -75.20
C ASP A 77 -13.61 15.71 -76.46
N ILE A 78 -12.34 16.09 -76.31
CA ILE A 78 -11.56 16.63 -77.43
C ILE A 78 -10.79 15.56 -78.21
N GLY A 79 -10.57 14.41 -77.57
CA GLY A 79 -9.99 13.25 -78.25
C GLY A 79 -8.50 13.04 -78.03
N LEU A 80 -8.03 13.32 -76.82
CA LEU A 80 -6.63 13.10 -76.46
C LEU A 80 -6.49 12.17 -75.25
N GLU A 81 -5.26 11.67 -75.05
CA GLU A 81 -4.96 10.70 -74.00
C GLU A 81 -4.57 11.37 -72.68
N ALA A 82 -5.18 10.93 -71.59
CA ALA A 82 -4.84 11.40 -70.26
C ALA A 82 -4.05 10.33 -69.49
N LEU A 83 -2.74 10.49 -69.49
CA LEU A 83 -1.82 9.52 -68.89
C LEU A 83 -1.80 9.60 -67.37
N GLY A 84 -1.56 8.47 -66.72
CA GLY A 84 -1.41 8.42 -65.26
C GLY A 84 -2.44 7.57 -64.56
N MET A 85 -2.22 7.39 -63.25
CA MET A 85 -3.12 6.62 -62.40
C MET A 85 -4.37 7.43 -62.06
N ASP A 86 -5.50 7.01 -62.62
CA ASP A 86 -6.78 7.69 -62.40
C ASP A 86 -7.51 7.23 -61.14
N ASP A 87 -7.00 6.17 -60.51
CA ASP A 87 -7.47 5.72 -59.20
C ASP A 87 -6.59 6.37 -58.14
N PHE A 88 -7.00 7.55 -57.69
CA PHE A 88 -6.18 8.39 -56.81
C PHE A 88 -5.90 7.78 -55.44
N LYS A 89 -6.76 6.86 -55.01
CA LYS A 89 -6.52 6.08 -53.79
C LYS A 89 -5.20 5.32 -53.91
N LEU A 90 -5.03 4.60 -55.01
CA LEU A 90 -3.82 3.81 -55.28
C LEU A 90 -2.58 4.69 -55.29
N ALA A 91 -2.68 5.85 -55.94
CA ALA A 91 -1.58 6.80 -56.05
C ALA A 91 -1.17 7.37 -54.68
N TYR A 92 -2.15 7.53 -53.80
CA TYR A 92 -1.90 7.97 -52.43
C TYR A 92 -1.05 6.97 -51.66
N LEU A 93 -1.42 5.69 -51.75
CA LEU A 93 -0.68 4.60 -51.08
C LEU A 93 0.76 4.53 -51.56
N SER A 94 0.95 4.74 -52.86
CA SER A 94 2.26 4.69 -53.48
C SER A 94 3.18 5.81 -53.00
N ASP A 95 2.60 6.99 -52.76
CA ASP A 95 3.34 8.15 -52.27
C ASP A 95 3.66 8.02 -50.78
N THR A 96 2.66 7.69 -49.99
CA THR A 96 2.78 7.60 -48.53
C THR A 96 3.56 6.36 -48.09
N TYR A 97 3.62 5.35 -48.95
CA TYR A 97 4.39 4.13 -48.68
C TYR A 97 5.25 3.75 -49.89
N ASN A 98 6.26 4.59 -50.13
CA ASN A 98 7.19 4.41 -51.24
C ASN A 98 8.33 3.46 -50.91
N TYR A 99 7.99 2.32 -50.32
CA TYR A 99 8.96 1.31 -49.93
C TYR A 99 8.27 -0.04 -49.80
N GLU A 100 9.06 -1.10 -49.64
CA GLU A 100 8.53 -2.44 -49.41
C GLU A 100 7.83 -2.48 -48.04
N ILE A 101 6.52 -2.67 -48.07
CA ILE A 101 5.70 -2.67 -46.85
C ILE A 101 5.94 -3.91 -46.01
N LYS A 102 6.23 -3.70 -44.72
CA LYS A 102 6.30 -4.79 -43.76
C LYS A 102 5.22 -4.56 -42.71
N TYR A 103 4.30 -5.51 -42.61
CA TYR A 103 3.12 -5.37 -41.76
C TYR A 103 3.12 -6.32 -40.55
N ASP A 104 2.52 -5.85 -39.47
CA ASP A 104 2.29 -6.67 -38.29
C ASP A 104 0.79 -6.99 -38.18
N HIS A 105 0.43 -8.25 -38.42
CA HIS A 105 -0.97 -8.66 -38.38
C HIS A 105 -1.57 -8.58 -37.00
N THR A 106 -0.69 -8.58 -35.99
CA THR A 106 -1.09 -8.45 -34.59
C THR A 106 -1.74 -7.10 -34.32
N LYS A 107 -1.33 -6.08 -35.10
CA LYS A 107 -1.89 -4.74 -34.97
C LYS A 107 -3.20 -4.55 -35.74
N ILE A 108 -3.47 -5.48 -36.67
CA ILE A 108 -4.66 -5.41 -37.52
C ILE A 108 -5.88 -6.08 -36.87
N ARG A 109 -6.92 -5.29 -36.65
CA ARG A 109 -8.16 -5.77 -36.05
C ARG A 109 -9.00 -6.55 -37.05
N VAL A 110 -8.92 -7.88 -36.98
CA VAL A 110 -9.73 -8.74 -37.85
C VAL A 110 -10.93 -9.29 -37.07
N ALA A 111 -12.10 -8.76 -37.41
CA ALA A 111 -13.34 -9.19 -36.77
C ALA A 111 -14.12 -10.15 -37.67
N ASN A 112 -14.61 -11.22 -37.08
CA ASN A 112 -15.59 -12.08 -37.75
C ASN A 112 -16.77 -12.38 -36.85
N PHE A 113 -17.96 -12.17 -37.38
CA PHE A 113 -19.18 -12.27 -36.60
C PHE A 113 -20.30 -12.97 -37.37
N ASP A 114 -21.22 -13.56 -36.62
CA ASP A 114 -22.43 -14.15 -37.19
C ASP A 114 -23.61 -13.75 -36.34
N ILE A 115 -24.72 -13.43 -36.99
CA ILE A 115 -25.94 -13.06 -36.28
C ILE A 115 -27.02 -14.13 -36.43
N GLU A 116 -27.90 -14.21 -35.45
CA GLU A 116 -29.05 -15.10 -35.51
C GLU A 116 -30.30 -14.26 -35.53
N VAL A 117 -31.25 -14.63 -36.40
CA VAL A 117 -32.55 -13.96 -36.50
C VAL A 117 -33.66 -14.99 -36.58
N THR A 118 -34.51 -15.03 -35.56
CA THR A 118 -35.65 -15.95 -35.52
C THR A 118 -36.73 -15.47 -36.50
N SER A 119 -37.03 -16.29 -37.50
CA SER A 119 -38.00 -15.94 -38.53
C SER A 119 -38.97 -17.10 -38.82
N PRO A 120 -40.24 -16.96 -38.38
CA PRO A 120 -41.23 -18.02 -38.53
C PRO A 120 -41.71 -18.21 -39.97
N ASP A 121 -41.67 -17.14 -40.77
CA ASP A 121 -42.16 -17.19 -42.15
C ASP A 121 -41.02 -17.18 -43.17
N GLY A 122 -40.28 -18.29 -43.21
CA GLY A 122 -39.19 -18.46 -44.16
C GLY A 122 -37.97 -17.63 -43.83
N PHE A 123 -37.10 -17.46 -44.82
CA PHE A 123 -35.85 -16.74 -44.64
C PHE A 123 -36.09 -15.24 -44.44
N PRO A 124 -35.40 -14.65 -43.43
CA PRO A 124 -35.48 -13.21 -43.17
C PRO A 124 -34.65 -12.38 -44.15
N GLU A 125 -35.31 -11.75 -45.12
CA GLU A 125 -34.66 -10.93 -46.14
C GLU A 125 -33.94 -9.73 -45.51
N PRO A 126 -32.65 -9.55 -45.83
CA PRO A 126 -31.84 -8.50 -45.20
C PRO A 126 -32.24 -7.08 -45.59
N SER A 127 -32.87 -6.92 -46.75
CA SER A 127 -33.25 -5.59 -47.24
C SER A 127 -34.31 -4.92 -46.38
N GLN A 128 -35.31 -5.69 -45.93
CA GLN A 128 -36.35 -5.20 -45.03
C GLN A 128 -35.92 -5.25 -43.57
N ALA A 129 -35.28 -6.36 -43.19
CA ALA A 129 -34.89 -6.65 -41.80
C ALA A 129 -36.04 -6.36 -40.83
N LYS A 130 -37.10 -7.17 -40.92
CA LYS A 130 -38.32 -6.94 -40.16
C LYS A 130 -38.41 -7.75 -38.86
N HIS A 131 -37.53 -8.74 -38.72
CA HIS A 131 -37.49 -9.57 -37.52
C HIS A 131 -36.33 -9.19 -36.62
N PRO A 132 -36.56 -9.16 -35.30
CA PRO A 132 -35.51 -8.80 -34.34
C PRO A 132 -34.27 -9.68 -34.41
N ILE A 133 -33.10 -9.07 -34.26
CA ILE A 133 -31.84 -9.81 -34.18
C ILE A 133 -31.67 -10.26 -32.73
N ASP A 134 -31.75 -11.57 -32.51
CA ASP A 134 -31.74 -12.09 -31.16
C ASP A 134 -30.41 -12.67 -30.67
N ALA A 135 -29.36 -12.55 -31.50
CA ALA A 135 -28.02 -13.01 -31.10
C ALA A 135 -26.94 -12.43 -32.01
N ILE A 136 -25.86 -11.95 -31.41
CA ILE A 136 -24.68 -11.52 -32.13
C ILE A 136 -23.43 -12.06 -31.42
N THR A 137 -22.65 -12.88 -32.12
CA THR A 137 -21.36 -13.34 -31.59
C THR A 137 -20.23 -12.70 -32.42
N HIS A 138 -19.44 -11.86 -31.78
CA HIS A 138 -18.43 -11.07 -32.46
C HIS A 138 -17.08 -11.39 -31.90
N TYR A 139 -16.15 -11.80 -32.77
CA TYR A 139 -14.79 -12.11 -32.34
C TYR A 139 -13.79 -11.05 -32.78
N ASP A 140 -13.00 -10.55 -31.83
CA ASP A 140 -11.97 -9.55 -32.09
C ASP A 140 -10.59 -10.20 -31.95
N SER A 141 -9.80 -10.15 -33.02
CA SER A 141 -8.50 -10.83 -33.07
C SER A 141 -7.45 -10.23 -32.14
N ILE A 142 -7.52 -8.91 -31.93
CA ILE A 142 -6.60 -8.21 -31.03
C ILE A 142 -6.90 -8.55 -29.56
N ASP A 143 -8.18 -8.61 -29.21
CA ASP A 143 -8.59 -8.96 -27.86
C ASP A 143 -8.50 -10.46 -27.62
N ASP A 144 -8.62 -11.25 -28.69
CA ASP A 144 -8.73 -12.71 -28.63
C ASP A 144 -9.89 -13.12 -27.73
N ARG A 145 -11.05 -12.48 -27.96
CA ARG A 145 -12.23 -12.72 -27.16
C ARG A 145 -13.46 -12.89 -28.04
N PHE A 146 -14.42 -13.67 -27.56
CA PHE A 146 -15.73 -13.81 -28.19
C PHE A 146 -16.69 -12.92 -27.42
N TYR A 147 -17.26 -11.94 -28.11
CA TYR A 147 -18.22 -11.02 -27.50
C TYR A 147 -19.63 -11.43 -27.91
N VAL A 148 -20.41 -11.88 -26.94
CA VAL A 148 -21.73 -12.45 -27.19
C VAL A 148 -22.84 -11.51 -26.71
N PHE A 149 -23.76 -11.19 -27.62
CA PHE A 149 -24.91 -10.35 -27.34
C PHE A 149 -26.16 -11.20 -27.52
N ASP A 150 -26.92 -11.38 -26.45
CA ASP A 150 -28.04 -12.31 -26.44
C ASP A 150 -29.32 -11.63 -25.99
N LEU A 151 -30.29 -11.52 -26.92
CA LEU A 151 -31.59 -10.94 -26.61
C LEU A 151 -32.40 -11.91 -25.78
N LEU A 152 -32.95 -11.43 -24.68
CA LEU A 152 -33.71 -12.28 -23.76
C LEU A 152 -35.22 -12.19 -23.97
N ASN A 153 -35.71 -11.02 -24.36
CA ASN A 153 -37.13 -10.83 -24.61
C ASN A 153 -37.41 -10.38 -26.04
N SER A 154 -38.30 -11.10 -26.73
CA SER A 154 -38.72 -10.74 -28.08
C SER A 154 -40.15 -11.22 -28.33
N PRO A 155 -40.78 -10.72 -29.42
CA PRO A 155 -42.13 -11.17 -29.78
C PRO A 155 -42.24 -12.70 -29.95
N TYR A 156 -41.11 -13.34 -30.24
CA TYR A 156 -41.08 -14.79 -30.48
C TYR A 156 -40.64 -15.61 -29.25
N GLY A 157 -40.69 -14.98 -28.08
CA GLY A 157 -40.48 -15.68 -26.81
C GLY A 157 -39.59 -14.98 -25.82
N ASN A 158 -39.76 -15.30 -24.54
CA ASN A 158 -38.90 -14.83 -23.47
C ASN A 158 -38.04 -15.99 -22.97
N VAL A 159 -36.74 -15.77 -22.91
CA VAL A 159 -35.78 -16.83 -22.56
C VAL A 159 -34.93 -16.49 -21.35
N GLU A 160 -34.42 -17.54 -20.68
CA GLU A 160 -33.49 -17.38 -19.57
C GLU A 160 -32.09 -17.10 -20.10
N GLU A 161 -31.17 -16.76 -19.20
CA GLU A 161 -29.78 -16.50 -19.58
C GLU A 161 -29.07 -17.78 -20.02
N TRP A 162 -28.12 -17.61 -20.94
CA TRP A 162 -27.30 -18.70 -21.44
C TRP A 162 -26.27 -19.10 -20.42
N SER A 163 -26.12 -20.40 -20.22
CA SER A 163 -25.23 -20.93 -19.19
C SER A 163 -23.91 -21.43 -19.76
N ILE A 164 -22.82 -20.72 -19.41
CA ILE A 164 -21.47 -21.09 -19.82
C ILE A 164 -21.02 -22.42 -19.16
N GLU A 165 -21.61 -22.73 -18.00
CA GLU A 165 -21.39 -24.00 -17.33
C GLU A 165 -21.93 -25.17 -18.15
N ILE A 166 -23.16 -25.02 -18.63
CA ILE A 166 -23.85 -26.05 -19.41
C ILE A 166 -23.24 -26.19 -20.80
N ALA A 167 -22.78 -25.07 -21.35
CA ALA A 167 -22.15 -25.03 -22.67
C ALA A 167 -20.77 -25.70 -22.68
N ALA A 168 -20.23 -25.96 -21.50
CA ALA A 168 -18.95 -26.65 -21.36
C ALA A 168 -19.12 -28.16 -21.25
N LYS A 169 -20.24 -28.58 -20.66
CA LYS A 169 -20.57 -29.99 -20.48
C LYS A 169 -20.54 -30.80 -21.77
N LEU A 170 -20.50 -32.12 -21.63
CA LEU A 170 -20.51 -33.03 -22.79
C LEU A 170 -21.91 -33.13 -23.40
N GLN A 171 -21.97 -33.68 -24.61
CA GLN A 171 -23.21 -33.80 -25.37
C GLN A 171 -24.21 -34.74 -24.69
N GLU A 172 -23.68 -35.79 -24.05
CA GLU A 172 -24.52 -36.74 -23.29
C GLU A 172 -24.78 -36.27 -21.85
N GLN A 173 -24.14 -35.17 -21.47
CA GLN A 173 -24.30 -34.59 -20.13
C GLN A 173 -25.34 -33.48 -20.10
N GLY A 174 -25.72 -32.99 -21.29
CA GLY A 174 -26.69 -31.91 -21.41
C GLY A 174 -26.40 -31.00 -22.59
N GLY A 175 -25.81 -31.58 -23.63
CA GLY A 175 -25.55 -30.86 -24.88
C GLY A 175 -24.53 -29.74 -24.83
N ASP A 176 -24.35 -29.09 -25.97
CA ASP A 176 -23.44 -27.94 -26.15
C ASP A 176 -22.00 -28.27 -25.82
N GLU A 177 -21.22 -28.61 -26.84
CA GLU A 177 -19.81 -28.97 -26.62
C GLU A 177 -18.85 -27.87 -27.09
N VAL A 178 -19.00 -26.69 -26.49
CA VAL A 178 -18.10 -25.57 -26.72
C VAL A 178 -16.70 -25.95 -26.20
N PRO A 179 -15.69 -25.96 -27.10
CA PRO A 179 -14.35 -26.45 -26.79
C PRO A 179 -13.65 -25.66 -25.67
N SER A 180 -12.79 -26.34 -24.92
CA SER A 180 -12.06 -25.75 -23.80
C SER A 180 -11.13 -24.62 -24.21
N GLU A 181 -10.71 -24.64 -25.48
CA GLU A 181 -9.80 -23.64 -26.05
C GLU A 181 -10.42 -22.25 -26.10
N ILE A 182 -11.74 -22.17 -26.17
CA ILE A 182 -12.44 -20.90 -26.31
C ILE A 182 -13.37 -20.54 -25.13
N ILE A 183 -13.59 -21.51 -24.24
CA ILE A 183 -14.48 -21.32 -23.09
C ILE A 183 -14.01 -20.18 -22.16
N ASP A 184 -12.68 -20.01 -22.08
CA ASP A 184 -12.08 -18.93 -21.29
C ASP A 184 -12.22 -17.58 -21.98
N LYS A 185 -12.46 -17.60 -23.29
CA LYS A 185 -12.39 -16.40 -24.12
C LYS A 185 -13.75 -15.81 -24.50
N ILE A 186 -14.82 -16.31 -23.88
CA ILE A 186 -16.17 -15.81 -24.15
C ILE A 186 -16.56 -14.73 -23.15
N ILE A 187 -17.06 -13.61 -23.68
CA ILE A 187 -17.63 -12.55 -22.86
C ILE A 187 -19.12 -12.45 -23.21
N TYR A 188 -19.96 -12.72 -22.23
CA TYR A 188 -21.39 -12.87 -22.45
C TYR A 188 -22.18 -11.67 -21.93
N MET A 189 -22.98 -11.07 -22.82
CA MET A 189 -23.78 -9.89 -22.49
C MET A 189 -25.25 -10.10 -22.83
N PRO A 190 -26.10 -10.31 -21.81
CA PRO A 190 -27.54 -10.46 -22.00
C PRO A 190 -28.26 -9.11 -22.08
N PHE A 191 -29.42 -9.07 -22.74
CA PHE A 191 -30.16 -7.81 -22.91
C PHE A 191 -31.66 -7.98 -22.75
N ASP A 192 -32.31 -6.97 -22.16
CA ASP A 192 -33.74 -7.03 -21.87
C ASP A 192 -34.64 -6.70 -23.06
N ASN A 193 -34.18 -5.82 -23.94
CA ASN A 193 -34.89 -5.53 -25.17
C ASN A 193 -33.93 -5.44 -26.35
N GLU A 194 -34.47 -5.34 -27.56
CA GLU A 194 -33.63 -5.31 -28.77
C GLU A 194 -32.90 -3.98 -28.93
N LYS A 195 -33.58 -2.89 -28.58
CA LYS A 195 -33.02 -1.54 -28.69
C LYS A 195 -31.78 -1.35 -27.82
N GLU A 196 -31.80 -1.93 -26.62
CA GLU A 196 -30.63 -1.92 -25.73
C GLU A 196 -29.47 -2.71 -26.33
N LEU A 197 -29.78 -3.86 -26.93
CA LEU A 197 -28.78 -4.75 -27.53
C LEU A 197 -28.07 -4.11 -28.73
N LEU A 198 -28.87 -3.57 -29.65
CA LEU A 198 -28.33 -2.94 -30.85
C LEU A 198 -27.51 -1.69 -30.55
N MET A 199 -27.95 -0.89 -29.58
CA MET A 199 -27.24 0.33 -29.20
C MET A 199 -25.91 0.06 -28.47
N GLU A 200 -25.83 -1.07 -27.79
CA GLU A 200 -24.60 -1.48 -27.13
C GLU A 200 -23.61 -2.04 -28.14
N TYR A 201 -24.11 -2.86 -29.07
CA TYR A 201 -23.26 -3.44 -30.11
C TYR A 201 -22.67 -2.37 -31.02
N LEU A 202 -23.44 -1.30 -31.22
CA LEU A 202 -23.01 -0.16 -32.01
C LEU A 202 -21.96 0.66 -31.26
N ASN A 203 -22.10 0.75 -29.94
CA ASN A 203 -21.10 1.38 -29.07
C ASN A 203 -19.81 0.57 -29.00
N PHE A 204 -19.98 -0.75 -28.87
CA PHE A 204 -18.91 -1.73 -28.93
C PHE A 204 -18.16 -1.59 -30.25
N TRP A 205 -18.93 -1.36 -31.31
CA TRP A 205 -18.42 -1.21 -32.67
C TRP A 205 -17.54 0.01 -32.82
N GLN A 206 -17.87 1.09 -32.13
CA GLN A 206 -17.06 2.30 -32.15
C GLN A 206 -15.71 2.02 -31.48
N GLN A 207 -15.77 1.35 -30.33
CA GLN A 207 -14.58 1.05 -29.53
C GLN A 207 -13.64 0.10 -30.26
N LYS A 208 -14.20 -0.92 -30.90
CA LYS A 208 -13.42 -1.95 -31.57
C LYS A 208 -13.74 -2.00 -33.07
N THR A 209 -13.63 -0.86 -33.74
CA THR A 209 -13.94 -0.76 -35.17
C THR A 209 -13.00 -1.65 -36.00
N PRO A 210 -13.59 -2.64 -36.70
CA PRO A 210 -12.84 -3.62 -37.49
C PRO A 210 -12.11 -3.03 -38.69
N VAL A 211 -10.86 -3.45 -38.91
CA VAL A 211 -10.14 -3.15 -40.13
C VAL A 211 -10.56 -4.15 -41.20
N ILE A 212 -10.49 -5.43 -40.84
CA ILE A 212 -10.93 -6.52 -41.70
C ILE A 212 -12.16 -7.16 -41.10
N LEU A 213 -13.23 -7.19 -41.88
CA LEU A 213 -14.48 -7.78 -41.43
C LEU A 213 -14.72 -9.07 -42.21
N THR A 214 -14.69 -10.20 -41.50
CA THR A 214 -14.87 -11.51 -42.13
C THR A 214 -16.08 -12.27 -41.57
N GLY A 215 -16.19 -13.55 -41.90
CA GLY A 215 -17.36 -14.36 -41.53
C GLY A 215 -17.95 -15.08 -42.72
N TRP A 216 -19.01 -15.84 -42.49
CA TRP A 216 -19.63 -16.63 -43.55
C TRP A 216 -20.91 -16.01 -44.03
N ASN A 217 -20.98 -15.73 -45.33
CA ASN A 217 -22.10 -14.98 -45.95
C ASN A 217 -22.36 -13.64 -45.26
N VAL A 218 -21.27 -13.06 -44.76
CA VAL A 218 -21.34 -11.85 -43.96
C VAL A 218 -21.78 -10.63 -44.78
N GLU A 219 -21.42 -10.60 -46.07
CA GLU A 219 -21.69 -9.44 -46.92
C GLU A 219 -23.06 -9.49 -47.61
N SER A 220 -23.64 -10.68 -47.74
CA SER A 220 -24.95 -10.82 -48.37
C SER A 220 -26.08 -11.00 -47.35
N PHE A 221 -25.72 -11.17 -46.08
CA PHE A 221 -26.72 -11.31 -45.02
C PHE A 221 -26.42 -10.49 -43.76
N ALA A 222 -25.38 -10.87 -43.02
CA ALA A 222 -25.11 -10.31 -41.69
C ALA A 222 -24.92 -8.79 -41.69
N ILE A 223 -24.06 -8.26 -42.56
CA ILE A 223 -23.85 -6.82 -42.63
C ILE A 223 -25.14 -6.09 -43.03
N PRO A 224 -25.75 -6.41 -44.20
CA PRO A 224 -26.95 -5.67 -44.59
C PRO A 224 -28.15 -5.88 -43.66
N TYR A 225 -28.19 -7.00 -42.93
CA TYR A 225 -29.27 -7.20 -41.97
C TYR A 225 -29.09 -6.30 -40.75
N VAL A 226 -27.88 -6.30 -40.19
CA VAL A 226 -27.56 -5.44 -39.05
C VAL A 226 -27.75 -3.98 -39.41
N TYR A 227 -27.20 -3.56 -40.55
CA TYR A 227 -27.33 -2.17 -41.03
C TYR A 227 -28.79 -1.74 -41.17
N ASN A 228 -29.57 -2.52 -41.91
CA ASN A 228 -30.98 -2.19 -42.14
C ASN A 228 -31.87 -2.23 -40.90
N ARG A 229 -31.57 -3.14 -39.98
CA ARG A 229 -32.31 -3.28 -38.71
C ARG A 229 -32.14 -2.03 -37.85
N ILE A 230 -30.90 -1.59 -37.67
CA ILE A 230 -30.59 -0.36 -36.94
C ILE A 230 -31.24 0.84 -37.62
N LYS A 231 -31.08 0.93 -38.94
CA LYS A 231 -31.66 2.01 -39.75
C LYS A 231 -33.18 2.15 -39.57
N ASN A 232 -33.89 1.04 -39.70
CA ASN A 232 -35.34 1.05 -39.61
C ASN A 232 -35.88 1.41 -38.23
N ILE A 233 -35.13 1.06 -37.19
CA ILE A 233 -35.52 1.34 -35.80
C ILE A 233 -35.08 2.74 -35.34
N PHE A 234 -33.83 3.11 -35.66
CA PHE A 234 -33.23 4.33 -35.13
C PHE A 234 -33.05 5.47 -36.14
N GLY A 235 -32.86 5.12 -37.41
CA GLY A 235 -32.65 6.11 -38.47
C GLY A 235 -31.38 5.89 -39.28
N GLU A 236 -31.27 6.59 -40.42
CA GLU A 236 -30.10 6.53 -41.30
C GLU A 236 -28.79 6.90 -40.60
N SER A 237 -28.84 8.00 -39.86
CA SER A 237 -27.66 8.58 -39.20
C SER A 237 -27.05 7.68 -38.12
N THR A 238 -27.91 6.90 -37.46
CA THR A 238 -27.46 5.96 -36.44
C THR A 238 -26.84 4.73 -37.11
N ALA A 239 -27.40 4.33 -38.24
CA ALA A 239 -26.93 3.16 -38.98
C ALA A 239 -25.60 3.39 -39.68
N LYS A 240 -25.40 4.61 -40.15
CA LYS A 240 -24.14 4.99 -40.82
C LYS A 240 -22.96 5.02 -39.86
N ARG A 241 -23.23 4.84 -38.57
CA ARG A 241 -22.19 4.83 -37.54
C ARG A 241 -21.32 3.56 -37.56
N LEU A 242 -21.74 2.58 -38.35
CA LEU A 242 -20.96 1.37 -38.54
C LEU A 242 -19.68 1.67 -39.31
N SER A 243 -19.73 2.69 -40.14
CA SER A 243 -18.55 3.18 -40.86
C SER A 243 -17.78 4.16 -39.98
N PRO A 244 -16.46 3.94 -39.81
CA PRO A 244 -15.63 4.85 -39.02
C PRO A 244 -15.61 6.26 -39.58
N HIS A 245 -15.95 6.40 -40.86
CA HIS A 245 -16.03 7.70 -41.52
C HIS A 245 -17.45 8.16 -41.69
N ARG A 246 -18.39 7.39 -41.12
CA ARG A 246 -19.84 7.71 -41.13
C ARG A 246 -20.43 7.79 -42.55
N LYS A 247 -19.91 6.96 -43.46
CA LYS A 247 -20.41 6.93 -44.84
C LYS A 247 -20.68 5.51 -45.31
N THR A 248 -21.88 5.29 -45.83
CA THR A 248 -22.30 4.00 -46.37
C THR A 248 -23.01 4.16 -47.71
N ARG A 249 -22.75 3.23 -48.63
CA ARG A 249 -23.34 3.25 -49.96
C ARG A 249 -24.03 1.91 -50.25
N VAL A 250 -25.24 1.98 -50.80
CA VAL A 250 -25.97 0.79 -51.22
C VAL A 250 -25.58 0.45 -52.66
N LYS A 251 -24.98 -0.73 -52.84
CA LYS A 251 -24.51 -1.17 -54.15
C LYS A 251 -25.30 -2.40 -54.61
N VAL A 252 -25.88 -2.29 -55.81
CA VAL A 252 -26.67 -3.39 -56.39
C VAL A 252 -25.80 -4.23 -57.32
N ILE A 253 -25.47 -5.44 -56.87
CA ILE A 253 -24.69 -6.40 -57.66
C ILE A 253 -25.58 -7.02 -58.73
N GLU A 254 -25.22 -6.78 -59.99
CA GLU A 254 -26.00 -7.25 -61.13
C GLU A 254 -25.35 -8.44 -61.84
N ASN A 255 -26.14 -9.48 -62.06
CA ASN A 255 -25.73 -10.64 -62.86
C ASN A 255 -26.56 -10.70 -64.14
N MET A 256 -26.49 -11.83 -64.84
CA MET A 256 -27.40 -12.10 -65.94
C MET A 256 -28.60 -12.91 -65.43
N TYR A 257 -28.49 -13.35 -64.17
CA TYR A 257 -29.56 -14.07 -63.47
C TYR A 257 -29.42 -13.89 -61.96
N GLY A 258 -30.48 -13.41 -61.32
CA GLY A 258 -30.52 -13.23 -59.87
C GLY A 258 -29.74 -12.03 -59.37
N SER A 259 -30.46 -10.99 -58.96
CA SER A 259 -29.85 -9.75 -58.48
C SER A 259 -30.02 -9.56 -56.98
N ARG A 260 -29.02 -8.93 -56.34
CA ARG A 260 -29.08 -8.63 -54.91
C ARG A 260 -28.35 -7.32 -54.59
N GLU A 261 -28.49 -6.85 -53.35
CA GLU A 261 -27.87 -5.60 -52.91
C GLU A 261 -26.92 -5.78 -51.73
N ILE A 262 -25.84 -5.02 -51.74
CA ILE A 262 -24.87 -5.04 -50.62
C ILE A 262 -24.62 -3.65 -50.05
N ILE A 263 -24.25 -3.62 -48.77
CA ILE A 263 -23.93 -2.38 -48.07
C ILE A 263 -22.42 -2.22 -47.98
N THR A 264 -21.91 -1.15 -48.60
CA THR A 264 -20.49 -0.82 -48.49
C THR A 264 -20.28 0.08 -47.27
N LEU A 265 -19.37 -0.35 -46.40
CA LEU A 265 -18.98 0.45 -45.24
C LEU A 265 -17.60 1.07 -45.48
N PHE A 266 -17.58 2.34 -45.85
CA PHE A 266 -16.32 3.06 -46.11
C PHE A 266 -15.41 3.02 -44.88
N GLY A 267 -14.17 2.59 -45.08
CA GLY A 267 -13.21 2.51 -43.99
C GLY A 267 -13.15 1.13 -43.37
N ILE A 268 -13.80 0.17 -44.01
CA ILE A 268 -13.76 -1.23 -43.60
C ILE A 268 -13.54 -2.11 -44.83
N SER A 269 -12.58 -3.02 -44.72
CA SER A 269 -12.33 -4.00 -45.77
C SER A 269 -13.04 -5.29 -45.43
N VAL A 270 -14.08 -5.62 -46.20
CA VAL A 270 -14.85 -6.84 -45.97
C VAL A 270 -14.28 -7.99 -46.80
N LEU A 271 -13.87 -9.05 -46.11
CA LEU A 271 -13.45 -10.28 -46.75
C LEU A 271 -14.38 -11.40 -46.32
N ASP A 272 -15.46 -11.59 -47.08
CA ASP A 272 -16.42 -12.64 -46.79
C ASP A 272 -15.79 -13.98 -47.12
N TYR A 273 -15.72 -14.85 -46.13
CA TYR A 273 -14.94 -16.08 -46.23
C TYR A 273 -15.48 -17.05 -47.29
N ILE A 274 -16.79 -17.02 -47.52
CA ILE A 274 -17.42 -17.84 -48.55
C ILE A 274 -16.88 -17.49 -49.95
N ASP A 275 -16.70 -16.19 -50.20
CA ASP A 275 -16.14 -15.70 -51.47
C ASP A 275 -14.63 -15.91 -51.49
N LEU A 276 -14.03 -15.79 -50.30
CA LEU A 276 -12.61 -16.02 -50.09
C LEU A 276 -12.27 -17.49 -50.33
N TYR A 277 -13.17 -18.38 -49.91
CA TYR A 277 -13.01 -19.82 -50.11
C TYR A 277 -13.27 -20.21 -51.57
N LYS A 278 -14.32 -19.64 -52.16
CA LYS A 278 -14.68 -19.93 -53.55
C LYS A 278 -13.59 -19.55 -54.54
N LYS A 279 -12.70 -18.66 -54.13
CA LYS A 279 -11.63 -18.19 -55.00
C LYS A 279 -10.35 -19.00 -54.84
N PHE A 280 -9.91 -19.21 -53.60
CA PHE A 280 -8.57 -19.75 -53.34
C PHE A 280 -8.49 -21.25 -53.03
N SER A 281 -9.63 -21.88 -52.76
CA SER A 281 -9.65 -23.31 -52.43
C SER A 281 -9.39 -24.21 -53.64
N PHE A 282 -9.80 -23.73 -54.82
CA PHE A 282 -9.56 -24.41 -56.10
C PHE A 282 -10.12 -25.84 -56.18
N THR A 283 -11.27 -26.05 -55.52
CA THR A 283 -11.98 -27.32 -55.56
C THR A 283 -13.48 -27.08 -55.43
N ASN A 284 -14.24 -27.53 -56.44
CA ASN A 284 -15.68 -27.30 -56.48
C ASN A 284 -16.43 -28.20 -55.51
N GLN A 285 -17.37 -27.62 -54.77
CA GLN A 285 -18.11 -28.33 -53.73
C GLN A 285 -19.62 -28.40 -54.03
N PRO A 286 -20.27 -29.52 -53.62
CA PRO A 286 -21.71 -29.70 -53.80
C PRO A 286 -22.57 -28.73 -52.98
N SER A 287 -22.01 -28.23 -51.88
CA SER A 287 -22.71 -27.25 -51.04
C SER A 287 -21.72 -26.26 -50.43
N TYR A 288 -22.11 -25.00 -50.38
CA TYR A 288 -21.26 -23.94 -49.83
C TYR A 288 -21.81 -23.32 -48.54
N SER A 289 -22.66 -24.07 -47.84
CA SER A 289 -23.06 -23.71 -46.49
C SER A 289 -21.89 -24.00 -45.55
N LEU A 290 -21.84 -23.30 -44.42
CA LEU A 290 -20.73 -23.43 -43.47
C LEU A 290 -20.58 -24.85 -42.92
N ASP A 291 -21.69 -25.53 -42.68
CA ASP A 291 -21.66 -26.86 -42.10
C ASP A 291 -21.01 -27.89 -43.02
N TYR A 292 -21.27 -27.79 -44.32
CA TYR A 292 -20.68 -28.69 -45.31
C TYR A 292 -19.18 -28.47 -45.45
N ILE A 293 -18.75 -27.21 -45.33
CA ILE A 293 -17.33 -26.85 -45.45
C ILE A 293 -16.54 -27.21 -44.18
N SER A 294 -17.15 -26.97 -43.01
CA SER A 294 -16.56 -27.38 -41.73
C SER A 294 -16.33 -28.89 -41.71
N GLU A 295 -17.32 -29.62 -42.22
CA GLU A 295 -17.26 -31.07 -42.37
C GLU A 295 -16.07 -31.50 -43.23
N PHE A 296 -15.89 -30.82 -44.36
CA PHE A 296 -14.82 -31.12 -45.31
C PHE A 296 -13.44 -30.83 -44.75
N GLU A 297 -13.26 -29.61 -44.22
CA GLU A 297 -11.96 -29.13 -43.79
C GLU A 297 -11.55 -29.64 -42.42
N LEU A 298 -12.44 -29.50 -41.44
CA LEU A 298 -12.10 -29.75 -40.04
C LEU A 298 -12.41 -31.16 -39.54
N ASN A 299 -13.09 -31.96 -40.37
CA ASN A 299 -13.53 -33.32 -40.02
C ASN A 299 -14.53 -33.37 -38.86
N VAL A 300 -14.75 -32.23 -38.22
CA VAL A 300 -15.64 -32.13 -37.07
C VAL A 300 -17.10 -32.35 -37.51
N GLY A 301 -17.82 -33.16 -36.74
CA GLY A 301 -19.17 -33.59 -37.08
C GLY A 301 -20.24 -32.53 -37.05
N LYS A 302 -21.49 -32.97 -37.23
CA LYS A 302 -22.66 -32.10 -37.33
C LYS A 302 -22.99 -31.35 -36.03
N LEU A 303 -23.37 -30.08 -36.17
CA LEU A 303 -23.77 -29.25 -35.05
C LEU A 303 -25.29 -29.37 -34.85
N LYS A 304 -25.73 -30.56 -34.47
CA LYS A 304 -27.14 -30.93 -34.50
C LYS A 304 -28.01 -30.16 -33.50
N TYR A 305 -29.29 -30.00 -33.86
CA TYR A 305 -30.33 -29.50 -32.97
C TYR A 305 -31.64 -30.22 -33.28
N ASP A 306 -32.57 -30.18 -32.33
CA ASP A 306 -33.87 -30.82 -32.50
C ASP A 306 -34.92 -29.81 -32.95
N GLY A 307 -35.74 -30.23 -33.91
CA GLY A 307 -36.78 -29.36 -34.46
C GLY A 307 -36.26 -28.38 -35.51
N PRO A 308 -37.14 -27.49 -36.00
CA PRO A 308 -36.76 -26.49 -37.01
C PRO A 308 -35.85 -25.39 -36.47
N ILE A 309 -35.35 -24.54 -37.36
CA ILE A 309 -34.45 -23.45 -37.01
C ILE A 309 -35.20 -22.32 -36.30
N SER A 310 -36.42 -22.04 -36.78
CA SER A 310 -37.23 -20.92 -36.30
C SER A 310 -37.80 -21.14 -34.88
N LYS A 311 -37.74 -22.38 -34.40
CA LYS A 311 -38.27 -22.71 -33.08
C LYS A 311 -37.17 -23.19 -32.13
N LEU A 312 -35.92 -23.05 -32.53
CA LEU A 312 -34.79 -23.49 -31.72
C LEU A 312 -34.55 -22.57 -30.51
N ARG A 313 -34.71 -21.27 -30.69
CA ARG A 313 -34.52 -20.33 -29.58
C ARG A 313 -35.66 -20.46 -28.57
N GLU A 314 -36.86 -20.75 -29.06
CA GLU A 314 -38.03 -20.92 -28.20
C GLU A 314 -37.96 -22.21 -27.40
N SER A 315 -37.46 -23.28 -28.02
CA SER A 315 -37.43 -24.61 -27.38
C SER A 315 -36.13 -24.93 -26.66
N ASN A 316 -35.01 -24.49 -27.22
CA ASN A 316 -33.70 -24.75 -26.63
C ASN A 316 -32.76 -23.56 -26.83
N HIS A 317 -33.00 -22.51 -26.05
CA HIS A 317 -32.20 -21.28 -26.12
C HIS A 317 -30.78 -21.52 -25.72
N GLN A 318 -30.56 -22.55 -24.90
CA GLN A 318 -29.22 -22.92 -24.46
C GLN A 318 -28.35 -23.33 -25.65
N ARG A 319 -28.91 -24.18 -26.51
CA ARG A 319 -28.21 -24.63 -27.72
C ARG A 319 -28.13 -23.53 -28.77
N TYR A 320 -29.19 -22.71 -28.83
CA TYR A 320 -29.29 -21.63 -29.81
C TYR A 320 -28.10 -20.68 -29.78
N ILE A 321 -27.74 -20.24 -28.58
CA ILE A 321 -26.60 -19.35 -28.39
C ILE A 321 -25.28 -20.07 -28.69
N SER A 322 -25.13 -21.29 -28.17
CA SER A 322 -23.94 -22.09 -28.41
C SER A 322 -23.71 -22.38 -29.89
N TYR A 323 -24.81 -22.66 -30.60
CA TYR A 323 -24.79 -22.86 -32.05
C TYR A 323 -24.21 -21.64 -32.77
N ASN A 324 -24.52 -20.46 -32.25
CA ASN A 324 -24.03 -19.21 -32.83
C ASN A 324 -22.55 -18.94 -32.55
N ILE A 325 -22.09 -19.32 -31.36
CA ILE A 325 -20.69 -19.12 -30.98
C ILE A 325 -19.79 -20.03 -31.81
N ILE A 326 -20.20 -21.29 -31.98
CA ILE A 326 -19.43 -22.29 -32.70
C ILE A 326 -19.37 -21.97 -34.19
N ALA A 327 -20.44 -21.40 -34.73
CA ALA A 327 -20.51 -20.95 -36.12
C ALA A 327 -19.39 -19.95 -36.43
N VAL A 328 -19.19 -19.00 -35.52
CA VAL A 328 -18.08 -18.05 -35.61
C VAL A 328 -16.74 -18.79 -35.50
N TYR A 329 -16.66 -19.72 -34.54
CA TYR A 329 -15.42 -20.46 -34.28
C TYR A 329 -14.99 -21.37 -35.42
N ARG A 330 -15.94 -21.96 -36.12
CA ARG A 330 -15.65 -22.84 -37.25
C ARG A 330 -15.04 -22.10 -38.44
N VAL A 331 -15.34 -20.81 -38.56
CA VAL A 331 -14.72 -19.94 -39.56
C VAL A 331 -13.29 -19.61 -39.13
N LEU A 332 -13.11 -19.37 -37.83
CA LEU A 332 -11.79 -19.18 -37.23
C LEU A 332 -10.91 -20.43 -37.32
N GLN A 333 -11.55 -21.60 -37.27
CA GLN A 333 -10.84 -22.88 -37.35
C GLN A 333 -10.36 -23.20 -38.75
N ILE A 334 -11.10 -22.71 -39.74
CA ILE A 334 -10.73 -22.88 -41.15
C ILE A 334 -9.54 -21.97 -41.50
N ASP A 335 -9.66 -20.70 -41.12
CA ASP A 335 -8.62 -19.70 -41.37
C ASP A 335 -7.29 -20.04 -40.69
N ALA A 336 -7.35 -20.92 -39.69
CA ALA A 336 -6.15 -21.39 -39.01
C ALA A 336 -5.43 -22.41 -39.87
N LYS A 337 -6.19 -23.08 -40.75
CA LYS A 337 -5.68 -24.17 -41.57
C LYS A 337 -5.36 -23.73 -42.99
N ARG A 338 -6.20 -22.85 -43.54
CA ARG A 338 -6.04 -22.38 -44.93
C ARG A 338 -5.34 -21.04 -45.03
N GLN A 339 -5.46 -20.22 -43.99
CA GLN A 339 -4.77 -18.92 -43.89
C GLN A 339 -5.14 -17.91 -44.99
N PHE A 340 -6.38 -17.99 -45.48
CA PHE A 340 -6.82 -17.17 -46.62
C PHE A 340 -6.83 -15.66 -46.35
N ILE A 341 -6.88 -15.28 -45.07
CA ILE A 341 -6.90 -13.88 -44.69
C ILE A 341 -5.49 -13.29 -44.68
N ASN A 342 -4.54 -14.00 -44.06
CA ASN A 342 -3.14 -13.59 -44.07
C ASN A 342 -2.58 -13.57 -45.49
N LEU A 343 -3.05 -14.50 -46.32
CA LEU A 343 -2.69 -14.58 -47.74
C LEU A 343 -3.14 -13.34 -48.50
N SER A 344 -4.39 -12.92 -48.28
CA SER A 344 -4.95 -11.74 -48.95
C SER A 344 -4.38 -10.43 -48.40
N LEU A 345 -3.93 -10.45 -47.16
CA LEU A 345 -3.18 -9.33 -46.59
C LEU A 345 -1.82 -9.20 -47.26
N ASP A 346 -1.10 -10.32 -47.33
CA ASP A 346 0.26 -10.36 -47.89
C ASP A 346 0.26 -10.02 -49.37
N MET A 347 -0.84 -10.30 -50.05
CA MET A 347 -1.03 -9.95 -51.46
C MET A 347 -1.38 -8.48 -51.60
N GLY A 348 -2.16 -7.96 -50.66
CA GLY A 348 -2.63 -6.58 -50.69
C GLY A 348 -1.56 -5.55 -50.46
N TYR A 349 -0.71 -5.79 -49.46
CA TYR A 349 0.39 -4.89 -49.15
C TYR A 349 1.54 -4.98 -50.16
N TYR A 350 1.68 -6.15 -50.78
CA TYR A 350 2.67 -6.33 -51.85
C TYR A 350 2.35 -5.45 -53.05
N ALA A 351 1.09 -5.48 -53.48
CA ALA A 351 0.64 -4.70 -54.63
C ALA A 351 0.35 -3.24 -54.27
N LYS A 352 0.25 -2.95 -52.97
CA LYS A 352 -0.15 -1.63 -52.46
C LYS A 352 -1.56 -1.25 -52.92
N ILE A 353 -2.52 -2.10 -52.58
CA ILE A 353 -3.93 -1.90 -52.90
C ILE A 353 -4.76 -2.06 -51.64
N GLN A 354 -6.03 -1.65 -51.70
CA GLN A 354 -6.94 -1.97 -50.59
C GLN A 354 -7.29 -3.46 -50.65
N ILE A 355 -7.36 -4.09 -49.48
CA ILE A 355 -7.42 -5.54 -49.36
C ILE A 355 -8.59 -6.20 -50.11
N GLN A 356 -9.76 -5.55 -50.14
CA GLN A 356 -10.93 -6.07 -50.85
C GLN A 356 -10.64 -6.40 -52.33
N SER A 357 -9.70 -5.66 -52.91
CA SER A 357 -9.41 -5.77 -54.35
C SER A 357 -8.62 -7.01 -54.75
N VAL A 358 -8.20 -7.83 -53.78
CA VAL A 358 -7.54 -9.09 -54.09
C VAL A 358 -8.51 -10.10 -54.72
N PHE A 359 -9.80 -9.76 -54.69
CA PHE A 359 -10.80 -10.51 -55.44
C PHE A 359 -10.74 -10.17 -56.93
N SER A 360 -9.94 -9.16 -57.27
CA SER A 360 -9.74 -8.73 -58.64
C SER A 360 -8.26 -8.85 -59.03
N PRO A 361 -7.92 -9.87 -59.83
CA PRO A 361 -6.59 -9.96 -60.44
C PRO A 361 -6.24 -8.74 -61.31
N ILE A 362 -7.26 -8.11 -61.89
CA ILE A 362 -7.08 -6.89 -62.68
C ILE A 362 -6.49 -5.76 -61.85
N LYS A 363 -7.12 -5.50 -60.70
CA LYS A 363 -6.71 -4.40 -59.83
C LYS A 363 -5.35 -4.66 -59.19
N THR A 364 -5.08 -5.91 -58.83
CA THR A 364 -3.81 -6.28 -58.22
C THR A 364 -2.63 -6.00 -59.15
N TRP A 365 -2.66 -6.59 -60.35
CA TRP A 365 -1.60 -6.39 -61.34
C TRP A 365 -1.48 -4.98 -61.82
N ASP A 366 -2.62 -4.29 -61.95
CA ASP A 366 -2.65 -2.88 -62.36
C ASP A 366 -1.79 -2.02 -61.43
N ALA A 367 -1.72 -2.42 -60.16
CA ALA A 367 -0.95 -1.68 -59.16
C ALA A 367 0.47 -2.19 -58.96
N ILE A 368 0.74 -3.45 -59.33
CA ILE A 368 2.10 -3.99 -59.23
C ILE A 368 2.97 -3.37 -60.32
N ILE A 369 2.40 -3.27 -61.52
CA ILE A 369 3.08 -2.67 -62.67
C ILE A 369 3.22 -1.17 -62.44
N PHE A 370 2.16 -0.55 -61.92
CA PHE A 370 2.14 0.88 -61.62
C PHE A 370 3.28 1.33 -60.71
N ASN A 371 3.50 0.58 -59.63
CA ASN A 371 4.56 0.89 -58.66
C ASN A 371 5.97 0.78 -59.24
N SER A 372 6.19 -0.23 -60.08
CA SER A 372 7.49 -0.44 -60.72
C SER A 372 7.82 0.62 -61.76
N LEU A 373 6.81 1.01 -62.53
CA LEU A 373 6.96 2.05 -63.56
C LEU A 373 7.17 3.44 -62.95
N LYS A 374 6.46 3.71 -61.85
CA LYS A 374 6.59 4.96 -61.10
C LYS A 374 8.02 5.12 -60.55
N GLU A 375 8.63 4.00 -60.17
CA GLU A 375 10.00 3.99 -59.67
C GLU A 375 11.01 4.34 -60.77
N GLN A 376 10.66 4.02 -62.02
CA GLN A 376 11.51 4.29 -63.17
C GLN A 376 11.27 5.70 -63.73
N ASN A 377 10.37 6.45 -63.09
CA ASN A 377 9.88 7.74 -63.59
C ASN A 377 9.13 7.60 -64.92
N LYS A 378 8.41 6.49 -65.05
CA LYS A 378 7.60 6.21 -66.24
C LYS A 378 6.12 6.44 -65.96
N VAL A 379 5.36 6.74 -67.01
CA VAL A 379 3.94 7.06 -66.88
C VAL A 379 3.08 5.97 -67.52
N ILE A 380 2.12 5.46 -66.75
CA ILE A 380 1.24 4.38 -67.21
C ILE A 380 0.20 4.88 -68.23
N PRO A 381 -0.22 4.02 -69.16
CA PRO A 381 -1.22 4.41 -70.17
C PRO A 381 -2.59 4.67 -69.57
N GLN A 382 -3.49 5.23 -70.38
CA GLN A 382 -4.87 5.48 -69.97
C GLN A 382 -5.70 4.21 -70.10
N GLY A 383 -6.71 4.07 -69.25
CA GLY A 383 -7.70 3.02 -69.43
C GLY A 383 -8.46 3.30 -70.71
N ARG A 384 -8.50 2.31 -71.60
CA ARG A 384 -9.18 2.45 -72.88
C ARG A 384 -10.36 1.49 -72.95
N SER A 385 -11.54 2.03 -73.23
CA SER A 385 -12.75 1.22 -73.35
C SER A 385 -12.72 0.35 -74.59
N HIS A 386 -12.17 -0.85 -74.45
CA HIS A 386 -12.06 -1.81 -75.54
C HIS A 386 -13.34 -2.58 -75.72
N PRO A 387 -13.70 -2.90 -76.97
CA PRO A 387 -14.87 -3.74 -77.23
C PRO A 387 -14.58 -5.21 -76.90
N VAL A 388 -15.64 -5.97 -76.64
CA VAL A 388 -15.49 -7.38 -76.27
C VAL A 388 -15.51 -8.27 -77.52
N GLN A 389 -14.47 -9.09 -77.67
CA GLN A 389 -14.42 -10.10 -78.72
C GLN A 389 -13.62 -11.33 -78.30
N PRO A 390 -14.23 -12.54 -78.43
CA PRO A 390 -13.59 -13.79 -78.04
C PRO A 390 -12.49 -14.23 -79.01
N TYR A 391 -11.24 -14.05 -78.59
CA TYR A 391 -10.09 -14.46 -79.38
C TYR A 391 -9.86 -15.98 -79.30
N PRO A 392 -8.99 -16.53 -80.18
CA PRO A 392 -8.68 -17.97 -80.14
C PRO A 392 -8.13 -18.44 -78.80
N GLY A 393 -8.20 -19.74 -78.54
CA GLY A 393 -7.73 -20.32 -77.28
C GLY A 393 -6.68 -21.38 -77.45
N ALA A 394 -6.69 -22.36 -76.53
CA ALA A 394 -5.70 -23.44 -76.53
C ALA A 394 -6.11 -24.62 -77.41
N PHE A 395 -5.09 -25.32 -77.92
CA PHE A 395 -5.30 -26.52 -78.73
C PHE A 395 -5.65 -27.74 -77.87
N VAL A 396 -6.65 -28.49 -78.30
CA VAL A 396 -7.01 -29.76 -77.68
C VAL A 396 -7.08 -30.86 -78.73
N LYS A 397 -6.30 -31.93 -78.51
CA LYS A 397 -6.27 -33.07 -79.41
C LYS A 397 -7.50 -33.96 -79.21
N GLU A 398 -8.15 -34.33 -80.31
CA GLU A 398 -9.22 -35.32 -80.27
C GLU A 398 -8.58 -36.71 -80.20
N PRO A 399 -8.75 -37.41 -79.07
CA PRO A 399 -8.16 -38.73 -78.92
C PRO A 399 -9.07 -39.83 -79.45
N ILE A 400 -8.48 -40.90 -79.97
CA ILE A 400 -9.25 -42.06 -80.39
C ILE A 400 -9.72 -42.79 -79.12
N PRO A 401 -11.04 -42.92 -78.94
CA PRO A 401 -11.58 -43.60 -77.77
C PRO A 401 -11.17 -45.06 -77.76
N ASN A 402 -10.25 -45.40 -76.86
CA ASN A 402 -9.65 -46.73 -76.80
C ASN A 402 -9.04 -46.96 -75.42
N ARG A 403 -8.53 -48.16 -75.20
CA ARG A 403 -7.76 -48.46 -74.00
C ARG A 403 -6.29 -48.17 -74.26
N TYR A 404 -5.58 -47.79 -73.21
CA TYR A 404 -4.16 -47.47 -73.29
C TYR A 404 -3.44 -48.06 -72.08
N LYS A 405 -2.69 -49.13 -72.32
CA LYS A 405 -2.05 -49.91 -71.25
C LYS A 405 -0.95 -49.12 -70.53
N TYR A 406 0.01 -48.58 -71.30
CA TYR A 406 1.11 -47.83 -70.72
C TYR A 406 1.13 -46.39 -71.25
N VAL A 407 1.16 -45.44 -70.32
CA VAL A 407 1.16 -44.01 -70.67
C VAL A 407 2.22 -43.22 -69.91
N MET A 408 2.90 -42.32 -70.61
CA MET A 408 3.80 -41.33 -70.01
C MET A 408 3.38 -39.93 -70.39
N SER A 409 3.06 -39.12 -69.39
CA SER A 409 2.66 -37.73 -69.61
C SER A 409 3.83 -36.76 -69.45
N PHE A 410 3.80 -35.68 -70.24
CA PHE A 410 4.83 -34.65 -70.22
C PHE A 410 4.19 -33.27 -70.18
N ASP A 411 4.60 -32.46 -69.21
CA ASP A 411 3.97 -31.16 -68.93
C ASP A 411 4.96 -29.99 -69.06
N LEU A 412 4.45 -28.89 -69.63
CA LEU A 412 5.23 -27.65 -69.74
C LEU A 412 5.11 -26.82 -68.47
N THR A 413 6.20 -26.16 -68.09
CA THR A 413 6.21 -25.32 -66.89
C THR A 413 5.64 -23.93 -67.20
N SER A 414 4.64 -23.53 -66.41
CA SER A 414 3.99 -22.22 -66.52
C SER A 414 3.95 -21.70 -67.97
N LEU A 415 3.26 -22.44 -68.83
CA LEU A 415 3.29 -22.19 -70.27
C LEU A 415 3.08 -20.73 -70.69
N TYR A 416 1.97 -20.14 -70.23
CA TYR A 416 1.57 -18.81 -70.69
C TYR A 416 2.46 -17.68 -70.18
N PRO A 417 2.81 -17.68 -68.87
CA PRO A 417 3.81 -16.71 -68.45
C PRO A 417 5.14 -16.92 -69.18
N SER A 418 5.54 -18.17 -69.39
CA SER A 418 6.79 -18.51 -70.09
C SER A 418 6.80 -17.99 -71.53
N ILE A 419 5.67 -18.08 -72.22
CA ILE A 419 5.54 -17.57 -73.59
C ILE A 419 5.75 -16.05 -73.61
N ILE A 420 5.08 -15.36 -72.69
CA ILE A 420 5.18 -13.89 -72.57
C ILE A 420 6.64 -13.44 -72.47
N ARG A 421 7.43 -14.15 -71.69
CA ARG A 421 8.86 -13.86 -71.53
C ARG A 421 9.64 -14.23 -72.79
N GLN A 422 9.43 -15.45 -73.28
CA GLN A 422 10.12 -15.97 -74.46
C GLN A 422 9.96 -15.08 -75.70
N VAL A 423 8.72 -14.68 -75.99
CA VAL A 423 8.44 -13.91 -77.20
C VAL A 423 8.58 -12.41 -76.95
N ASN A 424 8.66 -12.02 -75.67
CA ASN A 424 8.71 -10.61 -75.24
C ASN A 424 7.44 -9.85 -75.64
N ILE A 425 6.31 -10.34 -75.14
CA ILE A 425 5.00 -9.77 -75.46
C ILE A 425 4.61 -8.69 -74.47
N SER A 426 4.37 -7.49 -74.98
CA SER A 426 3.94 -6.34 -74.20
C SER A 426 3.21 -5.39 -75.15
N PRO A 427 2.34 -4.50 -74.61
CA PRO A 427 1.69 -3.53 -75.50
C PRO A 427 2.67 -2.59 -76.21
N GLU A 428 3.83 -2.37 -75.60
CA GLU A 428 4.80 -1.41 -76.10
C GLU A 428 5.98 -2.03 -76.84
N THR A 429 5.96 -3.36 -77.01
CA THR A 429 7.05 -4.04 -77.72
C THR A 429 6.64 -4.54 -79.09
N ILE A 430 5.44 -4.18 -79.54
CA ILE A 430 4.94 -4.57 -80.86
C ILE A 430 5.83 -3.94 -81.94
N ALA A 431 6.65 -4.77 -82.57
CA ALA A 431 7.60 -4.31 -83.58
C ALA A 431 6.95 -4.16 -84.95
N GLY A 432 6.02 -5.05 -85.26
CA GLY A 432 5.33 -5.05 -86.55
C GLY A 432 4.57 -6.33 -86.79
N THR A 433 4.20 -6.57 -88.05
CA THR A 433 3.43 -7.74 -88.42
C THR A 433 3.98 -8.41 -89.66
N PHE A 434 3.67 -9.70 -89.83
CA PHE A 434 4.04 -10.44 -91.04
C PHE A 434 2.86 -11.26 -91.57
N LYS A 435 2.89 -11.52 -92.89
CA LYS A 435 1.90 -12.37 -93.55
C LYS A 435 2.02 -13.82 -93.06
N VAL A 436 0.90 -14.39 -92.63
CA VAL A 436 0.91 -15.73 -92.02
C VAL A 436 0.42 -16.86 -92.92
N ALA A 437 1.06 -18.01 -92.79
CA ALA A 437 0.59 -19.26 -93.40
C ALA A 437 -0.27 -20.00 -92.36
N PRO A 438 -1.03 -21.03 -92.81
CA PRO A 438 -1.78 -21.87 -91.87
C PRO A 438 -0.92 -22.39 -90.73
N LEU A 439 -1.54 -22.60 -89.57
CA LEU A 439 -0.84 -23.06 -88.36
C LEU A 439 -0.06 -24.34 -88.62
N HIS A 440 -0.67 -25.27 -89.35
CA HIS A 440 -0.05 -26.54 -89.70
C HIS A 440 1.32 -26.35 -90.30
N ASP A 441 1.47 -25.32 -91.13
CA ASP A 441 2.71 -25.04 -91.83
C ASP A 441 3.84 -24.54 -90.93
N TYR A 442 3.47 -23.95 -89.80
CA TYR A 442 4.46 -23.54 -88.80
C TYR A 442 4.79 -24.69 -87.85
N ILE A 443 3.84 -25.62 -87.71
CA ILE A 443 4.00 -26.78 -86.85
C ILE A 443 4.99 -27.78 -87.45
N ASN A 444 4.92 -27.98 -88.76
CA ASN A 444 5.82 -28.90 -89.46
C ASN A 444 7.05 -28.23 -90.07
N ALA A 445 7.21 -26.93 -89.80
CA ALA A 445 8.34 -26.13 -90.25
C ALA A 445 8.55 -26.13 -91.77
N VAL A 446 7.47 -25.80 -92.50
CA VAL A 446 7.55 -25.68 -93.96
C VAL A 446 7.28 -24.24 -94.42
N ALA A 447 6.58 -23.47 -93.59
CA ALA A 447 6.34 -22.05 -93.84
C ALA A 447 7.65 -21.28 -93.69
N GLU A 448 7.83 -20.26 -94.54
CA GLU A 448 9.06 -19.47 -94.52
C GLU A 448 9.26 -18.75 -93.18
N ARG A 449 10.53 -18.60 -92.79
CA ARG A 449 10.90 -18.02 -91.50
C ARG A 449 10.36 -16.59 -91.36
N PRO A 450 9.47 -16.38 -90.37
CA PRO A 450 8.73 -15.13 -90.17
C PRO A 450 9.59 -13.86 -90.21
N SER A 451 10.64 -13.81 -89.39
CA SER A 451 11.49 -12.62 -89.31
C SER A 451 12.94 -12.94 -88.95
N ASP A 452 13.85 -12.14 -89.49
CA ASP A 452 15.29 -12.27 -89.22
C ASP A 452 15.71 -11.44 -88.01
N VAL A 453 14.95 -10.42 -87.67
CA VAL A 453 15.33 -9.47 -86.62
C VAL A 453 14.39 -9.40 -85.43
N TYR A 454 13.14 -9.82 -85.61
CA TYR A 454 12.14 -9.70 -84.55
C TYR A 454 11.66 -11.04 -84.00
N SER A 455 11.25 -11.04 -82.74
CA SER A 455 10.66 -12.22 -82.10
C SER A 455 9.21 -12.40 -82.52
N CYS A 456 8.85 -13.61 -82.93
CA CYS A 456 7.59 -13.84 -83.62
C CYS A 456 6.58 -14.79 -82.98
N SER A 457 5.32 -14.58 -83.31
CA SER A 457 4.22 -15.47 -82.92
C SER A 457 3.40 -15.83 -84.17
N PRO A 458 2.96 -17.10 -84.25
CA PRO A 458 2.24 -17.66 -85.41
C PRO A 458 1.03 -16.86 -85.89
N ASN A 459 0.45 -16.03 -85.03
CA ASN A 459 -0.70 -15.19 -85.41
C ASN A 459 -0.31 -13.95 -86.22
N GLY A 460 0.99 -13.71 -86.37
CA GLY A 460 1.49 -12.60 -87.19
C GLY A 460 2.16 -11.49 -86.43
N MET A 461 2.21 -11.62 -85.12
CA MET A 461 2.78 -10.58 -84.26
C MET A 461 4.31 -10.66 -84.20
N MET A 462 4.94 -9.51 -84.37
CA MET A 462 6.37 -9.38 -84.19
C MET A 462 6.69 -8.47 -83.01
N TYR A 463 7.71 -8.83 -82.26
CA TYR A 463 8.10 -8.08 -81.07
C TYR A 463 9.59 -7.81 -81.10
N TYR A 464 10.01 -6.70 -80.49
CA TYR A 464 11.43 -6.37 -80.39
C TYR A 464 12.17 -7.37 -79.51
N LYS A 465 13.41 -7.65 -79.87
CA LYS A 465 14.27 -8.53 -79.09
C LYS A 465 15.20 -7.74 -78.18
N ASP A 466 15.52 -6.51 -78.59
CA ASP A 466 16.47 -5.66 -77.89
C ASP A 466 15.87 -4.92 -76.70
N ARG A 467 14.58 -4.61 -76.79
CA ARG A 467 13.86 -3.93 -75.71
C ARG A 467 13.63 -4.87 -74.52
N ASP A 468 13.38 -4.28 -73.35
CA ASP A 468 12.92 -5.03 -72.20
C ASP A 468 11.44 -4.72 -72.01
N GLY A 469 10.59 -5.70 -72.27
CA GLY A 469 9.14 -5.52 -72.19
C GLY A 469 8.64 -5.23 -70.79
N VAL A 470 7.70 -4.29 -70.68
CA VAL A 470 7.12 -3.91 -69.39
C VAL A 470 6.42 -5.09 -68.71
N VAL A 471 5.64 -5.83 -69.48
CA VAL A 471 4.98 -7.04 -68.96
C VAL A 471 5.99 -8.17 -68.65
N PRO A 472 6.86 -8.53 -69.63
CA PRO A 472 7.86 -9.56 -69.36
C PRO A 472 8.84 -9.26 -68.22
N THR A 473 9.23 -7.99 -68.05
CA THR A 473 10.10 -7.59 -66.95
C THR A 473 9.41 -7.85 -65.60
N GLU A 474 8.13 -7.50 -65.52
CA GLU A 474 7.38 -7.59 -64.27
C GLU A 474 7.01 -9.00 -63.87
N ILE A 475 6.91 -9.90 -64.85
CA ILE A 475 6.63 -11.31 -64.56
C ILE A 475 7.92 -12.08 -64.24
N THR A 476 9.03 -11.64 -64.81
CA THR A 476 10.34 -12.22 -64.50
C THR A 476 10.74 -11.87 -63.07
N LYS A 477 10.34 -10.69 -62.60
CA LYS A 477 10.56 -10.28 -61.22
C LYS A 477 9.88 -11.23 -60.24
N VAL A 478 8.59 -11.47 -60.44
CA VAL A 478 7.82 -12.40 -59.62
C VAL A 478 8.41 -13.82 -59.73
N PHE A 479 8.89 -14.15 -60.92
CA PHE A 479 9.52 -15.44 -61.18
C PHE A 479 10.85 -15.57 -60.43
N ASN A 480 11.58 -14.47 -60.34
CA ASN A 480 12.84 -14.42 -59.58
C ASN A 480 12.61 -14.41 -58.07
N GLN A 481 11.49 -13.84 -57.64
CA GLN A 481 11.14 -13.77 -56.22
C GLN A 481 10.68 -15.13 -55.68
N ARG A 482 9.95 -15.87 -56.50
CA ARG A 482 9.60 -17.26 -56.22
C ARG A 482 10.88 -18.07 -56.02
N LYS A 483 11.80 -17.92 -56.95
CA LYS A 483 13.09 -18.61 -56.94
C LYS A 483 13.97 -18.16 -55.77
N GLU A 484 13.83 -16.90 -55.37
CA GLU A 484 14.59 -16.33 -54.26
C GLU A 484 14.12 -16.86 -52.90
N HIS A 485 12.81 -17.09 -52.79
CA HIS A 485 12.22 -17.58 -51.54
C HIS A 485 12.41 -19.06 -51.30
N LYS A 486 12.84 -19.78 -52.34
CA LYS A 486 13.36 -21.13 -52.16
C LYS A 486 14.67 -21.06 -51.39
N GLY A 487 15.49 -20.06 -51.70
CA GLY A 487 16.78 -19.84 -51.05
C GLY A 487 16.69 -19.56 -49.57
N TYR A 488 15.61 -18.90 -49.16
CA TYR A 488 15.39 -18.58 -47.75
C TYR A 488 14.77 -19.74 -46.98
N MET A 489 13.79 -20.41 -47.60
CA MET A 489 13.07 -21.52 -46.97
C MET A 489 13.94 -22.76 -46.77
N LEU A 490 14.67 -23.15 -47.81
CA LEU A 490 15.53 -24.34 -47.77
C LEU A 490 16.76 -24.14 -46.88
N ALA A 491 17.14 -22.88 -46.65
CA ALA A 491 18.24 -22.54 -45.75
C ALA A 491 17.87 -22.84 -44.29
N ALA A 492 16.62 -22.54 -43.92
CA ALA A 492 16.11 -22.83 -42.59
C ALA A 492 15.93 -24.34 -42.37
N GLN A 493 15.67 -25.07 -43.46
CA GLN A 493 15.52 -26.52 -43.42
C GLN A 493 16.86 -27.22 -43.19
N ARG A 494 17.93 -26.67 -43.81
CA ARG A 494 19.29 -27.15 -43.59
C ARG A 494 19.78 -26.82 -42.18
N ASN A 495 19.36 -25.67 -41.67
CA ASN A 495 19.71 -25.24 -40.32
C ASN A 495 18.88 -25.94 -39.24
N GLY A 496 17.68 -26.38 -39.63
CA GLY A 496 16.78 -27.09 -38.72
C GLY A 496 17.13 -28.54 -38.49
N GLU A 497 17.92 -29.11 -39.40
CA GLU A 497 18.35 -30.51 -39.31
C GLU A 497 19.31 -30.73 -38.13
N ILE A 498 20.27 -29.82 -37.97
CA ILE A 498 21.25 -29.90 -36.89
C ILE A 498 20.74 -29.15 -35.64
N ILE A 499 19.55 -29.53 -35.18
CA ILE A 499 18.99 -29.02 -33.94
C ILE A 499 18.69 -30.17 -32.98
N LYS A 500 18.16 -31.27 -33.53
CA LYS A 500 17.92 -32.50 -32.76
C LYS A 500 19.23 -33.16 -32.33
N GLU A 501 20.29 -32.93 -33.11
CA GLU A 501 21.64 -33.38 -32.77
C GLU A 501 22.31 -32.36 -31.84
N ALA A 502 21.92 -31.09 -31.98
CA ALA A 502 22.41 -30.02 -31.13
C ALA A 502 21.84 -30.13 -29.71
N LEU A 503 20.61 -30.64 -29.62
CA LEU A 503 19.96 -30.90 -28.33
C LEU A 503 20.35 -32.26 -27.77
N HIS A 504 20.98 -33.08 -28.60
CA HIS A 504 21.43 -34.42 -28.20
C HIS A 504 22.67 -34.37 -27.35
N ASN A 505 23.48 -33.32 -27.55
CA ASN A 505 24.69 -33.10 -26.75
C ASN A 505 24.81 -31.66 -26.21
N PRO A 506 23.96 -31.29 -25.25
CA PRO A 506 23.93 -29.92 -24.75
C PRO A 506 24.76 -29.67 -23.48
N ASN A 507 24.92 -28.39 -23.14
CA ASN A 507 25.58 -27.99 -21.90
C ASN A 507 24.96 -26.69 -21.37
N LEU A 508 24.17 -26.81 -20.32
CA LEU A 508 23.36 -25.70 -19.80
C LEU A 508 24.09 -24.77 -18.83
N SER A 509 23.85 -23.47 -18.98
CA SER A 509 24.35 -22.44 -18.06
C SER A 509 23.44 -21.22 -18.10
N VAL A 510 23.46 -20.49 -19.21
CA VAL A 510 22.61 -19.32 -19.42
C VAL A 510 22.05 -19.30 -20.85
N ASP A 511 20.80 -18.87 -20.98
CA ASP A 511 20.13 -18.79 -22.28
C ASP A 511 20.74 -17.67 -23.15
N GLU A 512 21.47 -18.08 -24.19
CA GLU A 512 22.13 -17.15 -25.08
C GLU A 512 21.78 -17.42 -26.55
N PRO A 513 20.67 -16.85 -27.04
CA PRO A 513 20.32 -16.94 -28.45
C PRO A 513 20.83 -15.74 -29.24
N LEU A 514 21.90 -15.93 -30.00
CA LEU A 514 22.52 -14.86 -30.79
C LEU A 514 21.61 -14.39 -31.92
N ASP A 515 21.46 -13.07 -32.03
CA ASP A 515 20.57 -12.47 -33.02
C ASP A 515 21.17 -12.48 -34.43
N VAL A 516 20.76 -13.48 -35.21
CA VAL A 516 21.20 -13.63 -36.60
C VAL A 516 20.03 -13.99 -37.51
N ASP A 517 20.10 -13.53 -38.76
CA ASP A 517 19.03 -13.75 -39.74
C ASP A 517 18.94 -15.21 -40.20
N TYR A 518 17.75 -15.79 -40.07
CA TYR A 518 17.53 -17.20 -40.37
C TYR A 518 17.35 -17.47 -41.87
N ARG A 519 17.10 -16.41 -42.64
CA ARG A 519 16.92 -16.52 -44.09
C ARG A 519 18.20 -16.96 -44.80
N PHE A 520 19.34 -16.47 -44.31
CA PHE A 520 20.65 -16.91 -44.82
C PHE A 520 21.24 -17.96 -43.88
N ASP A 521 21.70 -19.07 -44.47
CA ASP A 521 22.27 -20.18 -43.70
C ASP A 521 23.62 -19.84 -43.08
N PHE A 522 23.90 -20.45 -41.93
CA PHE A 522 25.10 -20.17 -41.15
C PHE A 522 26.36 -20.82 -41.75
N SER A 523 27.49 -20.16 -41.58
CA SER A 523 28.79 -20.68 -42.01
C SER A 523 29.46 -21.48 -40.90
N ASP A 524 30.67 -21.99 -41.17
CA ASP A 524 31.44 -22.76 -40.19
C ASP A 524 31.91 -21.92 -39.00
N GLU A 525 31.93 -20.61 -39.16
CA GLU A 525 32.30 -19.68 -38.09
C GLU A 525 31.15 -19.51 -37.09
N ILE A 526 29.92 -19.66 -37.57
CA ILE A 526 28.72 -19.51 -36.74
C ILE A 526 28.27 -20.85 -36.15
N LYS A 527 28.34 -21.90 -36.97
CA LYS A 527 27.92 -23.25 -36.57
C LYS A 527 28.74 -23.85 -35.42
N GLU A 528 29.98 -23.38 -35.28
CA GLU A 528 30.90 -23.90 -34.26
C GLU A 528 30.50 -23.49 -32.84
N LYS A 529 30.23 -22.20 -32.65
CA LYS A 529 29.85 -21.66 -31.34
C LYS A 529 28.35 -21.42 -31.22
N ILE A 530 27.56 -22.41 -31.65
CA ILE A 530 26.10 -22.35 -31.56
C ILE A 530 25.52 -23.65 -30.99
N LYS A 531 26.31 -24.72 -31.05
CA LYS A 531 25.89 -26.05 -30.55
C LYS A 531 26.47 -26.36 -29.16
N LYS A 532 27.41 -25.52 -28.71
CA LYS A 532 28.04 -25.69 -27.40
C LYS A 532 27.35 -24.84 -26.33
N LEU A 533 26.26 -24.16 -26.72
CA LEU A 533 25.51 -23.29 -25.82
C LEU A 533 24.52 -24.07 -24.94
N SER A 534 23.60 -23.36 -24.30
CA SER A 534 22.64 -23.94 -23.37
C SER A 534 21.53 -24.75 -24.07
N ALA A 535 20.94 -25.68 -23.33
CA ALA A 535 19.87 -26.54 -23.84
C ALA A 535 18.53 -25.80 -23.93
N LYS A 536 18.34 -24.83 -23.05
CA LYS A 536 17.10 -24.05 -22.98
C LYS A 536 17.02 -22.99 -24.09
N SER A 537 18.18 -22.54 -24.55
CA SER A 537 18.27 -21.51 -25.59
C SER A 537 18.05 -22.07 -27.00
N LEU A 538 18.45 -23.32 -27.21
CA LEU A 538 18.30 -23.99 -28.50
C LEU A 538 16.84 -24.21 -28.90
N ASN A 539 15.95 -24.16 -27.91
CA ASN A 539 14.51 -24.31 -28.13
C ASN A 539 13.90 -23.10 -28.84
N GLU A 540 14.35 -21.91 -28.46
CA GLU A 540 13.87 -20.66 -29.08
C GLU A 540 14.49 -20.44 -30.47
N MET A 541 15.73 -20.90 -30.64
CA MET A 541 16.42 -20.80 -31.93
C MET A 541 15.78 -21.69 -33.00
N LEU A 542 15.22 -22.82 -32.56
CA LEU A 542 14.45 -23.70 -33.44
C LEU A 542 13.05 -23.11 -33.71
N PHE A 543 12.50 -22.44 -32.70
CA PHE A 543 11.19 -21.80 -32.80
C PHE A 543 11.19 -20.66 -33.81
N ARG A 544 12.31 -19.93 -33.88
CA ARG A 544 12.45 -18.82 -34.82
C ARG A 544 12.90 -19.28 -36.21
N ALA A 545 13.54 -20.45 -36.26
CA ALA A 545 13.95 -21.06 -37.53
C ALA A 545 12.75 -21.62 -38.30
N GLN A 546 11.76 -22.11 -37.55
CA GLN A 546 10.52 -22.64 -38.13
C GLN A 546 9.55 -21.51 -38.49
N ARG A 547 9.63 -20.40 -37.74
CA ARG A 547 8.84 -19.20 -38.01
C ARG A 547 9.25 -18.58 -39.35
N THR A 548 10.56 -18.60 -39.62
CA THR A 548 11.12 -18.07 -40.86
C THR A 548 10.89 -19.04 -42.02
N GLU A 549 10.87 -20.33 -41.71
CA GLU A 549 10.68 -21.40 -42.72
C GLU A 549 9.30 -21.34 -43.37
N VAL A 550 8.25 -21.22 -42.55
CA VAL A 550 6.88 -21.13 -43.04
C VAL A 550 6.64 -19.76 -43.71
N ALA A 551 7.28 -18.73 -43.19
CA ALA A 551 7.19 -17.38 -43.74
C ALA A 551 7.72 -17.26 -45.17
N GLY A 552 8.74 -18.07 -45.48
CA GLY A 552 9.30 -18.13 -46.83
C GLY A 552 8.38 -18.79 -47.82
N MET A 553 7.68 -19.83 -47.38
CA MET A 553 6.71 -20.55 -48.21
C MET A 553 5.44 -19.73 -48.44
N THR A 554 4.98 -19.04 -47.40
CA THR A 554 3.80 -18.19 -47.48
C THR A 554 3.95 -17.13 -48.58
N ALA A 555 5.11 -16.49 -48.61
CA ALA A 555 5.43 -15.50 -49.64
C ALA A 555 5.65 -16.15 -51.01
N GLN A 556 6.11 -17.39 -50.99
CA GLN A 556 6.39 -18.15 -52.21
C GLN A 556 5.10 -18.54 -52.96
N ILE A 557 4.08 -18.93 -52.19
CA ILE A 557 2.77 -19.30 -52.76
C ILE A 557 2.08 -18.08 -53.34
N ASN A 558 2.21 -16.94 -52.65
CA ASN A 558 1.64 -15.67 -53.10
C ASN A 558 2.20 -15.16 -54.43
N ARG A 559 3.31 -15.76 -54.88
CA ARG A 559 3.94 -15.39 -56.14
C ARG A 559 3.43 -16.26 -57.29
N LYS A 560 3.20 -17.55 -57.02
CA LYS A 560 2.64 -18.45 -58.03
C LYS A 560 1.21 -18.06 -58.37
N LEU A 561 0.44 -17.65 -57.35
CA LEU A 561 -0.90 -17.12 -57.55
C LEU A 561 -0.87 -15.89 -58.45
N LEU A 562 0.12 -15.04 -58.23
CA LEU A 562 0.34 -13.87 -59.06
C LEU A 562 0.78 -14.28 -60.46
N ILE A 563 1.60 -15.32 -60.55
CA ILE A 563 2.06 -15.86 -61.82
C ILE A 563 0.90 -16.38 -62.66
N ASN A 564 0.06 -17.22 -62.06
CA ASN A 564 -1.03 -17.88 -62.77
C ASN A 564 -2.20 -16.97 -63.12
N SER A 565 -2.20 -15.76 -62.57
CA SER A 565 -3.32 -14.82 -62.78
C SER A 565 -3.06 -13.79 -63.87
N LEU A 566 -1.80 -13.68 -64.28
CA LEU A 566 -1.39 -12.65 -65.24
C LEU A 566 -2.09 -12.76 -66.59
N TYR A 567 -2.07 -13.97 -67.17
CA TYR A 567 -2.68 -14.18 -68.48
C TYR A 567 -4.15 -13.78 -68.49
N GLY A 568 -4.89 -14.24 -67.49
CA GLY A 568 -6.31 -13.91 -67.32
C GLY A 568 -6.56 -12.42 -67.25
N ALA A 569 -5.62 -11.69 -66.65
CA ALA A 569 -5.68 -10.24 -66.59
C ALA A 569 -5.44 -9.63 -67.98
N LEU A 570 -4.48 -10.19 -68.72
CA LEU A 570 -4.16 -9.68 -70.05
C LEU A 570 -5.24 -9.96 -71.09
N GLY A 571 -6.10 -10.93 -70.80
CA GLY A 571 -7.21 -11.27 -71.69
C GLY A 571 -8.47 -10.48 -71.42
N ASN A 572 -8.48 -9.71 -70.33
CA ASN A 572 -9.64 -8.92 -69.94
C ASN A 572 -9.63 -7.52 -70.53
N VAL A 573 -10.71 -7.16 -71.21
CA VAL A 573 -10.80 -5.87 -71.91
C VAL A 573 -10.68 -4.64 -71.00
N TRP A 574 -10.97 -4.83 -69.71
CA TRP A 574 -10.91 -3.74 -68.74
C TRP A 574 -9.52 -3.50 -68.20
N PHE A 575 -8.58 -4.34 -68.59
CA PHE A 575 -7.18 -4.21 -68.18
C PHE A 575 -6.50 -3.06 -68.92
N ARG A 576 -5.68 -2.31 -68.19
CA ARG A 576 -4.95 -1.17 -68.74
C ARG A 576 -4.00 -1.58 -69.87
N TYR A 577 -3.36 -2.73 -69.71
CA TYR A 577 -2.36 -3.22 -70.65
C TYR A 577 -2.93 -4.33 -71.55
N TYR A 578 -4.23 -4.26 -71.82
CA TYR A 578 -4.90 -5.23 -72.69
C TYR A 578 -4.66 -4.90 -74.16
N ASP A 579 -4.39 -5.93 -74.94
CA ASP A 579 -4.22 -5.83 -76.39
C ASP A 579 -4.66 -7.15 -77.02
N LEU A 580 -5.70 -7.07 -77.85
CA LEU A 580 -6.29 -8.24 -78.50
C LEU A 580 -5.22 -9.10 -79.17
N ARG A 581 -4.40 -8.46 -79.99
CA ARG A 581 -3.38 -9.15 -80.77
C ARG A 581 -2.33 -9.81 -79.89
N ASN A 582 -2.06 -9.21 -78.73
CA ASN A 582 -1.12 -9.77 -77.76
C ASN A 582 -1.63 -11.04 -77.10
N ALA A 583 -2.91 -11.04 -76.72
CA ALA A 583 -3.56 -12.20 -76.11
C ALA A 583 -3.61 -13.37 -77.09
N THR A 584 -3.98 -13.08 -78.33
CA THR A 584 -3.97 -14.05 -79.42
C THR A 584 -2.57 -14.62 -79.64
N ALA A 585 -1.55 -13.78 -79.56
CA ALA A 585 -0.17 -14.20 -79.72
C ALA A 585 0.26 -15.19 -78.64
N ILE A 586 -0.04 -14.88 -77.38
CA ILE A 586 0.21 -15.77 -76.24
C ILE A 586 -0.45 -17.13 -76.44
N THR A 587 -1.72 -17.11 -76.86
CA THR A 587 -2.54 -18.30 -76.96
C THR A 587 -2.19 -19.19 -78.17
N THR A 588 -1.97 -18.56 -79.31
CA THR A 588 -1.68 -19.25 -80.58
C THR A 588 -0.27 -19.84 -80.58
N PHE A 589 0.65 -19.20 -79.85
CA PHE A 589 2.00 -19.72 -79.68
C PHE A 589 1.93 -21.06 -78.95
N GLY A 590 1.10 -21.11 -77.91
CA GLY A 590 0.86 -22.34 -77.16
C GLY A 590 0.30 -23.44 -78.04
N GLN A 591 -0.66 -23.08 -78.89
CA GLN A 591 -1.22 -24.01 -79.88
C GLN A 591 -0.11 -24.64 -80.72
N MET A 592 0.81 -23.80 -81.18
CA MET A 592 1.93 -24.26 -81.99
C MET A 592 2.92 -25.08 -81.18
N ALA A 593 3.32 -24.57 -80.02
CA ALA A 593 4.30 -25.23 -79.16
C ALA A 593 3.90 -26.66 -78.81
N LEU A 594 2.63 -26.84 -78.41
CA LEU A 594 2.11 -28.15 -78.06
C LEU A 594 2.14 -29.11 -79.24
N GLN A 595 1.65 -28.65 -80.40
CA GLN A 595 1.60 -29.46 -81.61
C GLN A 595 2.98 -29.67 -82.25
N TRP A 596 3.89 -28.73 -82.00
CA TRP A 596 5.28 -28.81 -82.47
C TRP A 596 5.99 -29.93 -81.78
N ILE A 597 5.90 -29.96 -80.46
CA ILE A 597 6.60 -30.99 -79.68
C ILE A 597 5.96 -32.37 -79.87
N GLU A 598 4.64 -32.38 -80.02
CA GLU A 598 3.89 -33.58 -80.38
C GLU A 598 4.44 -34.15 -81.69
N ARG A 599 4.74 -33.25 -82.63
CA ARG A 599 5.31 -33.62 -83.92
C ARG A 599 6.77 -34.05 -83.81
N LYS A 600 7.45 -33.59 -82.76
CA LYS A 600 8.84 -33.96 -82.52
C LYS A 600 8.98 -35.23 -81.68
N VAL A 601 8.04 -35.46 -80.78
CA VAL A 601 8.02 -36.67 -79.94
C VAL A 601 7.70 -37.89 -80.79
N ASN A 602 6.79 -37.73 -81.75
CA ASN A 602 6.47 -38.81 -82.69
C ASN A 602 7.65 -39.14 -83.61
N GLU A 603 8.27 -38.10 -84.17
CA GLU A 603 9.42 -38.26 -85.04
C GLU A 603 10.59 -38.96 -84.35
N TYR A 604 10.82 -38.60 -83.09
CA TYR A 604 11.91 -39.19 -82.31
C TYR A 604 11.65 -40.66 -81.98
N LEU A 605 10.48 -40.96 -81.44
CA LEU A 605 10.15 -42.32 -81.00
C LEU A 605 10.06 -43.32 -82.16
N ASN A 606 9.82 -42.81 -83.36
CA ASN A 606 9.82 -43.63 -84.57
C ASN A 606 11.23 -44.06 -84.98
N GLU A 607 12.21 -43.18 -84.76
CA GLU A 607 13.61 -43.46 -85.07
C GLU A 607 14.18 -44.55 -84.17
N VAL A 608 13.82 -44.48 -82.89
CA VAL A 608 14.37 -45.38 -81.87
C VAL A 608 13.59 -46.70 -81.73
N CYS A 609 12.52 -46.84 -82.50
CA CYS A 609 11.74 -48.07 -82.51
C CYS A 609 11.73 -48.76 -83.88
N GLY A 610 12.36 -48.11 -84.87
CA GLY A 610 12.49 -48.66 -86.21
C GLY A 610 11.20 -48.75 -87.00
N THR A 611 10.29 -47.82 -86.74
CA THR A 611 9.00 -47.76 -87.44
C THR A 611 8.79 -46.37 -88.05
N GLU A 612 7.77 -46.25 -88.91
CA GLU A 612 7.44 -44.96 -89.54
C GLU A 612 5.94 -44.71 -89.58
N GLY A 613 5.54 -43.53 -89.11
CA GLY A 613 4.14 -43.09 -89.17
C GLY A 613 3.24 -43.57 -88.06
N GLU A 614 3.84 -44.05 -86.97
CA GLU A 614 3.07 -44.49 -85.80
C GLU A 614 2.79 -43.34 -84.85
N ALA A 615 1.56 -43.29 -84.34
CA ALA A 615 1.13 -42.24 -83.43
C ALA A 615 1.38 -42.63 -81.98
N PHE A 616 2.43 -42.06 -81.40
CA PHE A 616 2.78 -42.32 -80.01
C PHE A 616 2.05 -41.37 -79.05
N VAL A 617 1.97 -40.09 -79.43
CA VAL A 617 1.21 -39.11 -78.66
C VAL A 617 -0.28 -39.26 -78.99
N LEU A 618 -1.04 -39.72 -77.99
CA LEU A 618 -2.46 -39.97 -78.16
C LEU A 618 -3.30 -38.73 -77.87
N TYR A 619 -2.99 -38.05 -76.77
CA TYR A 619 -3.76 -36.91 -76.30
C TYR A 619 -2.85 -35.78 -75.87
N GLY A 620 -3.26 -34.55 -76.20
CA GLY A 620 -2.54 -33.35 -75.83
C GLY A 620 -3.50 -32.23 -75.48
N ASP A 621 -3.36 -31.69 -74.28
CA ASP A 621 -4.24 -30.63 -73.79
C ASP A 621 -3.47 -29.43 -73.27
N THR A 622 -3.62 -28.30 -73.97
CA THR A 622 -3.02 -27.00 -73.61
C THR A 622 -1.49 -27.02 -73.43
N ASP A 623 -1.03 -27.53 -72.29
CA ASP A 623 0.40 -27.53 -71.96
C ASP A 623 0.98 -28.95 -71.76
N SER A 624 0.12 -29.95 -71.78
CA SER A 624 0.49 -31.32 -71.48
C SER A 624 0.27 -32.27 -72.65
N ILE A 625 1.15 -33.26 -72.79
CA ILE A 625 0.99 -34.33 -73.78
C ILE A 625 1.04 -35.71 -73.13
N TYR A 626 0.36 -36.67 -73.75
CA TYR A 626 0.28 -38.05 -73.26
C TYR A 626 0.83 -39.01 -74.30
N VAL A 627 1.90 -39.71 -73.93
CA VAL A 627 2.61 -40.60 -74.83
C VAL A 627 2.31 -42.06 -74.51
N SER A 628 1.86 -42.81 -75.51
CA SER A 628 1.61 -44.24 -75.37
C SER A 628 2.94 -45.00 -75.31
N ALA A 629 3.24 -45.57 -74.16
CA ALA A 629 4.49 -46.28 -73.93
C ALA A 629 4.41 -47.77 -74.27
N ASP A 630 3.29 -48.19 -74.83
CA ASP A 630 3.05 -49.60 -75.19
C ASP A 630 4.20 -50.26 -75.95
N LYS A 631 4.68 -49.61 -77.00
CA LYS A 631 5.73 -50.15 -77.86
C LYS A 631 7.13 -50.12 -77.23
N ILE A 632 7.33 -49.22 -76.28
CA ILE A 632 8.59 -49.15 -75.53
C ILE A 632 8.69 -50.36 -74.60
N ILE A 633 7.58 -50.71 -73.96
CA ILE A 633 7.49 -51.91 -73.12
C ILE A 633 7.61 -53.16 -73.99
N ASP A 634 6.90 -53.18 -75.10
CA ASP A 634 6.91 -54.29 -76.06
C ASP A 634 8.27 -54.51 -76.72
N LYS A 635 9.13 -53.49 -76.67
CA LYS A 635 10.48 -53.55 -77.24
C LYS A 635 11.37 -54.50 -76.44
N VAL A 636 11.34 -54.37 -75.12
CA VAL A 636 12.11 -55.23 -74.23
C VAL A 636 11.28 -56.41 -73.69
N GLY A 637 9.97 -56.37 -73.94
CA GLY A 637 9.07 -57.46 -73.56
C GLY A 637 8.60 -57.42 -72.12
N GLU A 638 7.30 -57.67 -71.94
CA GLU A 638 6.67 -57.64 -70.61
C GLU A 638 7.16 -58.75 -69.68
N SER A 639 7.34 -59.96 -70.23
CA SER A 639 7.76 -61.11 -69.43
C SER A 639 9.27 -61.16 -69.17
N LYS A 640 9.86 -59.99 -68.96
CA LYS A 640 11.28 -59.87 -68.60
C LYS A 640 11.47 -58.93 -67.40
N PHE A 641 10.41 -58.22 -67.05
CA PHE A 641 10.36 -57.45 -65.81
C PHE A 641 9.90 -58.37 -64.68
N ARG A 642 10.54 -58.24 -63.52
CA ARG A 642 10.23 -59.11 -62.37
C ARG A 642 9.03 -58.62 -61.56
N ASP A 643 8.99 -57.32 -61.28
CA ASP A 643 7.86 -56.72 -60.55
C ASP A 643 7.38 -55.44 -61.24
N THR A 644 6.28 -54.87 -60.73
CA THR A 644 5.71 -53.64 -61.28
C THR A 644 6.71 -52.48 -61.22
N ASN A 645 7.42 -52.39 -60.11
CA ASN A 645 8.42 -51.33 -59.89
C ASN A 645 9.57 -51.35 -60.92
N HIS A 646 9.76 -52.50 -61.57
CA HIS A 646 10.83 -52.67 -62.55
C HIS A 646 10.60 -51.98 -63.87
N TRP A 647 9.38 -52.06 -64.39
CA TRP A 647 9.06 -51.41 -65.67
C TRP A 647 8.78 -49.95 -65.52
N VAL A 648 8.34 -49.54 -64.32
CA VAL A 648 8.13 -48.13 -64.01
C VAL A 648 9.49 -47.41 -63.94
N ASP A 649 10.48 -48.08 -63.35
CA ASP A 649 11.86 -47.61 -63.31
C ASP A 649 12.44 -47.42 -64.71
N PHE A 650 12.05 -48.31 -65.62
CA PHE A 650 12.53 -48.30 -67.00
C PHE A 650 11.99 -47.11 -67.79
N LEU A 651 10.70 -46.82 -67.62
CA LEU A 651 10.08 -45.70 -68.32
C LEU A 651 10.53 -44.35 -67.73
N ASP A 652 10.92 -44.37 -66.46
CA ASP A 652 11.44 -43.17 -65.78
C ASP A 652 12.84 -42.83 -66.29
N LYS A 653 13.68 -43.85 -66.42
CA LYS A 653 15.05 -43.68 -66.90
C LYS A 653 15.08 -43.33 -68.39
N PHE A 654 14.12 -43.85 -69.14
CA PHE A 654 14.02 -43.60 -70.58
C PHE A 654 13.63 -42.16 -70.88
N ALA A 655 12.70 -41.62 -70.10
CA ALA A 655 12.26 -40.23 -70.25
C ALA A 655 13.39 -39.26 -69.89
N ARG A 656 14.00 -39.46 -68.72
CA ARG A 656 15.11 -38.64 -68.23
C ARG A 656 16.30 -38.54 -69.18
N GLU A 657 16.74 -39.70 -69.68
CA GLU A 657 18.01 -39.79 -70.43
C GLU A 657 17.86 -39.72 -71.94
N ARG A 658 16.72 -40.14 -72.47
CA ARG A 658 16.54 -40.25 -73.92
C ARG A 658 15.51 -39.28 -74.48
N MET A 659 14.36 -39.17 -73.80
CA MET A 659 13.25 -38.34 -74.29
C MET A 659 13.40 -36.86 -73.98
N GLU A 660 13.73 -36.53 -72.74
CA GLU A 660 13.88 -35.13 -72.31
C GLU A 660 14.86 -34.34 -73.19
N PRO A 661 16.03 -34.92 -73.52
CA PRO A 661 16.96 -34.22 -74.42
C PRO A 661 16.42 -34.05 -75.84
N ALA A 662 15.64 -35.02 -76.31
CA ALA A 662 14.99 -34.94 -77.62
C ALA A 662 13.95 -33.82 -77.63
N ILE A 663 13.24 -33.67 -76.51
CA ILE A 663 12.25 -32.61 -76.33
C ILE A 663 12.93 -31.25 -76.29
N ASP A 664 14.00 -31.16 -75.50
CA ASP A 664 14.76 -29.93 -75.32
C ASP A 664 15.37 -29.45 -76.63
N ARG A 665 15.89 -30.38 -77.43
CA ARG A 665 16.51 -30.07 -78.71
C ARG A 665 15.47 -29.52 -79.69
N GLY A 666 14.27 -30.12 -79.65
CA GLY A 666 13.17 -29.72 -80.51
C GLY A 666 12.64 -28.32 -80.24
N PHE A 667 12.59 -27.94 -78.97
CA PHE A 667 12.10 -26.61 -78.60
C PHE A 667 13.11 -25.49 -78.84
N ARG A 668 14.40 -25.83 -78.76
CA ARG A 668 15.49 -24.90 -79.10
C ARG A 668 15.41 -24.51 -80.57
N GLU A 669 15.11 -25.49 -81.41
CA GLU A 669 14.88 -25.30 -82.84
C GLU A 669 13.66 -24.39 -83.07
N MET A 670 12.63 -24.57 -82.25
CA MET A 670 11.42 -23.77 -82.34
C MET A 670 11.67 -22.31 -81.93
N CYS A 671 12.61 -22.11 -81.00
CA CYS A 671 13.00 -20.78 -80.59
C CYS A 671 13.72 -20.04 -81.72
N GLU A 672 14.65 -20.73 -82.39
CA GLU A 672 15.42 -20.15 -83.49
C GLU A 672 14.55 -19.86 -84.71
N TYR A 673 13.67 -20.81 -85.04
CA TYR A 673 12.72 -20.67 -86.14
C TYR A 673 11.79 -19.46 -85.96
N MET A 674 11.34 -19.23 -84.74
CA MET A 674 10.50 -18.07 -84.41
C MET A 674 11.32 -16.82 -84.12
N ASN A 675 12.64 -17.00 -83.99
CA ASN A 675 13.57 -15.93 -83.62
C ASN A 675 13.22 -15.26 -82.30
N ASN A 676 12.81 -16.06 -81.31
CA ASN A 676 12.37 -15.57 -80.01
C ASN A 676 13.53 -15.04 -79.16
N LYS A 677 13.18 -14.23 -78.17
CA LYS A 677 14.16 -13.58 -77.29
C LYS A 677 14.93 -14.60 -76.44
N GLN A 678 14.19 -15.53 -75.84
CA GLN A 678 14.77 -16.46 -74.88
C GLN A 678 14.07 -17.81 -74.98
N HIS A 679 14.83 -18.90 -74.83
CA HIS A 679 14.26 -20.23 -74.79
C HIS A 679 13.77 -20.52 -73.39
N LEU A 680 12.46 -20.66 -73.25
CA LEU A 680 11.85 -20.94 -71.93
C LEU A 680 10.75 -22.01 -72.00
N MET A 681 10.75 -22.80 -73.07
CA MET A 681 9.82 -23.92 -73.22
C MET A 681 10.40 -25.19 -72.59
N PHE A 682 10.40 -25.24 -71.26
CA PHE A 682 10.88 -26.41 -70.54
C PHE A 682 9.74 -27.39 -70.30
N MET A 683 9.96 -28.64 -70.71
CA MET A 683 8.98 -29.70 -70.52
C MET A 683 9.61 -30.83 -69.72
N ASP A 684 8.90 -31.29 -68.70
CA ASP A 684 9.39 -32.39 -67.87
C ASP A 684 8.34 -33.48 -67.63
N ARG A 685 8.83 -34.69 -67.32
CA ARG A 685 8.00 -35.88 -67.17
C ARG A 685 7.03 -35.74 -65.99
N GLU A 686 5.79 -36.15 -66.21
CA GLU A 686 4.74 -36.01 -65.21
C GLU A 686 4.35 -37.34 -64.57
N ALA A 687 3.56 -38.14 -65.26
CA ALA A 687 3.02 -39.38 -64.70
C ALA A 687 3.30 -40.61 -65.54
N ILE A 688 3.63 -41.72 -64.86
CA ILE A 688 3.75 -43.02 -65.50
C ILE A 688 2.51 -43.84 -65.16
N ALA A 689 1.81 -44.29 -66.20
CA ALA A 689 0.55 -45.02 -66.02
C ALA A 689 0.62 -46.46 -66.53
N GLY A 690 -0.15 -47.34 -65.90
CA GLY A 690 -0.21 -48.74 -66.31
C GLY A 690 -0.86 -49.67 -65.30
N PRO A 691 -1.08 -50.94 -65.70
CA PRO A 691 -1.66 -51.96 -64.82
C PRO A 691 -0.59 -52.71 -64.03
N PRO A 692 -0.98 -53.40 -62.95
CA PRO A 692 -0.04 -54.27 -62.23
C PRO A 692 0.54 -55.34 -63.15
N LEU A 693 1.78 -55.73 -62.90
CA LEU A 693 2.45 -56.73 -63.74
C LEU A 693 1.82 -58.10 -63.54
N GLY A 694 1.51 -58.74 -64.66
CA GLY A 694 0.86 -60.06 -64.66
C GLY A 694 -0.57 -60.00 -64.17
N SER A 695 -1.27 -58.92 -64.52
CA SER A 695 -2.67 -58.74 -64.15
C SER A 695 -3.52 -58.43 -65.37
N LYS A 696 -4.82 -58.67 -65.24
CA LYS A 696 -5.76 -58.52 -66.35
C LYS A 696 -6.27 -57.09 -66.53
N GLY A 697 -5.65 -56.15 -65.82
CA GLY A 697 -6.01 -54.73 -65.90
C GLY A 697 -5.65 -54.09 -67.23
N ILE A 698 -6.22 -52.92 -67.50
CA ILE A 698 -6.04 -52.24 -68.78
C ILE A 698 -5.19 -50.97 -68.70
N GLY A 699 -4.84 -50.57 -67.48
CA GLY A 699 -3.94 -49.44 -67.28
C GLY A 699 -4.55 -48.06 -67.42
N GLY A 700 -5.33 -47.87 -68.49
CA GLY A 700 -5.96 -46.58 -68.75
C GLY A 700 -6.85 -46.56 -69.98
N PHE A 701 -7.68 -45.53 -70.08
CA PHE A 701 -8.57 -45.34 -71.22
C PHE A 701 -9.04 -43.90 -71.36
N TRP A 702 -9.26 -43.48 -72.61
CA TRP A 702 -9.90 -42.21 -72.93
C TRP A 702 -11.25 -42.50 -73.49
N THR A 703 -12.18 -41.55 -73.35
CA THR A 703 -13.50 -41.66 -73.98
C THR A 703 -13.72 -40.51 -74.95
N GLY A 704 -12.93 -39.45 -74.79
CA GLY A 704 -13.01 -38.26 -75.65
C GLY A 704 -12.13 -37.15 -75.10
N LYS A 705 -12.31 -35.94 -75.63
CA LYS A 705 -11.62 -34.76 -75.12
C LYS A 705 -11.93 -34.54 -73.65
N LYS A 706 -10.88 -34.38 -72.85
CA LYS A 706 -10.99 -34.03 -71.43
C LYS A 706 -11.70 -35.08 -70.57
N ARG A 707 -11.69 -36.33 -71.01
CA ARG A 707 -12.36 -37.43 -70.31
C ARG A 707 -11.55 -38.73 -70.33
N TYR A 708 -10.78 -38.95 -69.28
CA TYR A 708 -9.89 -40.12 -69.19
C TYR A 708 -9.58 -40.54 -67.76
N ALA A 709 -9.15 -41.79 -67.61
CA ALA A 709 -8.74 -42.34 -66.31
C ALA A 709 -7.43 -43.11 -66.45
N LEU A 710 -6.50 -42.86 -65.54
CA LEU A 710 -5.21 -43.54 -65.55
C LEU A 710 -4.86 -44.13 -64.19
N ASN A 711 -4.18 -45.27 -64.21
CA ASN A 711 -3.65 -45.87 -63.00
C ASN A 711 -2.18 -45.46 -62.85
N VAL A 712 -1.93 -44.49 -61.99
CA VAL A 712 -0.61 -43.85 -61.87
C VAL A 712 0.24 -44.48 -60.76
N TRP A 713 1.47 -44.82 -61.12
CA TRP A 713 2.44 -45.39 -60.17
C TRP A 713 3.44 -44.36 -59.70
N ASP A 714 3.76 -43.41 -60.57
CA ASP A 714 4.75 -42.38 -60.28
C ASP A 714 4.32 -41.02 -60.83
N MET A 715 4.47 -39.99 -60.00
CA MET A 715 4.19 -38.61 -60.39
C MET A 715 5.40 -37.72 -60.10
N GLU A 716 6.07 -37.29 -61.17
CA GLU A 716 7.26 -36.43 -61.09
C GLU A 716 8.35 -36.99 -60.17
N GLY A 717 8.70 -38.26 -60.37
CA GLY A 717 9.75 -38.91 -59.59
C GLY A 717 9.37 -39.31 -58.17
N THR A 718 8.07 -39.25 -57.86
CA THR A 718 7.55 -39.69 -56.57
C THR A 718 6.84 -41.03 -56.75
N ARG A 719 7.43 -42.09 -56.21
CA ARG A 719 6.90 -43.44 -56.36
C ARG A 719 5.84 -43.73 -55.29
N TYR A 720 4.61 -43.97 -55.74
CA TYR A 720 3.54 -44.35 -54.83
C TYR A 720 3.67 -45.82 -54.46
N ALA A 721 3.62 -46.11 -53.16
CA ALA A 721 3.61 -47.48 -52.66
C ALA A 721 2.34 -48.18 -53.12
N GLU A 722 1.20 -47.52 -52.96
CA GLU A 722 -0.07 -47.98 -53.50
C GLU A 722 -0.48 -47.01 -54.61
N PRO A 723 -0.83 -47.54 -55.80
CA PRO A 723 -1.09 -46.70 -56.98
C PRO A 723 -2.33 -45.81 -56.84
N LYS A 724 -2.21 -44.57 -57.33
CA LYS A 724 -3.33 -43.62 -57.31
C LYS A 724 -4.04 -43.50 -58.65
N LEU A 725 -5.36 -43.35 -58.61
CA LEU A 725 -6.16 -43.17 -59.82
C LEU A 725 -6.24 -41.69 -60.19
N LYS A 726 -5.78 -41.38 -61.40
CA LYS A 726 -5.91 -40.03 -61.94
C LYS A 726 -7.06 -40.00 -62.92
N ILE A 727 -8.27 -39.79 -62.40
CA ILE A 727 -9.47 -39.67 -63.21
C ILE A 727 -9.71 -38.20 -63.50
N MET A 728 -10.02 -37.88 -64.76
CA MET A 728 -10.19 -36.50 -65.18
C MET A 728 -11.44 -36.33 -66.04
N GLY A 729 -12.29 -35.38 -65.64
CA GLY A 729 -13.47 -35.03 -66.42
C GLY A 729 -14.61 -36.05 -66.40
N LEU A 730 -14.34 -37.25 -65.91
CA LEU A 730 -15.35 -38.32 -65.88
C LEU A 730 -16.35 -38.10 -64.74
N GLU A 731 -17.41 -38.91 -64.74
CA GLU A 731 -18.53 -38.76 -63.79
C GLU A 731 -18.16 -38.80 -62.30
N THR A 732 -17.01 -39.40 -61.97
CA THR A 732 -16.55 -39.47 -60.58
C THR A 732 -15.98 -38.13 -60.10
N GLN A 733 -15.51 -37.32 -61.04
CA GLN A 733 -14.91 -36.03 -60.72
C GLN A 733 -15.86 -34.86 -61.01
N LYS A 734 -17.15 -35.14 -60.95
CA LYS A 734 -18.18 -34.13 -61.18
C LYS A 734 -19.17 -34.05 -60.02
N SER A 735 -19.41 -32.82 -59.57
CA SER A 735 -20.30 -32.54 -58.44
C SER A 735 -21.76 -32.87 -58.74
N SER A 736 -22.06 -33.08 -60.03
CA SER A 736 -23.41 -33.43 -60.49
C SER A 736 -23.76 -34.89 -60.22
N THR A 737 -22.76 -35.69 -59.90
CA THR A 737 -22.94 -37.14 -59.72
C THR A 737 -23.11 -37.51 -58.26
N PRO A 738 -24.17 -38.30 -57.94
CA PRO A 738 -24.47 -38.83 -56.61
C PRO A 738 -23.26 -39.42 -55.89
N LYS A 739 -23.24 -39.29 -54.56
CA LYS A 739 -22.09 -39.69 -53.73
C LYS A 739 -21.81 -41.20 -53.69
N ALA A 740 -22.86 -42.01 -53.56
CA ALA A 740 -22.74 -43.47 -53.58
C ALA A 740 -22.33 -43.98 -54.95
N VAL A 741 -22.92 -43.39 -55.99
CA VAL A 741 -22.58 -43.70 -57.37
C VAL A 741 -21.13 -43.26 -57.66
N GLN A 742 -20.77 -42.07 -57.20
CA GLN A 742 -19.44 -41.52 -57.37
C GLN A 742 -18.36 -42.48 -56.86
N LYS A 743 -18.64 -43.14 -55.74
CA LYS A 743 -17.72 -44.11 -55.16
C LYS A 743 -17.80 -45.48 -55.83
N ALA A 744 -18.99 -45.84 -56.32
CA ALA A 744 -19.18 -47.12 -57.00
C ALA A 744 -18.58 -47.12 -58.40
N LEU A 745 -18.66 -45.98 -59.10
CA LEU A 745 -18.06 -45.83 -60.42
C LEU A 745 -16.55 -45.83 -60.34
N LYS A 746 -16.02 -45.17 -59.30
CA LYS A 746 -14.58 -45.13 -59.07
C LYS A 746 -14.04 -46.53 -58.80
N GLU A 747 -14.84 -47.35 -58.13
CA GLU A 747 -14.47 -48.74 -57.88
C GLU A 747 -14.51 -49.57 -59.16
N CYS A 748 -15.50 -49.31 -60.01
CA CYS A 748 -15.57 -49.95 -61.32
C CYS A 748 -14.35 -49.57 -62.15
N ILE A 749 -14.01 -48.28 -62.14
CA ILE A 749 -12.81 -47.77 -62.82
C ILE A 749 -11.57 -48.42 -62.23
N ARG A 750 -11.54 -48.57 -60.91
CA ARG A 750 -10.43 -49.21 -60.20
C ARG A 750 -10.27 -50.68 -60.62
N ARG A 751 -11.39 -51.38 -60.71
CA ARG A 751 -11.40 -52.79 -61.10
C ARG A 751 -11.06 -53.01 -62.57
N MET A 752 -11.34 -52.00 -63.40
CA MET A 752 -11.02 -52.04 -64.82
C MET A 752 -9.52 -51.98 -65.07
N LEU A 753 -8.85 -50.99 -64.47
CA LEU A 753 -7.45 -50.69 -64.75
C LEU A 753 -6.47 -51.62 -64.04
N GLN A 754 -6.90 -52.20 -62.92
CA GLN A 754 -6.01 -52.98 -62.05
C GLN A 754 -6.32 -54.48 -62.03
N GLU A 755 -7.58 -54.84 -62.23
CA GLU A 755 -8.03 -56.20 -61.97
C GLU A 755 -8.51 -56.94 -63.23
N GLY A 756 -9.26 -56.25 -64.08
CA GLY A 756 -9.67 -56.81 -65.36
C GLY A 756 -11.16 -56.87 -65.63
N GLU A 757 -11.53 -57.57 -66.70
CA GLU A 757 -12.93 -57.71 -67.12
C GLU A 757 -13.74 -58.57 -66.15
N GLU A 758 -13.14 -59.67 -65.69
CA GLU A 758 -13.77 -60.59 -64.74
C GLU A 758 -14.25 -59.91 -63.46
N SER A 759 -13.43 -59.00 -62.95
CA SER A 759 -13.71 -58.32 -61.69
C SER A 759 -14.82 -57.28 -61.82
N LEU A 760 -14.83 -56.56 -62.94
CA LEU A 760 -15.87 -55.58 -63.24
C LEU A 760 -17.24 -56.25 -63.26
N GLN A 761 -17.33 -57.36 -63.98
CA GLN A 761 -18.58 -58.12 -64.09
C GLN A 761 -19.06 -58.64 -62.74
N GLU A 762 -18.11 -59.06 -61.90
CA GLU A 762 -18.42 -59.54 -60.54
C GLU A 762 -18.94 -58.42 -59.64
N TYR A 763 -18.43 -57.21 -59.85
CA TYR A 763 -18.80 -56.06 -59.03
C TYR A 763 -20.13 -55.43 -59.46
N PHE A 764 -20.36 -55.39 -60.77
CA PHE A 764 -21.61 -54.85 -61.33
C PHE A 764 -22.82 -55.72 -60.97
N LYS A 765 -22.65 -57.03 -61.11
CA LYS A 765 -23.73 -57.99 -60.83
C LYS A 765 -24.19 -57.92 -59.36
N GLU A 766 -23.24 -57.71 -58.46
CA GLU A 766 -23.53 -57.62 -57.03
C GLU A 766 -24.16 -56.28 -56.66
N PHE A 767 -23.73 -55.23 -57.35
CA PHE A 767 -24.27 -53.88 -57.15
C PHE A 767 -25.73 -53.77 -57.61
N GLU A 768 -26.11 -54.64 -58.56
CA GLU A 768 -27.49 -54.71 -59.04
C GLU A 768 -28.46 -55.14 -57.94
N LYS A 769 -28.18 -56.28 -57.31
CA LYS A 769 -29.05 -56.85 -56.27
C LYS A 769 -29.13 -55.99 -55.01
N GLU A 770 -28.02 -55.34 -54.67
CA GLU A 770 -27.91 -54.58 -53.42
C GLU A 770 -27.77 -53.08 -53.71
N PHE A 771 -28.82 -52.47 -54.27
CA PHE A 771 -28.79 -51.06 -54.64
C PHE A 771 -29.77 -50.19 -53.85
N ARG A 772 -30.99 -50.69 -53.69
CA ARG A 772 -32.08 -49.95 -53.04
C ARG A 772 -31.86 -49.71 -51.54
N GLN A 773 -30.87 -50.38 -50.95
CA GLN A 773 -30.62 -50.33 -49.51
C GLN A 773 -29.76 -49.15 -49.06
N LEU A 774 -29.13 -48.47 -50.02
CA LEU A 774 -28.24 -47.35 -49.70
C LEU A 774 -29.01 -46.06 -49.36
N ASN A 775 -28.26 -45.03 -48.95
CA ASN A 775 -28.83 -43.75 -48.55
C ASN A 775 -29.39 -42.97 -49.73
N TYR A 776 -30.50 -42.28 -49.50
CA TYR A 776 -31.18 -41.53 -50.56
C TYR A 776 -30.45 -40.24 -50.96
N ILE A 777 -29.70 -39.66 -50.03
CA ILE A 777 -28.87 -38.49 -50.31
C ILE A 777 -27.68 -38.86 -51.21
N SER A 778 -27.11 -40.04 -50.97
CA SER A 778 -25.96 -40.52 -51.72
C SER A 778 -26.31 -40.92 -53.15
N ILE A 779 -27.61 -40.92 -53.47
CA ILE A 779 -28.09 -41.23 -54.83
C ILE A 779 -28.94 -40.10 -55.45
N ALA A 780 -28.62 -38.86 -55.10
CA ALA A 780 -29.31 -37.69 -55.65
C ALA A 780 -28.34 -36.75 -56.36
N SER A 781 -28.66 -36.40 -57.60
CA SER A 781 -27.78 -35.56 -58.42
C SER A 781 -27.87 -34.07 -58.05
N VAL A 782 -26.75 -33.36 -58.21
CA VAL A 782 -26.65 -31.95 -57.85
C VAL A 782 -26.50 -31.06 -59.09
N SER A 783 -27.21 -29.93 -59.09
CA SER A 783 -27.11 -28.94 -60.15
C SER A 783 -27.45 -27.56 -59.60
N SER A 784 -26.86 -26.53 -60.19
CA SER A 784 -27.14 -25.14 -59.82
C SER A 784 -28.54 -24.75 -60.31
N ALA A 785 -29.21 -23.89 -59.54
CA ALA A 785 -30.55 -23.44 -59.87
C ALA A 785 -30.56 -21.98 -60.32
N ASN A 786 -30.38 -21.76 -61.62
CA ASN A 786 -30.41 -20.43 -62.21
C ASN A 786 -31.55 -20.26 -63.19
N ASN A 787 -32.09 -19.03 -63.25
CA ASN A 787 -33.22 -18.70 -64.10
C ASN A 787 -34.42 -19.63 -63.91
N ILE A 788 -34.94 -19.66 -62.69
CA ILE A 788 -36.14 -20.45 -62.38
C ILE A 788 -37.38 -19.70 -62.85
N ALA A 789 -37.35 -18.37 -62.72
CA ALA A 789 -38.46 -17.50 -63.14
C ALA A 789 -38.59 -17.42 -64.67
N LYS A 790 -37.49 -17.72 -65.37
CA LYS A 790 -37.45 -17.72 -66.83
C LYS A 790 -38.34 -18.82 -67.43
N TYR A 791 -38.44 -19.95 -66.73
CA TYR A 791 -39.27 -21.08 -67.16
C TYR A 791 -40.41 -21.33 -66.18
N ASP A 792 -40.93 -20.27 -65.59
CA ASP A 792 -41.98 -20.37 -64.57
C ASP A 792 -43.29 -19.73 -65.04
N VAL A 793 -44.17 -20.55 -65.60
CA VAL A 793 -45.49 -20.11 -66.05
C VAL A 793 -46.57 -20.65 -65.11
N GLY A 794 -46.90 -19.87 -64.09
CA GLY A 794 -47.92 -20.24 -63.10
C GLY A 794 -47.57 -21.46 -62.25
N GLY A 795 -46.27 -21.65 -62.00
CA GLY A 795 -45.79 -22.82 -61.26
C GLY A 795 -45.60 -24.04 -62.13
N PHE A 796 -45.77 -23.87 -63.44
CA PHE A 796 -45.69 -24.96 -64.40
C PHE A 796 -44.53 -24.75 -65.39
N PRO A 797 -43.97 -25.85 -65.93
CA PRO A 797 -42.83 -25.74 -66.85
C PRO A 797 -43.23 -25.16 -68.21
N GLY A 798 -42.50 -24.14 -68.65
CA GLY A 798 -42.75 -23.49 -69.94
C GLY A 798 -41.96 -24.13 -71.08
N PRO A 799 -41.69 -23.35 -72.14
CA PRO A 799 -40.96 -23.84 -73.31
C PRO A 799 -39.50 -24.18 -72.98
N LYS A 800 -39.09 -25.41 -73.33
CA LYS A 800 -37.74 -25.91 -73.09
C LYS A 800 -37.29 -25.74 -71.63
N CYS A 801 -37.95 -26.47 -70.74
CA CYS A 801 -37.68 -26.38 -69.32
C CYS A 801 -36.72 -27.48 -68.84
N PRO A 802 -35.56 -27.07 -68.26
CA PRO A 802 -34.53 -27.99 -67.76
C PRO A 802 -35.05 -28.98 -66.72
N PHE A 803 -34.29 -30.06 -66.52
CA PHE A 803 -34.69 -31.15 -65.62
C PHE A 803 -34.59 -30.78 -64.15
N HIS A 804 -33.57 -30.00 -63.79
CA HIS A 804 -33.40 -29.56 -62.40
C HIS A 804 -34.41 -28.50 -62.03
N ILE A 805 -34.78 -27.66 -63.00
CA ILE A 805 -35.83 -26.64 -62.81
C ILE A 805 -37.21 -27.32 -62.70
N ARG A 806 -37.41 -28.36 -63.49
CA ARG A 806 -38.65 -29.15 -63.47
C ARG A 806 -38.89 -29.80 -62.11
N GLY A 807 -37.84 -29.87 -61.31
CA GLY A 807 -37.93 -30.38 -59.94
C GLY A 807 -38.28 -29.31 -58.92
N ILE A 808 -37.81 -28.09 -59.18
CA ILE A 808 -38.09 -26.93 -58.31
C ILE A 808 -39.55 -26.49 -58.45
N LEU A 809 -40.09 -26.60 -59.66
CA LEU A 809 -41.49 -26.29 -59.92
C LEU A 809 -42.41 -27.41 -59.41
N THR A 810 -41.84 -28.60 -59.22
CA THR A 810 -42.52 -29.71 -58.56
C THR A 810 -42.43 -29.52 -57.04
N TYR A 811 -41.32 -28.94 -56.60
CA TYR A 811 -41.10 -28.62 -55.19
C TYR A 811 -42.05 -27.52 -54.70
N ASN A 812 -42.23 -26.49 -55.54
CA ASN A 812 -43.11 -25.36 -55.22
C ASN A 812 -44.59 -25.76 -55.12
N ARG A 813 -44.99 -26.78 -55.89
CA ARG A 813 -46.34 -27.32 -55.81
C ARG A 813 -46.51 -28.25 -54.61
N ALA A 814 -45.40 -28.83 -54.16
CA ALA A 814 -45.40 -29.73 -53.01
C ALA A 814 -45.48 -28.97 -51.69
N ILE A 815 -44.75 -27.85 -51.59
CA ILE A 815 -44.71 -27.04 -50.37
C ILE A 815 -45.62 -25.80 -50.43
N LYS A 816 -46.49 -25.77 -51.43
CA LYS A 816 -47.45 -24.68 -51.63
C LYS A 816 -48.19 -24.36 -50.32
N GLY A 817 -47.99 -23.13 -49.84
CA GLY A 817 -48.60 -22.69 -48.59
C GLY A 817 -47.63 -22.73 -47.42
N ASN A 818 -47.05 -23.91 -47.18
CA ASN A 818 -46.11 -24.12 -46.07
C ASN A 818 -44.86 -23.25 -46.15
N ILE A 819 -44.85 -22.18 -45.35
CA ILE A 819 -43.72 -21.26 -45.29
C ILE A 819 -42.70 -21.68 -44.23
N ASP A 820 -43.06 -22.70 -43.44
CA ASP A 820 -42.16 -23.36 -42.51
C ASP A 820 -41.15 -24.21 -43.27
N ALA A 821 -41.59 -24.74 -44.41
CA ALA A 821 -40.74 -25.54 -45.30
C ALA A 821 -39.60 -24.71 -45.88
N PRO A 822 -38.42 -25.33 -46.09
CA PRO A 822 -37.26 -24.64 -46.67
C PRO A 822 -37.52 -24.17 -48.10
N GLN A 823 -36.87 -23.07 -48.49
CA GLN A 823 -37.07 -22.47 -49.80
C GLN A 823 -35.84 -22.61 -50.70
N VAL A 824 -36.08 -22.65 -52.01
CA VAL A 824 -34.99 -22.77 -52.98
C VAL A 824 -34.51 -21.38 -53.44
N VAL A 825 -33.34 -20.99 -52.94
CA VAL A 825 -32.72 -19.73 -53.29
C VAL A 825 -32.04 -19.86 -54.66
N GLU A 826 -32.19 -18.84 -55.50
CA GLU A 826 -31.58 -18.84 -56.83
C GLU A 826 -30.07 -18.63 -56.72
N GLY A 827 -29.31 -19.47 -57.42
CA GLY A 827 -27.86 -19.50 -57.31
C GLY A 827 -27.42 -20.71 -56.52
N GLU A 828 -28.05 -20.91 -55.36
CA GLU A 828 -27.86 -22.08 -54.51
C GLU A 828 -28.24 -23.36 -55.26
N LYS A 829 -27.46 -24.42 -55.06
CA LYS A 829 -27.65 -25.68 -55.76
C LYS A 829 -28.79 -26.51 -55.18
N VAL A 830 -29.24 -27.53 -55.94
CA VAL A 830 -30.36 -28.38 -55.53
C VAL A 830 -30.12 -29.87 -55.75
N TYR A 831 -30.60 -30.69 -54.82
CA TYR A 831 -30.57 -32.15 -54.94
C TYR A 831 -31.74 -32.62 -55.80
N VAL A 832 -31.44 -33.39 -56.84
CA VAL A 832 -32.45 -33.84 -57.81
C VAL A 832 -32.72 -35.34 -57.70
N LEU A 833 -34.00 -35.70 -57.68
CA LEU A 833 -34.42 -37.11 -57.69
C LEU A 833 -35.55 -37.37 -58.69
N PRO A 834 -35.45 -38.46 -59.46
CA PRO A 834 -36.51 -38.86 -60.38
C PRO A 834 -37.57 -39.75 -59.73
N LEU A 835 -38.83 -39.55 -60.12
CA LEU A 835 -39.95 -40.33 -59.60
C LEU A 835 -40.81 -40.89 -60.73
N ARG A 836 -41.26 -42.12 -60.56
CA ARG A 836 -41.98 -42.87 -61.61
C ARG A 836 -43.37 -42.32 -61.96
N GLU A 837 -43.93 -42.85 -63.06
CA GLU A 837 -45.26 -42.48 -63.54
C GLU A 837 -46.37 -42.83 -62.55
N GLY A 838 -47.39 -41.97 -62.47
CA GLY A 838 -48.50 -42.15 -61.54
C GLY A 838 -48.26 -41.46 -60.20
N ASN A 839 -47.21 -40.64 -60.15
CA ASN A 839 -46.80 -39.92 -58.95
C ASN A 839 -47.83 -38.86 -58.50
N PRO A 840 -47.84 -38.53 -57.19
CA PRO A 840 -48.76 -37.52 -56.69
C PRO A 840 -48.17 -36.09 -56.75
N PHE A 841 -47.75 -35.68 -57.95
CA PHE A 841 -47.20 -34.34 -58.17
C PHE A 841 -47.67 -33.73 -59.49
N GLY A 842 -47.26 -34.36 -60.59
CA GLY A 842 -47.60 -33.89 -61.94
C GLY A 842 -46.51 -34.24 -62.94
N ASP A 843 -45.30 -33.78 -62.69
CA ASP A 843 -44.16 -34.05 -63.56
C ASP A 843 -43.43 -35.33 -63.15
N LYS A 844 -42.17 -35.46 -63.55
CA LYS A 844 -41.41 -36.70 -63.32
C LYS A 844 -40.12 -36.56 -62.50
N CYS A 845 -39.93 -35.38 -61.88
CA CYS A 845 -38.80 -35.17 -60.98
C CYS A 845 -39.08 -34.13 -59.89
N ILE A 846 -38.41 -34.28 -58.75
CA ILE A 846 -38.48 -33.33 -57.64
C ILE A 846 -37.06 -32.95 -57.19
N ALA A 847 -36.91 -31.71 -56.72
CA ALA A 847 -35.62 -31.20 -56.26
C ALA A 847 -35.75 -30.37 -54.98
N TRP A 848 -34.74 -30.46 -54.12
CA TRP A 848 -34.73 -29.69 -52.87
C TRP A 848 -33.37 -29.10 -52.57
N PRO A 849 -33.31 -28.03 -51.73
CA PRO A 849 -32.07 -27.33 -51.41
C PRO A 849 -30.94 -28.27 -50.98
N SER A 850 -29.81 -28.19 -51.69
CA SER A 850 -28.68 -29.07 -51.44
C SER A 850 -27.94 -28.72 -50.16
N GLY A 851 -27.36 -29.74 -49.52
CA GLY A 851 -26.64 -29.58 -48.26
C GLY A 851 -27.48 -29.93 -47.04
N THR A 852 -28.74 -30.28 -47.27
CA THR A 852 -29.69 -30.60 -46.19
C THR A 852 -30.52 -31.85 -46.46
N GLU A 853 -31.08 -32.40 -45.39
CA GLU A 853 -32.10 -33.44 -45.48
C GLU A 853 -33.39 -32.80 -45.98
N ILE A 854 -34.13 -33.53 -46.82
CA ILE A 854 -35.41 -33.03 -47.35
C ILE A 854 -36.45 -32.96 -46.24
N THR A 855 -37.32 -31.96 -46.30
CA THR A 855 -38.33 -31.71 -45.27
C THR A 855 -39.27 -32.91 -45.05
N ASP A 856 -39.70 -33.10 -43.81
CA ASP A 856 -40.55 -34.23 -43.40
C ASP A 856 -41.97 -34.17 -43.98
N LEU A 857 -42.31 -33.00 -44.54
CA LEU A 857 -43.63 -32.78 -45.14
C LEU A 857 -43.83 -33.59 -46.42
N ILE A 858 -42.74 -33.85 -47.15
CA ILE A 858 -42.79 -34.58 -48.42
C ILE A 858 -41.86 -35.80 -48.48
N LYS A 859 -41.07 -36.01 -47.43
CA LYS A 859 -40.18 -37.17 -47.33
C LYS A 859 -40.98 -38.47 -47.11
N ASP A 860 -42.21 -38.34 -46.63
CA ASP A 860 -43.13 -39.47 -46.45
C ASP A 860 -43.42 -40.17 -47.77
N ASP A 861 -43.73 -39.37 -48.79
CA ASP A 861 -44.18 -39.87 -50.09
C ASP A 861 -43.06 -40.03 -51.13
N VAL A 862 -42.18 -39.03 -51.21
CA VAL A 862 -41.08 -39.01 -52.19
C VAL A 862 -40.19 -40.26 -52.10
N LEU A 863 -39.82 -40.64 -50.87
CA LEU A 863 -38.99 -41.82 -50.61
C LEU A 863 -39.65 -43.12 -51.09
N HIS A 864 -40.97 -43.09 -51.23
CA HIS A 864 -41.72 -44.23 -51.76
C HIS A 864 -41.89 -44.16 -53.26
N TRP A 865 -42.17 -42.97 -53.77
CA TRP A 865 -42.53 -42.79 -55.19
C TRP A 865 -41.37 -42.71 -56.15
N MET A 866 -40.15 -42.54 -55.65
CA MET A 866 -38.97 -42.41 -56.52
C MET A 866 -38.54 -43.76 -57.13
N ASP A 867 -38.33 -43.74 -58.44
CA ASP A 867 -37.96 -44.95 -59.18
C ASP A 867 -36.43 -45.12 -59.20
N TYR A 868 -35.97 -46.23 -58.64
CA TYR A 868 -34.55 -46.55 -58.59
C TYR A 868 -34.05 -47.00 -59.95
N THR A 869 -34.85 -47.80 -60.65
CA THR A 869 -34.50 -48.32 -61.98
C THR A 869 -34.07 -47.20 -62.93
N VAL A 870 -34.92 -46.18 -63.06
CA VAL A 870 -34.62 -45.00 -63.89
C VAL A 870 -33.39 -44.26 -63.39
N LEU A 871 -33.27 -44.14 -62.06
CA LEU A 871 -32.13 -43.49 -61.41
C LEU A 871 -30.83 -44.28 -61.60
N LEU A 872 -30.95 -45.61 -61.64
CA LEU A 872 -29.81 -46.50 -61.89
C LEU A 872 -29.39 -46.42 -63.35
N GLU A 873 -30.37 -46.47 -64.25
CA GLU A 873 -30.13 -46.42 -65.68
C GLU A 873 -29.51 -45.09 -66.12
N LYS A 874 -29.88 -44.00 -65.44
CA LYS A 874 -29.45 -42.66 -65.86
C LYS A 874 -28.13 -42.18 -65.25
N THR A 875 -27.87 -42.53 -63.99
CA THR A 875 -26.68 -42.03 -63.28
C THR A 875 -25.56 -43.06 -63.12
N PHE A 876 -25.88 -44.35 -63.23
CA PHE A 876 -24.88 -45.40 -63.09
C PHE A 876 -24.60 -46.20 -64.37
N ILE A 877 -25.63 -46.80 -64.96
CA ILE A 877 -25.47 -47.68 -66.12
C ILE A 877 -25.03 -46.92 -67.39
N LYS A 878 -25.72 -45.81 -67.70
CA LYS A 878 -25.39 -45.02 -68.88
C LYS A 878 -23.94 -44.47 -68.88
N PRO A 879 -23.46 -43.96 -67.73
CA PRO A 879 -22.04 -43.60 -67.64
C PRO A 879 -21.10 -44.81 -67.74
N LEU A 880 -21.50 -45.93 -67.14
CA LEU A 880 -20.70 -47.15 -67.12
C LEU A 880 -20.45 -47.68 -68.53
N GLU A 881 -21.48 -47.64 -69.37
CA GLU A 881 -21.36 -48.06 -70.76
C GLU A 881 -20.37 -47.17 -71.52
N GLY A 882 -20.34 -45.90 -71.14
CA GLY A 882 -19.39 -44.93 -71.72
C GLY A 882 -17.95 -45.34 -71.50
N PHE A 883 -17.64 -45.81 -70.28
CA PHE A 883 -16.31 -46.29 -69.92
C PHE A 883 -15.98 -47.58 -70.66
N THR A 884 -16.90 -48.53 -70.60
CA THR A 884 -16.68 -49.89 -71.11
C THR A 884 -16.57 -49.95 -72.63
N SER A 885 -17.43 -49.21 -73.34
CA SER A 885 -17.39 -49.19 -74.80
C SER A 885 -16.09 -48.58 -75.31
N ALA A 886 -15.60 -47.57 -74.58
CA ALA A 886 -14.32 -46.93 -74.89
C ALA A 886 -13.14 -47.85 -74.55
N ALA A 887 -13.27 -48.59 -73.45
CA ALA A 887 -12.21 -49.49 -73.00
C ALA A 887 -12.23 -50.84 -73.72
N LYS A 888 -13.28 -51.07 -74.50
CA LYS A 888 -13.55 -52.37 -75.12
C LYS A 888 -13.70 -53.47 -74.07
N LEU A 889 -14.47 -53.15 -73.03
CA LEU A 889 -14.81 -54.08 -71.95
C LEU A 889 -16.32 -54.30 -71.86
N ASP A 890 -16.71 -55.36 -71.17
CA ASP A 890 -18.12 -55.65 -70.91
C ASP A 890 -18.39 -55.73 -69.41
N TYR A 891 -19.45 -55.07 -68.97
CA TYR A 891 -19.84 -55.09 -67.57
C TYR A 891 -20.82 -56.23 -67.26
N GLU A 892 -21.52 -56.72 -68.29
CA GLU A 892 -22.52 -57.77 -68.10
C GLU A 892 -22.08 -59.10 -68.72
N LYS A 893 -22.54 -60.19 -68.11
CA LYS A 893 -22.19 -61.56 -68.52
C LYS A 893 -22.23 -61.76 -70.04
N LYS A 894 -23.44 -61.77 -70.60
CA LYS A 894 -23.63 -61.99 -72.02
C LYS A 894 -24.20 -60.77 -72.75
N ALA A 895 -23.30 -59.97 -73.31
CA ALA A 895 -23.66 -58.89 -74.21
C ALA A 895 -23.10 -59.25 -75.58
N SER A 896 -23.98 -59.41 -76.56
CA SER A 896 -23.58 -59.84 -77.90
C SER A 896 -22.61 -58.87 -78.55
N LEU A 897 -21.80 -59.42 -79.46
CA LEU A 897 -20.75 -58.65 -80.14
C LEU A 897 -21.32 -57.72 -81.20
N PHE A 898 -22.45 -58.11 -81.78
CA PHE A 898 -23.07 -57.38 -82.88
C PHE A 898 -23.85 -56.14 -82.45
N ASP A 899 -24.00 -55.95 -81.14
CA ASP A 899 -24.68 -54.78 -80.59
C ASP A 899 -23.70 -53.65 -80.27
N MET A 900 -22.78 -53.38 -81.19
CA MET A 900 -21.80 -52.29 -81.08
C MET A 900 -21.70 -51.49 -82.37
N PHE A 901 -22.34 -51.98 -83.42
CA PHE A 901 -22.27 -51.37 -84.74
C PHE A 901 -23.44 -50.44 -85.00
N ASP A 902 -23.18 -49.34 -85.71
CA ASP A 902 -24.18 -48.32 -86.01
C ASP A 902 -25.15 -48.76 -87.10
N PHE A 903 -24.71 -49.69 -87.94
CA PHE A 903 -25.51 -50.30 -89.00
C PHE A 903 -26.18 -49.31 -89.97
N HIS A 904 -27.35 -49.70 -90.48
CA HIS A 904 -28.07 -48.94 -91.51
C HIS A 904 -28.78 -47.75 -90.93
P C37 B 3 -12.47 -12.75 -68.30
O1P C37 B 3 -13.50 -13.60 -67.63
O2P C37 B 3 -12.90 -11.59 -69.12
O5' C37 B 3 -11.56 -13.70 -69.20
C5' C37 B 3 -10.46 -13.17 -69.96
C4' C37 B 3 -9.68 -14.29 -70.62
O4' C37 B 3 -9.03 -15.09 -69.61
C3' C37 B 3 -10.51 -15.27 -71.42
O3' C37 B 3 -10.75 -14.79 -72.75
C2' C37 B 3 -9.63 -16.50 -71.43
C1' C37 B 3 -8.95 -16.45 -70.06
N1 C37 B 3 -9.58 -17.30 -69.03
C2 C37 B 3 -9.04 -18.58 -68.81
O2 C37 B 3 -8.06 -18.94 -69.47
N3 C37 B 3 -9.61 -19.38 -67.88
C4 C37 B 3 -10.67 -18.95 -67.19
N4 C37 B 3 -11.21 -19.77 -66.28
C5 C37 B 3 -11.24 -17.66 -67.41
C6 C37 B 3 -10.67 -16.88 -68.33
F C37 B 3 -12.29 -17.23 -66.73
N MET D 1 -38.30 7.46 -23.07
CA MET D 1 -38.24 8.87 -22.54
C MET D 1 -38.80 9.89 -23.52
N LYS D 2 -39.30 11.00 -22.99
CA LYS D 2 -39.78 12.10 -23.80
C LYS D 2 -38.62 12.89 -24.39
N GLU D 3 -38.85 13.50 -25.56
CA GLU D 3 -37.82 14.24 -26.25
C GLU D 3 -37.58 15.60 -25.60
N PHE D 4 -36.40 16.16 -25.86
CA PHE D 4 -36.07 17.52 -25.43
C PHE D 4 -35.03 18.11 -26.38
N TYR D 5 -34.98 19.44 -26.45
CA TYR D 5 -34.07 20.13 -27.37
C TYR D 5 -32.66 20.26 -26.79
N LEU D 6 -31.67 20.34 -27.67
CA LEU D 6 -30.30 20.59 -27.26
C LEU D 6 -29.91 22.03 -27.55
N THR D 7 -30.03 22.43 -28.81
CA THR D 7 -29.76 23.80 -29.25
C THR D 7 -30.77 24.18 -30.33
N VAL D 8 -30.95 25.48 -30.55
CA VAL D 8 -31.82 25.98 -31.61
C VAL D 8 -31.31 27.29 -32.21
N GLU D 9 -31.46 27.45 -33.52
CA GLU D 9 -31.02 28.64 -34.23
C GLU D 9 -32.06 29.03 -35.27
N GLN D 10 -32.07 30.31 -35.65
CA GLN D 10 -32.85 30.78 -36.78
C GLN D 10 -31.92 31.28 -37.87
N ILE D 11 -31.85 30.54 -38.96
CA ILE D 11 -31.11 30.99 -40.14
C ILE D 11 -32.08 31.16 -41.30
N GLY D 12 -32.26 32.41 -41.73
CA GLY D 12 -33.19 32.74 -42.81
C GLY D 12 -34.61 32.31 -42.48
N ASP D 13 -35.21 31.52 -43.38
CA ASP D 13 -36.59 31.08 -43.24
C ASP D 13 -36.76 29.69 -42.62
N SER D 14 -35.71 29.18 -42.00
CA SER D 14 -35.79 27.90 -41.34
C SER D 14 -35.06 27.88 -40.00
N ILE D 15 -35.68 27.26 -39.00
CA ILE D 15 -34.99 27.01 -37.74
C ILE D 15 -34.27 25.66 -37.80
N PHE D 16 -33.03 25.64 -37.31
CA PHE D 16 -32.24 24.42 -37.22
C PHE D 16 -32.24 23.99 -35.77
N GLU D 17 -32.63 22.74 -35.51
CA GLU D 17 -32.72 22.25 -34.13
C GLU D 17 -31.93 20.97 -33.94
N ARG D 18 -31.14 20.94 -32.88
CA ARG D 18 -30.51 19.71 -32.41
C ARG D 18 -31.32 19.19 -31.23
N TYR D 19 -31.63 17.91 -31.22
CA TYR D 19 -32.49 17.35 -30.18
C TYR D 19 -32.23 15.87 -29.88
N ILE D 20 -32.66 15.46 -28.69
CA ILE D 20 -32.63 14.06 -28.29
C ILE D 20 -34.03 13.48 -28.51
N ASP D 21 -34.12 12.39 -29.28
CA ASP D 21 -35.42 11.79 -29.60
C ASP D 21 -35.87 10.75 -28.58
N SER D 22 -36.99 10.08 -28.86
CA SER D 22 -37.59 9.12 -27.92
C SER D 22 -36.77 7.84 -27.73
N ASN D 23 -35.76 7.66 -28.56
CA ASN D 23 -34.80 6.55 -28.43
C ASN D 23 -33.54 6.98 -27.67
N GLY D 24 -33.41 8.28 -27.44
CA GLY D 24 -32.24 8.83 -26.76
C GLY D 24 -31.12 9.16 -27.73
N ARG D 25 -31.44 9.23 -29.01
CA ARG D 25 -30.44 9.49 -30.05
C ARG D 25 -30.38 10.97 -30.42
N GLU D 26 -29.16 11.47 -30.66
CA GLU D 26 -28.98 12.85 -31.07
C GLU D 26 -29.32 13.02 -32.55
N ARG D 27 -30.22 13.95 -32.84
CA ARG D 27 -30.70 14.18 -34.21
C ARG D 27 -30.75 15.66 -34.54
N THR D 28 -30.66 15.98 -35.83
CA THR D 28 -30.80 17.36 -36.31
C THR D 28 -31.88 17.46 -37.37
N ARG D 29 -32.58 18.59 -37.39
CA ARG D 29 -33.60 18.84 -38.39
C ARG D 29 -33.70 20.30 -38.81
N GLU D 30 -34.02 20.52 -40.07
CA GLU D 30 -34.27 21.85 -40.61
C GLU D 30 -35.78 22.03 -40.78
N VAL D 31 -36.34 23.01 -40.05
CA VAL D 31 -37.78 23.23 -40.06
C VAL D 31 -38.15 24.59 -40.65
N GLU D 32 -39.01 24.58 -41.66
CA GLU D 32 -39.57 25.81 -42.23
C GLU D 32 -40.70 26.30 -41.34
N TYR D 33 -40.34 26.80 -40.16
CA TYR D 33 -41.32 27.20 -39.14
C TYR D 33 -42.22 28.34 -39.59
N LYS D 34 -43.53 28.10 -39.52
CA LYS D 34 -44.54 29.10 -39.86
C LYS D 34 -45.04 29.76 -38.56
N PRO D 35 -44.53 30.97 -38.25
CA PRO D 35 -44.90 31.64 -37.01
C PRO D 35 -46.28 32.28 -37.06
N SER D 36 -46.87 32.49 -35.89
CA SER D 36 -48.12 33.23 -35.75
C SER D 36 -47.89 34.53 -35.00
N LEU D 37 -48.52 35.59 -35.47
CA LEU D 37 -48.58 36.86 -34.74
C LEU D 37 -50.04 37.32 -34.66
N PHE D 38 -50.26 38.44 -33.95
CA PHE D 38 -51.61 38.85 -33.58
C PHE D 38 -51.84 40.35 -33.78
N ALA D 39 -53.08 40.70 -34.12
CA ALA D 39 -53.50 42.10 -34.22
C ALA D 39 -54.85 42.27 -33.52
N HIS D 40 -55.07 43.46 -32.96
CA HIS D 40 -56.37 43.79 -32.36
C HIS D 40 -57.45 43.67 -33.39
N CYS D 41 -58.58 43.08 -32.99
CA CYS D 41 -59.74 42.92 -33.87
C CYS D 41 -61.01 43.50 -33.23
N PRO D 42 -61.99 43.92 -34.05
CA PRO D 42 -63.26 44.41 -33.52
C PRO D 42 -63.99 43.39 -32.65
N GLU D 43 -64.85 43.87 -31.76
CA GLU D 43 -65.56 43.03 -30.78
C GLU D 43 -66.27 41.83 -31.42
N SER D 44 -66.94 42.07 -32.55
CA SER D 44 -67.73 41.06 -33.25
C SER D 44 -66.94 39.80 -33.64
N GLN D 45 -65.70 40.01 -34.12
CA GLN D 45 -64.84 38.92 -34.57
C GLN D 45 -64.49 37.97 -33.42
N ALA D 46 -65.15 36.83 -33.40
CA ALA D 46 -65.02 35.85 -32.33
C ALA D 46 -63.70 35.08 -32.41
N THR D 47 -62.93 35.16 -31.33
CA THR D 47 -61.71 34.36 -31.18
C THR D 47 -61.59 33.86 -29.74
N LYS D 48 -60.57 33.05 -29.51
CA LYS D 48 -60.22 32.62 -28.16
C LYS D 48 -59.03 33.44 -27.64
N TYR D 49 -58.43 34.23 -28.54
CA TYR D 49 -57.21 34.98 -28.21
C TYR D 49 -57.49 36.38 -27.69
N PHE D 50 -56.97 36.65 -26.49
CA PHE D 50 -57.10 37.95 -25.84
C PHE D 50 -55.75 38.44 -25.33
N ASP D 51 -55.49 39.74 -25.46
CA ASP D 51 -54.26 40.33 -24.92
C ASP D 51 -54.37 40.48 -23.40
N ILE D 52 -53.27 40.90 -22.76
CA ILE D 52 -53.25 41.00 -21.30
C ILE D 52 -54.15 42.10 -20.72
N TYR D 53 -54.72 42.92 -21.60
CA TYR D 53 -55.66 43.97 -21.21
C TYR D 53 -57.11 43.53 -21.35
N GLY D 54 -57.31 42.37 -21.98
CA GLY D 54 -58.65 41.80 -22.15
C GLY D 54 -59.25 42.06 -23.51
N LYS D 55 -58.47 42.67 -24.40
CA LYS D 55 -58.91 42.96 -25.78
C LYS D 55 -58.69 41.76 -26.71
N PRO D 56 -59.71 41.45 -27.55
CA PRO D 56 -59.64 40.31 -28.48
C PRO D 56 -58.59 40.48 -29.59
N CYS D 57 -58.05 39.35 -30.06
CA CYS D 57 -57.01 39.35 -31.07
C CYS D 57 -57.26 38.35 -32.19
N THR D 58 -56.88 38.72 -33.41
CA THR D 58 -56.88 37.82 -34.55
C THR D 58 -55.50 37.23 -34.74
N ARG D 59 -55.43 35.91 -34.82
CA ARG D 59 -54.20 35.21 -35.12
C ARG D 59 -53.91 35.28 -36.61
N LYS D 60 -52.72 35.74 -36.96
CA LYS D 60 -52.29 35.78 -38.36
C LYS D 60 -51.11 34.82 -38.58
N LEU D 61 -51.35 33.82 -39.42
CA LEU D 61 -50.31 32.86 -39.79
C LEU D 61 -49.46 33.40 -40.94
N PHE D 62 -48.17 33.12 -40.89
CA PHE D 62 -47.23 33.57 -41.91
C PHE D 62 -46.58 32.40 -42.62
N ALA D 63 -46.27 32.58 -43.90
CA ALA D 63 -45.67 31.52 -44.71
C ALA D 63 -44.27 31.16 -44.23
N ASN D 64 -43.60 32.17 -43.65
CA ASN D 64 -42.25 32.04 -43.13
C ASN D 64 -41.91 33.18 -42.19
N MET D 65 -40.79 33.08 -41.50
CA MET D 65 -40.41 34.03 -40.45
C MET D 65 -40.05 35.41 -41.00
N ARG D 66 -39.40 35.46 -42.16
CA ARG D 66 -39.00 36.73 -42.81
C ARG D 66 -40.22 37.60 -43.09
N ASP D 67 -41.27 36.98 -43.64
CA ASP D 67 -42.54 37.67 -43.89
C ASP D 67 -43.14 38.24 -42.62
N ALA D 68 -43.04 37.49 -41.52
CA ALA D 68 -43.66 37.85 -40.26
C ALA D 68 -43.02 39.09 -39.65
N SER D 69 -41.68 39.15 -39.67
CA SER D 69 -40.94 40.28 -39.10
C SER D 69 -41.03 41.52 -39.98
N GLN D 70 -41.20 41.32 -41.28
CA GLN D 70 -41.46 42.44 -42.21
C GLN D 70 -42.84 43.02 -41.96
N TRP D 71 -43.74 42.18 -41.46
CA TRP D 71 -45.10 42.60 -41.14
C TRP D 71 -45.11 43.46 -39.92
N ILE D 72 -44.29 43.12 -38.93
CA ILE D 72 -44.13 43.93 -37.72
C ILE D 72 -43.66 45.34 -38.10
N LYS D 73 -42.63 45.39 -38.93
CA LYS D 73 -42.06 46.63 -39.45
C LYS D 73 -43.15 47.53 -40.05
N ARG D 74 -44.03 46.96 -40.86
CA ARG D 74 -45.12 47.70 -41.49
C ARG D 74 -46.16 48.17 -40.49
N MET D 75 -46.55 47.28 -39.58
CA MET D 75 -47.56 47.56 -38.56
C MET D 75 -47.14 48.69 -37.65
N GLU D 76 -45.86 48.69 -37.26
CA GLU D 76 -45.29 49.74 -36.43
C GLU D 76 -45.17 51.05 -37.20
N ASP D 77 -44.96 50.96 -38.51
CA ASP D 77 -44.89 52.12 -39.38
C ASP D 77 -46.22 52.90 -39.43
N ILE D 78 -47.31 52.21 -39.77
CA ILE D 78 -48.64 52.87 -39.83
C ILE D 78 -49.28 53.10 -38.46
N GLY D 79 -48.79 52.40 -37.44
CA GLY D 79 -49.19 52.69 -36.07
C GLY D 79 -50.22 51.75 -35.47
N LEU D 80 -50.30 50.53 -35.98
CA LEU D 80 -51.11 49.49 -35.35
C LEU D 80 -50.21 48.53 -34.57
N GLU D 81 -50.69 48.09 -33.40
CA GLU D 81 -49.93 47.20 -32.53
C GLU D 81 -49.81 45.80 -33.13
N ALA D 82 -48.57 45.32 -33.23
CA ALA D 82 -48.31 43.96 -33.68
C ALA D 82 -47.87 43.13 -32.48
N LEU D 83 -48.81 42.39 -31.90
CA LEU D 83 -48.51 41.65 -30.68
C LEU D 83 -48.26 40.16 -30.91
N GLY D 84 -47.66 39.51 -29.92
CA GLY D 84 -47.19 38.13 -30.04
C GLY D 84 -45.69 38.04 -29.91
N MET D 85 -45.18 36.82 -29.83
CA MET D 85 -43.75 36.58 -29.63
C MET D 85 -42.95 36.73 -30.91
N ASP D 86 -42.02 37.68 -30.92
CA ASP D 86 -41.24 38.02 -32.11
C ASP D 86 -39.82 37.44 -32.11
N ASP D 87 -39.49 36.71 -31.05
CA ASP D 87 -38.34 35.81 -31.06
C ASP D 87 -38.88 34.44 -31.43
N PHE D 88 -38.77 34.10 -32.71
CA PHE D 88 -39.43 32.90 -33.24
C PHE D 88 -38.82 31.59 -32.76
N LYS D 89 -37.54 31.61 -32.40
CA LYS D 89 -36.89 30.45 -31.77
C LYS D 89 -37.67 30.07 -30.51
N LEU D 90 -38.00 31.08 -29.70
CA LEU D 90 -38.75 30.90 -28.46
C LEU D 90 -40.15 30.37 -28.72
N ALA D 91 -40.78 30.88 -29.78
CA ALA D 91 -42.11 30.43 -30.17
C ALA D 91 -42.07 28.99 -30.68
N TYR D 92 -41.01 28.66 -31.42
CA TYR D 92 -40.81 27.31 -31.94
C TYR D 92 -40.64 26.29 -30.81
N LEU D 93 -39.75 26.61 -29.87
CA LEU D 93 -39.50 25.77 -28.69
C LEU D 93 -40.77 25.55 -27.88
N SER D 94 -41.56 26.61 -27.78
CA SER D 94 -42.82 26.58 -27.06
C SER D 94 -43.84 25.68 -27.75
N ASP D 95 -43.81 25.71 -29.08
CA ASP D 95 -44.72 24.90 -29.90
C ASP D 95 -44.28 23.44 -29.94
N THR D 96 -42.97 23.22 -30.03
CA THR D 96 -42.40 21.89 -30.20
C THR D 96 -42.33 21.11 -28.88
N TYR D 97 -42.23 21.83 -27.77
CA TYR D 97 -42.18 21.19 -26.45
C TYR D 97 -43.23 21.74 -25.49
N ASN D 98 -44.50 21.42 -25.77
CA ASN D 98 -45.65 21.97 -25.05
C ASN D 98 -45.82 21.45 -23.61
N TYR D 99 -44.89 20.59 -23.19
CA TYR D 99 -44.91 20.01 -21.85
C TYR D 99 -43.78 20.57 -21.00
N GLU D 100 -43.73 20.16 -19.73
CA GLU D 100 -42.63 20.49 -18.84
C GLU D 100 -41.46 19.58 -19.18
N ILE D 101 -40.38 20.18 -19.68
CA ILE D 101 -39.21 19.45 -20.16
C ILE D 101 -38.45 18.73 -19.04
N LYS D 102 -38.36 17.41 -19.17
CA LYS D 102 -37.54 16.60 -18.29
C LYS D 102 -36.39 16.04 -19.12
N TYR D 103 -35.20 16.58 -18.89
CA TYR D 103 -34.01 16.29 -19.69
C TYR D 103 -33.09 15.28 -19.01
N ASP D 104 -32.25 14.62 -19.79
CA ASP D 104 -31.25 13.70 -19.28
C ASP D 104 -29.85 14.21 -19.60
N HIS D 105 -29.14 14.67 -18.57
CA HIS D 105 -27.81 15.27 -18.75
C HIS D 105 -26.81 14.33 -19.36
N THR D 106 -27.06 13.03 -19.22
CA THR D 106 -26.22 11.97 -19.78
C THR D 106 -26.11 12.05 -21.29
N LYS D 107 -27.16 12.54 -21.94
CA LYS D 107 -27.20 12.62 -23.40
C LYS D 107 -26.76 13.98 -23.96
N ILE D 108 -26.52 14.92 -23.07
CA ILE D 108 -26.06 16.25 -23.44
C ILE D 108 -24.53 16.28 -23.45
N ARG D 109 -23.95 16.49 -24.63
CA ARG D 109 -22.50 16.48 -24.81
C ARG D 109 -21.86 17.80 -24.36
N VAL D 110 -21.26 17.77 -23.17
CA VAL D 110 -20.67 18.98 -22.57
C VAL D 110 -19.15 18.97 -22.75
N ALA D 111 -18.69 19.57 -23.85
CA ALA D 111 -17.27 19.59 -24.14
C ALA D 111 -16.58 20.72 -23.38
N ASN D 112 -15.36 20.43 -22.94
CA ASN D 112 -14.55 21.31 -22.14
C ASN D 112 -13.15 21.25 -22.74
N PHE D 113 -12.68 22.37 -23.32
CA PHE D 113 -11.37 22.36 -23.97
C PHE D 113 -10.51 23.59 -23.75
N ASP D 114 -9.20 23.38 -23.79
CA ASP D 114 -8.20 24.45 -23.66
C ASP D 114 -7.05 24.20 -24.65
N ILE D 115 -6.49 25.29 -25.20
CA ILE D 115 -5.40 25.17 -26.18
C ILE D 115 -4.12 25.90 -25.74
N GLU D 116 -2.99 25.51 -26.34
CA GLU D 116 -1.70 26.15 -26.06
C GLU D 116 -1.08 26.71 -27.34
N VAL D 117 -0.48 27.89 -27.21
CA VAL D 117 0.18 28.56 -28.34
C VAL D 117 1.52 29.16 -27.91
N THR D 118 2.60 28.67 -28.52
CA THR D 118 3.94 29.21 -28.27
C THR D 118 4.12 30.53 -29.03
N SER D 119 4.33 31.61 -28.27
CA SER D 119 4.47 32.95 -28.83
C SER D 119 5.71 33.63 -28.24
N PRO D 120 6.75 33.83 -29.07
CA PRO D 120 7.98 34.49 -28.61
C PRO D 120 7.84 36.01 -28.50
N ASP D 121 6.67 36.52 -28.88
CA ASP D 121 6.39 37.96 -28.83
C ASP D 121 5.01 38.27 -28.25
N GLY D 122 4.97 38.46 -26.93
CA GLY D 122 3.75 38.83 -26.22
C GLY D 122 2.61 37.85 -26.35
N PHE D 123 1.38 38.36 -26.31
CA PHE D 123 0.18 37.53 -26.36
C PHE D 123 -0.24 37.26 -27.81
N PRO D 124 -0.48 35.97 -28.14
CA PRO D 124 -0.95 35.59 -29.48
C PRO D 124 -2.39 36.06 -29.73
N GLU D 125 -2.51 37.20 -30.42
CA GLU D 125 -3.82 37.81 -30.71
C GLU D 125 -4.70 36.85 -31.53
N PRO D 126 -5.87 36.50 -30.98
CA PRO D 126 -6.79 35.52 -31.60
C PRO D 126 -7.33 35.94 -32.96
N SER D 127 -7.40 37.24 -33.22
CA SER D 127 -7.85 37.72 -34.53
C SER D 127 -6.79 37.49 -35.60
N GLN D 128 -5.53 37.81 -35.28
CA GLN D 128 -4.40 37.53 -36.18
C GLN D 128 -4.16 36.03 -36.33
N ALA D 129 -4.01 35.33 -35.20
CA ALA D 129 -3.74 33.89 -35.16
C ALA D 129 -2.56 33.51 -36.05
N LYS D 130 -1.44 34.23 -35.90
CA LYS D 130 -0.28 34.07 -36.75
C LYS D 130 0.70 32.99 -36.28
N HIS D 131 0.46 32.44 -35.09
CA HIS D 131 1.29 31.37 -34.53
C HIS D 131 0.59 30.04 -34.58
N PRO D 132 1.35 28.94 -34.67
CA PRO D 132 0.74 27.60 -34.76
C PRO D 132 0.14 27.11 -33.44
N ILE D 133 -1.00 26.43 -33.52
CA ILE D 133 -1.59 25.77 -32.36
C ILE D 133 -0.82 24.48 -32.12
N ASP D 134 -0.03 24.46 -31.04
CA ASP D 134 0.83 23.30 -30.76
C ASP D 134 0.22 22.28 -29.79
N ALA D 135 -0.91 22.63 -29.18
CA ALA D 135 -1.60 21.73 -28.26
C ALA D 135 -3.10 22.01 -28.14
N ILE D 136 -3.88 20.93 -28.10
CA ILE D 136 -5.31 20.99 -27.78
C ILE D 136 -5.63 19.87 -26.79
N THR D 137 -6.31 20.21 -25.71
CA THR D 137 -6.88 19.20 -24.82
C THR D 137 -8.38 19.37 -24.75
N HIS D 138 -9.10 18.37 -25.24
CA HIS D 138 -10.55 18.43 -25.40
C HIS D 138 -11.22 17.32 -24.64
N TYR D 139 -11.88 17.67 -23.54
CA TYR D 139 -12.62 16.70 -22.75
C TYR D 139 -14.05 16.57 -23.27
N ASP D 140 -14.52 15.33 -23.33
CA ASP D 140 -15.89 15.04 -23.75
C ASP D 140 -16.62 14.39 -22.57
N SER D 141 -17.81 14.88 -22.28
CA SER D 141 -18.56 14.43 -21.10
C SER D 141 -19.25 13.09 -21.29
N ILE D 142 -19.65 12.79 -22.53
CA ILE D 142 -20.29 11.50 -22.85
C ILE D 142 -19.26 10.36 -22.80
N ASP D 143 -18.11 10.58 -23.45
CA ASP D 143 -17.03 9.59 -23.47
C ASP D 143 -16.31 9.49 -22.13
N ASP D 144 -16.29 10.62 -21.39
CA ASP D 144 -15.48 10.78 -20.18
C ASP D 144 -14.00 10.54 -20.49
N ARG D 145 -13.54 11.21 -21.55
CA ARG D 145 -12.16 11.09 -22.03
C ARG D 145 -11.56 12.46 -22.28
N PHE D 146 -10.25 12.57 -22.00
CA PHE D 146 -9.48 13.75 -22.34
C PHE D 146 -8.76 13.47 -23.65
N TYR D 147 -9.12 14.19 -24.71
CA TYR D 147 -8.49 14.02 -26.01
C TYR D 147 -7.36 15.02 -26.18
N VAL D 148 -6.13 14.50 -26.26
CA VAL D 148 -4.94 15.36 -26.35
C VAL D 148 -4.33 15.33 -27.75
N PHE D 149 -4.29 16.51 -28.38
CA PHE D 149 -3.72 16.69 -29.71
C PHE D 149 -2.44 17.48 -29.56
N ASP D 150 -1.31 16.83 -29.85
CA ASP D 150 0.00 17.40 -29.55
C ASP D 150 0.90 17.47 -30.79
N LEU D 151 1.33 18.68 -31.12
CA LEU D 151 2.22 18.92 -32.24
C LEU D 151 3.65 18.60 -31.85
N LEU D 152 4.33 17.83 -32.70
CA LEU D 152 5.72 17.43 -32.46
C LEU D 152 6.70 18.37 -33.16
N ASN D 153 6.37 18.74 -34.39
CA ASN D 153 7.23 19.59 -35.20
C ASN D 153 6.60 20.94 -35.53
N SER D 154 7.33 22.00 -35.24
CA SER D 154 6.86 23.37 -35.43
C SER D 154 8.04 24.32 -35.66
N PRO D 155 7.79 25.49 -36.28
CA PRO D 155 8.83 26.49 -36.49
C PRO D 155 9.46 27.02 -35.19
N TYR D 156 8.76 26.84 -34.07
CA TYR D 156 9.29 27.19 -32.75
C TYR D 156 9.79 25.96 -32.01
N GLY D 157 10.51 25.10 -32.72
CA GLY D 157 11.14 23.92 -32.12
C GLY D 157 10.46 22.61 -32.42
N ASN D 158 11.29 21.57 -32.58
CA ASN D 158 10.80 20.20 -32.74
C ASN D 158 11.06 19.42 -31.46
N VAL D 159 10.05 18.69 -31.00
CA VAL D 159 10.13 17.95 -29.74
C VAL D 159 9.75 16.47 -29.85
N GLU D 160 10.17 15.70 -28.85
CA GLU D 160 9.82 14.28 -28.76
C GLU D 160 8.41 14.11 -28.19
N GLU D 161 7.88 12.90 -28.26
CA GLU D 161 6.51 12.61 -27.81
C GLU D 161 6.33 12.77 -26.30
N TRP D 162 5.11 13.12 -25.92
CA TRP D 162 4.70 13.19 -24.52
C TRP D 162 4.56 11.80 -23.98
N SER D 163 4.90 11.62 -22.71
CA SER D 163 4.86 10.31 -22.05
C SER D 163 3.87 10.28 -20.89
N ILE D 164 2.89 9.38 -20.99
CA ILE D 164 1.87 9.21 -19.95
C ILE D 164 2.45 8.50 -18.71
N GLU D 165 3.52 7.74 -18.91
CA GLU D 165 4.20 7.02 -17.83
C GLU D 165 4.93 7.99 -16.89
N ILE D 166 5.56 9.00 -17.47
CA ILE D 166 6.28 10.02 -16.72
C ILE D 166 5.31 11.02 -16.07
N ALA D 167 4.23 11.31 -16.78
CA ALA D 167 3.23 12.27 -16.32
C ALA D 167 2.40 11.80 -15.13
N ALA D 168 2.59 10.55 -14.73
CA ALA D 168 1.92 10.00 -13.55
C ALA D 168 2.76 10.14 -12.29
N LYS D 169 4.08 10.14 -12.47
CA LYS D 169 5.05 10.20 -11.37
C LYS D 169 4.86 11.38 -10.41
N LEU D 170 5.48 11.27 -9.24
CA LEU D 170 5.47 12.35 -8.25
C LEU D 170 6.38 13.50 -8.66
N GLN D 171 6.23 14.64 -7.99
CA GLN D 171 6.93 15.87 -8.33
C GLN D 171 8.46 15.76 -8.25
N GLU D 172 8.95 14.95 -7.32
CA GLU D 172 10.39 14.76 -7.13
C GLU D 172 10.90 13.40 -7.62
N GLN D 173 10.27 12.89 -8.68
CA GLN D 173 10.68 11.62 -9.29
C GLN D 173 10.72 11.68 -10.82
N GLY D 174 10.41 12.84 -11.38
CA GLY D 174 10.41 13.03 -12.83
C GLY D 174 9.59 14.22 -13.29
N GLY D 175 8.49 14.49 -12.57
CA GLY D 175 7.64 15.64 -12.85
C GLY D 175 6.22 15.27 -13.18
N ASP D 176 5.36 16.29 -13.26
CA ASP D 176 3.92 16.19 -13.61
C ASP D 176 3.13 15.30 -12.65
N GLU D 177 2.34 15.92 -11.80
CA GLU D 177 1.47 15.16 -10.89
C GLU D 177 0.03 15.15 -11.38
N VAL D 178 -0.19 14.48 -12.51
CA VAL D 178 -1.51 14.31 -13.10
C VAL D 178 -2.30 13.27 -12.31
N PRO D 179 -3.47 13.67 -11.78
CA PRO D 179 -4.27 12.85 -10.86
C PRO D 179 -4.65 11.47 -11.40
N SER D 180 -4.70 10.49 -10.50
CA SER D 180 -5.05 9.10 -10.84
C SER D 180 -6.48 8.95 -11.37
N GLU D 181 -7.34 9.91 -11.06
CA GLU D 181 -8.73 9.90 -11.51
C GLU D 181 -8.85 10.04 -13.02
N ILE D 182 -7.87 10.68 -13.64
CA ILE D 182 -7.91 10.95 -15.08
C ILE D 182 -6.79 10.29 -15.88
N ILE D 183 -5.85 9.65 -15.18
CA ILE D 183 -4.67 9.04 -15.83
C ILE D 183 -5.03 8.00 -16.90
N ASP D 184 -6.03 7.16 -16.62
CA ASP D 184 -6.45 6.14 -17.58
C ASP D 184 -7.60 6.63 -18.48
N LYS D 185 -7.74 7.95 -18.58
CA LYS D 185 -8.80 8.58 -19.37
C LYS D 185 -8.26 9.50 -20.47
N ILE D 186 -6.94 9.45 -20.70
CA ILE D 186 -6.31 10.32 -21.69
C ILE D 186 -6.10 9.57 -23.02
N ILE D 187 -6.48 10.21 -24.11
CA ILE D 187 -6.21 9.68 -25.45
C ILE D 187 -5.24 10.62 -26.18
N TYR D 188 -4.01 10.14 -26.32
CA TYR D 188 -2.91 10.96 -26.83
C TYR D 188 -2.63 10.74 -28.31
N MET D 189 -2.69 11.83 -29.07
CA MET D 189 -2.46 11.80 -30.51
C MET D 189 -1.40 12.82 -30.93
N PRO D 190 -0.19 12.34 -31.29
CA PRO D 190 0.85 13.24 -31.79
C PRO D 190 0.73 13.50 -33.29
N PHE D 191 1.23 14.64 -33.73
CA PHE D 191 1.12 15.06 -35.13
C PHE D 191 2.41 15.66 -35.67
N ASP D 192 2.78 15.25 -36.88
CA ASP D 192 4.04 15.69 -37.50
C ASP D 192 3.99 17.14 -37.98
N ASN D 193 2.79 17.61 -38.34
CA ASN D 193 2.60 18.99 -38.77
C ASN D 193 1.27 19.57 -38.30
N GLU D 194 1.17 20.90 -38.28
CA GLU D 194 -0.03 21.58 -37.82
C GLU D 194 -1.24 21.35 -38.74
N LYS D 195 -0.99 21.36 -40.05
CA LYS D 195 -2.04 21.16 -41.05
C LYS D 195 -2.74 19.81 -40.86
N GLU D 196 -2.00 18.82 -40.39
CA GLU D 196 -2.57 17.53 -40.02
C GLU D 196 -3.35 17.62 -38.71
N LEU D 197 -2.75 18.30 -37.73
CA LEU D 197 -3.33 18.43 -36.39
C LEU D 197 -4.73 19.03 -36.44
N LEU D 198 -4.87 20.13 -37.17
CA LEU D 198 -6.14 20.84 -37.28
C LEU D 198 -7.19 20.07 -38.11
N MET D 199 -6.71 19.29 -39.08
CA MET D 199 -7.60 18.47 -39.90
C MET D 199 -8.24 17.33 -39.11
N GLU D 200 -7.44 16.71 -38.23
CA GLU D 200 -7.94 15.62 -37.40
C GLU D 200 -8.87 16.12 -36.30
N TYR D 201 -8.53 17.24 -35.68
CA TYR D 201 -9.39 17.83 -34.65
C TYR D 201 -10.72 18.28 -35.23
N LEU D 202 -10.66 18.84 -36.44
CA LEU D 202 -11.86 19.26 -37.15
C LEU D 202 -12.74 18.06 -37.50
N ASN D 203 -12.09 16.97 -37.89
CA ASN D 203 -12.77 15.71 -38.17
C ASN D 203 -13.30 15.04 -36.89
N PHE D 204 -12.60 15.27 -35.79
CA PHE D 204 -13.01 14.81 -34.47
C PHE D 204 -14.25 15.57 -34.00
N TRP D 205 -14.32 16.84 -34.38
CA TRP D 205 -15.40 17.75 -34.01
C TRP D 205 -16.71 17.40 -34.66
N GLN D 206 -16.67 16.83 -35.86
CA GLN D 206 -17.89 16.42 -36.57
C GLN D 206 -18.51 15.19 -35.89
N GLN D 207 -17.65 14.33 -35.37
CA GLN D 207 -18.05 13.08 -34.73
C GLN D 207 -18.51 13.28 -33.30
N LYS D 208 -17.87 14.20 -32.59
CA LYS D 208 -18.20 14.50 -31.20
C LYS D 208 -18.57 15.98 -31.04
N THR D 209 -19.50 16.46 -31.85
CA THR D 209 -19.90 17.86 -31.84
C THR D 209 -20.47 18.30 -30.48
N PRO D 210 -19.82 19.29 -29.84
CA PRO D 210 -20.24 19.79 -28.53
C PRO D 210 -21.61 20.45 -28.58
N VAL D 211 -22.43 20.14 -27.58
CA VAL D 211 -23.71 20.82 -27.38
C VAL D 211 -23.50 22.01 -26.44
N ILE D 212 -22.81 21.76 -25.34
CA ILE D 212 -22.39 22.83 -24.44
C ILE D 212 -20.88 22.94 -24.45
N LEU D 213 -20.37 24.04 -24.99
CA LEU D 213 -18.93 24.26 -25.04
C LEU D 213 -18.52 25.20 -23.92
N THR D 214 -17.53 24.77 -23.14
CA THR D 214 -17.13 25.50 -21.94
C THR D 214 -15.61 25.44 -21.73
N GLY D 215 -15.12 26.19 -20.75
CA GLY D 215 -13.69 26.28 -20.45
C GLY D 215 -13.38 27.58 -19.76
N TRP D 216 -12.11 27.94 -19.71
CA TRP D 216 -11.71 29.21 -19.12
C TRP D 216 -11.23 30.14 -20.21
N ASN D 217 -11.85 31.30 -20.28
CA ASN D 217 -11.64 32.27 -21.38
C ASN D 217 -11.72 31.63 -22.78
N VAL D 218 -12.57 30.60 -22.86
CA VAL D 218 -12.76 29.82 -24.08
C VAL D 218 -13.40 30.65 -25.20
N GLU D 219 -14.27 31.58 -24.83
CA GLU D 219 -15.02 32.39 -25.79
C GLU D 219 -14.24 33.61 -26.27
N SER D 220 -13.34 34.11 -25.41
CA SER D 220 -12.57 35.30 -25.75
C SER D 220 -11.24 34.98 -26.44
N PHE D 221 -10.78 33.74 -26.28
CA PHE D 221 -9.49 33.32 -26.85
C PHE D 221 -9.54 31.99 -27.60
N ALA D 222 -9.80 30.90 -26.88
CA ALA D 222 -9.66 29.56 -27.44
C ALA D 222 -10.45 29.33 -28.71
N ILE D 223 -11.73 29.70 -28.72
CA ILE D 223 -12.58 29.52 -29.89
C ILE D 223 -12.15 30.44 -31.05
N PRO D 224 -12.12 31.77 -30.81
CA PRO D 224 -11.71 32.65 -31.91
C PRO D 224 -10.31 32.36 -32.47
N TYR D 225 -9.41 31.84 -31.65
CA TYR D 225 -8.08 31.48 -32.13
C TYR D 225 -8.12 30.25 -33.04
N VAL D 226 -8.87 29.23 -32.62
CA VAL D 226 -9.06 28.01 -33.42
C VAL D 226 -9.71 28.34 -34.76
N TYR D 227 -10.81 29.10 -34.73
CA TYR D 227 -11.52 29.47 -35.94
C TYR D 227 -10.66 30.25 -36.93
N ASN D 228 -10.07 31.35 -36.47
CA ASN D 228 -9.22 32.19 -37.32
C ASN D 228 -7.99 31.45 -37.88
N ARG D 229 -7.37 30.59 -37.08
CA ARG D 229 -6.22 29.80 -37.52
C ARG D 229 -6.58 28.84 -38.65
N ILE D 230 -7.70 28.14 -38.49
CA ILE D 230 -8.20 27.24 -39.55
C ILE D 230 -8.62 28.05 -40.78
N LYS D 231 -9.22 29.22 -40.56
CA LYS D 231 -9.58 30.12 -41.65
C LYS D 231 -8.35 30.59 -42.44
N ASN D 232 -7.32 31.02 -41.73
CA ASN D 232 -6.10 31.56 -42.36
C ASN D 232 -5.30 30.54 -43.17
N ILE D 233 -5.43 29.27 -42.83
CA ILE D 233 -4.74 28.19 -43.54
C ILE D 233 -5.61 27.58 -44.63
N PHE D 234 -6.81 27.12 -44.26
CA PHE D 234 -7.66 26.32 -45.16
C PHE D 234 -8.74 27.13 -45.87
N GLY D 235 -9.21 28.21 -45.25
CA GLY D 235 -10.28 29.04 -45.81
C GLY D 235 -11.52 29.07 -44.95
N GLU D 236 -12.39 30.05 -45.20
CA GLU D 236 -13.64 30.21 -44.45
C GLU D 236 -14.51 28.96 -44.45
N SER D 237 -14.76 28.40 -45.65
CA SER D 237 -15.63 27.24 -45.81
C SER D 237 -15.22 26.04 -44.95
N THR D 238 -13.91 25.83 -44.81
CA THR D 238 -13.38 24.78 -43.95
C THR D 238 -13.52 25.17 -42.48
N ALA D 239 -13.22 26.43 -42.16
CA ALA D 239 -13.31 26.94 -40.80
C ALA D 239 -14.73 26.92 -40.25
N LYS D 240 -15.71 27.14 -41.13
CA LYS D 240 -17.12 27.15 -40.75
C LYS D 240 -17.63 25.75 -40.40
N ARG D 241 -16.79 24.73 -40.61
CA ARG D 241 -17.12 23.35 -40.22
C ARG D 241 -17.19 23.18 -38.70
N LEU D 242 -16.76 24.21 -37.95
CA LEU D 242 -16.89 24.23 -36.50
C LEU D 242 -18.34 24.44 -36.06
N SER D 243 -19.18 24.88 -37.00
CA SER D 243 -20.62 24.95 -36.80
C SER D 243 -21.29 23.74 -37.45
N PRO D 244 -22.18 23.06 -36.71
CA PRO D 244 -22.93 21.92 -37.29
C PRO D 244 -23.82 22.35 -38.45
N HIS D 245 -24.30 23.59 -38.43
CA HIS D 245 -25.12 24.13 -39.51
C HIS D 245 -24.30 24.93 -40.49
N ARG D 246 -22.97 24.82 -40.37
CA ARG D 246 -22.00 25.41 -41.32
C ARG D 246 -22.05 26.94 -41.41
N LYS D 247 -22.64 27.59 -40.40
CA LYS D 247 -22.73 29.05 -40.39
C LYS D 247 -22.17 29.66 -39.11
N THR D 248 -21.36 30.69 -39.26
CA THR D 248 -20.77 31.43 -38.14
C THR D 248 -21.02 32.93 -38.33
N ARG D 249 -20.78 33.70 -37.26
CA ARG D 249 -20.99 35.14 -37.29
C ARG D 249 -20.07 35.85 -36.29
N VAL D 250 -19.53 36.99 -36.72
CA VAL D 250 -18.71 37.81 -35.85
C VAL D 250 -19.60 38.80 -35.09
N LYS D 251 -19.69 38.60 -33.79
CA LYS D 251 -20.51 39.45 -32.92
C LYS D 251 -19.62 40.36 -32.07
N VAL D 252 -20.00 41.64 -31.99
CA VAL D 252 -19.22 42.64 -31.26
C VAL D 252 -19.88 42.96 -29.93
N ILE D 253 -19.15 42.69 -28.84
CA ILE D 253 -19.60 43.02 -27.49
C ILE D 253 -18.85 44.27 -27.00
N GLU D 254 -19.58 45.18 -26.36
CA GLU D 254 -19.00 46.42 -25.85
C GLU D 254 -19.59 46.84 -24.50
N ASN D 255 -18.72 47.27 -23.59
CA ASN D 255 -19.13 47.78 -22.28
C ASN D 255 -19.26 49.31 -22.30
N MET D 256 -18.79 49.95 -21.24
CA MET D 256 -18.82 51.40 -21.13
C MET D 256 -17.57 52.02 -21.76
N TYR D 257 -16.60 51.18 -22.12
CA TYR D 257 -15.33 51.61 -22.69
C TYR D 257 -14.65 50.52 -23.53
N GLY D 258 -14.58 50.74 -24.84
CA GLY D 258 -13.88 49.83 -25.76
C GLY D 258 -14.75 48.83 -26.50
N SER D 259 -14.11 48.03 -27.37
CA SER D 259 -14.79 47.00 -28.16
C SER D 259 -13.92 45.75 -28.37
N ARG D 260 -14.56 44.61 -28.56
CA ARG D 260 -13.87 43.34 -28.84
C ARG D 260 -14.74 42.40 -29.70
N GLU D 261 -14.09 41.55 -30.50
CA GLU D 261 -14.80 40.61 -31.36
C GLU D 261 -14.87 39.19 -30.77
N ILE D 262 -16.04 38.57 -30.90
CA ILE D 262 -16.20 37.14 -30.60
C ILE D 262 -16.73 36.40 -31.82
N ILE D 263 -16.67 35.08 -31.78
CA ILE D 263 -17.19 34.24 -32.85
C ILE D 263 -18.39 33.46 -32.32
N THR D 264 -19.53 33.62 -32.99
CA THR D 264 -20.71 32.82 -32.69
C THR D 264 -20.69 31.59 -33.58
N LEU D 265 -20.88 30.44 -32.96
CA LEU D 265 -20.99 29.18 -33.69
C LEU D 265 -22.42 28.69 -33.58
N PHE D 266 -23.18 28.87 -34.65
CA PHE D 266 -24.58 28.45 -34.69
C PHE D 266 -24.70 26.95 -34.48
N GLY D 267 -25.57 26.55 -33.55
CA GLY D 267 -25.81 25.15 -33.25
C GLY D 267 -25.03 24.64 -32.06
N ILE D 268 -24.32 25.55 -31.39
CA ILE D 268 -23.55 25.24 -30.19
C ILE D 268 -23.82 26.34 -29.17
N SER D 269 -24.06 25.97 -27.92
CA SER D 269 -24.22 26.94 -26.84
C SER D 269 -22.94 27.06 -26.03
N VAL D 270 -22.24 28.18 -26.21
CA VAL D 270 -20.99 28.41 -25.48
C VAL D 270 -21.31 28.94 -24.09
N LEU D 271 -20.78 28.26 -23.07
CA LEU D 271 -20.90 28.74 -21.69
C LEU D 271 -19.51 28.82 -21.08
N ASP D 272 -18.79 29.88 -21.43
CA ASP D 272 -17.46 30.15 -20.89
C ASP D 272 -17.56 30.14 -19.37
N TYR D 273 -16.81 29.25 -18.72
CA TYR D 273 -16.91 29.08 -17.27
C TYR D 273 -16.46 30.30 -16.46
N ILE D 274 -15.60 31.14 -17.04
CA ILE D 274 -15.19 32.36 -16.36
C ILE D 274 -16.38 33.32 -16.22
N ASP D 275 -17.20 33.40 -17.27
CA ASP D 275 -18.43 34.20 -17.26
C ASP D 275 -19.47 33.56 -16.35
N LEU D 276 -19.49 32.23 -16.37
CA LEU D 276 -20.39 31.45 -15.54
C LEU D 276 -20.03 31.59 -14.06
N TYR D 277 -18.74 31.65 -13.77
CA TYR D 277 -18.25 31.82 -12.41
C TYR D 277 -18.54 33.22 -11.87
N LYS D 278 -18.30 34.23 -12.70
CA LYS D 278 -18.51 35.63 -12.30
C LYS D 278 -19.97 35.95 -11.98
N LYS D 279 -20.90 35.27 -12.66
CA LYS D 279 -22.32 35.54 -12.51
C LYS D 279 -22.94 34.88 -11.27
N PHE D 280 -22.65 33.60 -11.07
CA PHE D 280 -23.35 32.82 -10.04
C PHE D 280 -22.63 32.65 -8.70
N SER D 281 -21.43 33.22 -8.55
CA SER D 281 -20.65 33.04 -7.33
C SER D 281 -20.86 34.12 -6.28
N PHE D 282 -21.32 35.30 -6.71
CA PHE D 282 -21.68 36.41 -5.80
C PHE D 282 -20.53 36.86 -4.89
N THR D 283 -19.28 36.71 -5.36
CA THR D 283 -18.09 37.12 -4.61
C THR D 283 -16.96 37.57 -5.55
N ASN D 284 -16.35 38.71 -5.24
CA ASN D 284 -15.39 39.35 -6.13
C ASN D 284 -13.93 39.02 -5.82
N GLN D 285 -13.23 38.46 -6.80
CA GLN D 285 -11.84 38.00 -6.64
C GLN D 285 -10.80 39.04 -7.07
N PRO D 286 -9.63 39.05 -6.41
CA PRO D 286 -8.49 39.88 -6.81
C PRO D 286 -7.95 39.54 -8.22
N SER D 287 -8.04 38.27 -8.59
CA SER D 287 -7.68 37.84 -9.94
C SER D 287 -8.61 36.74 -10.44
N TYR D 288 -8.98 36.81 -11.72
CA TYR D 288 -9.83 35.79 -12.33
C TYR D 288 -9.06 34.94 -13.33
N SER D 289 -7.87 34.51 -12.93
CA SER D 289 -7.09 33.55 -13.70
C SER D 289 -7.39 32.15 -13.19
N LEU D 290 -7.42 31.19 -14.11
CA LEU D 290 -7.74 29.80 -13.77
C LEU D 290 -6.86 29.27 -12.63
N ASP D 291 -5.58 29.65 -12.65
CA ASP D 291 -4.63 29.24 -11.62
C ASP D 291 -5.04 29.73 -10.23
N TYR D 292 -5.50 30.97 -10.16
CA TYR D 292 -5.90 31.61 -8.90
C TYR D 292 -7.23 31.05 -8.36
N ILE D 293 -8.18 30.83 -9.27
CA ILE D 293 -9.50 30.33 -8.90
C ILE D 293 -9.41 28.89 -8.37
N SER D 294 -8.53 28.10 -8.97
CA SER D 294 -8.26 26.72 -8.53
C SER D 294 -7.64 26.67 -7.13
N GLU D 295 -6.91 27.73 -6.78
CA GLU D 295 -6.29 27.88 -5.47
C GLU D 295 -7.33 28.24 -4.41
N PHE D 296 -8.44 28.85 -4.86
CA PHE D 296 -9.49 29.32 -3.96
C PHE D 296 -10.55 28.25 -3.71
N GLU D 297 -11.07 27.69 -4.80
CA GLU D 297 -12.17 26.73 -4.74
C GLU D 297 -11.68 25.36 -4.30
N LEU D 298 -10.63 24.88 -4.95
CA LEU D 298 -10.17 23.50 -4.79
C LEU D 298 -9.03 23.38 -3.79
N ASN D 299 -8.52 24.52 -3.31
CA ASN D 299 -7.33 24.57 -2.44
C ASN D 299 -6.13 23.79 -2.97
N VAL D 300 -6.17 23.46 -4.26
CA VAL D 300 -5.13 22.64 -4.89
C VAL D 300 -3.85 23.45 -5.11
N GLY D 301 -2.73 22.81 -4.81
CA GLY D 301 -1.39 23.43 -4.84
C GLY D 301 -1.04 24.20 -6.09
N LYS D 302 -0.20 25.21 -5.91
CA LYS D 302 0.25 26.11 -6.98
C LYS D 302 0.94 25.36 -8.13
N LEU D 303 0.28 25.38 -9.29
CA LEU D 303 0.76 24.71 -10.50
C LEU D 303 1.99 25.44 -11.06
N LYS D 304 3.17 24.83 -10.86
CA LYS D 304 4.44 25.50 -11.11
C LYS D 304 5.25 24.92 -12.26
N TYR D 305 5.75 25.83 -13.11
CA TYR D 305 6.75 25.50 -14.13
C TYR D 305 7.91 26.50 -14.06
N ASP D 306 9.09 26.04 -14.48
CA ASP D 306 10.27 26.90 -14.49
C ASP D 306 10.32 27.74 -15.77
N GLY D 307 10.52 29.05 -15.61
CA GLY D 307 10.55 29.98 -16.73
C GLY D 307 9.17 30.36 -17.25
N PRO D 308 9.11 31.31 -18.20
CA PRO D 308 7.83 31.76 -18.80
C PRO D 308 7.18 30.68 -19.67
N ILE D 309 5.92 30.92 -20.05
CA ILE D 309 5.16 29.97 -20.89
C ILE D 309 5.70 29.91 -22.31
N SER D 310 6.30 31.01 -22.75
CA SER D 310 6.81 31.16 -24.13
C SER D 310 7.95 30.22 -24.50
N LYS D 311 8.72 29.78 -23.50
CA LYS D 311 9.87 28.91 -23.73
C LYS D 311 9.73 27.55 -23.05
N LEU D 312 8.51 27.20 -22.66
CA LEU D 312 8.23 25.94 -21.96
C LEU D 312 8.27 24.73 -22.90
N ARG D 313 7.77 24.90 -24.12
CA ARG D 313 7.69 23.81 -25.09
C ARG D 313 9.07 23.40 -25.61
N GLU D 314 9.91 24.38 -25.96
CA GLU D 314 11.26 24.11 -26.45
C GLU D 314 12.09 23.31 -25.44
N SER D 315 11.94 23.65 -24.16
CA SER D 315 12.70 23.03 -23.09
C SER D 315 12.01 21.80 -22.48
N ASN D 316 10.85 22.03 -21.87
CA ASN D 316 10.16 20.97 -21.13
C ASN D 316 8.79 20.65 -21.71
N HIS D 317 8.79 19.98 -22.86
CA HIS D 317 7.57 19.60 -23.58
C HIS D 317 6.70 18.66 -22.80
N GLN D 318 7.32 17.88 -21.92
CA GLN D 318 6.59 16.97 -21.04
C GLN D 318 5.67 17.73 -20.08
N ARG D 319 6.23 18.69 -19.35
CA ARG D 319 5.48 19.53 -18.40
C ARG D 319 4.44 20.39 -19.11
N TYR D 320 4.77 20.83 -20.32
CA TYR D 320 3.93 21.65 -21.18
C TYR D 320 2.56 21.01 -21.43
N ILE D 321 2.56 19.76 -21.87
CA ILE D 321 1.34 19.03 -22.21
C ILE D 321 0.53 18.67 -20.95
N SER D 322 1.23 18.20 -19.92
CA SER D 322 0.59 17.83 -18.66
C SER D 322 -0.20 18.97 -18.04
N TYR D 323 0.31 20.19 -18.16
CA TYR D 323 -0.35 21.37 -17.59
C TYR D 323 -1.52 21.83 -18.46
N ASN D 324 -1.48 21.48 -19.74
CA ASN D 324 -2.61 21.70 -20.65
C ASN D 324 -3.77 20.78 -20.30
N ILE D 325 -3.44 19.59 -19.84
CA ILE D 325 -4.43 18.61 -19.39
C ILE D 325 -5.04 19.04 -18.05
N ILE D 326 -4.18 19.38 -17.11
CA ILE D 326 -4.59 19.79 -15.76
C ILE D 326 -5.49 21.03 -15.77
N ALA D 327 -5.19 21.96 -16.67
CA ALA D 327 -6.02 23.17 -16.85
C ALA D 327 -7.47 22.81 -17.16
N VAL D 328 -7.67 21.83 -18.04
CA VAL D 328 -9.01 21.36 -18.39
C VAL D 328 -9.66 20.65 -17.19
N TYR D 329 -8.86 19.92 -16.43
CA TYR D 329 -9.36 19.15 -15.29
C TYR D 329 -9.87 20.06 -14.18
N ARG D 330 -9.14 21.14 -13.90
CA ARG D 330 -9.52 22.07 -12.83
C ARG D 330 -10.89 22.71 -13.07
N VAL D 331 -11.17 23.04 -14.33
CA VAL D 331 -12.49 23.55 -14.73
C VAL D 331 -13.56 22.50 -14.43
N LEU D 332 -13.23 21.24 -14.69
CA LEU D 332 -14.11 20.11 -14.39
C LEU D 332 -14.29 19.91 -12.89
N GLN D 333 -13.23 20.18 -12.13
CA GLN D 333 -13.26 20.07 -10.67
C GLN D 333 -14.07 21.21 -10.04
N ILE D 334 -14.01 22.39 -10.67
CA ILE D 334 -14.76 23.55 -10.19
C ILE D 334 -16.26 23.36 -10.43
N ASP D 335 -16.61 22.81 -11.59
CA ASP D 335 -18.02 22.53 -11.91
C ASP D 335 -18.57 21.36 -11.10
N ALA D 336 -17.67 20.50 -10.62
CA ALA D 336 -18.06 19.41 -9.74
C ALA D 336 -18.51 19.95 -8.39
N LYS D 337 -17.91 21.07 -7.97
CA LYS D 337 -18.22 21.69 -6.69
C LYS D 337 -19.36 22.72 -6.77
N ARG D 338 -19.28 23.60 -7.76
CA ARG D 338 -20.23 24.71 -7.88
C ARG D 338 -21.48 24.36 -8.70
N GLN D 339 -21.34 23.36 -9.57
CA GLN D 339 -22.46 22.81 -10.35
C GLN D 339 -23.13 23.82 -11.28
N PHE D 340 -22.36 24.79 -11.77
CA PHE D 340 -22.90 25.90 -12.56
C PHE D 340 -23.47 25.50 -13.92
N ILE D 341 -22.88 24.50 -14.56
CA ILE D 341 -23.38 23.99 -15.85
C ILE D 341 -24.75 23.35 -15.68
N ASN D 342 -24.89 22.50 -14.67
CA ASN D 342 -26.17 21.87 -14.38
C ASN D 342 -27.23 22.91 -14.00
N LEU D 343 -26.83 23.89 -13.19
CA LEU D 343 -27.69 24.98 -12.78
C LEU D 343 -28.22 25.76 -14.00
N SER D 344 -27.36 25.96 -14.98
CA SER D 344 -27.71 26.68 -16.21
C SER D 344 -28.59 25.85 -17.13
N LEU D 345 -28.44 24.53 -17.07
CA LEU D 345 -29.28 23.64 -17.87
C LEU D 345 -30.73 23.65 -17.38
N ASP D 346 -30.93 23.44 -16.08
CA ASP D 346 -32.26 23.40 -15.48
C ASP D 346 -33.05 24.69 -15.72
N MET D 347 -32.35 25.83 -15.67
CA MET D 347 -32.98 27.13 -15.90
C MET D 347 -33.46 27.27 -17.35
N GLY D 348 -32.56 26.96 -18.29
CA GLY D 348 -32.87 27.04 -19.70
C GLY D 348 -34.07 26.20 -20.09
N TYR D 349 -34.12 24.97 -19.59
CA TYR D 349 -35.22 24.07 -19.89
C TYR D 349 -36.51 24.46 -19.18
N TYR D 350 -36.37 25.11 -18.03
CA TYR D 350 -37.53 25.63 -17.31
C TYR D 350 -38.14 26.81 -18.06
N ALA D 351 -37.29 27.67 -18.61
CA ALA D 351 -37.73 28.85 -19.32
C ALA D 351 -38.03 28.58 -20.80
N LYS D 352 -37.58 27.43 -21.29
CA LYS D 352 -37.63 27.09 -22.72
C LYS D 352 -36.89 28.13 -23.56
N ILE D 353 -35.60 28.29 -23.28
CA ILE D 353 -34.73 29.19 -24.03
C ILE D 353 -33.44 28.48 -24.43
N GLN D 354 -32.68 29.11 -25.32
CA GLN D 354 -31.30 28.74 -25.56
C GLN D 354 -30.57 28.80 -24.22
N ILE D 355 -29.62 27.90 -24.00
CA ILE D 355 -28.93 27.82 -22.73
C ILE D 355 -27.98 29.01 -22.48
N GLN D 356 -27.41 29.58 -23.55
CA GLN D 356 -26.63 30.83 -23.46
C GLN D 356 -27.44 31.95 -22.83
N SER D 357 -28.76 31.88 -22.97
CA SER D 357 -29.65 32.97 -22.57
C SER D 357 -29.89 33.08 -21.06
N VAL D 358 -29.28 32.19 -20.27
CA VAL D 358 -29.44 32.25 -18.82
C VAL D 358 -28.74 33.48 -18.23
N PHE D 359 -27.73 33.99 -18.95
CA PHE D 359 -27.03 35.21 -18.55
C PHE D 359 -27.93 36.45 -18.62
N SER D 360 -29.07 36.31 -19.30
CA SER D 360 -30.01 37.42 -19.51
C SER D 360 -31.29 37.27 -18.69
N PRO D 361 -31.45 38.06 -17.61
CA PRO D 361 -32.71 38.14 -16.86
C PRO D 361 -33.90 38.55 -17.74
N ILE D 362 -33.67 39.47 -18.68
CA ILE D 362 -34.70 39.92 -19.62
C ILE D 362 -35.27 38.74 -20.40
N LYS D 363 -34.40 38.05 -21.13
CA LYS D 363 -34.79 36.92 -21.98
C LYS D 363 -35.46 35.80 -21.18
N THR D 364 -34.92 35.48 -20.01
CA THR D 364 -35.43 34.39 -19.19
C THR D 364 -36.88 34.64 -18.74
N TRP D 365 -37.12 35.80 -18.14
CA TRP D 365 -38.47 36.18 -17.70
C TRP D 365 -39.44 36.40 -18.83
N ASP D 366 -38.97 36.95 -19.96
CA ASP D 366 -39.81 37.12 -21.14
C ASP D 366 -40.31 35.77 -21.65
N ALA D 367 -39.44 34.76 -21.56
CA ALA D 367 -39.79 33.40 -21.97
C ALA D 367 -40.74 32.70 -20.99
N ILE D 368 -40.58 32.99 -19.71
CA ILE D 368 -41.39 32.36 -18.66
C ILE D 368 -42.83 32.89 -18.67
N ILE D 369 -42.97 34.19 -18.85
CA ILE D 369 -44.30 34.83 -18.89
C ILE D 369 -45.02 34.45 -20.18
N PHE D 370 -44.30 34.55 -21.30
CA PHE D 370 -44.83 34.13 -22.60
C PHE D 370 -45.47 32.75 -22.52
N ASN D 371 -44.67 31.78 -22.08
CA ASN D 371 -45.12 30.38 -21.97
C ASN D 371 -46.37 30.24 -21.12
N SER D 372 -46.42 31.01 -20.04
CA SER D 372 -47.53 30.97 -19.08
C SER D 372 -48.82 31.56 -19.66
N LEU D 373 -48.69 32.64 -20.41
CA LEU D 373 -49.84 33.30 -21.03
C LEU D 373 -50.37 32.50 -22.22
N LYS D 374 -49.46 31.83 -22.92
CA LYS D 374 -49.80 31.07 -24.11
C LYS D 374 -50.66 29.87 -23.74
N GLU D 375 -50.28 29.16 -22.67
CA GLU D 375 -51.02 28.00 -22.17
C GLU D 375 -52.46 28.35 -21.81
N GLN D 376 -52.71 29.64 -21.55
CA GLN D 376 -54.06 30.12 -21.28
C GLN D 376 -54.58 31.05 -22.38
N ASN D 377 -54.12 30.82 -23.60
CA ASN D 377 -54.58 31.52 -24.81
C ASN D 377 -54.56 33.06 -24.74
N LYS D 378 -53.46 33.61 -24.22
CA LYS D 378 -53.30 35.06 -24.13
C LYS D 378 -52.12 35.53 -24.99
N VAL D 379 -52.17 36.79 -25.42
CA VAL D 379 -51.16 37.30 -26.34
C VAL D 379 -50.28 38.36 -25.68
N ILE D 380 -48.98 38.08 -25.60
CA ILE D 380 -48.02 39.03 -25.02
C ILE D 380 -48.02 40.34 -25.81
N PRO D 381 -47.79 41.48 -25.14
CA PRO D 381 -47.88 42.73 -25.86
C PRO D 381 -46.66 43.00 -26.74
N GLN D 382 -46.82 43.87 -27.74
CA GLN D 382 -45.73 44.29 -28.59
C GLN D 382 -44.66 44.95 -27.74
N GLY D 383 -43.40 44.63 -28.03
CA GLY D 383 -42.27 45.28 -27.38
C GLY D 383 -42.14 46.69 -27.89
N ARG D 384 -42.34 47.66 -26.99
CA ARG D 384 -42.26 49.07 -27.32
C ARG D 384 -40.96 49.65 -26.81
N SER D 385 -40.47 50.71 -27.46
CA SER D 385 -39.21 51.32 -27.05
C SER D 385 -39.45 52.50 -26.11
N HIS D 386 -38.66 52.56 -25.04
CA HIS D 386 -38.70 53.64 -24.06
C HIS D 386 -37.33 54.24 -23.95
N PRO D 387 -37.25 55.53 -23.54
CA PRO D 387 -35.93 56.11 -23.24
C PRO D 387 -35.42 55.64 -21.87
N VAL D 388 -34.11 55.52 -21.72
CA VAL D 388 -33.52 55.20 -20.42
C VAL D 388 -33.77 56.37 -19.47
N GLN D 389 -34.34 56.05 -18.31
CA GLN D 389 -34.75 57.05 -17.35
C GLN D 389 -34.27 56.66 -15.97
N PRO D 390 -33.65 57.61 -15.25
CA PRO D 390 -33.28 57.32 -13.87
C PRO D 390 -34.51 57.43 -12.97
N TYR D 391 -34.74 56.42 -12.15
CA TYR D 391 -35.85 56.44 -11.19
C TYR D 391 -35.33 56.27 -9.77
N PRO D 392 -36.15 56.61 -8.74
CA PRO D 392 -35.69 56.54 -7.35
C PRO D 392 -35.42 55.11 -6.88
N GLY D 393 -34.60 54.97 -5.86
CA GLY D 393 -34.28 53.65 -5.31
C GLY D 393 -34.66 53.51 -3.85
N ALA D 394 -33.72 52.96 -3.07
CA ALA D 394 -33.97 52.61 -1.68
C ALA D 394 -33.60 53.73 -0.69
N PHE D 395 -34.30 53.76 0.43
CA PHE D 395 -33.98 54.66 1.54
C PHE D 395 -32.92 54.02 2.43
N VAL D 396 -31.84 54.77 2.67
CA VAL D 396 -30.78 54.34 3.58
C VAL D 396 -30.62 55.38 4.68
N LYS D 397 -30.95 54.98 5.91
CA LYS D 397 -30.92 55.89 7.06
C LYS D 397 -29.49 56.31 7.42
N GLU D 398 -29.29 57.60 7.66
CA GLU D 398 -28.00 58.12 8.10
C GLU D 398 -27.82 57.86 9.60
N PRO D 399 -26.93 56.93 9.96
CA PRO D 399 -26.78 56.55 11.35
C PRO D 399 -25.82 57.49 12.10
N ILE D 400 -25.96 57.55 13.42
CA ILE D 400 -25.02 58.30 14.24
C ILE D 400 -23.79 57.41 14.49
N PRO D 401 -22.60 57.86 14.02
CA PRO D 401 -21.38 57.07 14.11
C PRO D 401 -20.97 56.85 15.56
N ASN D 402 -21.32 55.68 16.09
CA ASN D 402 -21.11 55.39 17.50
C ASN D 402 -20.85 53.90 17.70
N ARG D 403 -20.54 53.52 18.94
CA ARG D 403 -20.57 52.12 19.34
C ARG D 403 -21.99 51.76 19.74
N TYR D 404 -22.37 50.51 19.48
CA TYR D 404 -23.70 50.02 19.86
C TYR D 404 -23.57 48.66 20.53
N LYS D 405 -23.85 48.62 21.83
CA LYS D 405 -23.56 47.45 22.66
C LYS D 405 -24.44 46.25 22.33
N TYR D 406 -25.76 46.44 22.38
CA TYR D 406 -26.69 45.37 22.03
C TYR D 406 -27.56 45.79 20.85
N VAL D 407 -27.62 44.91 19.85
CA VAL D 407 -28.30 45.20 18.59
C VAL D 407 -29.16 44.01 18.13
N MET D 408 -30.37 44.31 17.67
CA MET D 408 -31.25 43.34 17.01
C MET D 408 -31.69 43.84 15.64
N SER D 409 -31.60 42.97 14.64
CA SER D 409 -31.98 43.33 13.28
C SER D 409 -33.18 42.53 12.78
N PHE D 410 -33.95 43.14 11.89
CA PHE D 410 -35.15 42.54 11.33
C PHE D 410 -35.17 42.76 9.82
N ASP D 411 -35.42 41.68 9.07
CA ASP D 411 -35.45 41.73 7.61
C ASP D 411 -36.84 41.42 7.07
N LEU D 412 -37.22 42.10 5.99
CA LEU D 412 -38.47 41.82 5.29
C LEU D 412 -38.25 40.74 4.23
N THR D 413 -39.17 39.78 4.17
CA THR D 413 -39.10 38.66 3.22
C THR D 413 -39.22 39.16 1.78
N SER D 414 -38.23 38.82 0.96
CA SER D 414 -38.19 39.18 -0.46
C SER D 414 -39.01 40.42 -0.76
N LEU D 415 -38.48 41.57 -0.36
CA LEU D 415 -39.25 42.81 -0.34
C LEU D 415 -39.92 43.13 -1.68
N TYR D 416 -39.13 43.46 -2.70
CA TYR D 416 -39.69 43.93 -3.97
C TYR D 416 -40.68 42.96 -4.63
N PRO D 417 -40.38 41.65 -4.65
CA PRO D 417 -41.38 40.71 -5.16
C PRO D 417 -42.67 40.73 -4.34
N SER D 418 -42.54 40.80 -3.02
CA SER D 418 -43.70 40.86 -2.12
C SER D 418 -44.52 42.13 -2.36
N ILE D 419 -43.84 43.25 -2.61
CA ILE D 419 -44.51 44.51 -2.93
C ILE D 419 -45.32 44.40 -4.23
N ILE D 420 -44.74 43.78 -5.25
CA ILE D 420 -45.43 43.56 -6.51
C ILE D 420 -46.72 42.78 -6.26
N ARG D 421 -46.63 41.77 -5.41
CA ARG D 421 -47.76 40.90 -5.09
C ARG D 421 -48.79 41.62 -4.23
N GLN D 422 -48.34 42.30 -3.18
CA GLN D 422 -49.21 43.00 -2.24
C GLN D 422 -50.05 44.07 -2.94
N VAL D 423 -49.38 44.96 -3.65
CA VAL D 423 -50.00 46.08 -4.32
C VAL D 423 -50.70 45.64 -5.60
N ASN D 424 -50.17 44.59 -6.24
CA ASN D 424 -50.69 44.07 -7.51
C ASN D 424 -50.13 44.85 -8.71
N ILE D 425 -48.83 45.07 -8.70
CA ILE D 425 -48.17 45.94 -9.69
C ILE D 425 -47.87 45.18 -11.00
N SER D 426 -48.49 45.67 -12.08
CA SER D 426 -48.38 45.06 -13.41
C SER D 426 -48.82 46.07 -14.48
N PRO D 427 -48.34 45.93 -15.74
CA PRO D 427 -48.67 46.91 -16.78
C PRO D 427 -50.17 47.00 -17.10
N GLU D 428 -50.94 45.97 -16.76
CA GLU D 428 -52.35 45.94 -17.12
C GLU D 428 -53.32 46.09 -15.94
N THR D 429 -52.78 46.43 -14.77
CA THR D 429 -53.61 46.64 -13.58
C THR D 429 -53.65 48.10 -13.18
N ILE D 430 -52.88 48.94 -13.88
CA ILE D 430 -52.84 50.39 -13.65
C ILE D 430 -54.25 50.99 -13.68
N ALA D 431 -54.70 51.49 -12.53
CA ALA D 431 -56.06 51.98 -12.38
C ALA D 431 -56.17 53.48 -12.63
N GLY D 432 -55.05 54.18 -12.47
CA GLY D 432 -55.03 55.63 -12.58
C GLY D 432 -54.09 56.24 -11.55
N THR D 433 -54.36 57.49 -11.17
CA THR D 433 -53.51 58.21 -10.23
C THR D 433 -54.31 58.96 -9.15
N PHE D 434 -53.63 59.30 -8.06
CA PHE D 434 -54.21 60.16 -7.05
C PHE D 434 -53.29 61.35 -6.76
N LYS D 435 -53.86 62.40 -6.16
CA LYS D 435 -53.09 63.56 -5.72
C LYS D 435 -52.12 63.11 -4.64
N VAL D 436 -50.84 63.04 -5.00
CA VAL D 436 -49.79 62.51 -4.13
C VAL D 436 -49.19 63.55 -3.18
N ALA D 437 -49.19 63.24 -1.89
CA ALA D 437 -48.59 64.09 -0.87
C ALA D 437 -47.14 63.68 -0.63
N PRO D 438 -46.32 64.56 -0.02
CA PRO D 438 -44.92 64.20 0.26
C PRO D 438 -44.80 62.91 1.06
N LEU D 439 -43.77 62.12 0.76
CA LEU D 439 -43.59 60.79 1.36
C LEU D 439 -43.65 60.82 2.89
N HIS D 440 -43.03 61.84 3.47
CA HIS D 440 -43.03 62.10 4.91
C HIS D 440 -44.41 61.99 5.50
N ASP D 441 -45.40 62.54 4.78
CA ASP D 441 -46.80 62.56 5.24
C ASP D 441 -47.47 61.18 5.30
N TYR D 442 -47.09 60.27 4.41
CA TYR D 442 -47.63 58.92 4.43
C TYR D 442 -46.97 58.06 5.50
N ILE D 443 -45.70 58.33 5.80
CA ILE D 443 -44.97 57.58 6.82
C ILE D 443 -45.61 57.77 8.19
N ASN D 444 -46.01 59.02 8.49
CA ASN D 444 -46.63 59.36 9.78
C ASN D 444 -48.14 59.17 9.80
N ALA D 445 -48.70 58.65 8.72
CA ALA D 445 -50.13 58.41 8.56
C ALA D 445 -50.99 59.68 8.72
N VAL D 446 -50.47 60.80 8.25
CA VAL D 446 -51.15 62.09 8.37
C VAL D 446 -51.78 62.56 7.04
N ALA D 447 -51.30 62.03 5.92
CA ALA D 447 -51.87 62.32 4.61
C ALA D 447 -53.18 61.56 4.41
N GLU D 448 -54.07 62.10 3.58
CA GLU D 448 -55.37 61.46 3.33
C GLU D 448 -55.19 60.10 2.67
N ARG D 449 -56.15 59.20 2.90
CA ARG D 449 -56.14 57.88 2.28
C ARG D 449 -56.37 58.05 0.78
N PRO D 450 -55.44 57.53 -0.04
CA PRO D 450 -55.44 57.76 -1.49
C PRO D 450 -56.72 57.27 -2.16
N SER D 451 -57.08 56.01 -1.94
CA SER D 451 -58.29 55.43 -2.52
C SER D 451 -58.92 54.40 -1.61
N ASP D 452 -60.25 54.28 -1.71
CA ASP D 452 -60.99 53.24 -1.01
C ASP D 452 -61.29 52.06 -1.94
N VAL D 453 -61.09 52.26 -3.25
CA VAL D 453 -61.40 51.23 -4.25
C VAL D 453 -60.16 50.51 -4.81
N TYR D 454 -59.09 51.25 -5.11
CA TYR D 454 -57.89 50.68 -5.72
C TYR D 454 -56.73 50.49 -4.75
N SER D 455 -55.86 49.54 -5.05
CA SER D 455 -54.62 49.36 -4.31
C SER D 455 -53.60 50.40 -4.75
N CYS D 456 -52.93 51.02 -3.78
CA CYS D 456 -52.13 52.21 -4.04
C CYS D 456 -50.64 52.10 -3.71
N SER D 457 -49.87 53.03 -4.27
CA SER D 457 -48.47 53.20 -3.94
C SER D 457 -48.19 54.69 -3.72
N PRO D 458 -47.36 55.03 -2.71
CA PRO D 458 -47.12 56.42 -2.32
C PRO D 458 -46.47 57.30 -3.40
N ASN D 459 -46.17 56.73 -4.57
CA ASN D 459 -45.67 57.52 -5.69
C ASN D 459 -46.80 58.13 -6.53
N GLY D 460 -48.04 57.80 -6.17
CA GLY D 460 -49.22 58.36 -6.83
C GLY D 460 -49.98 57.39 -7.70
N MET D 461 -49.50 56.15 -7.77
CA MET D 461 -50.07 55.15 -8.68
C MET D 461 -51.17 54.33 -8.00
N MET D 462 -52.24 54.04 -8.74
CA MET D 462 -53.32 53.18 -8.27
C MET D 462 -53.42 51.94 -9.15
N TYR D 463 -53.74 50.81 -8.53
CA TYR D 463 -53.84 49.53 -9.25
C TYR D 463 -55.14 48.80 -8.92
N TYR D 464 -55.73 48.19 -9.94
CA TYR D 464 -56.97 47.41 -9.78
C TYR D 464 -56.80 46.32 -8.74
N LYS D 465 -57.83 46.15 -7.92
CA LYS D 465 -57.73 45.24 -6.77
C LYS D 465 -58.35 43.89 -7.06
N ASP D 466 -59.45 43.88 -7.84
CA ASP D 466 -60.17 42.65 -8.15
C ASP D 466 -59.36 41.64 -8.98
N ARG D 467 -59.06 41.99 -10.24
CA ARG D 467 -58.34 41.08 -11.14
C ARG D 467 -56.86 40.94 -10.76
N ASP D 468 -56.37 39.70 -10.77
CA ASP D 468 -54.96 39.41 -10.52
C ASP D 468 -54.09 39.93 -11.66
N GLY D 469 -52.89 40.38 -11.33
CA GLY D 469 -51.95 40.89 -12.33
C GLY D 469 -51.09 39.79 -12.91
N VAL D 470 -50.61 39.98 -14.13
CA VAL D 470 -49.78 38.99 -14.80
C VAL D 470 -48.43 38.81 -14.09
N VAL D 471 -47.69 39.90 -13.91
CA VAL D 471 -46.42 39.87 -13.19
C VAL D 471 -46.58 39.35 -11.75
N PRO D 472 -47.61 39.83 -11.00
CA PRO D 472 -47.91 39.26 -9.69
C PRO D 472 -48.17 37.76 -9.71
N THR D 473 -48.98 37.28 -10.66
CA THR D 473 -49.31 35.85 -10.74
C THR D 473 -48.07 34.99 -11.01
N GLU D 474 -47.16 35.48 -11.85
CA GLU D 474 -45.93 34.75 -12.17
C GLU D 474 -44.98 34.62 -10.98
N ILE D 475 -44.86 35.68 -10.19
CA ILE D 475 -43.99 35.62 -9.01
C ILE D 475 -44.60 34.79 -7.87
N THR D 476 -45.93 34.77 -7.77
CA THR D 476 -46.63 33.86 -6.86
C THR D 476 -46.34 32.41 -7.26
N LYS D 477 -46.39 32.15 -8.56
CA LYS D 477 -46.19 30.83 -9.15
C LYS D 477 -44.80 30.29 -8.77
N VAL D 478 -43.78 31.12 -8.98
CA VAL D 478 -42.39 30.76 -8.70
C VAL D 478 -42.16 30.54 -7.21
N PHE D 479 -42.84 31.34 -6.38
CA PHE D 479 -42.84 31.15 -4.93
C PHE D 479 -43.47 29.81 -4.51
N ASN D 480 -44.62 29.48 -5.11
CA ASN D 480 -45.30 28.23 -4.82
C ASN D 480 -44.48 27.01 -5.23
N GLN D 481 -43.78 27.12 -6.35
CA GLN D 481 -42.90 26.05 -6.83
C GLN D 481 -41.66 25.93 -5.95
N ARG D 482 -41.19 27.07 -5.45
CA ARG D 482 -40.06 27.14 -4.52
C ARG D 482 -40.32 26.30 -3.27
N LYS D 483 -41.54 26.38 -2.75
CA LYS D 483 -41.95 25.60 -1.58
C LYS D 483 -42.12 24.11 -1.88
N GLU D 484 -42.55 23.79 -3.11
CA GLU D 484 -42.75 22.41 -3.55
C GLU D 484 -41.46 21.60 -3.52
N HIS D 485 -40.41 22.15 -4.13
CA HIS D 485 -39.14 21.45 -4.24
C HIS D 485 -38.36 21.46 -2.96
N LYS D 486 -38.67 22.41 -2.09
CA LYS D 486 -38.25 22.36 -0.69
C LYS D 486 -38.98 21.23 0.03
N GLY D 487 -40.27 21.08 -0.28
CA GLY D 487 -41.11 20.00 0.27
C GLY D 487 -40.68 18.63 -0.21
N TYR D 488 -40.10 18.58 -1.42
CA TYR D 488 -39.51 17.35 -1.94
C TYR D 488 -38.20 17.05 -1.24
N MET D 489 -37.40 18.09 -1.00
CA MET D 489 -36.12 17.96 -0.30
C MET D 489 -36.24 17.41 1.11
N LEU D 490 -37.24 17.88 1.85
CA LEU D 490 -37.49 17.43 3.22
C LEU D 490 -37.96 15.98 3.27
N ALA D 491 -38.70 15.56 2.24
CA ALA D 491 -39.16 14.19 2.11
C ALA D 491 -38.05 13.26 1.63
N ALA D 492 -37.16 13.80 0.78
CA ALA D 492 -35.99 13.06 0.29
C ALA D 492 -34.92 12.95 1.37
N GLN D 493 -34.90 13.93 2.28
CA GLN D 493 -34.02 13.92 3.45
C GLN D 493 -34.51 12.88 4.46
N ARG D 494 -35.83 12.72 4.54
CA ARG D 494 -36.45 11.71 5.39
C ARG D 494 -36.55 10.36 4.68
N ASN D 495 -36.23 10.33 3.39
CA ASN D 495 -36.20 9.10 2.62
C ASN D 495 -34.98 8.25 2.97
N GLY D 496 -33.88 8.92 3.32
CA GLY D 496 -32.66 8.25 3.77
C GLY D 496 -32.76 7.73 5.19
N GLU D 497 -33.73 8.24 5.95
CA GLU D 497 -33.96 7.85 7.34
C GLU D 497 -34.36 6.38 7.50
N ILE D 498 -35.18 5.88 6.56
CA ILE D 498 -35.62 4.49 6.61
C ILE D 498 -34.73 3.53 5.80
N ILE D 499 -33.99 4.09 4.84
CA ILE D 499 -33.09 3.30 4.00
C ILE D 499 -31.75 3.01 4.71
N LYS D 500 -31.33 3.92 5.59
CA LYS D 500 -30.11 3.72 6.37
C LYS D 500 -30.22 2.51 7.31
N GLU D 501 -31.45 2.18 7.70
CA GLU D 501 -31.74 0.98 8.49
C GLU D 501 -31.84 -0.24 7.58
N ALA D 502 -32.23 -0.01 6.32
CA ALA D 502 -32.39 -1.09 5.33
C ALA D 502 -31.05 -1.58 4.78
N LEU D 503 -30.08 -0.69 4.69
CA LEU D 503 -28.75 -1.03 4.17
C LEU D 503 -27.73 -1.35 5.26
N HIS D 504 -28.09 -1.10 6.51
CA HIS D 504 -27.21 -1.37 7.66
C HIS D 504 -27.07 -2.85 7.88
N ASN D 505 -28.19 -3.57 7.78
CA ASN D 505 -28.20 -5.03 7.88
C ASN D 505 -28.86 -5.68 6.66
N PRO D 506 -28.06 -6.31 5.79
CA PRO D 506 -28.55 -6.92 4.56
C PRO D 506 -29.10 -8.33 4.76
N ASN D 507 -29.89 -8.80 3.78
CA ASN D 507 -30.46 -10.14 3.80
C ASN D 507 -30.20 -10.92 2.51
N LEU D 508 -30.18 -12.24 2.62
CA LEU D 508 -29.95 -13.13 1.47
C LEU D 508 -31.24 -13.53 0.74
N SER D 509 -32.25 -12.66 0.84
CA SER D 509 -33.56 -12.91 0.24
C SER D 509 -33.61 -12.48 -1.24
N VAL D 510 -34.82 -12.22 -1.73
CA VAL D 510 -35.05 -11.82 -3.13
C VAL D 510 -34.39 -10.49 -3.48
N ASP D 511 -33.94 -10.37 -4.73
CA ASP D 511 -33.21 -9.20 -5.20
C ASP D 511 -34.06 -8.35 -6.14
N GLU D 512 -34.64 -7.27 -5.60
CA GLU D 512 -35.50 -6.37 -6.38
C GLU D 512 -35.57 -4.97 -5.76
N PRO D 513 -35.32 -3.92 -6.59
CA PRO D 513 -35.46 -2.55 -6.11
C PRO D 513 -36.85 -1.98 -6.38
N LEU D 514 -37.60 -1.72 -5.30
CA LEU D 514 -38.96 -1.19 -5.39
C LEU D 514 -38.95 0.25 -5.86
N ASP D 515 -39.60 0.51 -7.00
CA ASP D 515 -39.61 1.83 -7.63
C ASP D 515 -40.99 2.50 -7.60
N VAL D 516 -41.05 3.63 -6.91
CA VAL D 516 -42.26 4.45 -6.83
C VAL D 516 -41.90 5.92 -7.07
N ASP D 517 -42.77 6.83 -6.61
CA ASP D 517 -42.47 8.26 -6.66
C ASP D 517 -41.47 8.60 -5.55
N TYR D 518 -40.23 8.86 -5.95
CA TYR D 518 -39.13 9.10 -5.00
C TYR D 518 -39.17 10.49 -4.36
N ARG D 519 -39.99 11.38 -4.91
CA ARG D 519 -40.16 12.73 -4.39
C ARG D 519 -40.91 12.74 -3.05
N PHE D 520 -42.03 12.03 -3.00
CA PHE D 520 -42.85 11.95 -1.80
C PHE D 520 -42.43 10.82 -0.86
N ASP D 521 -42.46 11.10 0.44
CA ASP D 521 -42.07 10.14 1.47
C ASP D 521 -43.10 9.04 1.65
N PHE D 522 -42.63 7.85 2.04
CA PHE D 522 -43.48 6.68 2.26
C PHE D 522 -44.26 6.83 3.56
N SER D 523 -45.40 6.14 3.65
CA SER D 523 -46.27 6.21 4.82
C SER D 523 -46.00 5.09 5.84
N ASP D 524 -46.71 3.97 5.69
CA ASP D 524 -46.61 2.86 6.64
C ASP D 524 -46.52 1.49 5.96
N GLU D 525 -47.07 1.37 4.76
CA GLU D 525 -47.17 0.07 4.07
C GLU D 525 -45.89 -0.36 3.34
N ILE D 526 -45.12 0.61 2.85
CA ILE D 526 -43.92 0.34 2.06
C ILE D 526 -42.69 0.17 2.97
N LYS D 527 -42.64 0.93 4.07
CA LYS D 527 -41.53 0.93 5.01
C LYS D 527 -41.21 -0.47 5.57
N GLU D 528 -42.24 -1.26 5.82
CA GLU D 528 -42.09 -2.61 6.35
C GLU D 528 -41.55 -3.61 5.31
N LYS D 529 -41.77 -3.32 4.03
CA LYS D 529 -41.32 -4.20 2.95
C LYS D 529 -40.30 -3.56 2.01
N ILE D 530 -39.33 -2.86 2.62
CA ILE D 530 -38.14 -2.37 1.90
C ILE D 530 -36.89 -2.70 2.72
N LYS D 531 -37.08 -2.97 4.01
CA LYS D 531 -36.00 -3.28 4.93
C LYS D 531 -35.42 -4.69 4.73
N LYS D 532 -36.28 -5.63 4.36
CA LYS D 532 -35.87 -7.02 4.16
C LYS D 532 -35.51 -7.33 2.70
N LEU D 533 -34.49 -6.65 2.21
CA LEU D 533 -33.97 -6.89 0.86
C LEU D 533 -32.44 -6.89 0.86
N SER D 534 -31.85 -7.32 -0.26
CA SER D 534 -30.40 -7.41 -0.39
C SER D 534 -29.75 -6.04 -0.58
N ALA D 535 -28.53 -5.90 -0.05
CA ALA D 535 -27.77 -4.66 -0.16
C ALA D 535 -27.27 -4.40 -1.58
N LYS D 536 -27.18 -5.46 -2.38
CA LYS D 536 -26.78 -5.37 -3.78
C LYS D 536 -27.81 -4.64 -4.64
N SER D 537 -29.05 -4.57 -4.14
CA SER D 537 -30.16 -3.95 -4.85
C SER D 537 -30.64 -2.65 -4.21
N LEU D 538 -30.56 -2.58 -2.88
CA LEU D 538 -31.04 -1.42 -2.12
C LEU D 538 -30.14 -0.20 -2.24
N ASN D 539 -28.89 -0.41 -2.64
CA ASN D 539 -27.94 0.70 -2.83
C ASN D 539 -28.31 1.64 -3.96
N GLU D 540 -28.98 1.11 -4.98
CA GLU D 540 -29.43 1.93 -6.11
C GLU D 540 -30.71 2.69 -5.79
N MET D 541 -31.46 2.21 -4.79
CA MET D 541 -32.64 2.90 -4.29
C MET D 541 -32.25 4.17 -3.52
N LEU D 542 -31.21 4.06 -2.69
CA LEU D 542 -30.66 5.21 -1.97
C LEU D 542 -29.91 6.14 -2.92
N PHE D 543 -29.35 5.59 -3.98
CA PHE D 543 -28.71 6.37 -5.04
C PHE D 543 -29.75 7.19 -5.80
N ARG D 544 -30.97 6.67 -5.86
CA ARG D 544 -32.11 7.41 -6.44
C ARG D 544 -32.81 8.30 -5.42
N ALA D 545 -32.67 7.97 -4.14
CA ALA D 545 -33.21 8.79 -3.05
C ALA D 545 -32.33 10.02 -2.79
N GLN D 546 -31.02 9.85 -3.03
CA GLN D 546 -30.06 10.94 -2.91
C GLN D 546 -30.01 11.77 -4.19
N ARG D 547 -30.54 11.20 -5.28
CA ARG D 547 -30.70 11.90 -6.55
C ARG D 547 -31.80 12.97 -6.45
N THR D 548 -32.88 12.63 -5.72
CA THR D 548 -34.00 13.53 -5.51
C THR D 548 -33.63 14.68 -4.56
N GLU D 549 -32.69 14.40 -3.66
CA GLU D 549 -32.13 15.42 -2.76
C GLU D 549 -31.37 16.48 -3.55
N VAL D 550 -30.67 16.07 -4.59
CA VAL D 550 -29.91 16.97 -5.46
C VAL D 550 -30.82 17.65 -6.49
N ALA D 551 -31.83 16.92 -6.96
CA ALA D 551 -32.79 17.44 -7.93
C ALA D 551 -33.70 18.51 -7.31
N GLY D 552 -33.90 18.43 -6.00
CA GLY D 552 -34.69 19.41 -5.26
C GLY D 552 -33.92 20.70 -4.99
N MET D 553 -32.66 20.54 -4.57
CA MET D 553 -31.75 21.65 -4.31
C MET D 553 -31.59 22.52 -5.57
N THR D 554 -31.32 21.87 -6.70
CA THR D 554 -31.15 22.55 -7.98
C THR D 554 -32.42 23.30 -8.39
N ALA D 555 -33.57 22.67 -8.17
CA ALA D 555 -34.87 23.29 -8.47
C ALA D 555 -35.21 24.41 -7.47
N GLN D 556 -34.78 24.24 -6.22
CA GLN D 556 -34.98 25.25 -5.18
C GLN D 556 -34.15 26.50 -5.47
N ILE D 557 -32.86 26.30 -5.74
CA ILE D 557 -31.94 27.40 -6.03
C ILE D 557 -32.39 28.22 -7.23
N ASN D 558 -32.83 27.53 -8.29
CA ASN D 558 -33.24 28.20 -9.52
C ASN D 558 -34.46 29.12 -9.38
N ARG D 559 -35.30 28.87 -8.38
CA ARG D 559 -36.45 29.74 -8.14
C ARG D 559 -36.03 30.99 -7.38
N LYS D 560 -35.20 30.83 -6.36
CA LYS D 560 -34.66 31.96 -5.60
C LYS D 560 -33.96 32.94 -6.54
N LEU D 561 -33.07 32.41 -7.38
CA LEU D 561 -32.36 33.19 -8.39
C LEU D 561 -33.32 33.92 -9.32
N LEU D 562 -34.40 33.24 -9.68
CA LEU D 562 -35.43 33.78 -10.55
C LEU D 562 -36.22 34.87 -9.84
N ILE D 563 -36.60 34.60 -8.60
CA ILE D 563 -37.30 35.58 -7.75
C ILE D 563 -36.48 36.88 -7.65
N ASN D 564 -35.17 36.74 -7.50
CA ASN D 564 -34.28 37.86 -7.23
C ASN D 564 -33.87 38.64 -8.48
N SER D 565 -34.25 38.16 -9.66
CA SER D 565 -33.86 38.83 -10.89
C SER D 565 -35.02 39.56 -11.57
N LEU D 566 -36.24 39.38 -11.05
CA LEU D 566 -37.44 39.97 -11.65
C LEU D 566 -37.39 41.50 -11.61
N TYR D 567 -37.12 42.06 -10.44
CA TYR D 567 -37.06 43.52 -10.29
C TYR D 567 -36.10 44.16 -11.28
N GLY D 568 -34.91 43.58 -11.41
CA GLY D 568 -33.89 44.06 -12.36
C GLY D 568 -34.37 44.14 -13.79
N ALA D 569 -35.21 43.18 -14.19
CA ALA D 569 -35.86 43.22 -15.50
C ALA D 569 -36.90 44.33 -15.56
N LEU D 570 -37.74 44.42 -14.53
CA LEU D 570 -38.79 45.44 -14.46
C LEU D 570 -38.26 46.88 -14.42
N GLY D 571 -37.00 47.05 -14.03
CA GLY D 571 -36.36 48.35 -14.08
C GLY D 571 -35.62 48.61 -15.38
N ASN D 572 -35.73 47.67 -16.33
CA ASN D 572 -34.98 47.74 -17.58
C ASN D 572 -35.85 48.07 -18.79
N VAL D 573 -35.44 49.07 -19.57
CA VAL D 573 -36.23 49.58 -20.69
C VAL D 573 -36.44 48.59 -21.85
N TRP D 574 -35.78 47.44 -21.78
CA TRP D 574 -35.84 46.45 -22.86
C TRP D 574 -36.76 45.32 -22.54
N PHE D 575 -37.13 45.19 -21.27
CA PHE D 575 -38.10 44.19 -20.82
C PHE D 575 -39.49 44.58 -21.30
N ARG D 576 -40.20 43.65 -21.95
CA ARG D 576 -41.47 43.99 -22.58
C ARG D 576 -42.60 44.33 -21.60
N TYR D 577 -42.32 44.18 -20.30
CA TYR D 577 -43.29 44.53 -19.24
C TYR D 577 -42.81 45.71 -18.39
N TYR D 578 -41.74 46.36 -18.83
CA TYR D 578 -41.20 47.54 -18.16
C TYR D 578 -42.17 48.70 -18.24
N ASP D 579 -42.33 49.38 -17.11
CA ASP D 579 -43.04 50.64 -17.04
C ASP D 579 -42.40 51.49 -15.93
N LEU D 580 -41.99 52.69 -16.31
CA LEU D 580 -41.35 53.64 -15.39
C LEU D 580 -42.19 53.87 -14.13
N ARG D 581 -43.49 54.02 -14.34
CA ARG D 581 -44.44 54.26 -13.25
C ARG D 581 -44.45 53.07 -12.28
N ASN D 582 -44.42 51.85 -12.84
CA ASN D 582 -44.43 50.63 -12.04
C ASN D 582 -43.13 50.41 -11.27
N ALA D 583 -42.01 50.69 -11.92
CA ALA D 583 -40.69 50.57 -11.27
C ALA D 583 -40.61 51.49 -10.06
N THR D 584 -41.06 52.73 -10.22
CA THR D 584 -41.09 53.72 -9.15
C THR D 584 -42.03 53.30 -8.00
N ALA D 585 -43.18 52.73 -8.35
CA ALA D 585 -44.16 52.32 -7.36
C ALA D 585 -43.57 51.27 -6.42
N ILE D 586 -42.82 50.33 -6.99
CA ILE D 586 -42.16 49.27 -6.23
C ILE D 586 -41.16 49.90 -5.26
N THR D 587 -40.40 50.84 -5.78
CA THR D 587 -39.28 51.44 -5.06
C THR D 587 -39.74 52.38 -3.94
N THR D 588 -40.82 53.14 -4.20
CA THR D 588 -41.32 54.12 -3.23
C THR D 588 -42.08 53.43 -2.10
N PHE D 589 -42.92 52.46 -2.44
CA PHE D 589 -43.61 51.67 -1.44
C PHE D 589 -42.63 51.12 -0.41
N GLY D 590 -41.52 50.57 -0.91
CA GLY D 590 -40.45 50.02 -0.06
C GLY D 590 -39.76 51.06 0.80
N GLN D 591 -39.71 52.30 0.31
CA GLN D 591 -39.16 53.41 1.09
C GLN D 591 -40.06 53.72 2.28
N MET D 592 -41.36 53.80 2.01
CA MET D 592 -42.35 54.05 3.04
C MET D 592 -42.50 52.84 3.98
N ALA D 593 -42.47 51.64 3.41
CA ALA D 593 -42.59 50.41 4.18
C ALA D 593 -41.52 50.33 5.28
N LEU D 594 -40.28 50.62 4.91
CA LEU D 594 -39.17 50.58 5.84
C LEU D 594 -39.30 51.65 6.92
N GLN D 595 -39.62 52.86 6.50
CA GLN D 595 -39.70 54.01 7.41
C GLN D 595 -40.97 54.05 8.25
N TRP D 596 -42.05 53.46 7.73
CA TRP D 596 -43.31 53.32 8.45
C TRP D 596 -43.13 52.47 9.67
N ILE D 597 -42.49 51.31 9.48
CA ILE D 597 -42.23 50.41 10.60
C ILE D 597 -41.12 50.92 11.53
N GLU D 598 -40.22 51.75 10.99
CA GLU D 598 -39.20 52.42 11.80
C GLU D 598 -39.89 53.31 12.83
N ARG D 599 -40.92 54.02 12.40
CA ARG D 599 -41.73 54.87 13.27
C ARG D 599 -42.48 54.02 14.29
N LYS D 600 -43.08 52.92 13.82
CA LYS D 600 -43.91 52.06 14.65
C LYS D 600 -43.11 51.32 15.72
N VAL D 601 -41.94 50.83 15.34
CA VAL D 601 -41.03 50.15 16.27
C VAL D 601 -40.57 51.12 17.37
N ASN D 602 -40.23 52.35 16.98
CA ASN D 602 -39.90 53.42 17.93
C ASN D 602 -41.03 53.69 18.92
N GLU D 603 -42.25 53.77 18.41
CA GLU D 603 -43.44 54.04 19.23
C GLU D 603 -43.73 52.93 20.23
N TYR D 604 -43.48 51.69 19.83
CA TYR D 604 -43.72 50.53 20.70
C TYR D 604 -42.67 50.42 21.81
N LEU D 605 -41.40 50.46 21.42
CA LEU D 605 -40.29 50.31 22.36
C LEU D 605 -40.22 51.46 23.37
N ASN D 606 -40.66 52.64 22.97
CA ASN D 606 -40.77 53.78 23.87
C ASN D 606 -41.91 53.60 24.87
N GLU D 607 -42.99 52.98 24.42
CA GLU D 607 -44.17 52.76 25.26
C GLU D 607 -43.92 51.71 26.35
N VAL D 608 -43.15 50.67 26.01
CA VAL D 608 -42.87 49.58 26.95
C VAL D 608 -41.70 49.88 27.91
N CYS D 609 -40.82 50.79 27.51
CA CYS D 609 -39.70 51.19 28.36
C CYS D 609 -40.01 52.42 29.24
N GLY D 610 -41.19 52.98 29.05
CA GLY D 610 -41.64 54.15 29.82
C GLY D 610 -40.95 55.44 29.45
N THR D 611 -40.26 55.43 28.31
CA THR D 611 -39.55 56.60 27.80
C THR D 611 -40.40 57.34 26.75
N GLU D 612 -39.92 58.49 26.29
CA GLU D 612 -40.61 59.27 25.27
C GLU D 612 -39.65 59.76 24.17
N GLY D 613 -39.86 59.26 22.95
CA GLY D 613 -39.12 59.71 21.77
C GLY D 613 -37.63 59.40 21.74
N GLU D 614 -37.25 58.20 22.19
CA GLU D 614 -35.87 57.72 22.09
C GLU D 614 -35.62 57.06 20.73
N ALA D 615 -34.42 57.25 20.20
CA ALA D 615 -34.03 56.67 18.92
C ALA D 615 -33.70 55.19 19.08
N PHE D 616 -34.73 54.35 19.07
CA PHE D 616 -34.58 52.92 19.25
C PHE D 616 -34.04 52.21 18.00
N VAL D 617 -34.46 52.69 16.83
CA VAL D 617 -33.92 52.16 15.57
C VAL D 617 -32.75 53.02 15.12
N LEU D 618 -31.57 52.39 15.08
CA LEU D 618 -30.32 53.11 14.84
C LEU D 618 -29.94 53.22 13.36
N TYR D 619 -30.27 52.20 12.57
CA TYR D 619 -29.91 52.15 11.16
C TYR D 619 -30.88 51.33 10.35
N GLY D 620 -31.15 51.78 9.13
CA GLY D 620 -32.03 51.06 8.21
C GLY D 620 -31.54 51.11 6.78
N ASP D 621 -31.68 50.00 6.07
CA ASP D 621 -31.30 49.95 4.66
C ASP D 621 -32.18 49.05 3.82
N THR D 622 -32.98 49.67 2.96
CA THR D 622 -33.81 49.00 1.97
C THR D 622 -34.93 48.16 2.59
N ASP D 623 -34.55 47.04 3.19
CA ASP D 623 -35.51 46.05 3.70
C ASP D 623 -35.23 45.62 5.14
N SER D 624 -34.31 46.31 5.80
CA SER D 624 -33.85 45.92 7.13
C SER D 624 -33.75 47.07 8.10
N ILE D 625 -34.19 46.83 9.34
CA ILE D 625 -34.00 47.78 10.43
C ILE D 625 -33.04 47.23 11.47
N TYR D 626 -32.39 48.11 12.21
CA TYR D 626 -31.47 47.73 13.27
C TYR D 626 -31.84 48.45 14.55
N VAL D 627 -32.05 47.67 15.60
CA VAL D 627 -32.58 48.20 16.86
C VAL D 627 -31.56 48.07 17.98
N SER D 628 -31.29 49.19 18.65
CA SER D 628 -30.44 49.20 19.84
C SER D 628 -31.21 48.59 21.00
N ALA D 629 -30.68 47.50 21.55
CA ALA D 629 -31.32 46.77 22.64
C ALA D 629 -30.73 47.11 24.00
N ASP D 630 -30.08 48.27 24.11
CA ASP D 630 -29.48 48.72 25.36
C ASP D 630 -30.52 48.85 26.48
N LYS D 631 -31.55 49.65 26.22
CA LYS D 631 -32.63 49.88 27.18
C LYS D 631 -33.43 48.62 27.51
N ILE D 632 -33.47 47.68 26.57
CA ILE D 632 -34.16 46.40 26.77
C ILE D 632 -33.40 45.53 27.78
N ILE D 633 -32.10 45.33 27.53
CA ILE D 633 -31.23 44.58 28.46
C ILE D 633 -31.25 45.24 29.84
N ASP D 634 -31.04 46.55 29.87
CA ASP D 634 -30.97 47.34 31.11
C ASP D 634 -32.23 47.25 31.98
N LYS D 635 -33.37 46.94 31.36
CA LYS D 635 -34.64 46.83 32.06
C LYS D 635 -34.59 45.77 33.15
N VAL D 636 -33.80 44.72 32.93
CA VAL D 636 -33.54 43.72 33.97
C VAL D 636 -32.11 43.81 34.51
N GLY D 637 -31.24 44.47 33.76
CA GLY D 637 -29.84 44.65 34.15
C GLY D 637 -28.92 43.54 33.67
N GLU D 638 -27.73 43.92 33.22
CA GLU D 638 -26.73 42.97 32.74
C GLU D 638 -26.36 41.92 33.80
N SER D 639 -26.14 42.40 35.03
CA SER D 639 -25.67 41.58 36.14
C SER D 639 -26.64 40.48 36.60
N LYS D 640 -27.83 40.43 36.01
CA LYS D 640 -28.82 39.41 36.35
C LYS D 640 -28.85 38.25 35.35
N PHE D 641 -27.83 38.19 34.50
CA PHE D 641 -27.62 37.08 33.57
C PHE D 641 -26.38 36.29 33.96
N ARG D 642 -26.44 34.97 33.83
CA ARG D 642 -25.33 34.10 34.21
C ARG D 642 -24.22 34.01 33.15
N ASP D 643 -24.63 33.90 31.88
CA ASP D 643 -23.70 33.83 30.76
C ASP D 643 -24.22 34.56 29.53
N THR D 644 -23.46 34.51 28.44
CA THR D 644 -23.85 35.14 27.18
C THR D 644 -25.12 34.49 26.60
N ASN D 645 -25.14 33.16 26.58
CA ASN D 645 -26.23 32.39 26.00
C ASN D 645 -27.60 32.70 26.61
N HIS D 646 -27.59 33.28 27.81
CA HIS D 646 -28.84 33.60 28.52
C HIS D 646 -29.51 34.87 28.07
N TRP D 647 -28.74 35.93 27.82
CA TRP D 647 -29.35 37.18 27.34
C TRP D 647 -29.72 37.13 25.89
N VAL D 648 -29.00 36.31 25.11
CA VAL D 648 -29.37 36.05 23.73
C VAL D 648 -30.73 35.36 23.71
N ASP D 649 -30.90 34.36 24.59
CA ASP D 649 -32.18 33.70 24.79
C ASP D 649 -33.28 34.68 25.21
N PHE D 650 -32.93 35.63 26.06
CA PHE D 650 -33.86 36.67 26.51
C PHE D 650 -34.35 37.57 25.39
N LEU D 651 -33.41 38.08 24.58
CA LEU D 651 -33.75 38.96 23.47
C LEU D 651 -34.53 38.23 22.38
N ASP D 652 -34.19 36.97 22.15
CA ASP D 652 -34.88 36.12 21.19
C ASP D 652 -36.34 35.98 21.56
N LYS D 653 -36.59 35.70 22.83
CA LYS D 653 -37.93 35.56 23.39
C LYS D 653 -38.70 36.87 23.24
N PHE D 654 -38.03 37.99 23.53
CA PHE D 654 -38.63 39.32 23.44
C PHE D 654 -39.04 39.67 22.01
N ALA D 655 -38.21 39.26 21.04
CA ALA D 655 -38.52 39.47 19.64
C ALA D 655 -39.81 38.73 19.27
N ARG D 656 -39.81 37.41 19.45
CA ARG D 656 -40.94 36.55 19.10
C ARG D 656 -42.24 36.94 19.78
N GLU D 657 -42.19 37.14 21.09
CA GLU D 657 -43.38 37.32 21.91
C GLU D 657 -43.92 38.76 21.91
N ARG D 658 -43.03 39.74 21.82
CA ARG D 658 -43.42 41.14 21.96
C ARG D 658 -43.32 41.95 20.66
N MET D 659 -42.18 41.85 19.98
CA MET D 659 -41.90 42.69 18.82
C MET D 659 -42.55 42.22 17.53
N GLU D 660 -42.45 40.93 17.23
CA GLU D 660 -43.04 40.35 16.00
C GLU D 660 -44.52 40.69 15.85
N PRO D 661 -45.34 40.49 16.94
CA PRO D 661 -46.75 40.86 16.87
C PRO D 661 -46.99 42.36 16.73
N ALA D 662 -46.07 43.17 17.26
CA ALA D 662 -46.13 44.62 17.15
C ALA D 662 -45.76 45.09 15.74
N ILE D 663 -44.92 44.33 15.07
CA ILE D 663 -44.51 44.64 13.69
C ILE D 663 -45.55 44.13 12.68
N ASP D 664 -46.17 43.00 12.99
CA ASP D 664 -47.22 42.44 12.14
C ASP D 664 -48.46 43.34 12.14
N ARG D 665 -48.89 43.77 13.33
CA ARG D 665 -50.00 44.70 13.48
C ARG D 665 -49.71 46.02 12.77
N GLY D 666 -48.45 46.46 12.86
CA GLY D 666 -47.98 47.68 12.20
C GLY D 666 -48.14 47.64 10.70
N PHE D 667 -47.73 46.52 10.10
CA PHE D 667 -47.84 46.34 8.64
C PHE D 667 -49.26 46.03 8.18
N ARG D 668 -50.05 45.42 9.06
CA ARG D 668 -51.48 45.22 8.83
C ARG D 668 -52.20 46.56 8.68
N GLU D 669 -51.85 47.51 9.53
CA GLU D 669 -52.47 48.83 9.51
C GLU D 669 -52.14 49.60 8.23
N MET D 670 -50.90 49.48 7.78
CA MET D 670 -50.44 50.13 6.55
C MET D 670 -51.09 49.53 5.30
N CYS D 671 -51.34 48.23 5.34
CA CYS D 671 -52.02 47.54 4.24
C CYS D 671 -53.46 48.07 4.06
N GLU D 672 -54.12 48.38 5.18
CA GLU D 672 -55.43 49.02 5.19
C GLU D 672 -55.32 50.45 4.67
N TYR D 673 -54.26 51.14 5.11
CA TYR D 673 -54.04 52.55 4.80
C TYR D 673 -53.77 52.78 3.32
N MET D 674 -53.07 51.84 2.69
CA MET D 674 -52.77 51.93 1.27
C MET D 674 -53.74 51.11 0.42
N ASN D 675 -54.75 50.54 1.08
CA ASN D 675 -55.82 49.75 0.42
C ASN D 675 -55.31 48.60 -0.45
N ASN D 676 -54.25 47.94 0.00
CA ASN D 676 -53.61 46.91 -0.81
C ASN D 676 -54.41 45.61 -0.92
N LYS D 677 -54.13 44.85 -1.97
CA LYS D 677 -54.83 43.61 -2.27
C LYS D 677 -54.56 42.51 -1.25
N GLN D 678 -53.30 42.42 -0.80
CA GLN D 678 -52.88 41.35 0.10
C GLN D 678 -51.76 41.81 1.03
N HIS D 679 -51.82 41.40 2.29
CA HIS D 679 -50.77 41.71 3.26
C HIS D 679 -49.64 40.73 3.15
N LEU D 680 -48.49 41.20 2.68
CA LEU D 680 -47.33 40.33 2.48
C LEU D 680 -46.00 40.87 3.03
N MET D 681 -46.05 42.04 3.68
CA MET D 681 -44.89 42.60 4.35
C MET D 681 -44.58 41.83 5.63
N PHE D 682 -43.71 40.84 5.52
CA PHE D 682 -43.33 39.99 6.65
C PHE D 682 -41.91 40.27 7.13
N MET D 683 -41.80 40.80 8.34
CA MET D 683 -40.50 41.09 8.95
C MET D 683 -40.24 40.09 10.07
N ASP D 684 -39.05 39.49 10.04
CA ASP D 684 -38.66 38.53 11.08
C ASP D 684 -37.26 38.79 11.61
N ARG D 685 -37.04 38.36 12.85
CA ARG D 685 -35.78 38.59 13.55
C ARG D 685 -34.61 37.92 12.81
N GLU D 686 -33.56 38.69 12.60
CA GLU D 686 -32.37 38.19 11.92
C GLU D 686 -31.22 38.03 12.91
N ALA D 687 -30.51 39.12 13.19
CA ALA D 687 -29.32 39.04 14.04
C ALA D 687 -29.60 39.42 15.50
N ILE D 688 -28.95 38.70 16.41
CA ILE D 688 -28.79 39.17 17.79
C ILE D 688 -27.29 39.33 18.01
N ALA D 689 -26.88 40.57 18.28
CA ALA D 689 -25.47 40.88 18.45
C ALA D 689 -25.19 41.60 19.78
N GLY D 690 -23.99 41.39 20.31
CA GLY D 690 -23.54 42.05 21.52
C GLY D 690 -22.14 41.60 21.90
N PRO D 691 -21.62 42.13 23.02
CA PRO D 691 -20.33 41.66 23.51
C PRO D 691 -20.50 40.47 24.45
N PRO D 692 -19.48 39.59 24.53
CA PRO D 692 -19.55 38.48 25.47
C PRO D 692 -19.69 39.01 26.90
N LEU D 693 -20.65 38.48 27.64
CA LEU D 693 -20.92 38.94 29.01
C LEU D 693 -19.66 38.88 29.88
N GLY D 694 -19.40 39.97 30.59
CA GLY D 694 -18.26 40.06 31.51
C GLY D 694 -16.95 40.53 30.87
N SER D 695 -17.01 40.92 29.61
CA SER D 695 -15.81 41.39 28.90
C SER D 695 -15.82 42.91 28.73
N LYS D 696 -14.81 43.42 28.04
CA LYS D 696 -14.69 44.85 27.78
C LYS D 696 -14.96 45.18 26.32
N GLY D 697 -15.53 44.20 25.60
CA GLY D 697 -15.89 44.36 24.19
C GLY D 697 -17.04 45.32 23.97
N ILE D 698 -17.10 45.89 22.76
CA ILE D 698 -18.09 46.91 22.42
C ILE D 698 -19.32 46.36 21.68
N GLY D 699 -19.21 45.15 21.13
CA GLY D 699 -20.34 44.52 20.45
C GLY D 699 -20.46 44.88 18.99
N GLY D 700 -20.63 46.16 18.70
CA GLY D 700 -20.74 46.64 17.32
C GLY D 700 -20.53 48.13 17.16
N PHE D 701 -20.26 48.57 15.92
CA PHE D 701 -20.10 49.99 15.62
C PHE D 701 -20.55 50.35 14.20
N TRP D 702 -20.93 51.61 14.01
CA TRP D 702 -21.21 52.18 12.70
C TRP D 702 -20.26 53.32 12.40
N THR D 703 -19.87 53.46 11.14
CA THR D 703 -19.02 54.58 10.71
C THR D 703 -19.72 55.43 9.66
N GLY D 704 -21.01 55.17 9.47
CA GLY D 704 -21.79 55.81 8.41
C GLY D 704 -22.61 54.79 7.63
N LYS D 705 -23.34 55.26 6.63
CA LYS D 705 -24.19 54.40 5.81
C LYS D 705 -23.40 53.26 5.16
N LYS D 706 -23.99 52.07 5.18
CA LYS D 706 -23.41 50.87 4.55
C LYS D 706 -22.02 50.47 5.07
N ARG D 707 -21.71 50.85 6.31
CA ARG D 707 -20.41 50.58 6.91
C ARG D 707 -20.51 50.25 8.40
N TYR D 708 -20.49 48.96 8.73
CA TYR D 708 -20.66 48.52 10.12
C TYR D 708 -20.18 47.09 10.38
N ALA D 709 -19.91 46.82 11.65
CA ALA D 709 -19.53 45.49 12.10
C ALA D 709 -20.38 45.08 13.30
N LEU D 710 -20.69 43.80 13.40
CA LEU D 710 -21.48 43.27 14.51
C LEU D 710 -20.93 41.93 14.98
N ASN D 711 -21.04 41.67 16.28
CA ASN D 711 -20.66 40.39 16.85
C ASN D 711 -21.90 39.54 17.06
N VAL D 712 -22.20 38.69 16.08
CA VAL D 712 -23.46 37.94 16.04
C VAL D 712 -23.38 36.61 16.81
N TRP D 713 -24.44 36.34 17.58
CA TRP D 713 -24.58 35.09 18.33
C TRP D 713 -25.64 34.21 17.74
N ASP D 714 -26.68 34.83 17.16
CA ASP D 714 -27.82 34.11 16.63
C ASP D 714 -28.36 34.74 15.35
N MET D 715 -28.68 33.88 14.38
CA MET D 715 -29.21 34.31 13.09
C MET D 715 -30.42 33.46 12.71
N GLU D 716 -31.59 34.11 12.66
CA GLU D 716 -32.86 33.46 12.28
C GLU D 716 -33.30 32.30 13.19
N GLY D 717 -32.80 32.29 14.43
CA GLY D 717 -33.09 31.21 15.36
C GLY D 717 -31.98 30.16 15.44
N THR D 718 -30.93 30.36 14.64
CA THR D 718 -29.77 29.47 14.69
C THR D 718 -28.72 30.00 15.67
N ARG D 719 -28.49 29.23 16.73
CA ARG D 719 -27.50 29.59 17.73
C ARG D 719 -26.13 29.13 17.27
N TYR D 720 -25.26 30.09 16.97
CA TYR D 720 -23.90 29.81 16.52
C TYR D 720 -23.08 29.13 17.60
N ALA D 721 -22.30 28.13 17.21
CA ALA D 721 -21.40 27.43 18.14
C ALA D 721 -20.42 28.41 18.80
N GLU D 722 -19.79 29.25 17.97
CA GLU D 722 -18.95 30.34 18.43
C GLU D 722 -19.40 31.63 17.75
N PRO D 723 -19.21 32.79 18.43
CA PRO D 723 -19.64 34.09 17.88
C PRO D 723 -19.06 34.37 16.49
N LYS D 724 -19.85 35.02 15.64
CA LYS D 724 -19.47 35.26 14.26
C LYS D 724 -19.53 36.75 13.94
N LEU D 725 -18.52 37.26 13.25
CA LEU D 725 -18.48 38.67 12.86
C LEU D 725 -19.31 38.93 11.61
N LYS D 726 -20.22 39.88 11.69
CA LYS D 726 -20.94 40.37 10.52
C LYS D 726 -20.41 41.77 10.19
N ILE D 727 -19.53 41.82 9.20
CA ILE D 727 -18.89 43.08 8.80
C ILE D 727 -19.37 43.48 7.40
N MET D 728 -19.95 44.67 7.30
CA MET D 728 -20.42 45.19 6.02
C MET D 728 -19.67 46.46 5.63
N GLY D 729 -19.26 46.53 4.37
CA GLY D 729 -18.68 47.75 3.80
C GLY D 729 -17.22 48.01 4.14
N LEU D 730 -16.85 47.78 5.40
CA LEU D 730 -15.49 48.05 5.86
C LEU D 730 -14.43 47.30 5.03
N GLU D 731 -13.22 47.84 5.04
CA GLU D 731 -12.13 47.38 4.17
C GLU D 731 -11.85 45.88 4.19
N THR D 732 -12.25 45.20 5.27
CA THR D 732 -12.06 43.75 5.40
C THR D 732 -12.84 42.99 4.34
N GLN D 733 -13.81 43.67 3.72
CA GLN D 733 -14.71 43.05 2.75
C GLN D 733 -14.40 43.42 1.30
N LYS D 734 -13.46 44.35 1.11
CA LYS D 734 -13.10 44.82 -0.22
C LYS D 734 -11.97 44.03 -0.84
N SER D 735 -12.13 43.67 -2.11
CA SER D 735 -11.11 42.95 -2.87
C SER D 735 -9.92 43.86 -3.22
N SER D 736 -10.12 45.16 -3.05
CA SER D 736 -9.07 46.13 -3.24
C SER D 736 -8.10 46.17 -2.06
N THR D 737 -8.53 45.62 -0.93
CA THR D 737 -7.73 45.60 0.30
C THR D 737 -6.78 44.39 0.29
N PRO D 738 -5.48 44.62 0.58
CA PRO D 738 -4.47 43.56 0.62
C PRO D 738 -4.86 42.39 1.51
N LYS D 739 -4.49 41.18 1.10
CA LYS D 739 -4.84 39.95 1.81
C LYS D 739 -4.43 39.95 3.29
N ALA D 740 -3.15 40.22 3.56
CA ALA D 740 -2.62 40.23 4.92
C ALA D 740 -3.26 41.33 5.78
N VAL D 741 -3.66 42.42 5.12
CA VAL D 741 -4.31 43.55 5.80
C VAL D 741 -5.77 43.24 6.16
N GLN D 742 -6.50 42.59 5.25
CA GLN D 742 -7.88 42.14 5.50
C GLN D 742 -7.96 41.32 6.79
N LYS D 743 -6.97 40.44 6.97
CA LYS D 743 -6.89 39.59 8.15
C LYS D 743 -6.60 40.39 9.42
N ALA D 744 -5.67 41.34 9.33
CA ALA D 744 -5.31 42.18 10.46
C ALA D 744 -6.45 43.10 10.90
N LEU D 745 -7.13 43.70 9.91
CA LEU D 745 -8.27 44.57 10.19
C LEU D 745 -9.45 43.80 10.74
N LYS D 746 -9.57 42.53 10.34
CA LYS D 746 -10.59 41.65 10.89
C LYS D 746 -10.27 41.30 12.34
N GLU D 747 -8.99 41.07 12.64
CA GLU D 747 -8.54 40.79 14.00
C GLU D 747 -8.68 41.99 14.94
N CYS D 748 -8.49 43.19 14.40
CA CYS D 748 -8.68 44.42 15.15
C CYS D 748 -10.13 44.61 15.53
N ILE D 749 -11.02 44.36 14.56
CA ILE D 749 -12.46 44.44 14.77
C ILE D 749 -12.89 43.38 15.78
N ARG D 750 -12.34 42.18 15.63
CA ARG D 750 -12.65 41.04 16.51
C ARG D 750 -12.35 41.39 17.96
N ARG D 751 -11.17 41.97 18.20
CA ARG D 751 -10.74 42.35 19.54
C ARG D 751 -11.55 43.52 20.09
N MET D 752 -11.89 44.46 19.22
CA MET D 752 -12.78 45.57 19.58
C MET D 752 -14.11 45.06 20.12
N LEU D 753 -14.80 44.26 19.31
CA LEU D 753 -16.16 43.80 19.61
C LEU D 753 -16.22 42.77 20.72
N GLN D 754 -15.18 41.94 20.84
CA GLN D 754 -15.19 40.83 21.80
C GLN D 754 -14.37 41.08 23.06
N GLU D 755 -13.18 41.65 22.89
CA GLU D 755 -12.22 41.76 23.99
C GLU D 755 -12.11 43.15 24.62
N GLY D 756 -12.02 44.18 23.79
CA GLY D 756 -11.97 45.56 24.27
C GLY D 756 -10.83 46.41 23.75
N GLU D 757 -10.61 47.55 24.41
CA GLU D 757 -9.60 48.53 24.01
C GLU D 757 -8.17 48.04 24.23
N GLU D 758 -7.88 47.53 25.42
CA GLU D 758 -6.52 47.09 25.78
C GLU D 758 -6.04 45.91 24.92
N SER D 759 -6.99 45.12 24.43
CA SER D 759 -6.70 44.03 23.51
C SER D 759 -6.34 44.58 22.12
N LEU D 760 -7.09 45.60 21.69
CA LEU D 760 -6.82 46.28 20.42
C LEU D 760 -5.43 46.90 20.42
N GLN D 761 -5.09 47.58 21.51
CA GLN D 761 -3.80 48.23 21.66
C GLN D 761 -2.64 47.25 21.54
N GLU D 762 -2.85 46.03 22.03
CA GLU D 762 -1.85 44.96 21.99
C GLU D 762 -1.57 44.48 20.58
N TYR D 763 -2.62 44.05 19.87
CA TYR D 763 -2.49 43.50 18.53
C TYR D 763 -1.97 44.52 17.53
N PHE D 764 -2.34 45.77 17.72
CA PHE D 764 -1.86 46.86 16.87
C PHE D 764 -0.33 46.91 16.88
N LYS D 765 0.25 46.88 18.08
CA LYS D 765 1.70 46.86 18.25
C LYS D 765 2.32 45.58 17.65
N GLU D 766 1.58 44.49 17.70
CA GLU D 766 2.04 43.20 17.20
C GLU D 766 2.17 43.21 15.67
N PHE D 767 1.14 43.70 15.00
CA PHE D 767 1.12 43.75 13.54
C PHE D 767 2.11 44.76 12.97
N GLU D 768 2.41 45.80 13.75
CA GLU D 768 3.42 46.80 13.38
C GLU D 768 4.80 46.16 13.22
N LYS D 769 5.11 45.21 14.10
CA LYS D 769 6.41 44.56 14.15
C LYS D 769 6.60 43.54 13.02
N GLU D 770 5.58 42.72 12.79
CA GLU D 770 5.68 41.62 11.83
C GLU D 770 5.30 42.02 10.40
N PHE D 771 4.81 43.24 10.23
CA PHE D 771 4.36 43.73 8.92
C PHE D 771 5.50 43.80 7.91
N ARG D 772 6.63 44.37 8.33
CA ARG D 772 7.76 44.63 7.43
C ARG D 772 8.42 43.35 6.90
N GLN D 773 7.97 42.20 7.39
CA GLN D 773 8.50 40.89 6.98
C GLN D 773 7.52 40.09 6.13
N LEU D 774 6.28 40.57 6.02
CA LEU D 774 5.22 39.85 5.30
C LEU D 774 5.46 39.76 3.80
N ASN D 775 4.92 38.70 3.19
CA ASN D 775 5.01 38.46 1.75
C ASN D 775 4.48 39.65 0.95
N TYR D 776 5.24 40.06 -0.07
CA TYR D 776 4.91 41.26 -0.84
C TYR D 776 3.54 41.21 -1.52
N ILE D 777 3.22 40.06 -2.11
CA ILE D 777 1.92 39.83 -2.74
C ILE D 777 0.78 39.98 -1.74
N SER D 778 0.98 39.48 -0.51
CA SER D 778 -0.04 39.51 0.52
C SER D 778 -0.31 40.92 1.06
N ILE D 779 0.63 41.84 0.87
CA ILE D 779 0.47 43.22 1.35
C ILE D 779 0.28 44.26 0.23
N ALA D 780 0.16 43.80 -1.00
CA ALA D 780 -0.14 44.67 -2.14
C ALA D 780 -1.65 44.89 -2.28
N SER D 781 -2.04 46.11 -2.65
CA SER D 781 -3.44 46.42 -2.93
C SER D 781 -3.83 45.99 -4.34
N VAL D 782 -5.09 45.57 -4.51
CA VAL D 782 -5.60 45.15 -5.81
C VAL D 782 -6.58 46.18 -6.38
N SER D 783 -6.57 46.35 -7.69
CA SER D 783 -7.46 47.28 -8.38
C SER D 783 -7.61 46.86 -9.84
N SER D 784 -8.77 47.15 -10.42
CA SER D 784 -9.00 46.87 -11.84
C SER D 784 -8.53 48.02 -12.71
N ALA D 785 -7.93 47.69 -13.86
CA ALA D 785 -7.31 48.67 -14.73
C ALA D 785 -8.18 48.97 -15.95
N ASN D 786 -8.90 50.09 -15.90
CA ASN D 786 -9.76 50.49 -17.01
C ASN D 786 -9.31 51.81 -17.63
N ASN D 787 -9.30 51.84 -18.96
CA ASN D 787 -8.86 53.00 -19.73
C ASN D 787 -7.42 53.45 -19.41
N ILE D 788 -6.48 52.51 -19.51
CA ILE D 788 -5.07 52.83 -19.30
C ILE D 788 -4.61 53.88 -20.30
N ALA D 789 -4.98 53.69 -21.57
CA ALA D 789 -4.61 54.59 -22.67
C ALA D 789 -5.12 56.02 -22.50
N LYS D 790 -6.25 56.16 -21.81
CA LYS D 790 -6.87 57.45 -21.50
C LYS D 790 -5.93 58.36 -20.71
N TYR D 791 -5.05 57.76 -19.92
CA TYR D 791 -4.13 58.50 -19.07
C TYR D 791 -2.66 58.30 -19.45
N ASP D 792 -2.42 57.90 -20.70
CA ASP D 792 -1.08 57.59 -21.19
C ASP D 792 -0.54 58.67 -22.14
N VAL D 793 0.51 59.36 -21.69
CA VAL D 793 1.21 60.34 -22.53
C VAL D 793 2.68 59.97 -22.62
N GLY D 794 3.04 59.23 -23.68
CA GLY D 794 4.42 58.80 -23.91
C GLY D 794 4.99 57.96 -22.78
N GLY D 795 4.16 57.08 -22.21
CA GLY D 795 4.55 56.23 -21.09
C GLY D 795 4.42 56.91 -19.73
N PHE D 796 4.09 58.20 -19.74
CA PHE D 796 3.96 58.98 -18.50
C PHE D 796 2.50 59.37 -18.23
N PRO D 797 2.16 59.57 -16.94
CA PRO D 797 0.79 59.94 -16.54
C PRO D 797 0.37 61.32 -17.03
N GLY D 798 -0.93 61.48 -17.27
CA GLY D 798 -1.50 62.77 -17.66
C GLY D 798 -2.42 63.35 -16.59
N PRO D 799 -3.22 64.36 -16.96
CA PRO D 799 -4.15 65.01 -16.03
C PRO D 799 -5.08 64.02 -15.34
N LYS D 800 -5.22 64.18 -14.03
CA LYS D 800 -6.13 63.38 -13.19
C LYS D 800 -5.92 61.86 -13.30
N CYS D 801 -4.66 61.45 -13.48
CA CYS D 801 -4.33 60.02 -13.60
C CYS D 801 -4.52 59.29 -12.28
N PRO D 802 -5.33 58.21 -12.29
CA PRO D 802 -5.58 57.39 -11.11
C PRO D 802 -4.31 56.71 -10.61
N PHE D 803 -4.25 56.45 -9.31
CA PHE D 803 -3.06 55.92 -8.66
C PHE D 803 -2.61 54.57 -9.24
N HIS D 804 -3.56 53.65 -9.38
CA HIS D 804 -3.28 52.31 -9.90
C HIS D 804 -2.85 52.34 -11.35
N ILE D 805 -3.40 53.29 -12.11
CA ILE D 805 -3.02 53.49 -13.52
C ILE D 805 -1.60 54.02 -13.62
N ARG D 806 -1.25 54.92 -12.70
CA ARG D 806 0.10 55.47 -12.60
C ARG D 806 1.14 54.37 -12.37
N GLY D 807 0.77 53.37 -11.59
CA GLY D 807 1.65 52.22 -11.31
C GLY D 807 1.90 51.36 -12.54
N ILE D 808 0.87 51.22 -13.38
CA ILE D 808 0.95 50.43 -14.61
C ILE D 808 1.92 51.05 -15.61
N LEU D 809 1.78 52.36 -15.81
CA LEU D 809 2.64 53.10 -16.73
C LEU D 809 4.11 53.01 -16.33
N THR D 810 4.35 53.02 -15.02
CA THR D 810 5.69 52.87 -14.46
C THR D 810 6.25 51.48 -14.78
N TYR D 811 5.39 50.48 -14.71
CA TYR D 811 5.73 49.09 -15.04
C TYR D 811 6.11 48.92 -16.52
N ASN D 812 5.36 49.59 -17.40
CA ASN D 812 5.59 49.52 -18.84
C ASN D 812 6.90 50.15 -19.28
N ARG D 813 7.36 51.15 -18.53
CA ARG D 813 8.66 51.78 -18.78
C ARG D 813 9.82 50.91 -18.32
N ALA D 814 9.56 50.07 -17.32
CA ALA D 814 10.58 49.18 -16.76
C ALA D 814 10.79 47.92 -17.62
N ILE D 815 9.77 47.56 -18.39
CA ILE D 815 9.82 46.36 -19.25
C ILE D 815 9.88 46.70 -20.74
N LYS D 816 10.09 47.98 -21.04
CA LYS D 816 10.06 48.53 -22.41
C LYS D 816 10.78 47.66 -23.45
N GLY D 817 12.03 47.32 -23.17
CA GLY D 817 12.86 46.54 -24.10
C GLY D 817 12.51 45.06 -24.18
N ASN D 818 11.83 44.54 -23.16
CA ASN D 818 11.51 43.13 -23.08
C ASN D 818 10.11 42.79 -23.61
N ILE D 819 10.07 42.11 -24.76
CA ILE D 819 8.81 41.74 -25.41
C ILE D 819 8.17 40.48 -24.78
N ASP D 820 8.99 39.71 -24.07
CA ASP D 820 8.58 38.44 -23.47
C ASP D 820 7.89 38.62 -22.12
N ALA D 821 8.12 39.77 -21.48
CA ALA D 821 7.58 40.07 -20.14
C ALA D 821 6.05 40.12 -20.12
N PRO D 822 5.43 39.70 -19.00
CA PRO D 822 3.96 39.66 -18.90
C PRO D 822 3.32 41.04 -18.97
N GLN D 823 2.57 41.28 -20.04
CA GLN D 823 1.92 42.57 -20.27
C GLN D 823 0.65 42.70 -19.42
N VAL D 824 0.21 43.94 -19.20
CA VAL D 824 -1.01 44.21 -18.45
C VAL D 824 -2.20 44.26 -19.42
N VAL D 825 -3.28 43.58 -19.05
CA VAL D 825 -4.46 43.48 -19.90
C VAL D 825 -5.53 44.49 -19.48
N GLU D 826 -5.95 45.32 -20.42
CA GLU D 826 -7.03 46.30 -20.25
C GLU D 826 -8.29 45.63 -19.71
N GLY D 827 -8.88 46.23 -18.68
CA GLY D 827 -10.11 45.71 -18.08
C GLY D 827 -9.90 44.67 -16.99
N GLU D 828 -8.68 44.12 -16.93
CA GLU D 828 -8.31 43.14 -15.92
C GLU D 828 -7.57 43.79 -14.76
N LYS D 829 -7.39 43.06 -13.66
CA LYS D 829 -6.90 43.63 -12.41
C LYS D 829 -5.38 43.59 -12.25
N VAL D 830 -4.87 44.38 -11.30
CA VAL D 830 -3.43 44.48 -11.00
C VAL D 830 -3.15 44.65 -9.51
N TYR D 831 -2.02 44.11 -9.05
CA TYR D 831 -1.47 44.47 -7.75
C TYR D 831 -0.82 45.86 -7.86
N VAL D 832 -0.78 46.58 -6.73
CA VAL D 832 -0.17 47.92 -6.66
C VAL D 832 0.65 48.05 -5.39
N LEU D 833 1.82 48.69 -5.49
CA LEU D 833 2.71 48.95 -4.36
C LEU D 833 3.28 50.36 -4.42
N PRO D 834 3.41 51.04 -3.26
CA PRO D 834 4.09 52.33 -3.23
C PRO D 834 5.61 52.16 -3.29
N LEU D 835 6.28 53.09 -3.95
CA LEU D 835 7.73 53.09 -4.01
C LEU D 835 8.27 54.31 -3.26
N ARG D 836 9.41 54.14 -2.61
CA ARG D 836 10.06 55.23 -1.88
C ARG D 836 10.68 56.23 -2.85
N GLU D 837 10.95 57.43 -2.34
CA GLU D 837 11.62 58.49 -3.10
C GLU D 837 12.99 58.03 -3.59
N GLY D 838 13.29 58.32 -4.85
CA GLY D 838 14.62 58.05 -5.42
C GLY D 838 14.75 56.73 -6.14
N ASN D 839 13.64 56.01 -6.29
CA ASN D 839 13.61 54.71 -6.96
C ASN D 839 13.91 54.84 -8.46
N PRO D 840 14.56 53.82 -9.05
CA PRO D 840 14.93 53.84 -10.47
C PRO D 840 13.73 53.84 -11.44
N PHE D 841 12.57 53.43 -10.93
CA PHE D 841 11.36 53.34 -11.75
C PHE D 841 10.74 54.70 -12.07
N GLY D 842 10.97 55.67 -11.19
CA GLY D 842 10.51 57.04 -11.40
C GLY D 842 9.37 57.47 -10.49
N ASP D 843 8.18 56.95 -10.75
CA ASP D 843 6.97 57.38 -10.04
C ASP D 843 6.87 56.84 -8.61
N LYS D 844 5.78 57.23 -7.94
CA LYS D 844 5.57 56.92 -6.53
C LYS D 844 5.01 55.51 -6.29
N CYS D 845 4.71 54.80 -7.38
CA CYS D 845 4.15 53.44 -7.28
C CYS D 845 4.36 52.59 -8.54
N ILE D 846 4.35 51.27 -8.34
CA ILE D 846 4.38 50.31 -9.45
C ILE D 846 3.15 49.38 -9.40
N ALA D 847 2.79 48.81 -10.55
CA ALA D 847 1.70 47.84 -10.64
C ALA D 847 1.99 46.73 -11.64
N TRP D 848 1.56 45.51 -11.31
CA TRP D 848 1.76 44.35 -12.19
C TRP D 848 0.55 43.44 -12.11
N PRO D 849 0.32 42.60 -13.15
CA PRO D 849 -0.88 41.75 -13.24
C PRO D 849 -1.20 40.99 -11.95
N SER D 850 -2.47 41.05 -11.54
CA SER D 850 -2.93 40.42 -10.30
C SER D 850 -2.91 38.89 -10.37
N GLY D 851 -2.77 38.27 -9.20
CA GLY D 851 -2.72 36.81 -9.08
C GLY D 851 -1.42 36.17 -9.53
N THR D 852 -0.43 37.00 -9.84
CA THR D 852 0.86 36.52 -10.34
C THR D 852 2.05 37.15 -9.62
N GLU D 853 3.19 36.45 -9.64
CA GLU D 853 4.46 36.98 -9.15
C GLU D 853 4.97 38.03 -10.15
N ILE D 854 5.70 39.02 -9.65
CA ILE D 854 6.28 40.06 -10.51
C ILE D 854 7.55 39.52 -11.20
N THR D 855 7.73 39.88 -12.47
CA THR D 855 8.84 39.38 -13.28
C THR D 855 10.22 39.63 -12.63
N ASP D 856 11.07 38.62 -12.68
CA ASP D 856 12.41 38.68 -12.05
C ASP D 856 13.33 39.72 -12.68
N LEU D 857 12.89 40.31 -13.79
CA LEU D 857 13.59 41.42 -14.43
C LEU D 857 13.60 42.66 -13.53
N ILE D 858 12.55 42.82 -12.73
CA ILE D 858 12.41 43.97 -11.85
C ILE D 858 12.01 43.60 -10.42
N LYS D 859 11.76 42.31 -10.18
CA LYS D 859 11.35 41.79 -8.87
C LYS D 859 12.26 42.27 -7.72
N ASP D 860 13.56 42.10 -7.89
CA ASP D 860 14.54 42.45 -6.86
C ASP D 860 14.61 43.94 -6.58
N ASP D 861 14.40 44.75 -7.62
CA ASP D 861 14.41 46.21 -7.48
C ASP D 861 13.15 46.75 -6.82
N VAL D 862 12.02 46.07 -7.04
CA VAL D 862 10.74 46.47 -6.45
C VAL D 862 10.72 46.21 -4.94
N LEU D 863 11.09 44.99 -4.53
CA LEU D 863 11.15 44.59 -3.13
C LEU D 863 12.10 45.46 -2.30
N HIS D 864 13.18 45.91 -2.94
CA HIS D 864 14.20 46.73 -2.31
C HIS D 864 13.73 48.15 -2.11
N TRP D 865 12.82 48.60 -2.98
CA TRP D 865 12.42 50.01 -3.02
C TRP D 865 10.99 50.28 -2.65
N MET D 866 10.29 49.29 -2.12
CA MET D 866 8.89 49.47 -1.72
C MET D 866 8.76 50.25 -0.43
N ASP D 867 7.67 51.01 -0.31
CA ASP D 867 7.45 51.91 0.82
C ASP D 867 6.53 51.28 1.87
N TYR D 868 7.13 50.55 2.81
CA TYR D 868 6.37 49.90 3.88
C TYR D 868 5.62 50.91 4.74
N THR D 869 6.28 52.03 5.05
CA THR D 869 5.70 53.08 5.88
C THR D 869 4.38 53.60 5.29
N VAL D 870 4.43 54.05 4.03
CA VAL D 870 3.26 54.57 3.34
C VAL D 870 2.18 53.48 3.21
N LEU D 871 2.61 52.28 2.82
CA LEU D 871 1.69 51.15 2.63
C LEU D 871 0.89 50.82 3.89
N LEU D 872 1.56 50.87 5.04
CA LEU D 872 0.92 50.58 6.33
C LEU D 872 -0.07 51.68 6.75
N GLU D 873 0.31 52.94 6.50
CA GLU D 873 -0.54 54.09 6.77
C GLU D 873 -1.80 54.04 5.90
N LYS D 874 -1.61 53.79 4.62
CA LYS D 874 -2.68 53.81 3.62
C LYS D 874 -3.69 52.68 3.79
N THR D 875 -3.20 51.45 3.92
CA THR D 875 -4.04 50.27 3.87
C THR D 875 -4.57 49.82 5.23
N PHE D 876 -3.83 50.12 6.29
CA PHE D 876 -4.13 49.59 7.62
C PHE D 876 -4.47 50.66 8.66
N ILE D 877 -3.57 51.63 8.84
CA ILE D 877 -3.74 52.69 9.85
C ILE D 877 -5.00 53.55 9.61
N LYS D 878 -5.14 54.08 8.40
CA LYS D 878 -6.23 55.01 8.06
C LYS D 878 -7.65 54.42 8.20
N PRO D 879 -7.85 53.16 7.73
CA PRO D 879 -9.17 52.55 7.98
C PRO D 879 -9.41 52.19 9.46
N LEU D 880 -8.34 51.82 10.16
CA LEU D 880 -8.40 51.53 11.59
C LEU D 880 -8.82 52.78 12.36
N GLU D 881 -8.22 53.92 12.00
CA GLU D 881 -8.56 55.20 12.61
C GLU D 881 -10.01 55.60 12.34
N GLY D 882 -10.55 55.08 11.23
CA GLY D 882 -11.97 55.23 10.91
C GLY D 882 -12.84 54.42 11.85
N PHE D 883 -12.43 53.17 12.10
CA PHE D 883 -13.16 52.30 13.03
C PHE D 883 -13.12 52.84 14.45
N THR D 884 -11.91 53.19 14.91
CA THR D 884 -11.66 53.56 16.30
C THR D 884 -12.34 54.86 16.72
N SER D 885 -12.26 55.88 15.88
CA SER D 885 -12.89 57.17 16.17
C SER D 885 -14.41 57.04 16.20
N ALA D 886 -14.93 56.15 15.35
CA ALA D 886 -16.35 55.86 15.30
C ALA D 886 -16.81 55.12 16.55
N ALA D 887 -16.01 54.14 16.98
CA ALA D 887 -16.32 53.34 18.16
C ALA D 887 -15.84 53.98 19.46
N LYS D 888 -15.23 55.16 19.36
CA LYS D 888 -14.68 55.89 20.49
C LYS D 888 -13.65 55.07 21.28
N LEU D 889 -12.66 54.56 20.55
CA LEU D 889 -11.57 53.77 21.11
C LEU D 889 -10.22 54.27 20.58
N ASP D 890 -9.15 53.93 21.28
CA ASP D 890 -7.79 54.29 20.87
C ASP D 890 -6.99 53.06 20.49
N TYR D 891 -6.49 53.04 19.26
CA TYR D 891 -5.68 51.93 18.77
C TYR D 891 -4.25 51.98 19.31
N GLU D 892 -3.74 53.19 19.53
CA GLU D 892 -2.43 53.37 20.14
C GLU D 892 -2.55 53.26 21.65
N LYS D 893 -2.09 54.27 22.38
CA LYS D 893 -2.15 54.22 23.85
C LYS D 893 -2.47 55.56 24.49
N LYS D 894 -1.48 56.46 24.54
CA LYS D 894 -1.65 57.74 25.23
C LYS D 894 -2.13 58.85 24.30
N ALA D 895 -3.19 58.56 23.55
CA ALA D 895 -3.90 59.58 22.79
C ALA D 895 -4.88 60.26 23.73
N SER D 896 -4.59 61.51 24.07
CA SER D 896 -5.37 62.27 25.06
C SER D 896 -6.82 62.48 24.62
N LEU D 897 -7.71 62.57 25.61
CA LEU D 897 -9.14 62.76 25.38
C LEU D 897 -9.45 63.98 24.52
N PHE D 898 -8.55 64.96 24.56
CA PHE D 898 -8.67 66.21 23.80
C PHE D 898 -8.50 66.02 22.30
N ASP D 899 -7.76 64.99 21.91
CA ASP D 899 -7.53 64.67 20.50
C ASP D 899 -8.78 64.08 19.83
N MET D 900 -9.78 63.76 20.65
CA MET D 900 -11.07 63.25 20.18
C MET D 900 -11.94 64.40 19.70
N PHE D 901 -11.67 65.60 20.21
CA PHE D 901 -12.31 66.83 19.75
C PHE D 901 -11.57 67.40 18.54
N ASP D 902 -12.33 67.98 17.62
CA ASP D 902 -11.74 68.66 16.46
C ASP D 902 -11.41 70.10 16.84
N PHE D 903 -10.29 70.29 17.51
CA PHE D 903 -9.88 71.59 18.06
C PHE D 903 -9.29 72.55 17.01
N HIS D 904 -8.44 73.45 17.48
CA HIS D 904 -7.85 74.50 16.65
C HIS D 904 -6.78 73.99 15.73
P C37 E 3 -30.10 47.59 -15.75
O1P C37 E 3 -28.63 47.51 -15.54
O2P C37 E 3 -30.63 48.45 -16.83
O5' C37 E 3 -30.73 48.13 -14.39
C5' C37 E 3 -32.15 48.37 -14.28
C4' C37 E 3 -32.50 48.67 -12.85
O4' C37 E 3 -32.22 47.52 -12.01
C3' C37 E 3 -31.70 49.80 -12.22
O3' C37 E 3 -32.25 51.07 -12.55
C2' C37 E 3 -31.85 49.50 -10.74
C1' C37 E 3 -31.91 47.98 -10.69
N1 C37 E 3 -30.65 47.34 -10.27
C2 C37 E 3 -30.41 47.19 -8.89
O2 C37 E 3 -31.28 47.57 -8.09
N3 C37 E 3 -29.25 46.62 -8.48
C4 C37 E 3 -28.36 46.22 -9.39
N4 C37 E 3 -27.22 45.66 -8.94
C5 C37 E 3 -28.57 46.37 -10.80
C6 C37 E 3 -29.72 46.94 -11.18
F C37 E 3 -27.68 45.99 -11.69
N MET G 1 14.09 12.61 55.02
CA MET G 1 12.62 12.58 54.76
C MET G 1 12.12 13.92 54.19
N LYS G 2 11.59 13.86 52.97
CA LYS G 2 11.02 15.02 52.31
C LYS G 2 9.56 15.22 52.74
N GLU G 3 9.07 16.44 52.61
CA GLU G 3 7.68 16.76 52.95
C GLU G 3 6.73 16.10 51.95
N PHE G 4 5.59 15.63 52.45
CA PHE G 4 4.52 15.16 51.57
C PHE G 4 3.16 15.71 52.02
N TYR G 5 2.21 15.78 51.09
CA TYR G 5 0.89 16.31 51.37
C TYR G 5 -0.05 15.23 51.90
N LEU G 6 -1.12 15.66 52.55
CA LEU G 6 -2.16 14.74 53.03
C LEU G 6 -3.46 14.99 52.28
N THR G 7 -4.00 16.20 52.43
CA THR G 7 -5.20 16.60 51.71
C THR G 7 -5.07 18.01 51.15
N VAL G 8 -5.73 18.27 50.02
CA VAL G 8 -5.76 19.59 49.40
C VAL G 8 -7.17 19.93 48.94
N GLU G 9 -7.61 21.15 49.23
CA GLU G 9 -8.96 21.61 48.86
C GLU G 9 -8.89 23.04 48.37
N GLN G 10 -9.81 23.40 47.47
CA GLN G 10 -9.94 24.79 47.03
C GLN G 10 -11.24 25.40 47.54
N ILE G 11 -11.10 26.50 48.30
CA ILE G 11 -12.25 27.28 48.76
C ILE G 11 -12.08 28.73 48.33
N GLY G 12 -12.83 29.13 47.30
CA GLY G 12 -12.75 30.48 46.75
C GLY G 12 -11.38 30.77 46.17
N ASP G 13 -10.76 31.83 46.68
CA ASP G 13 -9.46 32.30 46.17
C ASP G 13 -8.27 31.75 46.94
N SER G 14 -8.53 30.78 47.80
CA SER G 14 -7.48 30.18 48.61
C SER G 14 -7.61 28.66 48.67
N ILE G 15 -6.48 27.96 48.55
CA ILE G 15 -6.46 26.52 48.75
C ILE G 15 -5.99 26.17 50.17
N PHE G 16 -6.59 25.12 50.73
CA PHE G 16 -6.29 24.67 52.09
C PHE G 16 -5.61 23.30 52.01
N GLU G 17 -4.38 23.22 52.51
CA GLU G 17 -3.59 22.00 52.42
C GLU G 17 -3.18 21.49 53.79
N ARG G 18 -3.45 20.21 54.04
CA ARG G 18 -2.89 19.51 55.19
C ARG G 18 -1.69 18.71 54.72
N TYR G 19 -0.58 18.80 55.46
CA TYR G 19 0.66 18.15 55.03
C TYR G 19 1.52 17.68 56.20
N ILE G 20 2.43 16.74 55.91
CA ILE G 20 3.45 16.32 56.86
C ILE G 20 4.73 17.08 56.55
N ASP G 21 5.19 17.88 57.52
CA ASP G 21 6.34 18.77 57.31
C ASP G 21 7.70 18.06 57.37
N SER G 22 8.77 18.85 57.31
CA SER G 22 10.14 18.35 57.35
C SER G 22 10.42 17.48 58.58
N ASN G 23 10.02 17.97 59.74
CA ASN G 23 10.27 17.29 61.01
C ASN G 23 9.43 16.03 61.21
N GLY G 24 8.22 16.05 60.67
CA GLY G 24 7.32 14.89 60.74
C GLY G 24 5.96 15.20 61.35
N ARG G 25 5.83 16.38 61.95
CA ARG G 25 4.58 16.80 62.57
C ARG G 25 3.57 17.21 61.50
N GLU G 26 2.30 16.86 61.72
CA GLU G 26 1.23 17.25 60.81
C GLU G 26 0.95 18.75 60.92
N ARG G 27 0.97 19.43 59.78
CA ARG G 27 0.67 20.86 59.70
C ARG G 27 -0.42 21.16 58.68
N THR G 28 -1.01 22.35 58.78
CA THR G 28 -2.00 22.81 57.82
C THR G 28 -1.79 24.30 57.51
N ARG G 29 -1.85 24.65 56.23
CA ARG G 29 -1.63 26.02 55.77
C ARG G 29 -2.67 26.48 54.77
N GLU G 30 -2.83 27.79 54.67
CA GLU G 30 -3.75 28.41 53.72
C GLU G 30 -2.98 29.30 52.75
N VAL G 31 -3.17 29.05 51.45
CA VAL G 31 -2.43 29.77 50.40
C VAL G 31 -3.38 30.39 49.37
N GLU G 32 -3.31 31.71 49.21
CA GLU G 32 -3.98 32.37 48.09
C GLU G 32 -3.16 32.11 46.82
N TYR G 33 -3.40 30.94 46.23
CA TYR G 33 -2.62 30.42 45.12
C TYR G 33 -2.75 31.29 43.85
N LYS G 34 -1.63 31.46 43.16
CA LYS G 34 -1.58 32.24 41.92
C LYS G 34 -1.38 31.32 40.72
N PRO G 35 -2.48 30.85 40.11
CA PRO G 35 -2.33 29.90 39.02
C PRO G 35 -1.88 30.55 37.71
N SER G 36 -1.24 29.76 36.86
CA SER G 36 -0.83 30.21 35.53
C SER G 36 -1.50 29.37 34.46
N LEU G 37 -2.07 30.04 33.47
CA LEU G 37 -2.62 29.36 32.30
C LEU G 37 -1.95 29.89 31.04
N PHE G 38 -2.27 29.29 29.90
CA PHE G 38 -1.55 29.55 28.67
C PHE G 38 -2.49 29.80 27.49
N ALA G 39 -2.02 30.61 26.54
CA ALA G 39 -2.74 30.88 25.31
C ALA G 39 -1.75 30.94 24.15
N HIS G 40 -2.23 30.65 22.94
CA HIS G 40 -1.38 30.70 21.74
C HIS G 40 -0.89 32.08 21.47
N CYS G 41 0.33 32.17 20.94
CA CYS G 41 0.94 33.45 20.62
C CYS G 41 1.60 33.39 19.23
N PRO G 42 1.92 34.56 18.64
CA PRO G 42 2.70 34.58 17.40
C PRO G 42 4.09 33.99 17.55
N GLU G 43 4.67 33.57 16.43
CA GLU G 43 6.03 33.00 16.38
C GLU G 43 7.09 33.95 16.93
N SER G 44 6.71 35.23 17.05
CA SER G 44 7.61 36.29 17.52
C SER G 44 7.82 36.29 19.03
N GLN G 45 6.75 36.04 19.79
CA GLN G 45 6.81 35.98 21.25
C GLN G 45 7.77 34.89 21.73
N ALA G 46 8.98 35.32 22.08
CA ALA G 46 10.01 34.41 22.56
C ALA G 46 9.68 33.89 23.96
N THR G 47 9.20 32.65 24.02
CA THR G 47 8.99 31.96 25.29
C THR G 47 9.62 30.58 25.24
N LYS G 48 9.59 29.87 26.36
CA LYS G 48 10.10 28.51 26.42
C LYS G 48 8.98 27.46 26.47
N TYR G 49 7.74 27.93 26.36
CA TYR G 49 6.56 27.07 26.46
C TYR G 49 5.93 26.75 25.10
N PHE G 50 5.60 25.48 24.90
CA PHE G 50 4.99 25.00 23.68
C PHE G 50 3.85 24.02 24.00
N ASP G 51 2.83 23.98 23.15
CA ASP G 51 1.79 22.96 23.29
C ASP G 51 2.29 21.63 22.75
N ILE G 52 1.44 20.61 22.78
CA ILE G 52 1.84 19.27 22.35
C ILE G 52 2.03 19.18 20.82
N TYR G 53 1.49 20.16 20.10
CA TYR G 53 1.56 20.19 18.64
C TYR G 53 2.76 20.99 18.12
N GLY G 54 3.50 21.61 19.04
CA GLY G 54 4.70 22.38 18.70
C GLY G 54 4.47 23.87 18.52
N LYS G 55 3.26 24.33 18.84
CA LYS G 55 2.92 25.74 18.73
C LYS G 55 3.30 26.52 20.01
N PRO G 56 3.88 27.73 19.85
CA PRO G 56 4.34 28.52 21.00
C PRO G 56 3.21 29.17 21.79
N CYS G 57 3.43 29.34 23.10
CA CYS G 57 2.43 29.89 24.01
C CYS G 57 3.03 30.94 24.95
N THR G 58 2.16 31.67 25.64
CA THR G 58 2.59 32.61 26.68
C THR G 58 2.01 32.21 28.03
N ARG G 59 2.86 32.23 29.06
CA ARG G 59 2.43 32.03 30.43
C ARG G 59 1.63 33.25 30.88
N LYS G 60 0.42 33.02 31.35
CA LYS G 60 -0.42 34.10 31.84
C LYS G 60 -0.70 33.88 33.33
N LEU G 61 -0.04 34.67 34.17
CA LEU G 61 -0.17 34.57 35.62
C LEU G 61 -1.37 35.38 36.11
N PHE G 62 -2.05 34.88 37.13
CA PHE G 62 -3.22 35.55 37.70
C PHE G 62 -3.01 35.93 39.16
N ALA G 63 -3.71 36.97 39.60
CA ALA G 63 -3.63 37.44 40.98
C ALA G 63 -4.30 36.48 41.96
N ASN G 64 -5.36 35.82 41.49
CA ASN G 64 -6.08 34.82 42.27
C ASN G 64 -6.75 33.79 41.37
N MET G 65 -7.32 32.74 41.96
CA MET G 65 -7.93 31.65 41.19
C MET G 65 -9.25 32.00 40.55
N ARG G 66 -10.05 32.85 41.19
CA ARG G 66 -11.31 33.32 40.62
C ARG G 66 -11.09 33.96 39.25
N ASP G 67 -10.10 34.85 39.18
CA ASP G 67 -9.77 35.57 37.94
C ASP G 67 -9.26 34.64 36.84
N ALA G 68 -8.55 33.58 37.23
CA ALA G 68 -8.12 32.56 36.28
C ALA G 68 -9.33 31.76 35.79
N SER G 69 -10.24 31.46 36.73
CA SER G 69 -11.47 30.74 36.43
C SER G 69 -12.36 31.53 35.47
N GLN G 70 -12.44 32.84 35.69
CA GLN G 70 -13.23 33.74 34.85
C GLN G 70 -12.63 33.90 33.47
N TRP G 71 -11.29 33.83 33.40
CA TRP G 71 -10.57 33.98 32.13
C TRP G 71 -10.90 32.87 31.18
N ILE G 72 -10.84 31.63 31.68
CA ILE G 72 -11.21 30.45 30.90
C ILE G 72 -12.65 30.58 30.38
N LYS G 73 -13.56 31.03 31.25
CA LYS G 73 -14.95 31.22 30.90
C LYS G 73 -15.10 32.20 29.73
N ARG G 74 -14.34 33.29 29.78
CA ARG G 74 -14.33 34.29 28.70
C ARG G 74 -13.68 33.75 27.42
N MET G 75 -12.62 32.98 27.60
CA MET G 75 -11.86 32.40 26.49
C MET G 75 -12.65 31.37 25.71
N GLU G 76 -13.38 30.52 26.42
CA GLU G 76 -14.20 29.49 25.81
C GLU G 76 -15.44 30.07 25.14
N ASP G 77 -15.85 31.25 25.62
CA ASP G 77 -17.03 31.95 25.12
C ASP G 77 -16.84 32.51 23.72
N ILE G 78 -15.59 32.81 23.37
CA ILE G 78 -15.25 33.30 22.03
C ILE G 78 -14.48 32.26 21.22
N GLY G 79 -14.41 31.04 21.75
CA GLY G 79 -13.80 29.92 21.04
C GLY G 79 -12.29 30.00 20.85
N LEU G 80 -11.60 30.60 21.81
CA LEU G 80 -10.13 30.57 21.83
C LEU G 80 -9.64 29.54 22.84
N GLU G 81 -8.59 28.82 22.48
CA GLU G 81 -8.08 27.74 23.32
C GLU G 81 -7.36 28.27 24.56
N ALA G 82 -7.82 27.81 25.73
CA ALA G 82 -7.21 28.15 27.01
C ALA G 82 -6.35 26.98 27.50
N LEU G 83 -5.09 26.98 27.09
CA LEU G 83 -4.17 25.89 27.40
C LEU G 83 -3.79 25.86 28.88
N GLY G 84 -3.46 24.67 29.36
CA GLY G 84 -2.97 24.49 30.73
C GLY G 84 -3.88 23.72 31.66
N MET G 85 -3.39 23.43 32.85
CA MET G 85 -4.13 22.71 33.87
C MET G 85 -5.16 23.62 34.55
N ASP G 86 -6.44 23.32 34.32
CA ASP G 86 -7.53 24.14 34.82
C ASP G 86 -8.03 23.68 36.18
N ASP G 87 -7.51 22.55 36.65
CA ASP G 87 -7.73 22.10 38.03
C ASP G 87 -6.58 22.64 38.87
N PHE G 88 -6.74 23.87 39.36
CA PHE G 88 -5.68 24.59 40.08
C PHE G 88 -5.15 23.81 41.28
N LYS G 89 -6.05 23.05 41.89
CA LYS G 89 -5.75 22.19 43.02
C LYS G 89 -4.64 21.20 42.66
N LEU G 90 -4.69 20.69 41.43
CA LEU G 90 -3.71 19.74 40.91
C LEU G 90 -2.41 20.45 40.50
N ALA G 91 -2.51 21.73 40.19
CA ALA G 91 -1.36 22.53 39.79
C ALA G 91 -0.53 22.99 40.99
N TYR G 92 -1.20 23.34 42.09
CA TYR G 92 -0.52 23.73 43.33
C TYR G 92 0.34 22.59 43.85
N LEU G 93 -0.23 21.39 43.80
CA LEU G 93 0.40 20.17 44.28
C LEU G 93 1.65 19.88 43.47
N SER G 94 1.53 20.05 42.15
CA SER G 94 2.63 19.82 41.21
C SER G 94 3.79 20.80 41.40
N ASP G 95 3.46 22.03 41.79
CA ASP G 95 4.46 23.08 42.02
C ASP G 95 5.20 22.90 43.34
N THR G 96 4.45 22.55 44.38
CA THR G 96 4.99 22.40 45.73
C THR G 96 5.88 21.17 45.84
N TYR G 97 5.48 20.10 45.15
CA TYR G 97 6.16 18.82 45.24
C TYR G 97 6.77 18.37 43.91
N ASN G 98 7.58 19.24 43.32
CA ASN G 98 8.24 18.94 42.04
C ASN G 98 9.38 17.92 42.19
N TYR G 99 9.04 16.73 42.68
CA TYR G 99 9.98 15.61 42.82
C TYR G 99 9.22 14.31 43.01
N GLU G 100 9.94 13.19 42.95
CA GLU G 100 9.37 11.88 43.25
C GLU G 100 9.06 11.79 44.73
N ILE G 101 7.76 11.79 45.07
CA ILE G 101 7.31 11.82 46.45
C ILE G 101 7.58 10.51 47.19
N LYS G 102 8.23 10.61 48.33
CA LYS G 102 8.31 9.51 49.28
C LYS G 102 7.35 9.81 50.43
N TYR G 103 6.49 8.84 50.74
CA TYR G 103 5.49 9.02 51.80
C TYR G 103 5.62 7.97 52.89
N ASP G 104 5.17 8.31 54.09
CA ASP G 104 5.31 7.45 55.26
C ASP G 104 3.93 7.17 55.88
N HIS G 105 3.41 5.98 55.62
CA HIS G 105 2.03 5.62 55.99
C HIS G 105 1.74 5.68 57.47
N THR G 106 2.78 5.66 58.28
CA THR G 106 2.64 5.73 59.74
C THR G 106 2.28 7.13 60.22
N LYS G 107 2.63 8.14 59.42
CA LYS G 107 2.32 9.54 59.74
C LYS G 107 0.92 9.93 59.28
N ILE G 108 0.36 9.17 58.34
CA ILE G 108 -0.99 9.41 57.83
C ILE G 108 -2.02 8.81 58.79
N ARG G 109 -2.95 9.64 59.25
CA ARG G 109 -3.99 9.20 60.18
C ARG G 109 -5.15 8.57 59.41
N VAL G 110 -5.05 7.26 59.20
CA VAL G 110 -6.12 6.51 58.54
C VAL G 110 -7.11 6.02 59.60
N ALA G 111 -8.31 6.60 59.59
CA ALA G 111 -9.34 6.22 60.56
C ALA G 111 -10.49 5.48 59.89
N ASN G 112 -10.91 4.38 60.50
CA ASN G 112 -12.15 3.70 60.10
C ASN G 112 -13.13 3.57 61.25
N PHE G 113 -14.40 3.84 60.99
CA PHE G 113 -15.41 3.89 62.05
C PHE G 113 -16.79 3.35 61.65
N ASP G 114 -17.58 2.95 62.65
CA ASP G 114 -18.97 2.56 62.44
C ASP G 114 -19.85 2.94 63.62
N ILE G 115 -21.08 3.36 63.31
CA ILE G 115 -22.05 3.78 64.32
C ILE G 115 -23.20 2.78 64.41
N GLU G 116 -24.03 2.95 65.45
CA GLU G 116 -25.26 2.18 65.59
C GLU G 116 -26.43 3.09 65.90
N VAL G 117 -27.58 2.81 65.27
CA VAL G 117 -28.78 3.61 65.43
C VAL G 117 -30.02 2.72 65.59
N THR G 118 -30.71 2.86 66.72
CA THR G 118 -31.94 2.11 66.98
C THR G 118 -33.12 2.84 66.32
N SER G 119 -33.89 2.09 65.53
CA SER G 119 -35.00 2.67 64.78
C SER G 119 -36.20 1.71 64.72
N PRO G 120 -37.33 2.11 65.34
CA PRO G 120 -38.55 1.29 65.32
C PRO G 120 -39.45 1.49 64.09
N ASP G 121 -39.02 2.34 63.15
CA ASP G 121 -39.77 2.57 61.91
C ASP G 121 -38.98 2.14 60.66
N GLY G 122 -38.29 1.01 60.77
CA GLY G 122 -37.51 0.47 59.66
C GLY G 122 -36.12 1.10 59.61
N PHE G 123 -35.61 1.27 58.39
CA PHE G 123 -34.28 1.84 58.21
C PHE G 123 -34.26 3.34 58.50
N PRO G 124 -33.31 3.79 59.35
CA PRO G 124 -33.17 5.21 59.65
C PRO G 124 -32.49 5.97 58.51
N GLU G 125 -33.22 6.88 57.88
CA GLU G 125 -32.68 7.68 56.78
C GLU G 125 -31.81 8.83 57.32
N PRO G 126 -30.60 8.99 56.74
CA PRO G 126 -29.69 10.06 57.18
C PRO G 126 -30.14 11.46 56.76
N SER G 127 -31.02 11.53 55.77
CA SER G 127 -31.59 12.81 55.32
C SER G 127 -32.57 13.40 56.35
N GLN G 128 -33.07 12.55 57.24
CA GLN G 128 -33.91 12.99 58.37
C GLN G 128 -33.13 12.96 59.69
N ALA G 129 -32.49 11.82 59.97
CA ALA G 129 -31.73 11.58 61.21
C ALA G 129 -32.53 11.88 62.48
N LYS G 130 -33.75 11.35 62.53
CA LYS G 130 -34.67 11.62 63.64
C LYS G 130 -34.46 10.71 64.86
N HIS G 131 -33.61 9.70 64.71
CA HIS G 131 -33.30 8.79 65.81
C HIS G 131 -31.94 9.07 66.39
N PRO G 132 -31.77 8.80 67.70
CA PRO G 132 -30.48 9.07 68.35
C PRO G 132 -29.39 8.07 67.99
N ILE G 133 -28.13 8.51 68.07
CA ILE G 133 -26.97 7.65 67.84
C ILE G 133 -26.51 7.07 69.18
N ASP G 134 -26.76 5.78 69.38
CA ASP G 134 -26.50 5.17 70.69
C ASP G 134 -25.16 4.44 70.82
N ALA G 135 -24.44 4.30 69.72
CA ALA G 135 -23.12 3.67 69.74
C ALA G 135 -22.23 4.16 68.60
N ILE G 136 -20.96 4.37 68.90
CA ILE G 136 -19.94 4.75 67.92
C ILE G 136 -18.65 3.99 68.23
N THR G 137 -18.07 3.35 67.22
CA THR G 137 -16.76 2.76 67.36
C THR G 137 -15.81 3.38 66.33
N HIS G 138 -14.83 4.12 66.81
CA HIS G 138 -13.89 4.85 65.97
C HIS G 138 -12.50 4.35 66.18
N TYR G 139 -11.88 3.83 65.13
CA TYR G 139 -10.50 3.34 65.21
C TYR G 139 -9.51 4.31 64.58
N ASP G 140 -8.41 4.56 65.27
CA ASP G 140 -7.37 5.46 64.78
C ASP G 140 -6.09 4.67 64.54
N SER G 141 -5.53 4.78 63.33
CA SER G 141 -4.35 3.99 62.95
C SER G 141 -3.07 4.44 63.67
N ILE G 142 -2.97 5.73 63.96
CA ILE G 142 -1.80 6.26 64.66
C ILE G 142 -1.82 5.83 66.12
N ASP G 143 -3.00 5.85 66.74
CA ASP G 143 -3.16 5.45 68.14
C ASP G 143 -3.19 3.92 68.31
N ASP G 144 -3.65 3.23 67.27
CA ASP G 144 -3.88 1.78 67.30
C ASP G 144 -4.85 1.43 68.43
N ARG G 145 -5.90 2.24 68.55
CA ARG G 145 -6.92 2.06 69.59
C ARG G 145 -8.31 2.11 68.97
N PHE G 146 -9.23 1.34 69.56
CA PHE G 146 -10.65 1.37 69.17
C PHE G 146 -11.40 2.21 70.19
N TYR G 147 -11.81 3.40 69.78
CA TYR G 147 -12.52 4.31 70.68
C TYR G 147 -14.02 4.08 70.60
N VAL G 148 -14.59 3.63 71.72
CA VAL G 148 -16.01 3.26 71.79
C VAL G 148 -16.81 4.30 72.57
N PHE G 149 -17.81 4.87 71.90
CA PHE G 149 -18.69 5.87 72.51
C PHE G 149 -20.07 5.25 72.73
N ASP G 150 -20.43 5.07 74.00
CA ASP G 150 -21.63 4.32 74.38
C ASP G 150 -22.68 5.20 75.05
N LEU G 151 -23.89 5.18 74.50
CA LEU G 151 -25.03 5.87 75.09
C LEU G 151 -25.82 4.92 75.98
N LEU G 152 -25.97 5.30 77.25
CA LEU G 152 -26.63 4.44 78.24
C LEU G 152 -28.11 4.73 78.41
N ASN G 153 -28.48 6.00 78.27
CA ASN G 153 -29.87 6.43 78.45
C ASN G 153 -30.46 7.08 77.20
N SER G 154 -31.40 6.38 76.57
CA SER G 154 -32.07 6.87 75.36
C SER G 154 -33.56 6.56 75.44
N PRO G 155 -34.40 7.34 74.71
CA PRO G 155 -35.85 7.13 74.71
C PRO G 155 -36.29 5.72 74.28
N TYR G 156 -35.35 4.94 73.74
CA TYR G 156 -35.61 3.56 73.37
C TYR G 156 -34.96 2.57 74.35
N GLY G 157 -34.97 2.95 75.64
CA GLY G 157 -34.50 2.08 76.71
C GLY G 157 -33.25 2.59 77.42
N ASN G 158 -33.21 2.35 78.73
CA ASN G 158 -32.03 2.65 79.55
C ASN G 158 -31.26 1.37 79.83
N VAL G 159 -29.94 1.41 79.67
CA VAL G 159 -29.10 0.22 79.78
C VAL G 159 -27.83 0.44 80.60
N GLU G 160 -27.36 -0.64 81.23
CA GLU G 160 -26.11 -0.62 81.99
C GLU G 160 -24.88 -0.60 81.08
N GLU G 161 -23.72 -0.32 81.67
CA GLU G 161 -22.45 -0.23 80.94
C GLU G 161 -22.03 -1.54 80.29
N TRP G 162 -21.18 -1.43 79.28
CA TRP G 162 -20.63 -2.57 78.55
C TRP G 162 -19.50 -3.18 79.32
N SER G 163 -19.36 -4.50 79.22
CA SER G 163 -18.32 -5.24 79.94
C SER G 163 -17.22 -5.72 79.00
N ILE G 164 -15.97 -5.54 79.42
CA ILE G 164 -14.82 -5.99 78.64
C ILE G 164 -14.41 -7.43 79.01
N GLU G 165 -14.80 -7.87 80.21
CA GLU G 165 -14.54 -9.24 80.66
C GLU G 165 -15.45 -10.25 79.96
N ILE G 166 -16.75 -9.95 79.93
CA ILE G 166 -17.76 -10.84 79.34
C ILE G 166 -17.64 -10.87 77.81
N ALA G 167 -17.17 -9.78 77.22
CA ALA G 167 -16.93 -9.71 75.78
C ALA G 167 -15.68 -10.48 75.37
N ALA G 168 -14.84 -10.82 76.35
CA ALA G 168 -13.66 -11.65 76.11
C ALA G 168 -14.01 -13.13 76.14
N LYS G 169 -15.04 -13.48 76.91
CA LYS G 169 -15.53 -14.86 77.03
C LYS G 169 -15.95 -15.50 75.70
N LEU G 170 -16.14 -16.81 75.73
CA LEU G 170 -16.60 -17.55 74.55
C LEU G 170 -18.11 -17.48 74.41
N GLN G 171 -18.61 -17.76 73.21
CA GLN G 171 -20.03 -17.64 72.86
C GLN G 171 -20.91 -18.66 73.58
N GLU G 172 -20.32 -19.80 73.96
CA GLU G 172 -21.02 -20.83 74.72
C GLU G 172 -20.81 -20.71 76.23
N GLN G 173 -20.15 -19.62 76.65
CA GLN G 173 -19.82 -19.41 78.06
C GLN G 173 -20.17 -18.00 78.56
N GLY G 174 -20.82 -17.21 77.72
CA GLY G 174 -21.25 -15.86 78.08
C GLY G 174 -21.42 -14.90 76.91
N GLY G 175 -21.28 -15.42 75.69
CA GLY G 175 -21.47 -14.62 74.49
C GLY G 175 -20.35 -13.63 74.21
N ASP G 176 -20.46 -12.96 73.06
CA ASP G 176 -19.51 -11.94 72.59
C ASP G 176 -18.08 -12.48 72.44
N GLU G 177 -17.71 -12.86 71.23
CA GLU G 177 -16.37 -13.37 70.98
C GLU G 177 -15.49 -12.33 70.28
N VAL G 178 -15.03 -11.36 71.07
CA VAL G 178 -14.13 -10.31 70.57
C VAL G 178 -12.71 -10.89 70.55
N PRO G 179 -12.07 -10.91 69.36
CA PRO G 179 -10.74 -11.48 69.18
C PRO G 179 -9.74 -10.95 70.21
N SER G 180 -8.93 -11.85 70.76
CA SER G 180 -8.01 -11.53 71.85
C SER G 180 -6.82 -10.65 71.44
N GLU G 181 -6.77 -10.27 70.16
CA GLU G 181 -5.74 -9.37 69.65
C GLU G 181 -6.05 -7.93 69.99
N ILE G 182 -7.31 -7.53 69.79
CA ILE G 182 -7.73 -6.13 69.96
C ILE G 182 -8.31 -5.82 71.36
N ILE G 183 -8.49 -6.86 72.16
CA ILE G 183 -9.08 -6.72 73.51
C ILE G 183 -8.30 -5.74 74.41
N ASP G 184 -6.98 -5.70 74.25
CA ASP G 184 -6.12 -4.81 75.03
C ASP G 184 -5.97 -3.42 74.40
N LYS G 185 -6.72 -3.17 73.33
CA LYS G 185 -6.62 -1.93 72.57
C LYS G 185 -7.89 -1.08 72.63
N ILE G 186 -8.91 -1.59 73.29
CA ILE G 186 -10.20 -0.91 73.35
C ILE G 186 -10.26 0.11 74.49
N ILE G 187 -10.56 1.36 74.14
CA ILE G 187 -10.79 2.42 75.12
C ILE G 187 -12.28 2.75 75.18
N TYR G 188 -12.90 2.40 76.31
CA TYR G 188 -14.35 2.49 76.47
C TYR G 188 -14.80 3.79 77.14
N MET G 189 -15.74 4.48 76.50
CA MET G 189 -16.23 5.76 76.98
C MET G 189 -17.77 5.78 77.07
N PRO G 190 -18.33 5.53 78.26
CA PRO G 190 -19.78 5.60 78.46
C PRO G 190 -20.28 7.03 78.70
N PHE G 191 -21.51 7.31 78.27
CA PHE G 191 -22.09 8.65 78.40
C PHE G 191 -23.52 8.61 78.94
N ASP G 192 -23.90 9.67 79.65
CA ASP G 192 -25.21 9.76 80.30
C ASP G 192 -26.35 10.12 79.35
N ASN G 193 -26.11 11.10 78.47
CA ASN G 193 -27.09 11.49 77.45
C ASN G 193 -26.44 11.66 76.07
N GLU G 194 -27.27 11.92 75.06
CA GLU G 194 -26.82 11.98 73.67
C GLU G 194 -25.92 13.17 73.37
N LYS G 195 -26.33 14.35 73.84
CA LYS G 195 -25.62 15.61 73.54
C LYS G 195 -24.17 15.62 74.02
N GLU G 196 -23.93 15.00 75.18
CA GLU G 196 -22.58 14.91 75.75
C GLU G 196 -21.70 13.91 75.01
N LEU G 197 -22.31 12.88 74.43
CA LEU G 197 -21.60 11.88 73.64
C LEU G 197 -21.10 12.45 72.31
N LEU G 198 -21.99 13.17 71.62
CA LEU G 198 -21.67 13.78 70.33
C LEU G 198 -20.68 14.94 70.47
N MET G 199 -20.74 15.66 71.59
CA MET G 199 -19.83 16.77 71.84
C MET G 199 -18.42 16.33 72.14
N GLU G 200 -18.28 15.19 72.84
CA GLU G 200 -16.98 14.64 73.17
C GLU G 200 -16.32 14.00 71.96
N TYR G 201 -17.15 13.37 71.12
CA TYR G 201 -16.68 12.75 69.87
C TYR G 201 -16.19 13.80 68.89
N LEU G 202 -16.88 14.94 68.86
CA LEU G 202 -16.54 16.04 67.98
C LEU G 202 -15.26 16.74 68.42
N ASN G 203 -15.03 16.76 69.73
CA ASN G 203 -13.77 17.28 70.30
C ASN G 203 -12.65 16.26 70.14
N PHE G 204 -13.02 14.99 70.09
CA PHE G 204 -12.09 13.91 69.78
C PHE G 204 -11.70 13.98 68.32
N TRP G 205 -12.67 14.36 67.48
CA TRP G 205 -12.47 14.54 66.04
C TRP G 205 -11.46 15.61 65.75
N GLN G 206 -11.53 16.72 66.49
CA GLN G 206 -10.58 17.82 66.33
C GLN G 206 -9.20 17.46 66.87
N GLN G 207 -9.16 16.53 67.82
CA GLN G 207 -7.91 16.07 68.42
C GLN G 207 -7.23 15.02 67.55
N LYS G 208 -8.03 14.10 67.02
CA LYS G 208 -7.53 13.04 66.14
C LYS G 208 -8.24 13.13 64.78
N THR G 209 -7.96 14.20 64.04
CA THR G 209 -8.63 14.49 62.78
C THR G 209 -8.18 13.52 61.69
N PRO G 210 -9.14 12.74 61.13
CA PRO G 210 -8.81 11.72 60.15
C PRO G 210 -8.40 12.33 58.81
N VAL G 211 -7.30 11.80 58.25
CA VAL G 211 -6.89 12.14 56.89
C VAL G 211 -7.63 11.24 55.90
N ILE G 212 -7.46 9.94 56.06
CA ILE G 212 -8.18 8.94 55.27
C ILE G 212 -9.29 8.34 56.12
N LEU G 213 -10.53 8.67 55.78
CA LEU G 213 -11.70 8.15 56.48
C LEU G 213 -12.26 6.97 55.70
N THR G 214 -12.47 5.85 56.38
CA THR G 214 -12.96 4.63 55.74
C THR G 214 -13.95 3.84 56.62
N GLY G 215 -14.48 2.75 56.09
CA GLY G 215 -15.45 1.91 56.79
C GLY G 215 -16.35 1.22 55.79
N TRP G 216 -17.44 0.61 56.26
CA TRP G 216 -18.40 -0.04 55.37
C TRP G 216 -19.67 0.74 55.28
N ASN G 217 -19.99 1.19 54.06
CA ASN G 217 -21.12 2.09 53.80
C ASN G 217 -20.98 3.42 54.53
N VAL G 218 -19.73 3.82 54.75
CA VAL G 218 -19.41 4.99 55.55
C VAL G 218 -19.86 6.30 54.88
N GLU G 219 -19.74 6.36 53.55
CA GLU G 219 -20.12 7.54 52.78
C GLU G 219 -21.64 7.64 52.57
N SER G 220 -22.31 6.49 52.56
CA SER G 220 -23.75 6.44 52.29
C SER G 220 -24.62 6.57 53.53
N PHE G 221 -24.10 6.17 54.69
CA PHE G 221 -24.88 6.18 55.93
C PHE G 221 -24.16 6.81 57.11
N ALA G 222 -23.03 6.21 57.51
CA ALA G 222 -22.32 6.57 58.75
C ALA G 222 -21.96 8.06 58.85
N ILE G 223 -21.46 8.65 57.77
CA ILE G 223 -21.12 10.07 57.77
C ILE G 223 -22.37 10.96 57.70
N PRO G 224 -23.20 10.84 56.64
CA PRO G 224 -24.34 11.76 56.52
C PRO G 224 -25.35 11.67 57.68
N TYR G 225 -25.32 10.57 58.44
CA TYR G 225 -26.18 10.47 59.61
C TYR G 225 -25.59 11.24 60.79
N VAL G 226 -24.28 11.09 61.01
CA VAL G 226 -23.57 11.81 62.07
C VAL G 226 -23.64 13.33 61.84
N TYR G 227 -23.44 13.74 60.59
CA TYR G 227 -23.50 15.16 60.23
C TYR G 227 -24.89 15.78 60.44
N ASN G 228 -25.91 15.12 59.91
CA ASN G 228 -27.29 15.62 60.01
C ASN G 228 -27.85 15.59 61.43
N ARG G 229 -27.37 14.64 62.24
CA ARG G 229 -27.80 14.53 63.64
C ARG G 229 -27.33 15.75 64.45
N ILE G 230 -26.07 16.13 64.26
CA ILE G 230 -25.51 17.32 64.93
C ILE G 230 -26.18 18.60 64.42
N LYS G 231 -26.55 18.60 63.14
CA LYS G 231 -27.29 19.71 62.55
C LYS G 231 -28.68 19.89 63.19
N ASN G 232 -29.31 18.76 63.51
CA ASN G 232 -30.67 18.77 64.09
C ASN G 232 -30.70 19.18 65.56
N ILE G 233 -29.58 18.98 66.26
CA ILE G 233 -29.49 19.25 67.69
C ILE G 233 -28.85 20.60 67.99
N PHE G 234 -27.65 20.82 67.46
CA PHE G 234 -26.86 22.02 67.75
C PHE G 234 -27.09 23.13 66.73
N GLY G 235 -26.89 22.79 65.45
CA GLY G 235 -26.97 23.74 64.35
C GLY G 235 -25.99 23.35 63.26
N GLU G 236 -25.98 24.12 62.16
CA GLU G 236 -25.07 23.86 61.05
C GLU G 236 -23.62 24.16 61.42
N SER G 237 -23.39 25.32 62.02
CA SER G 237 -22.04 25.79 62.39
C SER G 237 -21.26 24.78 63.23
N THR G 238 -21.97 24.04 64.08
CA THR G 238 -21.35 23.02 64.93
C THR G 238 -21.13 21.72 64.15
N ALA G 239 -22.08 21.39 63.28
CA ALA G 239 -22.00 20.19 62.44
C ALA G 239 -20.86 20.30 61.43
N LYS G 240 -20.64 21.51 60.92
CA LYS G 240 -19.60 21.76 59.92
C LYS G 240 -18.17 21.64 60.48
N ARG G 241 -18.07 21.35 61.78
CA ARG G 241 -16.76 21.20 62.43
C ARG G 241 -16.10 19.83 62.17
N LEU G 242 -16.84 18.92 61.53
CA LEU G 242 -16.28 17.65 61.09
C LEU G 242 -15.26 17.87 59.98
N SER G 243 -15.43 18.97 59.27
CA SER G 243 -14.44 19.45 58.31
C SER G 243 -13.40 20.30 59.05
N PRO G 244 -12.11 19.94 58.93
CA PRO G 244 -11.03 20.73 59.54
C PRO G 244 -10.94 22.16 58.98
N HIS G 245 -11.54 22.38 57.81
CA HIS G 245 -11.60 23.72 57.22
C HIS G 245 -12.98 24.33 57.38
N ARG G 246 -13.81 23.67 58.19
CA ARG G 246 -15.13 24.16 58.60
C ARG G 246 -16.14 24.35 57.45
N LYS G 247 -15.93 23.63 56.35
CA LYS G 247 -16.80 23.74 55.19
C LYS G 247 -17.28 22.37 54.72
N THR G 248 -18.59 22.27 54.47
CA THR G 248 -19.20 21.03 53.98
C THR G 248 -20.10 21.30 52.78
N ARG G 249 -20.45 20.24 52.05
CA ARG G 249 -21.25 20.35 50.84
C ARG G 249 -22.19 19.15 50.71
N VAL G 250 -23.41 19.42 50.23
CA VAL G 250 -24.36 18.38 49.90
C VAL G 250 -24.20 18.02 48.41
N LYS G 251 -23.77 16.79 48.16
CA LYS G 251 -23.50 16.34 46.78
C LYS G 251 -24.47 15.24 46.35
N VAL G 252 -25.13 15.47 45.22
CA VAL G 252 -26.09 14.51 44.66
C VAL G 252 -25.42 13.61 43.62
N ILE G 253 -25.10 12.38 44.01
CA ILE G 253 -24.60 11.38 43.08
C ILE G 253 -25.78 10.70 42.39
N GLU G 254 -25.87 10.86 41.08
CA GLU G 254 -26.97 10.30 40.30
C GLU G 254 -26.49 9.30 39.24
N ASN G 255 -27.23 8.20 39.12
CA ASN G 255 -26.97 7.17 38.10
C ASN G 255 -27.93 7.37 36.94
N MET G 256 -28.01 6.37 36.06
CA MET G 256 -29.03 6.36 35.02
C MET G 256 -30.40 5.99 35.62
N TYR G 257 -30.36 5.45 36.84
CA TYR G 257 -31.55 5.17 37.62
C TYR G 257 -31.33 5.52 39.09
N GLY G 258 -32.25 6.33 39.64
CA GLY G 258 -32.19 6.73 41.05
C GLY G 258 -31.24 7.89 41.32
N SER G 259 -31.53 8.64 42.38
CA SER G 259 -30.71 9.76 42.81
C SER G 259 -30.52 9.75 44.32
N ARG G 260 -29.26 9.71 44.76
CA ARG G 260 -28.95 9.73 46.20
C ARG G 260 -28.02 10.90 46.55
N GLU G 261 -27.95 11.23 47.83
CA GLU G 261 -27.16 12.38 48.29
C GLU G 261 -26.17 12.08 49.43
N ILE G 262 -24.97 12.64 49.31
CA ILE G 262 -23.90 12.44 50.30
C ILE G 262 -23.30 13.77 50.74
N ILE G 263 -22.54 13.75 51.84
CA ILE G 263 -21.92 14.94 52.40
C ILE G 263 -20.42 14.96 52.13
N THR G 264 -19.94 16.06 51.55
CA THR G 264 -18.52 16.25 51.27
C THR G 264 -17.86 17.05 52.40
N LEU G 265 -17.06 16.36 53.20
CA LEU G 265 -16.28 16.99 54.25
C LEU G 265 -14.96 17.50 53.66
N PHE G 266 -14.87 18.81 53.47
CA PHE G 266 -13.67 19.43 52.91
C PHE G 266 -12.48 19.25 53.86
N GLY G 267 -11.40 18.68 53.33
CA GLY G 267 -10.19 18.48 54.10
C GLY G 267 -9.94 17.02 54.46
N ILE G 268 -10.93 16.18 54.19
CA ILE G 268 -10.79 14.74 54.43
C ILE G 268 -10.94 13.98 53.11
N SER G 269 -10.06 13.00 52.92
CA SER G 269 -10.21 12.07 51.81
C SER G 269 -10.97 10.85 52.30
N VAL G 270 -12.20 10.69 51.82
CA VAL G 270 -13.04 9.55 52.22
C VAL G 270 -12.91 8.43 51.20
N LEU G 271 -12.47 7.27 51.69
CA LEU G 271 -12.39 6.07 50.87
C LEU G 271 -13.26 4.99 51.49
N ASP G 272 -14.54 4.96 51.08
CA ASP G 272 -15.48 3.97 51.58
C ASP G 272 -15.04 2.59 51.12
N TYR G 273 -14.77 1.70 52.07
CA TYR G 273 -14.17 0.41 51.73
C TYR G 273 -15.05 -0.46 50.82
N ILE G 274 -16.36 -0.29 50.92
CA ILE G 274 -17.29 -0.97 50.02
C ILE G 274 -17.05 -0.55 48.56
N ASP G 275 -16.78 0.74 48.34
CA ASP G 275 -16.47 1.28 47.02
C ASP G 275 -15.05 0.92 46.59
N LEU G 276 -14.16 0.80 47.58
CA LEU G 276 -12.78 0.45 47.32
C LEU G 276 -12.68 -1.03 46.95
N TYR G 277 -13.46 -1.85 47.63
CA TYR G 277 -13.54 -3.28 47.36
C TYR G 277 -14.15 -3.56 46.00
N LYS G 278 -15.26 -2.90 45.69
CA LYS G 278 -15.99 -3.10 44.43
C LYS G 278 -15.13 -2.82 43.20
N LYS G 279 -14.27 -1.80 43.30
CA LYS G 279 -13.41 -1.39 42.21
C LYS G 279 -12.24 -2.35 42.00
N PHE G 280 -11.56 -2.72 43.08
CA PHE G 280 -10.27 -3.40 42.99
C PHE G 280 -10.28 -4.93 43.09
N SER G 281 -11.32 -5.50 43.69
CA SER G 281 -11.37 -6.96 43.92
C SER G 281 -11.57 -7.78 42.65
N PHE G 282 -12.23 -7.18 41.66
CA PHE G 282 -12.52 -7.83 40.37
C PHE G 282 -13.06 -9.26 40.50
N THR G 283 -14.14 -9.39 41.28
CA THR G 283 -14.91 -10.64 41.38
C THR G 283 -16.33 -10.30 41.87
N ASN G 284 -17.32 -10.49 40.98
CA ASN G 284 -18.69 -10.09 41.27
C ASN G 284 -19.35 -11.00 42.31
N GLN G 285 -19.66 -10.42 43.47
CA GLN G 285 -20.22 -11.15 44.59
C GLN G 285 -21.76 -11.12 44.59
N PRO G 286 -22.40 -12.16 45.17
CA PRO G 286 -23.85 -12.18 45.32
C PRO G 286 -24.37 -11.15 46.31
N SER G 287 -23.53 -10.77 47.26
CA SER G 287 -23.88 -9.76 48.27
C SER G 287 -22.67 -8.94 48.65
N TYR G 288 -22.91 -7.68 48.99
CA TYR G 288 -21.85 -6.78 49.41
C TYR G 288 -22.06 -6.23 50.81
N SER G 289 -22.80 -6.99 51.63
CA SER G 289 -22.90 -6.69 53.06
C SER G 289 -21.60 -7.12 53.74
N LEU G 290 -21.08 -6.26 54.63
CA LEU G 290 -19.82 -6.51 55.33
C LEU G 290 -19.69 -7.90 55.92
N ASP G 291 -20.82 -8.43 56.41
CA ASP G 291 -20.86 -9.76 56.99
C ASP G 291 -20.62 -10.86 55.96
N TYR G 292 -21.18 -10.67 54.76
CA TYR G 292 -20.99 -11.60 53.66
C TYR G 292 -19.55 -11.57 53.14
N ILE G 293 -18.99 -10.37 53.03
CA ILE G 293 -17.64 -10.17 52.54
C ILE G 293 -16.61 -10.69 53.54
N SER G 294 -16.90 -10.50 54.83
CA SER G 294 -16.06 -11.05 55.91
C SER G 294 -15.97 -12.56 55.85
N GLU G 295 -17.10 -13.21 55.58
CA GLU G 295 -17.16 -14.65 55.44
C GLU G 295 -16.36 -15.16 54.23
N PHE G 296 -16.34 -14.36 53.15
CA PHE G 296 -15.60 -14.74 51.94
C PHE G 296 -14.10 -14.57 52.10
N GLU G 297 -13.69 -13.49 52.75
CA GLU G 297 -12.27 -13.12 52.82
C GLU G 297 -11.56 -13.65 54.05
N LEU G 298 -12.28 -13.77 55.16
CA LEU G 298 -11.66 -14.14 56.43
C LEU G 298 -12.11 -15.50 56.96
N ASN G 299 -13.05 -16.13 56.27
CA ASN G 299 -13.67 -17.39 56.71
C ASN G 299 -14.43 -17.26 58.03
N VAL G 300 -14.31 -16.09 58.66
CA VAL G 300 -14.89 -15.85 59.98
C VAL G 300 -16.41 -15.99 59.95
N GLY G 301 -16.92 -16.78 60.89
CA GLY G 301 -18.33 -17.16 60.94
C GLY G 301 -19.32 -16.02 61.12
N LYS G 302 -20.60 -16.36 60.95
CA LYS G 302 -21.71 -15.40 61.04
C LYS G 302 -21.78 -14.72 62.41
N LEU G 303 -22.32 -13.50 62.41
CA LEU G 303 -22.52 -12.73 63.63
C LEU G 303 -23.98 -12.87 64.08
N LYS G 304 -24.26 -13.96 64.82
CA LYS G 304 -25.64 -14.35 65.12
C LYS G 304 -26.18 -13.83 66.46
N TYR G 305 -27.37 -13.23 66.42
CA TYR G 305 -28.03 -12.74 67.63
C TYR G 305 -29.48 -13.23 67.74
N ASP G 306 -30.21 -12.70 68.73
CA ASP G 306 -31.61 -13.05 68.94
C ASP G 306 -32.53 -11.90 68.56
N GLY G 307 -33.57 -12.23 67.79
CA GLY G 307 -34.59 -11.26 67.39
C GLY G 307 -34.14 -10.29 66.31
N PRO G 308 -34.80 -9.11 66.22
CA PRO G 308 -34.50 -8.10 65.21
C PRO G 308 -33.44 -7.09 65.67
N ILE G 309 -32.96 -6.29 64.72
CA ILE G 309 -31.93 -5.27 64.99
C ILE G 309 -32.51 -4.18 65.90
N SER G 310 -33.73 -3.76 65.60
CA SER G 310 -34.40 -2.65 66.27
C SER G 310 -34.65 -2.88 67.76
N LYS G 311 -34.61 -4.13 68.20
CA LYS G 311 -34.86 -4.48 69.60
C LYS G 311 -33.64 -5.11 70.29
N LEU G 312 -32.51 -5.14 69.59
CA LEU G 312 -31.29 -5.78 70.09
C LEU G 312 -30.66 -5.03 71.26
N ARG G 313 -30.62 -3.70 71.17
CA ARG G 313 -30.04 -2.85 72.21
C ARG G 313 -30.76 -2.98 73.55
N GLU G 314 -32.08 -2.98 73.51
CA GLU G 314 -32.90 -3.02 74.73
C GLU G 314 -32.79 -4.37 75.44
N SER G 315 -32.96 -5.45 74.69
CA SER G 315 -32.92 -6.81 75.25
C SER G 315 -31.52 -7.26 75.63
N ASN G 316 -30.54 -6.98 74.76
CA ASN G 316 -29.16 -7.38 74.98
C ASN G 316 -28.16 -6.30 74.55
N HIS G 317 -27.89 -5.37 75.47
CA HIS G 317 -26.97 -4.26 75.20
C HIS G 317 -25.53 -4.70 75.15
N GLN G 318 -25.22 -5.80 75.84
CA GLN G 318 -23.87 -6.35 75.87
C GLN G 318 -23.40 -6.74 74.47
N ARG G 319 -24.19 -7.59 73.80
CA ARG G 319 -23.88 -8.07 72.45
C ARG G 319 -23.97 -6.95 71.42
N TYR G 320 -24.82 -5.96 71.71
CA TYR G 320 -25.05 -4.81 70.82
C TYR G 320 -23.79 -4.00 70.56
N ILE G 321 -23.06 -3.67 71.63
CA ILE G 321 -21.84 -2.87 71.53
C ILE G 321 -20.71 -3.69 70.90
N SER G 322 -20.61 -4.96 71.28
CA SER G 322 -19.58 -5.84 70.75
C SER G 322 -19.68 -5.99 69.23
N TYR G 323 -20.89 -6.21 68.73
CA TYR G 323 -21.14 -6.31 67.29
C TYR G 323 -20.74 -5.05 66.53
N ASN G 324 -20.81 -3.91 67.21
CA ASN G 324 -20.36 -2.64 66.65
C ASN G 324 -18.83 -2.55 66.61
N ILE G 325 -18.17 -3.07 67.64
CA ILE G 325 -16.70 -3.09 67.71
C ILE G 325 -16.10 -4.05 66.68
N ILE G 326 -16.71 -5.22 66.52
CA ILE G 326 -16.25 -6.21 65.56
C ILE G 326 -16.44 -5.71 64.12
N ALA G 327 -17.56 -5.02 63.88
CA ALA G 327 -17.84 -4.40 62.58
C ALA G 327 -16.69 -3.50 62.12
N VAL G 328 -16.04 -2.84 63.07
CA VAL G 328 -14.89 -2.00 62.77
C VAL G 328 -13.63 -2.84 62.49
N TYR G 329 -13.44 -3.89 63.29
CA TYR G 329 -12.27 -4.76 63.16
C TYR G 329 -12.27 -5.56 61.86
N ARG G 330 -13.46 -5.96 61.41
CA ARG G 330 -13.61 -6.74 60.19
C ARG G 330 -13.01 -6.03 58.98
N VAL G 331 -13.27 -4.74 58.86
CA VAL G 331 -12.75 -3.93 57.76
C VAL G 331 -11.21 -3.87 57.81
N LEU G 332 -10.67 -3.73 59.02
CA LEU G 332 -9.22 -3.73 59.21
C LEU G 332 -8.58 -5.07 58.86
N GLN G 333 -9.32 -6.15 59.08
CA GLN G 333 -8.86 -7.49 58.73
C GLN G 333 -8.87 -7.69 57.21
N ILE G 334 -9.88 -7.13 56.56
CA ILE G 334 -9.98 -7.16 55.10
C ILE G 334 -8.88 -6.29 54.46
N ASP G 335 -8.65 -5.10 55.01
CA ASP G 335 -7.60 -4.21 54.52
C ASP G 335 -6.21 -4.80 54.70
N ALA G 336 -6.07 -5.67 55.70
CA ALA G 336 -4.81 -6.35 55.98
C ALA G 336 -4.48 -7.34 54.86
N LYS G 337 -5.52 -7.94 54.29
CA LYS G 337 -5.36 -8.92 53.22
C LYS G 337 -5.34 -8.27 51.84
N ARG G 338 -6.21 -7.28 51.64
CA ARG G 338 -6.42 -6.68 50.31
C ARG G 338 -5.58 -5.43 50.08
N GLN G 339 -5.32 -4.68 51.16
CA GLN G 339 -4.39 -3.54 51.15
C GLN G 339 -4.79 -2.37 50.23
N PHE G 340 -6.08 -2.25 49.93
CA PHE G 340 -6.57 -1.28 48.96
C PHE G 340 -6.34 0.19 49.35
N ILE G 341 -6.31 0.48 50.64
CA ILE G 341 -6.05 1.84 51.11
C ILE G 341 -4.60 2.24 50.81
N ASN G 342 -3.67 1.33 51.13
CA ASN G 342 -2.28 1.56 50.82
C ASN G 342 -2.01 1.56 49.32
N LEU G 343 -2.83 0.82 48.58
CA LEU G 343 -2.78 0.84 47.12
C LEU G 343 -3.16 2.22 46.61
N SER G 344 -4.26 2.76 47.14
CA SER G 344 -4.79 4.04 46.70
C SER G 344 -3.92 5.23 47.12
N LEU G 345 -3.15 5.07 48.20
CA LEU G 345 -2.19 6.09 48.63
C LEU G 345 -1.03 6.18 47.66
N ASP G 346 -0.37 5.04 47.43
CA ASP G 346 0.73 4.92 46.47
C ASP G 346 0.34 5.51 45.12
N MET G 347 -0.85 5.15 44.66
CA MET G 347 -1.39 5.68 43.41
C MET G 347 -1.54 7.20 43.48
N GLY G 348 -2.12 7.68 44.57
CA GLY G 348 -2.38 9.11 44.76
C GLY G 348 -1.11 9.94 44.78
N TYR G 349 -0.06 9.41 45.40
CA TYR G 349 1.21 10.14 45.49
C TYR G 349 2.06 10.02 44.24
N TYR G 350 1.92 8.91 43.51
CA TYR G 350 2.61 8.74 42.23
C TYR G 350 2.06 9.73 41.21
N ALA G 351 0.74 9.86 41.20
CA ALA G 351 0.03 10.71 40.25
C ALA G 351 -0.02 12.18 40.69
N LYS G 352 0.21 12.42 41.99
CA LYS G 352 0.08 13.75 42.60
C LYS G 352 -1.36 14.27 42.50
N ILE G 353 -2.25 13.59 43.23
CA ILE G 353 -3.68 13.90 43.26
C ILE G 353 -4.25 13.76 44.67
N GLN G 354 -5.51 14.15 44.84
CA GLN G 354 -6.28 13.78 46.02
C GLN G 354 -6.44 12.27 46.00
N ILE G 355 -6.50 11.65 47.17
CA ILE G 355 -6.56 10.19 47.25
C ILE G 355 -7.91 9.62 46.81
N GLN G 356 -8.98 10.42 46.93
CA GLN G 356 -10.31 10.01 46.44
C GLN G 356 -10.38 9.95 44.91
N SER G 357 -9.40 10.54 44.24
CA SER G 357 -9.37 10.60 42.77
C SER G 357 -8.93 9.29 42.12
N VAL G 358 -8.69 8.26 42.94
CA VAL G 358 -8.32 6.94 42.42
C VAL G 358 -9.51 6.22 41.80
N PHE G 359 -10.72 6.67 42.15
CA PHE G 359 -11.94 6.10 41.60
C PHE G 359 -12.17 6.53 40.15
N SER G 360 -11.46 7.57 39.73
CA SER G 360 -11.55 8.08 38.36
C SER G 360 -10.27 7.81 37.57
N PRO G 361 -10.30 6.82 36.65
CA PRO G 361 -9.29 6.57 35.63
C PRO G 361 -8.78 7.83 34.93
N ILE G 362 -9.71 8.68 34.49
CA ILE G 362 -9.39 9.94 33.82
C ILE G 362 -8.47 10.80 34.69
N LYS G 363 -8.89 11.01 35.93
CA LYS G 363 -8.21 11.92 36.85
C LYS G 363 -6.76 11.52 37.10
N THR G 364 -6.52 10.22 37.19
CA THR G 364 -5.18 9.70 37.46
C THR G 364 -4.26 9.89 36.25
N TRP G 365 -4.71 9.45 35.07
CA TRP G 365 -3.91 9.54 33.86
C TRP G 365 -3.64 10.94 33.41
N ASP G 366 -4.62 11.84 33.57
CA ASP G 366 -4.44 13.25 33.24
C ASP G 366 -3.30 13.84 34.06
N ALA G 367 -3.27 13.47 35.35
CA ALA G 367 -2.25 13.96 36.28
C ALA G 367 -0.84 13.45 35.95
N ILE G 368 -0.76 12.21 35.48
CA ILE G 368 0.53 11.61 35.11
C ILE G 368 1.11 12.31 33.89
N ILE G 369 0.29 12.48 32.87
CA ILE G 369 0.71 13.11 31.62
C ILE G 369 1.09 14.57 31.85
N PHE G 370 0.24 15.28 32.61
CA PHE G 370 0.48 16.70 32.93
C PHE G 370 1.82 16.93 33.61
N ASN G 371 2.07 16.21 34.70
CA ASN G 371 3.32 16.31 35.44
C ASN G 371 4.55 16.04 34.56
N SER G 372 4.42 15.04 33.68
CA SER G 372 5.49 14.64 32.78
C SER G 372 5.81 15.71 31.73
N LEU G 373 4.77 16.41 31.29
CA LEU G 373 4.92 17.46 30.27
C LEU G 373 5.37 18.79 30.87
N LYS G 374 4.97 19.05 32.12
CA LYS G 374 5.40 20.23 32.86
C LYS G 374 6.91 20.21 33.08
N GLU G 375 7.44 19.02 33.36
CA GLU G 375 8.87 18.77 33.47
C GLU G 375 9.59 19.14 32.17
N GLN G 376 8.91 18.93 31.05
CA GLN G 376 9.45 19.19 29.72
C GLN G 376 9.27 20.65 29.27
N ASN G 377 8.64 21.46 30.12
CA ASN G 377 8.21 22.82 29.79
C ASN G 377 7.10 22.87 28.72
N LYS G 378 6.32 21.78 28.64
CA LYS G 378 5.24 21.69 27.67
C LYS G 378 3.86 22.02 28.26
N VAL G 379 2.94 22.43 27.40
CA VAL G 379 1.61 22.88 27.83
C VAL G 379 0.51 21.92 27.35
N ILE G 380 -0.35 21.53 28.28
CA ILE G 380 -1.41 20.56 27.99
C ILE G 380 -2.60 21.23 27.28
N PRO G 381 -3.38 20.43 26.51
CA PRO G 381 -4.55 20.96 25.77
C PRO G 381 -5.68 21.41 26.70
N GLN G 382 -6.60 22.20 26.15
CA GLN G 382 -7.80 22.61 26.87
C GLN G 382 -8.71 21.41 27.12
N GLY G 383 -9.60 21.53 28.11
CA GLY G 383 -10.62 20.51 28.36
C GLY G 383 -11.80 20.65 27.42
N ARG G 384 -11.75 19.94 26.30
CA ARG G 384 -12.80 19.97 25.28
C ARG G 384 -13.97 19.04 25.63
N SER G 385 -15.11 19.27 24.98
CA SER G 385 -16.28 18.41 25.13
C SER G 385 -16.72 17.80 23.79
N HIS G 386 -16.69 16.48 23.71
CA HIS G 386 -17.03 15.76 22.50
C HIS G 386 -18.35 15.06 22.62
N PRO G 387 -19.12 14.97 21.51
CA PRO G 387 -20.42 14.28 21.53
C PRO G 387 -20.27 12.79 21.79
N VAL G 388 -21.30 12.20 22.39
CA VAL G 388 -21.29 10.76 22.71
C VAL G 388 -21.50 9.90 21.46
N GLN G 389 -20.38 9.55 20.82
CA GLN G 389 -20.38 8.74 19.60
C GLN G 389 -19.82 7.35 19.91
N PRO G 390 -20.62 6.29 19.67
CA PRO G 390 -20.10 4.94 19.81
C PRO G 390 -19.18 4.58 18.65
N TYR G 391 -18.06 3.92 18.96
CA TYR G 391 -17.10 3.52 17.95
C TYR G 391 -16.91 2.00 17.93
N PRO G 392 -16.51 1.43 16.77
CA PRO G 392 -16.36 -0.03 16.65
C PRO G 392 -15.28 -0.57 17.59
N GLY G 393 -15.44 -1.83 18.02
CA GLY G 393 -14.53 -2.42 19.00
C GLY G 393 -13.90 -3.73 18.58
N ALA G 394 -13.89 -4.68 19.51
CA ALA G 394 -13.17 -5.94 19.34
C ALA G 394 -13.87 -6.94 18.43
N PHE G 395 -13.07 -7.66 17.66
CA PHE G 395 -13.54 -8.74 16.79
C PHE G 395 -13.74 -10.00 17.61
N VAL G 396 -14.88 -10.66 17.38
CA VAL G 396 -15.11 -11.99 17.93
C VAL G 396 -15.56 -12.96 16.83
N LYS G 397 -14.75 -13.99 16.62
CA LYS G 397 -15.02 -15.05 15.64
C LYS G 397 -16.13 -15.95 16.15
N GLU G 398 -17.13 -16.19 15.31
CA GLU G 398 -18.18 -17.15 15.63
C GLU G 398 -17.62 -18.55 15.47
N PRO G 399 -17.47 -19.28 16.59
CA PRO G 399 -16.89 -20.63 16.56
C PRO G 399 -17.92 -21.70 16.24
N ILE G 400 -17.46 -22.82 15.72
CA ILE G 400 -18.35 -23.95 15.43
C ILE G 400 -18.67 -24.67 16.74
N PRO G 401 -19.95 -24.65 17.16
CA PRO G 401 -20.35 -25.32 18.40
C PRO G 401 -20.01 -26.80 18.36
N ASN G 402 -18.90 -27.15 19.01
CA ASN G 402 -18.42 -28.52 19.01
C ASN G 402 -17.55 -28.86 20.23
N ARG G 403 -17.27 -30.15 20.40
CA ARG G 403 -16.19 -30.60 21.28
C ARG G 403 -14.86 -30.37 20.56
N TYR G 404 -13.80 -30.17 21.34
CA TYR G 404 -12.45 -30.00 20.80
C TYR G 404 -11.44 -30.74 21.67
N LYS G 405 -10.87 -31.82 21.12
CA LYS G 405 -10.02 -32.73 21.88
C LYS G 405 -8.71 -32.08 22.37
N TYR G 406 -7.90 -31.58 21.44
CA TYR G 406 -6.63 -30.95 21.80
C TYR G 406 -6.61 -29.49 21.40
N VAL G 407 -6.38 -28.61 22.38
CA VAL G 407 -6.41 -27.17 22.15
C VAL G 407 -5.16 -26.48 22.71
N MET G 408 -4.58 -25.60 21.90
CA MET G 408 -3.52 -24.71 22.34
C MET G 408 -3.97 -23.27 22.12
N SER G 409 -3.67 -22.40 23.09
CA SER G 409 -4.00 -20.99 22.98
C SER G 409 -2.76 -20.12 22.99
N PHE G 410 -2.86 -18.96 22.32
CA PHE G 410 -1.80 -17.97 22.25
C PHE G 410 -2.41 -16.60 22.50
N ASP G 411 -1.78 -15.81 23.38
CA ASP G 411 -2.27 -14.47 23.70
C ASP G 411 -1.24 -13.40 23.33
N LEU G 412 -1.73 -12.26 22.85
CA LEU G 412 -0.89 -11.08 22.62
C LEU G 412 -0.66 -10.31 23.93
N THR G 413 0.58 -9.94 24.19
CA THR G 413 0.96 -9.22 25.40
C THR G 413 0.46 -7.78 25.36
N SER G 414 -0.26 -7.37 26.42
CA SER G 414 -0.79 -6.01 26.58
C SER G 414 -1.22 -5.37 25.26
N LEU G 415 -2.23 -5.97 24.63
CA LEU G 415 -2.60 -5.63 23.25
C LEU G 415 -2.68 -4.12 22.97
N TYR G 416 -3.62 -3.43 23.60
CA TYR G 416 -3.89 -2.03 23.23
C TYR G 416 -2.74 -1.05 23.50
N PRO G 417 -2.11 -1.12 24.69
CA PRO G 417 -0.91 -0.31 24.90
C PRO G 417 0.22 -0.63 23.92
N SER G 418 0.35 -1.91 23.53
CA SER G 418 1.34 -2.33 22.54
C SER G 418 1.06 -1.72 21.18
N ILE G 419 -0.22 -1.71 20.79
CA ILE G 419 -0.65 -1.09 19.54
C ILE G 419 -0.33 0.41 19.55
N ILE G 420 -0.73 1.09 20.63
CA ILE G 420 -0.45 2.52 20.79
C ILE G 420 1.04 2.81 20.59
N ARG G 421 1.90 1.97 21.16
CA ARG G 421 3.34 2.14 21.06
C ARG G 421 3.92 1.77 19.69
N GLN G 422 3.40 0.67 19.12
CA GLN G 422 3.85 0.18 17.81
C GLN G 422 3.53 1.17 16.69
N VAL G 423 2.27 1.62 16.65
CA VAL G 423 1.79 2.51 15.61
C VAL G 423 2.21 3.96 15.88
N ASN G 424 2.45 4.27 17.15
CA ASN G 424 2.73 5.63 17.62
C ASN G 424 1.48 6.52 17.58
N ILE G 425 0.42 6.04 18.24
CA ILE G 425 -0.87 6.72 18.25
C ILE G 425 -0.96 7.74 19.39
N SER G 426 -1.08 9.01 19.00
CA SER G 426 -1.18 10.12 19.94
C SER G 426 -1.94 11.25 19.25
N PRO G 427 -2.57 12.17 20.03
CA PRO G 427 -3.28 13.30 19.42
C PRO G 427 -2.44 14.16 18.48
N GLU G 428 -1.17 14.38 18.83
CA GLU G 428 -0.28 15.25 18.05
C GLU G 428 0.20 14.57 16.78
N THR G 429 0.53 13.29 16.90
CA THR G 429 1.25 12.55 15.85
C THR G 429 0.42 12.15 14.64
N ILE G 430 -0.84 12.58 14.60
CA ILE G 430 -1.70 12.34 13.43
C ILE G 430 -1.11 13.04 12.19
N ALA G 431 -0.61 12.23 11.27
CA ALA G 431 0.05 12.75 10.07
C ALA G 431 -0.95 13.11 8.97
N GLY G 432 -1.84 12.17 8.65
CA GLY G 432 -2.86 12.39 7.64
C GLY G 432 -3.85 11.23 7.59
N THR G 433 -4.58 11.13 6.48
CA THR G 433 -5.55 10.05 6.28
C THR G 433 -5.45 9.50 4.86
N PHE G 434 -5.67 8.19 4.71
CA PHE G 434 -5.69 7.54 3.40
C PHE G 434 -7.01 6.82 3.15
N LYS G 435 -7.34 6.63 1.87
CA LYS G 435 -8.55 5.92 1.48
C LYS G 435 -8.47 4.43 1.86
N VAL G 436 -9.31 4.04 2.82
CA VAL G 436 -9.26 2.68 3.38
C VAL G 436 -9.83 1.64 2.43
N ALA G 437 -9.18 0.49 2.37
CA ALA G 437 -9.72 -0.67 1.69
C ALA G 437 -10.44 -1.50 2.76
N PRO G 438 -11.36 -2.39 2.35
CA PRO G 438 -12.02 -3.25 3.35
C PRO G 438 -11.01 -3.99 4.21
N LEU G 439 -11.31 -4.18 5.49
CA LEU G 439 -10.39 -4.81 6.43
C LEU G 439 -9.94 -6.19 5.95
N HIS G 440 -10.85 -6.91 5.28
CA HIS G 440 -10.57 -8.22 4.71
C HIS G 440 -9.40 -8.18 3.75
N ASP G 441 -9.26 -7.07 3.04
CA ASP G 441 -8.16 -6.88 2.09
C ASP G 441 -6.80 -6.64 2.76
N TYR G 442 -6.82 -5.99 3.93
CA TYR G 442 -5.59 -5.75 4.69
C TYR G 442 -5.13 -7.00 5.43
N ILE G 443 -6.08 -7.84 5.81
CA ILE G 443 -5.80 -9.09 6.51
C ILE G 443 -5.12 -10.09 5.56
N ASN G 444 -5.66 -10.20 4.35
CA ASN G 444 -5.10 -11.09 3.34
C ASN G 444 -3.90 -10.48 2.61
N ALA G 445 -3.56 -9.25 2.99
CA ALA G 445 -2.44 -8.48 2.41
C ALA G 445 -2.53 -8.28 0.90
N VAL G 446 -3.76 -8.13 0.40
CA VAL G 446 -3.98 -7.91 -1.02
C VAL G 446 -4.15 -6.43 -1.37
N ALA G 447 -4.47 -5.62 -0.36
CA ALA G 447 -4.61 -4.17 -0.53
C ALA G 447 -3.22 -3.52 -0.65
N GLU G 448 -3.17 -2.39 -1.35
CA GLU G 448 -1.90 -1.66 -1.53
C GLU G 448 -1.35 -1.15 -0.20
N ARG G 449 -0.02 -1.11 -0.09
CA ARG G 449 0.65 -0.65 1.11
C ARG G 449 0.27 0.81 1.37
N PRO G 450 -0.36 1.09 2.52
CA PRO G 450 -0.92 2.40 2.87
C PRO G 450 0.06 3.57 2.73
N SER G 451 1.26 3.43 3.29
CA SER G 451 2.29 4.50 3.24
C SER G 451 3.71 3.96 3.28
N ASP G 452 4.64 4.74 2.74
CA ASP G 452 6.07 4.40 2.74
C ASP G 452 6.90 5.22 3.72
N VAL G 453 6.33 6.33 4.21
CA VAL G 453 7.07 7.24 5.10
C VAL G 453 6.40 7.47 6.47
N TYR G 454 5.20 6.91 6.65
CA TYR G 454 4.46 7.06 7.91
C TYR G 454 3.98 5.73 8.50
N SER G 455 3.66 5.74 9.79
CA SER G 455 3.15 4.58 10.50
C SER G 455 1.62 4.54 10.44
N CYS G 456 1.06 3.40 10.02
CA CYS G 456 -0.36 3.35 9.69
C CYS G 456 -1.22 2.38 10.50
N SER G 457 -2.52 2.69 10.55
CA SER G 457 -3.55 1.83 11.13
C SER G 457 -4.63 1.59 10.07
N PRO G 458 -5.12 0.34 9.94
CA PRO G 458 -6.05 -0.05 8.87
C PRO G 458 -7.42 0.63 8.88
N ASN G 459 -7.62 1.64 9.73
CA ASN G 459 -8.85 2.44 9.70
C ASN G 459 -8.70 3.73 8.88
N GLY G 460 -7.53 3.90 8.27
CA GLY G 460 -7.24 5.05 7.41
C GLY G 460 -6.55 6.18 8.12
N MET G 461 -5.63 5.85 9.02
CA MET G 461 -4.99 6.86 9.87
C MET G 461 -3.46 6.73 9.82
N MET G 462 -2.81 7.84 9.51
CA MET G 462 -1.35 7.90 9.41
C MET G 462 -0.74 8.60 10.63
N TYR G 463 0.46 8.16 11.02
CA TYR G 463 1.14 8.70 12.19
C TYR G 463 2.65 8.85 11.96
N TYR G 464 3.25 9.85 12.60
CA TYR G 464 4.68 10.11 12.48
C TYR G 464 5.54 8.98 13.04
N LYS G 465 6.67 8.74 12.40
CA LYS G 465 7.64 7.73 12.82
C LYS G 465 8.87 8.37 13.43
N ASP G 466 9.12 9.62 13.05
CA ASP G 466 10.29 10.36 13.50
C ASP G 466 10.30 10.55 15.02
N ARG G 467 9.29 11.28 15.53
CA ARG G 467 9.19 11.58 16.96
C ARG G 467 8.09 10.76 17.62
N ASP G 468 8.42 10.15 18.76
CA ASP G 468 7.44 9.38 19.53
C ASP G 468 6.43 10.31 20.21
N GLY G 469 5.17 9.94 20.16
CA GLY G 469 4.09 10.77 20.70
C GLY G 469 3.99 10.78 22.21
N VAL G 470 3.24 11.73 22.74
CA VAL G 470 3.10 11.93 24.18
C VAL G 470 2.52 10.70 24.88
N VAL G 471 1.39 10.20 24.37
CA VAL G 471 0.72 9.03 24.95
C VAL G 471 1.61 7.77 24.92
N PRO G 472 2.19 7.41 23.76
CA PRO G 472 3.14 6.29 23.75
C PRO G 472 4.37 6.45 24.66
N THR G 473 4.88 7.68 24.81
CA THR G 473 5.99 7.97 25.72
C THR G 473 5.64 7.66 27.17
N GLU G 474 4.42 8.04 27.58
CA GLU G 474 3.96 7.87 28.96
C GLU G 474 3.75 6.41 29.30
N ILE G 475 3.15 5.66 28.37
CA ILE G 475 2.83 4.27 28.60
C ILE G 475 4.09 3.40 28.60
N THR G 476 5.12 3.87 27.91
CA THR G 476 6.44 3.20 27.91
C THR G 476 7.13 3.40 29.25
N LYS G 477 6.98 4.59 29.82
CA LYS G 477 7.58 4.90 31.12
C LYS G 477 6.88 4.12 32.23
N VAL G 478 5.58 3.91 32.10
CA VAL G 478 4.84 3.07 33.04
C VAL G 478 5.25 1.61 32.86
N PHE G 479 5.34 1.18 31.60
CA PHE G 479 5.72 -0.17 31.23
C PHE G 479 7.08 -0.54 31.82
N ASN G 480 8.07 0.32 31.60
CA ASN G 480 9.43 0.13 32.10
C ASN G 480 9.52 0.12 33.62
N GLN G 481 8.82 1.07 34.26
CA GLN G 481 8.80 1.17 35.73
C GLN G 481 8.21 -0.07 36.39
N ARG G 482 7.45 -0.86 35.63
CA ARG G 482 6.92 -2.11 36.14
C ARG G 482 8.00 -3.19 36.13
N LYS G 483 8.77 -3.27 35.04
CA LYS G 483 9.96 -4.13 34.99
C LYS G 483 10.96 -3.71 36.05
N GLU G 484 11.00 -2.41 36.32
CA GLU G 484 11.88 -1.82 37.33
C GLU G 484 11.47 -2.23 38.73
N HIS G 485 10.20 -2.02 39.08
CA HIS G 485 9.70 -2.33 40.41
C HIS G 485 9.51 -3.81 40.66
N LYS G 486 9.52 -4.61 39.59
CA LYS G 486 9.54 -6.06 39.71
C LYS G 486 10.85 -6.51 40.32
N GLY G 487 11.95 -6.01 39.77
CA GLY G 487 13.30 -6.29 40.28
C GLY G 487 13.47 -5.81 41.71
N TYR G 488 12.97 -4.61 41.99
CA TYR G 488 12.98 -4.02 43.33
C TYR G 488 12.39 -4.98 44.37
N MET G 489 11.22 -5.53 44.05
CA MET G 489 10.47 -6.40 44.96
C MET G 489 11.13 -7.76 45.18
N LEU G 490 11.62 -8.36 44.11
CA LEU G 490 12.22 -9.70 44.16
C LEU G 490 13.61 -9.72 44.79
N ALA G 491 14.30 -8.58 44.72
CA ALA G 491 15.61 -8.42 45.35
C ALA G 491 15.46 -8.10 46.86
N ALA G 492 14.23 -8.23 47.35
CA ALA G 492 13.93 -8.07 48.77
C ALA G 492 13.35 -9.36 49.33
N GLN G 493 12.66 -10.10 48.45
CA GLN G 493 12.13 -11.43 48.75
C GLN G 493 13.25 -12.45 48.93
N ARG G 494 14.32 -12.29 48.14
CA ARG G 494 15.52 -13.11 48.26
C ARG G 494 16.44 -12.57 49.35
N ASN G 495 16.48 -11.24 49.47
CA ASN G 495 17.30 -10.55 50.47
C ASN G 495 16.80 -10.77 51.89
N GLY G 496 15.49 -10.95 52.04
CA GLY G 496 14.87 -11.24 53.33
C GLY G 496 15.16 -12.64 53.81
N GLU G 497 15.14 -13.59 52.88
CA GLU G 497 15.44 -15.00 53.16
C GLU G 497 16.90 -15.20 53.59
N ILE G 498 17.74 -14.22 53.28
CA ILE G 498 19.13 -14.19 53.74
C ILE G 498 19.17 -13.84 55.23
N ILE G 499 18.43 -12.80 55.61
CA ILE G 499 18.34 -12.37 57.01
C ILE G 499 17.60 -13.39 57.86
N LYS G 500 16.55 -13.97 57.30
CA LYS G 500 15.71 -14.97 57.98
C LYS G 500 16.48 -16.26 58.30
N GLU G 501 17.35 -16.66 57.37
CA GLU G 501 18.20 -17.84 57.57
C GLU G 501 19.39 -17.51 58.48
N ALA G 502 19.74 -16.23 58.56
CA ALA G 502 20.76 -15.74 59.48
C ALA G 502 20.22 -15.64 60.91
N LEU G 503 18.90 -15.56 61.04
CA LEU G 503 18.24 -15.49 62.34
C LEU G 503 18.13 -16.87 63.03
N HIS G 504 18.73 -17.89 62.40
CA HIS G 504 18.78 -19.22 62.98
C HIS G 504 19.63 -19.25 64.23
N ASN G 505 20.81 -18.64 64.15
CA ASN G 505 21.70 -18.46 65.31
C ASN G 505 22.78 -17.42 65.03
N PRO G 506 22.43 -16.11 65.16
CA PRO G 506 23.38 -15.04 64.86
C PRO G 506 24.44 -14.84 65.94
N ASN G 507 25.64 -14.44 65.53
CA ASN G 507 26.73 -14.17 66.47
C ASN G 507 26.53 -12.82 67.18
N LEU G 508 26.82 -12.80 68.48
CA LEU G 508 26.65 -11.60 69.30
C LEU G 508 27.75 -10.56 69.04
N SER G 509 27.32 -9.34 68.70
CA SER G 509 28.24 -8.25 68.39
C SER G 509 27.69 -6.90 68.85
N VAL G 510 28.21 -5.81 68.27
CA VAL G 510 27.75 -4.46 68.59
C VAL G 510 26.37 -4.18 67.98
N ASP G 511 25.52 -3.51 68.75
CA ASP G 511 24.10 -3.31 68.39
C ASP G 511 23.89 -2.05 67.57
N GLU G 512 23.65 -2.22 66.27
CA GLU G 512 23.38 -1.11 65.34
C GLU G 512 22.65 -1.58 64.07
N PRO G 513 21.49 -0.97 63.76
CA PRO G 513 20.82 -1.22 62.48
C PRO G 513 21.46 -0.42 61.35
N LEU G 514 22.23 -1.11 60.51
CA LEU G 514 22.94 -0.49 59.39
C LEU G 514 21.99 -0.06 58.28
N ASP G 515 22.16 1.16 57.79
CA ASP G 515 21.27 1.71 56.76
C ASP G 515 21.92 1.70 55.37
N VAL G 516 21.50 0.73 54.56
CA VAL G 516 21.83 0.65 53.14
C VAL G 516 20.62 0.04 52.42
N ASP G 517 20.18 0.70 51.34
CA ASP G 517 18.91 0.38 50.68
C ASP G 517 18.74 -1.10 50.30
N TYR G 518 17.49 -1.56 50.33
CA TYR G 518 17.17 -2.98 50.15
C TYR G 518 16.57 -3.29 48.78
N ARG G 519 16.64 -2.32 47.86
CA ARG G 519 16.09 -2.49 46.51
C ARG G 519 16.98 -3.38 45.62
N PHE G 520 18.24 -3.52 46.02
CA PHE G 520 19.20 -4.37 45.32
C PHE G 520 19.87 -5.34 46.29
N ASP G 521 20.22 -6.53 45.78
CA ASP G 521 20.95 -7.53 46.56
C ASP G 521 22.30 -6.96 46.97
N PHE G 522 22.62 -7.09 48.26
CA PHE G 522 23.81 -6.44 48.84
C PHE G 522 25.13 -6.87 48.22
N SER G 523 26.17 -6.06 48.44
CA SER G 523 27.49 -6.25 47.85
C SER G 523 28.16 -7.58 48.24
N ASP G 524 29.25 -7.89 47.53
CA ASP G 524 29.93 -9.18 47.63
C ASP G 524 30.22 -9.64 49.06
N GLU G 525 30.87 -8.78 49.84
CA GLU G 525 31.32 -9.15 51.20
C GLU G 525 30.25 -9.01 52.28
N ILE G 526 29.29 -8.10 52.07
CA ILE G 526 28.23 -7.86 53.06
C ILE G 526 27.04 -8.82 52.94
N LYS G 527 27.17 -9.82 52.07
CA LYS G 527 26.18 -10.89 51.95
C LYS G 527 26.44 -11.96 53.01
N GLU G 528 27.65 -12.54 52.98
CA GLU G 528 28.05 -13.54 53.96
C GLU G 528 28.55 -12.84 55.24
N LYS G 529 27.60 -12.30 56.00
CA LYS G 529 27.91 -11.62 57.26
C LYS G 529 26.95 -12.03 58.38
N ILE G 530 27.31 -13.11 59.07
CA ILE G 530 26.58 -13.57 60.25
C ILE G 530 27.13 -12.87 61.50
N LYS G 531 28.41 -12.50 61.45
CA LYS G 531 29.09 -11.84 62.55
C LYS G 531 29.34 -10.35 62.21
N LYS G 532 28.40 -9.50 62.58
CA LYS G 532 28.51 -8.06 62.41
C LYS G 532 27.66 -7.32 63.44
N LEU G 533 26.39 -7.70 63.53
CA LEU G 533 25.42 -7.01 64.39
C LEU G 533 24.75 -8.00 65.35
N SER G 534 24.02 -7.47 66.32
CA SER G 534 23.29 -8.29 67.30
C SER G 534 21.94 -8.77 66.77
N ALA G 535 21.26 -9.59 67.56
CA ALA G 535 19.97 -10.16 67.19
C ALA G 535 18.87 -9.11 67.03
N LYS G 536 18.89 -8.09 67.88
CA LYS G 536 17.92 -6.98 67.83
C LYS G 536 18.12 -6.10 66.60
N SER G 537 19.38 -5.97 66.18
CA SER G 537 19.72 -5.21 64.98
C SER G 537 19.37 -5.99 63.71
N LEU G 538 19.48 -7.32 63.77
CA LEU G 538 19.08 -8.20 62.67
C LEU G 538 17.56 -8.22 62.45
N ASN G 539 16.81 -7.94 63.51
CA ASN G 539 15.35 -7.83 63.43
C ASN G 539 14.90 -6.66 62.57
N GLU G 540 15.66 -5.57 62.62
CA GLU G 540 15.37 -4.38 61.83
C GLU G 540 15.75 -4.56 60.36
N MET G 541 16.65 -5.50 60.08
CA MET G 541 17.09 -5.81 58.71
C MET G 541 15.99 -6.53 57.94
N LEU G 542 15.35 -7.50 58.59
CA LEU G 542 14.26 -8.27 57.97
C LEU G 542 12.97 -7.45 57.88
N PHE G 543 12.73 -6.62 58.89
CA PHE G 543 11.57 -5.73 58.92
C PHE G 543 11.60 -4.75 57.75
N ARG G 544 12.79 -4.18 57.48
CA ARG G 544 12.97 -3.26 56.37
C ARG G 544 13.05 -3.99 55.02
N ALA G 545 13.39 -5.28 55.08
CA ALA G 545 13.37 -6.14 53.89
C ALA G 545 11.92 -6.46 53.48
N GLN G 546 11.07 -6.66 54.47
CA GLN G 546 9.63 -6.82 54.24
C GLN G 546 8.97 -5.49 53.87
N ARG G 547 9.54 -4.39 54.35
CA ARG G 547 9.01 -3.05 54.09
C ARG G 547 9.22 -2.60 52.64
N THR G 548 10.41 -2.88 52.10
CA THR G 548 10.72 -2.57 50.71
C THR G 548 10.11 -3.58 49.73
N GLU G 549 9.79 -4.77 50.24
CA GLU G 549 9.11 -5.80 49.45
C GLU G 549 7.63 -5.44 49.27
N VAL G 550 7.03 -4.90 50.32
CA VAL G 550 5.63 -4.46 50.29
C VAL G 550 5.45 -3.23 49.40
N ALA G 551 6.38 -2.27 49.52
CA ALA G 551 6.39 -1.07 48.69
C ALA G 551 6.62 -1.41 47.23
N GLY G 552 7.51 -2.37 46.98
CA GLY G 552 7.80 -2.85 45.64
C GLY G 552 6.60 -3.53 44.97
N MET G 553 5.86 -4.30 45.77
CA MET G 553 4.66 -4.99 45.29
C MET G 553 3.54 -4.04 44.90
N THR G 554 3.32 -3.01 45.73
CA THR G 554 2.30 -1.99 45.48
C THR G 554 2.57 -1.22 44.19
N ALA G 555 3.80 -0.71 44.04
CA ALA G 555 4.19 0.03 42.85
C ALA G 555 4.11 -0.84 41.59
N GLN G 556 4.44 -2.12 41.73
CA GLN G 556 4.36 -3.09 40.64
C GLN G 556 2.91 -3.31 40.19
N ILE G 557 2.00 -3.34 41.15
CA ILE G 557 0.57 -3.52 40.87
C ILE G 557 -0.03 -2.25 40.26
N ASN G 558 0.29 -1.10 40.83
CA ASN G 558 -0.22 0.18 40.33
C ASN G 558 0.17 0.48 38.88
N ARG G 559 1.38 0.09 38.49
CA ARG G 559 1.80 0.21 37.09
C ARG G 559 0.86 -0.60 36.20
N LYS G 560 0.57 -1.83 36.60
CA LYS G 560 -0.33 -2.72 35.84
C LYS G 560 -1.76 -2.17 35.79
N LEU G 561 -2.19 -1.54 36.87
CA LEU G 561 -3.53 -0.95 36.96
C LEU G 561 -3.66 0.25 36.04
N LEU G 562 -2.57 0.99 35.88
CA LEU G 562 -2.48 2.10 34.95
C LEU G 562 -2.54 1.61 33.50
N ILE G 563 -1.74 0.59 33.20
CA ILE G 563 -1.64 0.03 31.85
C ILE G 563 -3.00 -0.46 31.36
N ASN G 564 -3.70 -1.19 32.22
CA ASN G 564 -5.01 -1.73 31.90
C ASN G 564 -6.13 -0.68 31.87
N SER G 565 -5.82 0.55 32.27
CA SER G 565 -6.83 1.60 32.38
C SER G 565 -6.72 2.70 31.34
N LEU G 566 -5.53 2.84 30.74
CA LEU G 566 -5.27 3.90 29.76
C LEU G 566 -6.25 3.92 28.58
N TYR G 567 -6.51 2.74 28.00
CA TYR G 567 -7.43 2.65 26.87
C TYR G 567 -8.83 3.16 27.21
N GLY G 568 -9.38 2.69 28.32
CA GLY G 568 -10.69 3.13 28.80
C GLY G 568 -10.76 4.63 28.96
N ALA G 569 -9.62 5.23 29.30
CA ALA G 569 -9.51 6.68 29.37
C ALA G 569 -9.46 7.29 27.97
N LEU G 570 -8.67 6.70 27.07
CA LEU G 570 -8.52 7.19 25.71
C LEU G 570 -9.81 7.12 24.89
N GLY G 571 -10.71 6.23 25.28
CA GLY G 571 -12.02 6.13 24.65
C GLY G 571 -13.12 6.86 25.42
N ASN G 572 -12.72 7.69 26.38
CA ASN G 572 -13.66 8.48 27.16
C ASN G 572 -13.68 9.94 26.69
N VAL G 573 -14.87 10.49 26.53
CA VAL G 573 -15.04 11.81 25.93
C VAL G 573 -14.59 12.97 26.83
N TRP G 574 -14.57 12.72 28.15
CA TRP G 574 -14.13 13.72 29.12
C TRP G 574 -12.64 13.77 29.26
N PHE G 575 -11.95 12.79 28.70
CA PHE G 575 -10.49 12.74 28.74
C PHE G 575 -9.87 13.82 27.86
N ARG G 576 -8.84 14.47 28.39
CA ARG G 576 -8.13 15.55 27.72
C ARG G 576 -7.52 15.15 26.39
N TYR G 577 -7.19 13.87 26.25
CA TYR G 577 -6.46 13.38 25.08
C TYR G 577 -7.30 12.43 24.23
N TYR G 578 -8.61 12.54 24.38
CA TYR G 578 -9.56 11.76 23.58
C TYR G 578 -9.55 12.19 22.11
N ASP G 579 -9.60 11.20 21.23
CA ASP G 579 -9.74 11.43 19.79
C ASP G 579 -10.47 10.22 19.20
N LEU G 580 -11.62 10.46 18.58
CA LEU G 580 -12.44 9.37 18.02
C LEU G 580 -11.61 8.50 17.07
N ARG G 581 -10.87 9.15 16.16
CA ARG G 581 -10.06 8.47 15.17
C ARG G 581 -8.95 7.62 15.80
N ASN G 582 -8.36 8.12 16.88
CA ASN G 582 -7.33 7.38 17.60
C ASN G 582 -7.87 6.14 18.33
N ALA G 583 -9.07 6.27 18.92
CA ALA G 583 -9.72 5.14 19.56
C ALA G 583 -10.08 4.04 18.56
N THR G 584 -10.53 4.45 17.38
CA THR G 584 -10.84 3.52 16.29
C THR G 584 -9.57 2.93 15.67
N ALA G 585 -8.48 3.71 15.69
CA ALA G 585 -7.20 3.24 15.19
C ALA G 585 -6.73 2.04 16.02
N ILE G 586 -6.79 2.19 17.34
CA ILE G 586 -6.42 1.13 18.28
C ILE G 586 -7.30 -0.10 18.04
N THR G 587 -8.61 0.13 17.96
CA THR G 587 -9.58 -0.94 17.72
C THR G 587 -9.24 -1.77 16.47
N THR G 588 -9.16 -1.11 15.32
CA THR G 588 -9.11 -1.78 14.02
C THR G 588 -7.78 -2.48 13.78
N PHE G 589 -6.69 -1.89 14.27
CA PHE G 589 -5.37 -2.52 14.20
C PHE G 589 -5.40 -3.87 14.89
N GLY G 590 -6.03 -3.93 16.07
CA GLY G 590 -6.22 -5.16 16.81
C GLY G 590 -7.04 -6.19 16.04
N GLN G 591 -8.14 -5.73 15.44
CA GLN G 591 -8.99 -6.58 14.61
C GLN G 591 -8.20 -7.23 13.47
N MET G 592 -7.36 -6.44 12.81
CA MET G 592 -6.52 -6.94 11.73
C MET G 592 -5.40 -7.84 12.27
N ALA G 593 -4.68 -7.35 13.29
CA ALA G 593 -3.56 -8.09 13.88
C ALA G 593 -3.92 -9.52 14.26
N LEU G 594 -5.13 -9.71 14.79
CA LEU G 594 -5.61 -11.03 15.19
C LEU G 594 -5.87 -11.92 13.99
N GLN G 595 -6.67 -11.43 13.05
CA GLN G 595 -7.07 -12.19 11.87
C GLN G 595 -5.90 -12.42 10.90
N TRP G 596 -4.94 -11.49 10.91
CA TRP G 596 -3.70 -11.62 10.17
C TRP G 596 -2.93 -12.82 10.64
N ILE G 597 -2.70 -12.90 11.95
CA ILE G 597 -1.96 -14.03 12.53
C ILE G 597 -2.77 -15.33 12.53
N GLU G 598 -4.10 -15.21 12.54
CA GLU G 598 -4.98 -16.36 12.38
C GLU G 598 -4.71 -16.98 11.02
N ARG G 599 -4.61 -16.12 10.01
CA ARG G 599 -4.33 -16.52 8.64
C ARG G 599 -2.92 -17.11 8.54
N LYS G 600 -1.97 -16.47 9.22
CA LYS G 600 -0.57 -16.91 9.21
C LYS G 600 -0.36 -18.25 9.90
N VAL G 601 -1.08 -18.46 11.01
CA VAL G 601 -1.01 -19.74 11.73
C VAL G 601 -1.69 -20.85 10.92
N ASN G 602 -2.79 -20.50 10.26
CA ASN G 602 -3.48 -21.45 9.37
C ASN G 602 -2.63 -21.88 8.18
N GLU G 603 -1.82 -20.96 7.66
CA GLU G 603 -0.90 -21.28 6.57
C GLU G 603 0.18 -22.22 7.05
N TYR G 604 0.75 -21.93 8.21
CA TYR G 604 1.91 -22.69 8.73
C TYR G 604 1.59 -24.15 9.05
N LEU G 605 0.53 -24.37 9.82
CA LEU G 605 0.16 -25.71 10.25
C LEU G 605 -0.30 -26.60 9.09
N ASN G 606 -0.92 -25.99 8.08
CA ASN G 606 -1.23 -26.69 6.84
C ASN G 606 0.04 -27.10 6.09
N GLU G 607 1.02 -26.19 6.08
CA GLU G 607 2.31 -26.41 5.44
C GLU G 607 3.09 -27.53 6.14
N VAL G 608 3.06 -27.55 7.48
CA VAL G 608 3.80 -28.54 8.26
C VAL G 608 3.08 -29.88 8.39
N CYS G 609 1.78 -29.90 8.10
CA CYS G 609 1.01 -31.14 8.14
C CYS G 609 0.74 -31.71 6.75
N GLY G 610 1.04 -30.93 5.71
CA GLY G 610 0.91 -31.37 4.33
C GLY G 610 -0.53 -31.46 3.85
N THR G 611 -1.34 -30.46 4.21
CA THR G 611 -2.73 -30.38 3.77
C THR G 611 -3.05 -28.98 3.22
N GLU G 612 -4.24 -28.84 2.66
CA GLU G 612 -4.66 -27.57 2.03
C GLU G 612 -5.98 -27.07 2.59
N GLY G 613 -5.98 -25.79 2.99
CA GLY G 613 -7.20 -25.11 3.46
C GLY G 613 -7.91 -25.72 4.65
N GLU G 614 -7.15 -26.22 5.62
CA GLU G 614 -7.72 -26.81 6.83
C GLU G 614 -7.76 -25.78 7.97
N ALA G 615 -8.89 -25.72 8.67
CA ALA G 615 -9.10 -24.75 9.73
C ALA G 615 -8.47 -25.23 11.04
N PHE G 616 -7.30 -24.69 11.36
CA PHE G 616 -6.61 -25.01 12.61
C PHE G 616 -7.04 -24.10 13.75
N VAL G 617 -7.21 -22.81 13.45
CA VAL G 617 -7.67 -21.83 14.43
C VAL G 617 -9.18 -21.95 14.58
N LEU G 618 -9.62 -22.34 15.76
CA LEU G 618 -11.02 -22.66 16.00
C LEU G 618 -11.81 -21.48 16.53
N TYR G 619 -11.11 -20.55 17.18
CA TYR G 619 -11.73 -19.43 17.86
C TYR G 619 -10.72 -18.31 18.16
N GLY G 620 -11.23 -17.08 18.25
CA GLY G 620 -10.40 -15.92 18.57
C GLY G 620 -11.22 -14.81 19.20
N ASP G 621 -10.61 -14.09 20.14
CA ASP G 621 -11.26 -12.98 20.83
C ASP G 621 -10.24 -11.93 21.25
N THR G 622 -10.47 -10.69 20.82
CA THR G 622 -9.61 -9.53 21.11
C THR G 622 -8.10 -9.76 20.93
N ASP G 623 -7.49 -10.48 21.87
CA ASP G 623 -6.03 -10.66 21.89
C ASP G 623 -5.60 -12.13 21.89
N SER G 624 -6.57 -13.03 21.75
CA SER G 624 -6.31 -14.46 21.90
C SER G 624 -6.78 -15.28 20.70
N ILE G 625 -6.02 -16.34 20.39
CA ILE G 625 -6.42 -17.30 19.37
C ILE G 625 -6.35 -18.72 19.95
N TYR G 626 -7.26 -19.57 19.49
CA TYR G 626 -7.32 -20.94 19.97
C TYR G 626 -7.10 -21.93 18.84
N VAL G 627 -5.98 -22.66 18.92
CA VAL G 627 -5.55 -23.56 17.86
C VAL G 627 -5.88 -25.01 18.25
N SER G 628 -6.53 -25.72 17.34
CA SER G 628 -6.79 -27.14 17.52
C SER G 628 -5.55 -27.94 17.15
N ALA G 629 -5.04 -28.72 18.10
CA ALA G 629 -3.87 -29.54 17.87
C ALA G 629 -4.19 -30.98 17.48
N ASP G 630 -5.46 -31.24 17.15
CA ASP G 630 -5.93 -32.58 16.76
C ASP G 630 -5.07 -33.20 15.65
N LYS G 631 -4.95 -32.47 14.53
CA LYS G 631 -4.17 -32.92 13.38
C LYS G 631 -2.67 -32.99 13.65
N ILE G 632 -2.20 -32.21 14.63
CA ILE G 632 -0.79 -32.24 15.05
C ILE G 632 -0.51 -33.54 15.82
N ILE G 633 -1.37 -33.84 16.79
CA ILE G 633 -1.26 -35.08 17.58
C ILE G 633 -1.48 -36.32 16.72
N ASP G 634 -2.47 -36.27 15.82
CA ASP G 634 -2.79 -37.40 14.95
C ASP G 634 -1.75 -37.61 13.84
N LYS G 635 -0.92 -36.60 13.61
CA LYS G 635 0.20 -36.73 12.68
C LYS G 635 1.24 -37.69 13.23
N VAL G 636 1.54 -37.56 14.52
CA VAL G 636 2.47 -38.47 15.20
C VAL G 636 1.76 -39.69 15.80
N GLY G 637 0.45 -39.57 16.03
CA GLY G 637 -0.35 -40.65 16.58
C GLY G 637 -0.29 -40.76 18.09
N GLU G 638 -1.46 -40.78 18.73
CA GLU G 638 -1.57 -40.88 20.19
C GLU G 638 -0.83 -42.07 20.79
N SER G 639 -0.76 -43.17 20.04
CA SER G 639 -0.13 -44.40 20.49
C SER G 639 1.34 -44.23 20.88
N LYS G 640 1.97 -43.17 20.36
CA LYS G 640 3.40 -42.92 20.60
C LYS G 640 3.69 -42.24 21.95
N PHE G 641 2.64 -41.82 22.65
CA PHE G 641 2.80 -41.17 23.95
C PHE G 641 2.50 -42.15 25.09
N ARG G 642 3.42 -42.26 26.04
CA ARG G 642 3.26 -43.20 27.16
C ARG G 642 2.27 -42.70 28.22
N ASP G 643 2.20 -41.38 28.42
CA ASP G 643 1.24 -40.80 29.35
C ASP G 643 0.82 -39.39 28.94
N THR G 644 -0.10 -38.79 29.70
CA THR G 644 -0.59 -37.44 29.46
C THR G 644 0.53 -36.40 29.39
N ASN G 645 1.44 -36.45 30.36
CA ASN G 645 2.51 -35.45 30.46
C ASN G 645 3.40 -35.38 29.23
N HIS G 646 3.59 -36.52 28.57
CA HIS G 646 4.48 -36.63 27.40
C HIS G 646 3.95 -35.96 26.16
N TRP G 647 2.64 -36.03 25.93
CA TRP G 647 2.05 -35.32 24.78
C TRP G 647 1.91 -33.84 25.03
N VAL G 648 1.81 -33.47 26.31
CA VAL G 648 1.84 -32.07 26.71
C VAL G 648 3.23 -31.51 26.42
N ASP G 649 4.25 -32.29 26.75
CA ASP G 649 5.65 -31.93 26.48
C ASP G 649 5.91 -31.73 25.00
N PHE G 650 5.29 -32.57 24.18
CA PHE G 650 5.39 -32.48 22.73
C PHE G 650 4.79 -31.18 22.19
N LEU G 651 3.55 -30.88 22.59
CA LEU G 651 2.85 -29.67 22.15
C LEU G 651 3.50 -28.40 22.68
N ASP G 652 4.07 -28.48 23.88
CA ASP G 652 4.86 -27.39 24.45
C ASP G 652 6.07 -27.11 23.57
N LYS G 653 6.80 -28.18 23.24
CA LYS G 653 8.03 -28.09 22.43
C LYS G 653 7.72 -27.67 20.99
N PHE G 654 6.57 -28.11 20.49
CA PHE G 654 6.11 -27.74 19.14
C PHE G 654 5.83 -26.24 19.05
N ALA G 655 5.09 -25.73 20.03
CA ALA G 655 4.68 -24.32 20.05
C ALA G 655 5.87 -23.38 20.18
N ARG G 656 6.84 -23.77 20.99
CA ARG G 656 7.99 -22.93 21.29
C ARG G 656 8.96 -22.85 20.12
N GLU G 657 9.34 -24.00 19.59
CA GLU G 657 10.41 -24.09 18.60
C GLU G 657 9.96 -23.91 17.15
N ARG G 658 8.71 -24.27 16.87
CA ARG G 658 8.20 -24.23 15.50
C ARG G 658 7.22 -23.08 15.25
N MET G 659 6.23 -22.94 16.14
CA MET G 659 5.16 -21.97 15.97
C MET G 659 5.56 -20.55 16.34
N GLU G 660 6.16 -20.39 17.52
CA GLU G 660 6.56 -19.06 18.01
C GLU G 660 7.38 -18.29 16.97
N PRO G 661 8.44 -18.92 16.38
CA PRO G 661 9.18 -18.22 15.34
C PRO G 661 8.29 -17.83 14.15
N ALA G 662 7.45 -18.75 13.70
CA ALA G 662 6.56 -18.52 12.56
C ALA G 662 5.60 -17.35 12.82
N ILE G 663 5.18 -17.21 14.07
CA ILE G 663 4.30 -16.11 14.48
C ILE G 663 5.06 -14.78 14.47
N ASP G 664 6.27 -14.78 15.03
CA ASP G 664 7.09 -13.58 15.08
C ASP G 664 7.54 -13.16 13.68
N ARG G 665 7.85 -14.15 12.85
CA ARG G 665 8.19 -13.96 11.45
C ARG G 665 6.99 -13.38 10.69
N GLY G 666 5.79 -13.75 11.14
CA GLY G 666 4.53 -13.29 10.56
C GLY G 666 4.14 -11.89 11.00
N PHE G 667 4.40 -11.55 12.26
CA PHE G 667 4.10 -10.22 12.78
C PHE G 667 5.12 -9.18 12.34
N ARG G 668 6.34 -9.63 12.01
CA ARG G 668 7.36 -8.75 11.46
C ARG G 668 6.97 -8.26 10.07
N GLU G 669 6.27 -9.12 9.33
CA GLU G 669 5.78 -8.78 8.00
C GLU G 669 4.64 -7.77 8.07
N MET G 670 3.79 -7.91 9.08
CA MET G 670 2.69 -6.98 9.30
C MET G 670 3.19 -5.60 9.71
N CYS G 671 4.35 -5.57 10.37
CA CYS G 671 5.00 -4.33 10.79
C CYS G 671 5.57 -3.58 9.59
N GLU G 672 6.10 -4.34 8.63
CA GLU G 672 6.60 -3.79 7.37
C GLU G 672 5.45 -3.32 6.48
N TYR G 673 4.32 -4.00 6.60
CA TYR G 673 3.13 -3.74 5.78
C TYR G 673 2.45 -2.44 6.17
N MET G 674 2.39 -2.16 7.47
CA MET G 674 1.82 -0.91 7.98
C MET G 674 2.88 0.16 8.14
N ASN G 675 4.14 -0.25 7.98
CA ASN G 675 5.31 0.62 8.12
C ASN G 675 5.33 1.30 9.50
N ASN G 676 5.14 0.50 10.54
CA ASN G 676 5.06 1.00 11.91
C ASN G 676 6.41 1.39 12.49
N LYS G 677 6.37 2.16 13.59
CA LYS G 677 7.57 2.67 14.23
C LYS G 677 8.39 1.56 14.89
N GLN G 678 7.70 0.64 15.56
CA GLN G 678 8.35 -0.40 16.34
C GLN G 678 7.55 -1.69 16.28
N HIS G 679 8.24 -2.83 16.32
CA HIS G 679 7.58 -4.13 16.37
C HIS G 679 7.39 -4.57 17.80
N LEU G 680 6.12 -4.65 18.22
CA LEU G 680 5.78 -4.98 19.61
C LEU G 680 4.62 -5.98 19.73
N MET G 681 4.27 -6.64 18.63
CA MET G 681 3.26 -7.71 18.66
C MET G 681 3.91 -9.01 19.15
N PHE G 682 3.86 -9.23 20.46
CA PHE G 682 4.48 -10.41 21.06
C PHE G 682 3.45 -11.41 21.56
N MET G 683 3.22 -12.43 20.73
CA MET G 683 2.29 -13.50 21.07
C MET G 683 3.07 -14.70 21.56
N ASP G 684 2.78 -15.11 22.79
CA ASP G 684 3.42 -16.30 23.38
C ASP G 684 2.36 -17.31 23.83
N ARG G 685 2.78 -18.58 23.90
CA ARG G 685 1.89 -19.69 24.23
C ARG G 685 1.27 -19.54 25.62
N GLU G 686 -0.04 -19.76 25.69
CA GLU G 686 -0.76 -19.67 26.95
C GLU G 686 -1.09 -21.06 27.50
N ALA G 687 -2.21 -21.65 27.06
CA ALA G 687 -2.68 -22.91 27.63
C ALA G 687 -2.53 -24.13 26.70
N ILE G 688 -2.29 -25.29 27.31
CA ILE G 688 -2.33 -26.58 26.61
C ILE G 688 -3.44 -27.41 27.24
N ALA G 689 -4.44 -27.77 26.44
CA ALA G 689 -5.62 -28.45 26.95
C ALA G 689 -5.90 -29.77 26.24
N GLY G 690 -6.47 -30.71 26.97
CA GLY G 690 -6.86 -32.00 26.42
C GLY G 690 -7.35 -32.99 27.47
N PRO G 691 -7.84 -34.16 27.03
CA PRO G 691 -8.25 -35.19 27.99
C PRO G 691 -7.04 -35.92 28.54
N PRO G 692 -7.19 -36.58 29.70
CA PRO G 692 -6.13 -37.46 30.18
C PRO G 692 -5.96 -38.61 29.20
N LEU G 693 -4.71 -38.97 28.89
CA LEU G 693 -4.44 -40.03 27.92
C LEU G 693 -5.10 -41.34 28.35
N GLY G 694 -5.81 -41.96 27.41
CA GLY G 694 -6.47 -43.24 27.65
C GLY G 694 -7.87 -43.13 28.20
N SER G 695 -8.39 -41.91 28.31
CA SER G 695 -9.74 -41.68 28.83
C SER G 695 -10.75 -41.31 27.75
N LYS G 696 -12.03 -41.37 28.10
CA LYS G 696 -13.11 -41.03 27.17
C LYS G 696 -13.51 -39.56 27.25
N GLY G 697 -12.69 -38.77 27.95
CA GLY G 697 -12.92 -37.34 28.09
C GLY G 697 -12.80 -36.60 26.78
N ILE G 698 -13.57 -35.53 26.63
CA ILE G 698 -13.64 -34.80 25.35
C ILE G 698 -12.63 -33.65 25.27
N GLY G 699 -11.94 -33.37 26.36
CA GLY G 699 -10.91 -32.32 26.40
C GLY G 699 -11.47 -30.93 26.59
N GLY G 700 -12.26 -30.46 25.63
CA GLY G 700 -12.87 -29.13 25.70
C GLY G 700 -14.08 -29.00 24.80
N PHE G 701 -14.80 -27.89 24.92
CA PHE G 701 -15.94 -27.59 24.04
C PHE G 701 -16.23 -26.10 23.92
N TRP G 702 -16.91 -25.71 22.83
CA TRP G 702 -17.43 -24.36 22.64
C TRP G 702 -18.91 -24.41 22.42
N THR G 703 -19.66 -23.55 23.10
CA THR G 703 -21.10 -23.46 22.89
C THR G 703 -21.47 -22.28 22.01
N GLY G 704 -20.64 -21.24 22.02
CA GLY G 704 -20.85 -20.05 21.20
C GLY G 704 -19.74 -19.04 21.43
N LYS G 705 -20.00 -17.76 21.10
CA LYS G 705 -19.03 -16.70 21.35
C LYS G 705 -18.88 -16.50 22.85
N LYS G 706 -17.64 -16.40 23.32
CA LYS G 706 -17.34 -16.13 24.73
C LYS G 706 -17.94 -17.15 25.70
N ARG G 707 -18.08 -18.40 25.25
CA ARG G 707 -18.62 -19.48 26.08
C ARG G 707 -17.94 -20.81 25.78
N TYR G 708 -16.94 -21.16 26.60
CA TYR G 708 -16.16 -22.37 26.38
C TYR G 708 -15.54 -22.93 27.66
N ALA G 709 -15.17 -24.20 27.59
CA ALA G 709 -14.47 -24.86 28.70
C ALA G 709 -13.32 -25.71 28.18
N LEU G 710 -12.22 -25.71 28.92
CA LEU G 710 -11.02 -26.46 28.56
C LEU G 710 -10.45 -27.18 29.77
N ASN G 711 -9.82 -28.32 29.52
CA ASN G 711 -9.13 -29.07 30.55
C ASN G 711 -7.62 -28.84 30.44
N VAL G 712 -7.12 -27.89 31.23
CA VAL G 712 -5.76 -27.36 31.07
C VAL G 712 -4.70 -28.12 31.85
N TRP G 713 -3.56 -28.36 31.22
CA TRP G 713 -2.43 -29.08 31.83
C TRP G 713 -1.25 -28.19 32.06
N ASP G 714 -1.17 -27.11 31.29
CA ASP G 714 -0.03 -26.20 31.35
C ASP G 714 -0.48 -24.81 30.99
N MET G 715 -0.02 -23.83 31.77
CA MET G 715 -0.29 -22.42 31.49
C MET G 715 1.00 -21.63 31.58
N GLU G 716 1.41 -21.07 30.43
CA GLU G 716 2.60 -20.23 30.31
C GLU G 716 3.88 -20.87 30.87
N GLY G 717 3.99 -22.18 30.73
CA GLY G 717 5.16 -22.92 31.23
C GLY G 717 4.93 -23.63 32.56
N THR G 718 3.91 -23.19 33.31
CA THR G 718 3.57 -23.81 34.58
C THR G 718 2.79 -25.10 34.34
N ARG G 719 3.39 -26.22 34.72
CA ARG G 719 2.80 -27.54 34.52
C ARG G 719 2.09 -28.00 35.79
N TYR G 720 0.78 -28.15 35.72
CA TYR G 720 -0.03 -28.55 36.88
C TYR G 720 0.14 -30.03 37.24
N ALA G 721 0.01 -30.32 38.53
CA ALA G 721 -0.05 -31.71 39.02
C ALA G 721 -1.39 -32.34 38.62
N GLU G 722 -2.48 -31.73 39.11
CA GLU G 722 -3.83 -32.05 38.66
C GLU G 722 -4.30 -31.02 37.64
N PRO G 723 -5.05 -31.45 36.61
CA PRO G 723 -5.47 -30.51 35.57
C PRO G 723 -6.53 -29.51 36.04
N LYS G 724 -6.20 -28.22 35.99
CA LYS G 724 -7.14 -27.13 36.25
C LYS G 724 -8.10 -26.97 35.08
N LEU G 725 -9.38 -26.72 35.37
CA LEU G 725 -10.36 -26.41 34.33
C LEU G 725 -10.39 -24.92 34.06
N LYS G 726 -10.39 -24.54 32.79
CA LYS G 726 -10.59 -23.16 32.40
C LYS G 726 -11.98 -23.03 31.82
N ILE G 727 -12.89 -22.43 32.58
CA ILE G 727 -14.25 -22.18 32.13
C ILE G 727 -14.46 -20.68 31.98
N MET G 728 -14.97 -20.29 30.80
CA MET G 728 -15.27 -18.90 30.53
C MET G 728 -16.71 -18.76 30.05
N GLY G 729 -17.41 -17.77 30.59
CA GLY G 729 -18.74 -17.42 30.11
C GLY G 729 -19.86 -18.28 30.64
N LEU G 730 -19.62 -19.58 30.76
CA LEU G 730 -20.65 -20.54 31.17
C LEU G 730 -21.15 -20.26 32.58
N GLU G 731 -22.32 -20.82 32.90
CA GLU G 731 -23.07 -20.49 34.10
C GLU G 731 -22.29 -20.66 35.41
N THR G 732 -21.31 -21.56 35.44
CA THR G 732 -20.47 -21.75 36.63
C THR G 732 -19.73 -20.47 37.01
N GLN G 733 -19.44 -19.63 36.01
CA GLN G 733 -18.72 -18.37 36.21
C GLN G 733 -19.63 -17.17 36.52
N LYS G 734 -20.94 -17.39 36.47
CA LYS G 734 -21.91 -16.32 36.72
C LYS G 734 -22.36 -16.27 38.19
N SER G 735 -22.26 -15.10 38.81
CA SER G 735 -22.67 -14.90 40.20
C SER G 735 -24.18 -15.06 40.38
N SER G 736 -24.90 -15.05 39.26
CA SER G 736 -26.35 -15.22 39.28
C SER G 736 -26.72 -16.69 39.52
N THR G 737 -25.85 -17.60 39.11
CA THR G 737 -26.06 -19.04 39.33
C THR G 737 -25.99 -19.38 40.82
N PRO G 738 -26.97 -20.17 41.32
CA PRO G 738 -26.96 -20.63 42.72
C PRO G 738 -25.68 -21.39 43.06
N LYS G 739 -25.16 -21.16 44.27
CA LYS G 739 -23.91 -21.76 44.72
C LYS G 739 -23.83 -23.28 44.50
N ALA G 740 -24.84 -24.01 44.97
CA ALA G 740 -24.88 -25.46 44.79
C ALA G 740 -24.86 -25.85 43.31
N VAL G 741 -25.59 -25.10 42.48
CA VAL G 741 -25.65 -25.36 41.06
C VAL G 741 -24.28 -25.10 40.40
N GLN G 742 -23.57 -24.07 40.84
CA GLN G 742 -22.25 -23.76 40.31
C GLN G 742 -21.33 -24.98 40.43
N LYS G 743 -21.32 -25.58 41.61
CA LYS G 743 -20.49 -26.75 41.91
C LYS G 743 -20.90 -27.96 41.08
N ALA G 744 -22.21 -28.17 40.99
CA ALA G 744 -22.76 -29.29 40.23
C ALA G 744 -22.41 -29.18 38.75
N LEU G 745 -22.56 -27.98 38.20
CA LEU G 745 -22.28 -27.73 36.78
C LEU G 745 -20.78 -27.83 36.50
N LYS G 746 -19.96 -27.50 37.50
CA LYS G 746 -18.51 -27.62 37.37
C LYS G 746 -18.11 -29.10 37.33
N GLU G 747 -18.73 -29.89 38.20
CA GLU G 747 -18.50 -31.33 38.25
C GLU G 747 -18.96 -32.02 36.97
N CYS G 748 -20.05 -31.51 36.38
CA CYS G 748 -20.55 -31.98 35.10
C CYS G 748 -19.54 -31.71 33.99
N ILE G 749 -19.05 -30.47 33.94
CA ILE G 749 -18.03 -30.08 32.96
C ILE G 749 -16.74 -30.87 33.19
N ARG G 750 -16.38 -31.07 34.47
CA ARG G 750 -15.17 -31.82 34.79
C ARG G 750 -15.27 -33.25 34.24
N ARG G 751 -16.40 -33.90 34.48
CA ARG G 751 -16.61 -35.26 34.03
C ARG G 751 -16.64 -35.37 32.51
N MET G 752 -17.24 -34.37 31.86
CA MET G 752 -17.30 -34.30 30.40
C MET G 752 -15.90 -34.30 29.79
N LEU G 753 -15.02 -33.45 30.31
CA LEU G 753 -13.69 -33.25 29.75
C LEU G 753 -12.69 -34.33 30.17
N GLN G 754 -12.83 -34.84 31.39
CA GLN G 754 -11.85 -35.78 31.94
C GLN G 754 -12.24 -37.25 31.88
N GLU G 755 -13.54 -37.53 31.89
CA GLU G 755 -14.00 -38.90 32.10
C GLU G 755 -14.98 -39.44 31.04
N GLY G 756 -15.80 -38.57 30.44
CA GLY G 756 -16.65 -38.97 29.32
C GLY G 756 -18.14 -38.98 29.59
N GLU G 757 -18.90 -39.41 28.58
CA GLU G 757 -20.37 -39.43 28.62
C GLU G 757 -20.93 -40.29 29.75
N GLU G 758 -20.41 -41.51 29.87
CA GLU G 758 -20.84 -42.46 30.89
C GLU G 758 -20.80 -41.83 32.29
N SER G 759 -19.70 -41.15 32.59
CA SER G 759 -19.47 -40.54 33.89
C SER G 759 -20.40 -39.36 34.18
N LEU G 760 -20.74 -38.60 33.14
CA LEU G 760 -21.69 -37.48 33.26
C LEU G 760 -23.04 -38.00 33.71
N GLN G 761 -23.51 -39.05 33.03
CA GLN G 761 -24.81 -39.66 33.30
C GLN G 761 -24.91 -40.22 34.73
N GLU G 762 -23.80 -40.69 35.27
CA GLU G 762 -23.73 -41.18 36.65
C GLU G 762 -23.94 -40.05 37.64
N TYR G 763 -23.33 -38.90 37.39
CA TYR G 763 -23.42 -37.77 38.30
C TYR G 763 -24.73 -37.00 38.17
N PHE G 764 -25.25 -36.91 36.95
CA PHE G 764 -26.53 -36.24 36.72
C PHE G 764 -27.64 -36.88 37.56
N LYS G 765 -27.64 -38.21 37.58
CA LYS G 765 -28.55 -38.97 38.43
C LYS G 765 -28.34 -38.63 39.90
N GLU G 766 -27.07 -38.55 40.30
CA GLU G 766 -26.69 -38.29 41.70
C GLU G 766 -27.16 -36.93 42.23
N PHE G 767 -26.98 -35.88 41.42
CA PHE G 767 -27.33 -34.53 41.83
C PHE G 767 -28.84 -34.33 41.94
N GLU G 768 -29.59 -34.96 41.05
CA GLU G 768 -31.04 -34.90 41.06
C GLU G 768 -31.65 -35.46 42.34
N LYS G 769 -31.11 -36.58 42.81
CA LYS G 769 -31.61 -37.25 44.02
C LYS G 769 -31.37 -36.41 45.27
N GLU G 770 -30.22 -35.74 45.33
CA GLU G 770 -29.80 -34.99 46.50
C GLU G 770 -30.29 -33.54 46.49
N PHE G 771 -30.77 -33.07 45.35
CA PHE G 771 -31.14 -31.67 45.15
C PHE G 771 -32.13 -31.11 46.17
N ARG G 772 -33.11 -31.91 46.55
CA ARG G 772 -34.13 -31.47 47.51
C ARG G 772 -33.62 -31.45 48.94
N GLN G 773 -32.49 -32.10 49.19
CA GLN G 773 -31.86 -32.13 50.51
C GLN G 773 -30.95 -30.94 50.75
N LEU G 774 -30.56 -30.27 49.66
CA LEU G 774 -29.68 -29.11 49.71
C LEU G 774 -30.32 -27.91 50.40
N ASN G 775 -29.48 -27.10 51.03
CA ASN G 775 -29.88 -25.89 51.73
C ASN G 775 -30.46 -24.84 50.77
N TYR G 776 -31.51 -24.15 51.21
CA TYR G 776 -32.28 -23.25 50.32
C TYR G 776 -31.49 -22.05 49.79
N ILE G 777 -30.66 -21.45 50.63
CA ILE G 777 -29.83 -20.33 50.20
C ILE G 777 -28.83 -20.76 49.12
N SER G 778 -28.36 -22.01 49.20
CA SER G 778 -27.38 -22.54 48.26
C SER G 778 -27.96 -22.83 46.87
N ILE G 779 -29.29 -22.99 46.79
CA ILE G 779 -29.94 -23.26 45.50
C ILE G 779 -30.76 -22.08 44.95
N ALA G 780 -30.63 -20.92 45.58
CA ALA G 780 -31.33 -19.72 45.14
C ALA G 780 -30.52 -18.93 44.13
N SER G 781 -31.19 -18.46 43.07
CA SER G 781 -30.59 -17.55 42.09
C SER G 781 -30.36 -16.18 42.72
N VAL G 782 -29.47 -15.39 42.13
CA VAL G 782 -29.17 -14.04 42.61
C VAL G 782 -29.32 -13.05 41.46
N SER G 783 -29.88 -11.88 41.75
CA SER G 783 -30.01 -10.83 40.75
C SER G 783 -29.96 -9.44 41.38
N SER G 784 -29.42 -8.48 40.63
CA SER G 784 -29.42 -7.07 41.03
C SER G 784 -30.83 -6.50 40.96
N ALA G 785 -31.18 -5.68 41.95
CA ALA G 785 -32.47 -5.02 41.99
C ALA G 785 -32.35 -3.57 41.51
N ASN G 786 -32.67 -3.36 40.24
CA ASN G 786 -32.64 -2.03 39.66
C ASN G 786 -34.00 -1.63 39.06
N ASN G 787 -34.40 -0.39 39.32
CA ASN G 787 -35.69 0.16 38.87
C ASN G 787 -36.91 -0.62 39.36
N ILE G 788 -37.01 -0.78 40.68
CA ILE G 788 -38.14 -1.48 41.30
C ILE G 788 -39.43 -0.67 41.14
N ALA G 789 -39.35 0.63 41.44
CA ALA G 789 -40.50 1.53 41.38
C ALA G 789 -41.03 1.73 39.97
N LYS G 790 -40.16 1.55 38.97
CA LYS G 790 -40.53 1.63 37.55
C LYS G 790 -41.58 0.59 37.18
N TYR G 791 -41.48 -0.59 37.80
CA TYR G 791 -42.37 -1.71 37.50
C TYR G 791 -43.40 -1.97 38.61
N ASP G 792 -43.45 -1.07 39.60
CA ASP G 792 -44.37 -1.21 40.74
C ASP G 792 -45.63 -0.38 40.54
N VAL G 793 -46.75 -1.06 40.32
CA VAL G 793 -48.06 -0.41 40.19
C VAL G 793 -49.03 -1.01 41.20
N GLY G 794 -49.30 -0.25 42.27
CA GLY G 794 -50.22 -0.67 43.33
C GLY G 794 -49.79 -1.93 44.08
N GLY G 795 -48.47 -2.11 44.21
CA GLY G 795 -47.91 -3.27 44.89
C GLY G 795 -47.72 -4.49 44.00
N PHE G 796 -48.39 -4.49 42.85
CA PHE G 796 -48.35 -5.60 41.90
C PHE G 796 -47.47 -5.26 40.70
N PRO G 797 -47.08 -6.28 39.91
CA PRO G 797 -46.19 -6.04 38.77
C PRO G 797 -46.85 -5.28 37.63
N GLY G 798 -46.13 -4.31 37.08
CA GLY G 798 -46.61 -3.51 35.95
C GLY G 798 -46.20 -4.08 34.60
N PRO G 799 -46.43 -3.32 33.51
CA PRO G 799 -46.12 -3.77 32.16
C PRO G 799 -44.64 -4.08 31.97
N LYS G 800 -44.37 -5.22 31.34
CA LYS G 800 -43.01 -5.66 30.99
C LYS G 800 -42.08 -5.79 32.22
N CYS G 801 -42.66 -6.16 33.35
CA CYS G 801 -41.89 -6.31 34.59
C CYS G 801 -40.98 -7.53 34.56
N PRO G 802 -39.68 -7.32 34.87
CA PRO G 802 -38.70 -8.41 34.96
C PRO G 802 -39.06 -9.45 36.01
N PHE G 803 -38.49 -10.64 35.88
CA PHE G 803 -38.80 -11.77 36.76
C PHE G 803 -38.35 -11.55 38.20
N HIS G 804 -37.14 -11.01 38.36
CA HIS G 804 -36.59 -10.78 39.70
C HIS G 804 -37.27 -9.66 40.43
N ILE G 805 -37.68 -8.63 39.68
CA ILE G 805 -38.40 -7.49 40.25
C ILE G 805 -39.82 -7.92 40.67
N ARG G 806 -40.40 -8.84 39.90
CA ARG G 806 -41.68 -9.44 40.23
C ARG G 806 -41.63 -10.13 41.60
N GLY G 807 -40.55 -10.87 41.85
CA GLY G 807 -40.34 -11.57 43.12
C GLY G 807 -40.15 -10.64 44.30
N ILE G 808 -39.50 -9.51 44.05
CA ILE G 808 -39.28 -8.46 45.07
C ILE G 808 -40.60 -7.84 45.50
N LEU G 809 -41.49 -7.61 44.55
CA LEU G 809 -42.83 -7.07 44.84
C LEU G 809 -43.68 -8.05 45.61
N THR G 810 -43.50 -9.35 45.32
CA THR G 810 -44.21 -10.41 46.02
C THR G 810 -43.80 -10.42 47.49
N TYR G 811 -42.52 -10.16 47.73
CA TYR G 811 -41.96 -10.06 49.07
C TYR G 811 -42.51 -8.84 49.80
N ASN G 812 -42.64 -7.72 49.08
CA ASN G 812 -43.13 -6.47 49.65
C ASN G 812 -44.59 -6.54 50.09
N ARG G 813 -45.39 -7.33 49.37
CA ARG G 813 -46.78 -7.57 49.77
C ARG G 813 -46.86 -8.57 50.92
N ALA G 814 -45.87 -9.46 51.00
CA ALA G 814 -45.79 -10.47 52.04
C ALA G 814 -45.45 -9.86 53.40
N ILE G 815 -44.52 -8.90 53.39
CA ILE G 815 -44.10 -8.21 54.62
C ILE G 815 -44.92 -6.94 54.90
N LYS G 816 -45.67 -6.49 53.90
CA LYS G 816 -46.57 -5.34 54.02
C LYS G 816 -47.22 -5.30 55.40
N GLY G 817 -46.76 -4.36 56.22
CA GLY G 817 -47.26 -4.22 57.59
C GLY G 817 -46.18 -4.29 58.64
N ASN G 818 -45.39 -5.37 58.62
CA ASN G 818 -44.28 -5.53 59.55
C ASN G 818 -43.14 -4.57 59.21
N ILE G 819 -43.01 -3.53 60.04
CA ILE G 819 -42.02 -2.47 59.81
C ILE G 819 -40.60 -2.92 60.17
N ASP G 820 -40.49 -3.96 60.98
CA ASP G 820 -39.19 -4.51 61.40
C ASP G 820 -38.60 -5.51 60.39
N ALA G 821 -39.34 -5.76 59.32
CA ALA G 821 -38.91 -6.69 58.27
C ALA G 821 -37.77 -6.09 57.45
N PRO G 822 -36.77 -6.91 57.06
CA PRO G 822 -35.65 -6.43 56.25
C PRO G 822 -36.11 -5.98 54.86
N GLN G 823 -35.98 -4.69 54.58
CA GLN G 823 -36.42 -4.11 53.32
C GLN G 823 -35.44 -4.43 52.18
N VAL G 824 -35.99 -4.54 50.97
CA VAL G 824 -35.16 -4.71 49.78
C VAL G 824 -34.69 -3.33 49.30
N VAL G 825 -33.38 -3.11 49.36
CA VAL G 825 -32.79 -1.82 49.01
C VAL G 825 -32.63 -1.67 47.50
N GLU G 826 -33.04 -0.52 46.98
CA GLU G 826 -32.85 -0.17 45.57
C GLU G 826 -31.37 -0.05 45.26
N GLY G 827 -30.91 -0.82 44.29
CA GLY G 827 -29.52 -0.77 43.85
C GLY G 827 -28.69 -2.00 44.16
N GLU G 828 -29.08 -2.76 45.19
CA GLU G 828 -28.34 -3.96 45.57
C GLU G 828 -29.08 -5.29 45.29
N LYS G 829 -28.39 -6.40 45.45
CA LYS G 829 -28.83 -7.71 44.95
C LYS G 829 -29.86 -8.43 45.83
N VAL G 830 -30.50 -9.45 45.26
CA VAL G 830 -31.49 -10.28 45.97
C VAL G 830 -31.40 -11.76 45.58
N TYR G 831 -31.71 -12.64 46.55
CA TYR G 831 -31.91 -14.07 46.28
C TYR G 831 -33.30 -14.28 45.71
N VAL G 832 -33.42 -15.22 44.77
CA VAL G 832 -34.71 -15.46 44.10
C VAL G 832 -35.06 -16.95 44.13
N LEU G 833 -36.33 -17.25 44.35
CA LEU G 833 -36.85 -18.61 44.31
C LEU G 833 -38.18 -18.68 43.57
N PRO G 834 -38.39 -19.73 42.76
CA PRO G 834 -39.69 -19.92 42.12
C PRO G 834 -40.66 -20.65 43.06
N LEU G 835 -41.92 -20.20 43.07
CA LEU G 835 -42.95 -20.77 43.93
C LEU G 835 -43.96 -21.55 43.11
N ARG G 836 -44.44 -22.68 43.67
CA ARG G 836 -45.42 -23.52 42.98
C ARG G 836 -46.74 -22.78 42.77
N GLU G 837 -47.47 -23.15 41.72
CA GLU G 837 -48.74 -22.49 41.38
C GLU G 837 -49.85 -22.75 42.42
N GLY G 838 -50.48 -21.65 42.86
CA GLY G 838 -51.51 -21.72 43.88
C GLY G 838 -50.99 -21.44 45.28
N ASN G 839 -49.92 -20.66 45.37
CA ASN G 839 -49.27 -20.35 46.64
C ASN G 839 -49.88 -19.12 47.34
N PRO G 840 -49.68 -18.99 48.67
CA PRO G 840 -50.29 -17.91 49.45
C PRO G 840 -49.78 -16.52 49.09
N PHE G 841 -48.57 -16.46 48.53
CA PHE G 841 -47.98 -15.19 48.11
C PHE G 841 -48.58 -14.66 46.82
N GLY G 842 -49.30 -15.53 46.10
CA GLY G 842 -50.07 -15.14 44.93
C GLY G 842 -49.27 -14.76 43.69
N ASP G 843 -48.06 -15.28 43.58
CA ASP G 843 -47.22 -15.04 42.40
C ASP G 843 -46.27 -16.22 42.20
N LYS G 844 -45.63 -16.28 41.02
CA LYS G 844 -44.80 -17.43 40.65
C LYS G 844 -43.39 -17.43 41.27
N CYS G 845 -43.00 -16.33 41.90
CA CYS G 845 -41.68 -16.21 42.52
C CYS G 845 -41.63 -15.18 43.64
N ILE G 846 -40.69 -15.40 44.56
CA ILE G 846 -40.40 -14.46 45.64
C ILE G 846 -38.90 -14.16 45.66
N ALA G 847 -38.53 -12.98 46.15
CA ALA G 847 -37.13 -12.58 46.21
C ALA G 847 -36.86 -11.78 47.48
N TRP G 848 -35.72 -12.02 48.11
CA TRP G 848 -35.38 -11.37 49.37
C TRP G 848 -33.91 -10.96 49.38
N PRO G 849 -33.55 -9.97 50.21
CA PRO G 849 -32.20 -9.37 50.20
C PRO G 849 -31.08 -10.42 50.29
N SER G 850 -30.09 -10.30 49.40
CA SER G 850 -29.02 -11.29 49.33
C SER G 850 -28.05 -11.17 50.50
N GLY G 851 -27.41 -12.30 50.85
CA GLY G 851 -26.45 -12.35 51.94
C GLY G 851 -27.08 -12.58 53.30
N THR G 852 -28.38 -12.88 53.31
CA THR G 852 -29.13 -13.08 54.55
C THR G 852 -30.10 -14.26 54.47
N GLU G 853 -30.50 -14.76 55.63
CA GLU G 853 -31.60 -15.71 55.74
C GLU G 853 -32.91 -14.97 55.48
N ILE G 854 -33.91 -15.67 54.95
CA ILE G 854 -35.22 -15.07 54.74
C ILE G 854 -35.98 -14.93 56.07
N THR G 855 -36.51 -13.73 56.31
CA THR G 855 -37.19 -13.38 57.57
C THR G 855 -38.17 -14.46 58.06
N ASP G 856 -38.16 -14.69 59.37
CA ASP G 856 -38.89 -15.82 59.98
C ASP G 856 -40.41 -15.77 59.87
N LEU G 857 -40.95 -14.61 59.48
CA LEU G 857 -42.40 -14.46 59.33
C LEU G 857 -42.98 -15.15 58.10
N ILE G 858 -42.12 -15.48 57.14
CA ILE G 858 -42.53 -16.15 55.90
C ILE G 858 -41.63 -17.34 55.52
N LYS G 859 -40.63 -17.60 56.35
CA LYS G 859 -39.64 -18.67 56.12
C LYS G 859 -40.27 -20.03 55.79
N ASP G 860 -41.17 -20.48 56.66
CA ASP G 860 -41.75 -21.82 56.55
C ASP G 860 -42.66 -22.00 55.34
N ASP G 861 -43.34 -20.92 54.94
CA ASP G 861 -44.13 -20.91 53.72
C ASP G 861 -43.25 -20.97 52.47
N VAL G 862 -42.20 -20.17 52.44
CA VAL G 862 -41.26 -20.15 51.32
C VAL G 862 -40.61 -21.53 51.14
N LEU G 863 -40.20 -22.14 52.25
CA LEU G 863 -39.60 -23.47 52.23
C LEU G 863 -40.56 -24.55 51.75
N HIS G 864 -41.86 -24.35 51.99
CA HIS G 864 -42.88 -25.33 51.63
C HIS G 864 -43.35 -25.19 50.21
N TRP G 865 -43.39 -23.95 49.72
CA TRP G 865 -43.97 -23.64 48.42
C TRP G 865 -42.99 -23.49 47.28
N MET G 866 -41.70 -23.45 47.61
CA MET G 866 -40.68 -23.31 46.57
C MET G 866 -40.73 -24.47 45.59
N ASP G 867 -40.73 -24.14 44.30
CA ASP G 867 -40.87 -25.14 43.25
C ASP G 867 -39.51 -25.69 42.88
N TYR G 868 -39.18 -26.86 43.42
CA TYR G 868 -37.90 -27.49 43.15
C TYR G 868 -37.77 -27.88 41.67
N THR G 869 -38.82 -28.47 41.12
CA THR G 869 -38.85 -28.91 39.72
C THR G 869 -38.43 -27.78 38.77
N VAL G 870 -39.08 -26.62 38.92
CA VAL G 870 -38.80 -25.46 38.09
C VAL G 870 -37.40 -24.91 38.35
N LEU G 871 -37.00 -24.88 39.62
CA LEU G 871 -35.70 -24.38 40.02
C LEU G 871 -34.56 -25.20 39.41
N LEU G 872 -34.73 -26.52 39.40
CA LEU G 872 -33.76 -27.43 38.80
C LEU G 872 -33.68 -27.22 37.28
N GLU G 873 -34.85 -27.17 36.64
CA GLU G 873 -34.95 -27.00 35.18
C GLU G 873 -34.39 -25.67 34.70
N LYS G 874 -34.55 -24.62 35.49
CA LYS G 874 -34.06 -23.29 35.10
C LYS G 874 -32.56 -23.11 35.27
N THR G 875 -32.03 -23.63 36.39
CA THR G 875 -30.66 -23.34 36.79
C THR G 875 -29.65 -24.43 36.46
N PHE G 876 -30.08 -25.69 36.47
CA PHE G 876 -29.16 -26.81 36.28
C PHE G 876 -29.28 -27.48 34.90
N ILE G 877 -30.49 -27.93 34.55
CA ILE G 877 -30.69 -28.69 33.31
C ILE G 877 -30.54 -27.83 32.05
N LYS G 878 -31.21 -26.68 32.00
CA LYS G 878 -31.14 -25.81 30.84
C LYS G 878 -29.71 -25.47 30.43
N PRO G 879 -28.85 -25.09 31.40
CA PRO G 879 -27.43 -24.90 31.08
C PRO G 879 -26.68 -26.18 30.67
N LEU G 880 -27.04 -27.32 31.26
CA LEU G 880 -26.40 -28.60 30.93
C LEU G 880 -26.80 -29.04 29.53
N GLU G 881 -28.08 -28.94 29.22
CA GLU G 881 -28.59 -29.22 27.88
C GLU G 881 -27.82 -28.38 26.85
N GLY G 882 -27.43 -27.17 27.27
CA GLY G 882 -26.62 -26.28 26.44
C GLY G 882 -25.21 -26.79 26.20
N PHE G 883 -24.54 -27.19 27.28
CA PHE G 883 -23.18 -27.72 27.18
C PHE G 883 -23.14 -28.98 26.32
N THR G 884 -24.09 -29.87 26.55
CA THR G 884 -24.05 -31.22 26.02
C THR G 884 -24.40 -31.32 24.55
N SER G 885 -25.37 -30.50 24.11
CA SER G 885 -25.76 -30.48 22.71
C SER G 885 -24.65 -29.86 21.86
N ALA G 886 -23.90 -28.94 22.45
CA ALA G 886 -22.74 -28.34 21.81
C ALA G 886 -21.61 -29.35 21.71
N ALA G 887 -21.35 -30.04 22.81
CA ALA G 887 -20.31 -31.07 22.88
C ALA G 887 -20.74 -32.37 22.20
N LYS G 888 -22.02 -32.45 21.83
CA LYS G 888 -22.59 -33.59 21.11
C LYS G 888 -22.56 -34.92 21.89
N LEU G 889 -22.95 -34.86 23.16
CA LEU G 889 -23.15 -36.05 23.98
C LEU G 889 -24.39 -35.89 24.86
N ASP G 890 -24.81 -36.96 25.51
CA ASP G 890 -26.07 -36.95 26.27
C ASP G 890 -25.87 -37.04 27.77
N TYR G 891 -26.62 -36.24 28.53
CA TYR G 891 -26.59 -36.29 29.99
C TYR G 891 -27.58 -37.31 30.56
N GLU G 892 -28.34 -37.95 29.66
CA GLU G 892 -29.20 -39.08 30.00
C GLU G 892 -29.05 -40.18 28.97
N LYS G 893 -28.98 -41.43 29.44
CA LYS G 893 -28.79 -42.57 28.54
C LYS G 893 -30.00 -42.76 27.63
N LYS G 894 -29.78 -42.58 26.34
CA LYS G 894 -30.82 -42.78 25.33
C LYS G 894 -30.83 -44.23 24.89
N ALA G 895 -32.03 -44.76 24.67
CA ALA G 895 -32.19 -46.14 24.23
C ALA G 895 -31.52 -46.38 22.90
N SER G 896 -30.66 -47.40 22.85
CA SER G 896 -29.96 -47.76 21.63
C SER G 896 -30.35 -49.17 21.19
N LEU G 897 -29.78 -49.61 20.06
CA LEU G 897 -30.03 -50.94 19.54
C LEU G 897 -29.09 -51.96 20.17
N PHE G 898 -28.20 -51.47 21.04
CA PHE G 898 -27.20 -52.31 21.69
C PHE G 898 -27.51 -52.58 23.17
N ASP G 899 -28.56 -51.94 23.67
CA ASP G 899 -29.03 -52.18 25.04
C ASP G 899 -29.62 -53.57 25.19
N MET G 900 -30.23 -54.06 24.11
CA MET G 900 -30.89 -55.37 24.10
C MET G 900 -30.05 -56.42 23.37
N PHE G 901 -28.74 -56.41 23.63
CA PHE G 901 -27.82 -57.35 23.00
C PHE G 901 -26.77 -57.87 24.00
N ASP G 902 -26.88 -59.15 24.33
CA ASP G 902 -25.94 -59.82 25.23
C ASP G 902 -25.90 -61.33 24.97
N PHE G 903 -24.69 -61.90 25.03
CA PHE G 903 -24.49 -63.33 24.82
C PHE G 903 -24.51 -64.08 26.14
P C37 H 3 -16.62 4.60 29.62
O1P C37 H 3 -17.38 3.65 30.48
O2P C37 H 3 -17.27 5.83 29.14
O5' C37 H 3 -16.08 3.78 28.37
C5' C37 H 3 -15.17 4.37 27.43
C4' C37 H 3 -14.67 3.32 26.45
O4' C37 H 3 -13.83 2.38 27.16
C3' C37 H 3 -15.76 2.47 25.82
O3' C37 H 3 -16.28 3.08 24.63
C2' C37 H 3 -15.04 1.17 25.50
C1' C37 H 3 -13.97 1.08 26.59
N1 C37 H 3 -14.31 0.14 27.68
C2 C37 H 3 -13.75 -1.14 27.64
O2 C37 H 3 -12.99 -1.45 26.72
N3 C37 H 3 -14.06 -2.03 28.62
C4 C37 H 3 -14.89 -1.66 29.60
N4 C37 H 3 -15.17 -2.56 30.56
C5 C37 H 3 -15.48 -0.37 29.66
C6 C37 H 3 -15.17 0.49 28.69
F C37 H 3 -16.30 0.01 30.62
N MET J 1 20.41 -34.45 17.68
CA MET J 1 21.74 -34.11 17.11
C MET J 1 21.61 -33.58 15.68
N LYS J 2 21.75 -32.27 15.54
CA LYS J 2 21.72 -31.61 14.24
C LYS J 2 23.13 -31.47 13.69
N GLU J 3 23.26 -31.42 12.37
CA GLU J 3 24.57 -31.38 11.70
C GLU J 3 25.27 -30.03 11.84
N PHE J 4 26.60 -30.06 11.94
CA PHE J 4 27.43 -28.86 11.99
C PHE J 4 28.78 -29.07 11.32
N TYR J 5 29.27 -28.05 10.63
CA TYR J 5 30.52 -28.14 9.87
C TYR J 5 31.76 -28.12 10.77
N LEU J 6 32.92 -28.37 10.16
CA LEU J 6 34.19 -28.33 10.86
C LEU J 6 35.16 -27.40 10.14
N THR J 7 35.44 -27.71 8.87
CA THR J 7 36.35 -26.92 8.04
C THR J 7 35.78 -26.73 6.64
N VAL J 8 36.19 -25.65 5.98
CA VAL J 8 35.85 -25.40 4.59
C VAL J 8 36.95 -24.59 3.89
N GLU J 9 37.34 -25.03 2.70
CA GLU J 9 38.38 -24.36 1.90
C GLU J 9 38.01 -24.33 0.41
N GLN J 10 38.47 -23.30 -0.29
CA GLN J 10 38.22 -23.17 -1.73
C GLN J 10 39.43 -23.58 -2.56
N ILE J 11 39.26 -24.67 -3.31
CA ILE J 11 40.30 -25.14 -4.25
C ILE J 11 39.70 -25.25 -5.65
N GLY J 12 39.94 -24.21 -6.46
CA GLY J 12 39.42 -24.15 -7.83
C GLY J 12 37.92 -23.94 -7.88
N ASP J 13 37.23 -24.84 -8.58
CA ASP J 13 35.78 -24.77 -8.73
C ASP J 13 35.02 -25.65 -7.72
N SER J 14 35.77 -26.47 -6.97
CA SER J 14 35.18 -27.39 -6.00
C SER J 14 35.72 -27.13 -4.59
N ILE J 15 34.86 -26.61 -3.71
CA ILE J 15 35.21 -26.43 -2.29
C ILE J 15 35.19 -27.77 -1.55
N PHE J 16 35.97 -27.86 -0.48
CA PHE J 16 36.08 -29.08 0.31
C PHE J 16 35.64 -28.85 1.75
N GLU J 17 34.70 -29.67 2.22
CA GLU J 17 34.13 -29.53 3.55
C GLU J 17 34.25 -30.79 4.39
N ARG J 18 34.57 -30.62 5.66
CA ARG J 18 34.48 -31.68 6.66
C ARG J 18 33.39 -31.33 7.66
N TYR J 19 32.57 -32.31 8.03
CA TYR J 19 31.43 -32.08 8.91
C TYR J 19 31.11 -33.27 9.81
N ILE J 20 30.43 -32.97 10.92
CA ILE J 20 29.90 -34.01 11.81
C ILE J 20 28.42 -34.21 11.46
N ASP J 21 28.07 -35.43 11.05
CA ASP J 21 26.70 -35.75 10.63
C ASP J 21 25.70 -35.83 11.80
N SER J 22 24.43 -36.07 11.47
CA SER J 22 23.36 -36.15 12.46
C SER J 22 23.51 -37.35 13.40
N ASN J 23 24.29 -38.33 12.97
CA ASN J 23 24.63 -39.48 13.80
C ASN J 23 25.79 -39.18 14.75
N GLY J 24 26.79 -38.46 14.24
CA GLY J 24 27.91 -37.99 15.07
C GLY J 24 29.27 -38.53 14.67
N ARG J 25 29.59 -38.50 13.38
CA ARG J 25 30.90 -38.92 12.89
C ARG J 25 31.38 -38.10 11.69
N GLU J 26 32.70 -37.98 11.55
CA GLU J 26 33.31 -37.15 10.51
C GLU J 26 33.10 -37.69 9.11
N ARG J 27 32.59 -36.82 8.23
CA ARG J 27 32.40 -37.15 6.82
C ARG J 27 32.96 -36.03 5.94
N THR J 28 33.65 -36.42 4.87
CA THR J 28 34.24 -35.47 3.93
C THR J 28 33.47 -35.47 2.62
N ARG J 29 33.28 -34.28 2.06
CA ARG J 29 32.57 -34.13 0.78
C ARG J 29 33.06 -32.94 -0.04
N GLU J 30 33.08 -33.11 -1.35
CA GLU J 30 33.40 -32.02 -2.28
C GLU J 30 32.15 -31.57 -3.04
N VAL J 31 32.01 -30.25 -3.19
CA VAL J 31 30.86 -29.67 -3.89
C VAL J 31 31.34 -28.54 -4.82
N GLU J 32 30.99 -28.65 -6.09
CA GLU J 32 31.21 -27.53 -7.03
C GLU J 32 30.08 -26.52 -6.89
N TYR J 33 30.19 -25.70 -5.85
CA TYR J 33 29.13 -24.77 -5.42
C TYR J 33 28.80 -23.72 -6.46
N LYS J 34 27.53 -23.67 -6.85
CA LYS J 34 27.03 -22.66 -7.78
C LYS J 34 26.48 -21.47 -7.00
N PRO J 35 27.26 -20.37 -6.94
CA PRO J 35 26.90 -19.23 -6.11
C PRO J 35 25.93 -18.27 -6.82
N SER J 36 25.58 -17.20 -6.12
CA SER J 36 24.76 -16.14 -6.69
C SER J 36 25.32 -14.78 -6.30
N LEU J 37 25.37 -13.88 -7.27
CA LEU J 37 25.83 -12.52 -7.05
C LEU J 37 24.86 -11.53 -7.68
N PHE J 38 24.84 -10.30 -7.16
CA PHE J 38 23.80 -9.34 -7.49
C PHE J 38 24.34 -8.08 -8.18
N ALA J 39 23.43 -7.36 -8.84
CA ALA J 39 23.76 -6.10 -9.52
C ALA J 39 22.51 -5.22 -9.60
N HIS J 40 22.73 -3.91 -9.64
CA HIS J 40 21.63 -2.93 -9.67
C HIS J 40 20.77 -3.04 -10.89
N CYS J 41 19.54 -2.56 -10.76
CA CYS J 41 18.60 -2.43 -11.87
C CYS J 41 17.65 -1.25 -11.58
N PRO J 42 17.09 -0.63 -12.64
CA PRO J 42 16.16 0.49 -12.43
C PRO J 42 14.84 0.07 -11.77
N GLU J 43 14.03 1.07 -11.41
CA GLU J 43 12.70 0.86 -10.81
C GLU J 43 11.82 -0.04 -11.68
N SER J 44 12.01 0.02 -13.00
CA SER J 44 11.26 -0.75 -14.00
C SER J 44 10.99 -2.21 -13.59
N GLN J 45 12.04 -2.96 -13.29
CA GLN J 45 11.91 -4.36 -12.88
C GLN J 45 12.12 -4.52 -11.38
N ALA J 46 11.21 -5.22 -10.73
CA ALA J 46 11.27 -5.44 -9.29
C ALA J 46 11.24 -6.93 -8.94
N THR J 47 12.20 -7.36 -8.13
CA THR J 47 12.25 -8.73 -7.62
C THR J 47 11.87 -8.71 -6.14
N LYS J 48 12.55 -9.54 -5.34
CA LYS J 48 12.36 -9.53 -3.89
C LYS J 48 13.62 -9.04 -3.17
N TYR J 49 14.66 -8.76 -3.95
CA TYR J 49 15.95 -8.31 -3.41
C TYR J 49 16.12 -6.79 -3.53
N PHE J 50 16.53 -6.17 -2.43
CA PHE J 50 16.92 -4.76 -2.40
C PHE J 50 18.25 -4.64 -1.66
N ASP J 51 18.96 -3.54 -1.86
CA ASP J 51 20.19 -3.28 -1.11
C ASP J 51 19.91 -2.45 0.14
N ILE J 52 20.96 -2.22 0.95
CA ILE J 52 20.82 -1.48 2.21
C ILE J 52 20.32 -0.05 2.02
N TYR J 53 20.59 0.53 0.85
CA TYR J 53 20.12 1.86 0.50
C TYR J 53 18.66 1.86 0.03
N GLY J 54 18.17 0.68 -0.38
CA GLY J 54 16.78 0.52 -0.78
C GLY J 54 16.57 0.20 -2.25
N LYS J 55 17.61 0.37 -3.06
CA LYS J 55 17.55 0.17 -4.51
C LYS J 55 17.41 -1.31 -4.88
N PRO J 56 16.56 -1.61 -5.88
CA PRO J 56 16.32 -2.99 -6.34
C PRO J 56 17.56 -3.63 -6.96
N CYS J 57 17.67 -4.96 -6.83
CA CYS J 57 18.80 -5.70 -7.37
C CYS J 57 18.41 -6.99 -8.08
N THR J 58 19.10 -7.28 -9.17
CA THR J 58 18.86 -8.50 -9.95
C THR J 58 19.89 -9.57 -9.59
N ARG J 59 19.43 -10.80 -9.47
CA ARG J 59 20.26 -11.94 -9.07
C ARG J 59 20.77 -12.73 -10.27
N LYS J 60 22.04 -13.10 -10.25
CA LYS J 60 22.63 -13.91 -11.32
C LYS J 60 23.35 -15.14 -10.77
N LEU J 61 23.02 -16.30 -11.34
CA LEU J 61 23.65 -17.58 -10.97
C LEU J 61 24.80 -17.90 -11.93
N PHE J 62 25.77 -18.68 -11.45
CA PHE J 62 26.94 -19.05 -12.24
C PHE J 62 27.20 -20.55 -12.18
N ALA J 63 27.69 -21.10 -13.29
CA ALA J 63 27.95 -22.53 -13.42
C ALA J 63 28.99 -23.03 -12.41
N ASN J 64 30.01 -22.21 -12.16
CA ASN J 64 31.04 -22.50 -11.16
C ASN J 64 31.64 -21.22 -10.57
N MET J 65 32.50 -21.37 -9.57
CA MET J 65 33.11 -20.23 -8.88
C MET J 65 34.08 -19.43 -9.75
N ARG J 66 34.68 -20.08 -10.75
CA ARG J 66 35.52 -19.39 -11.72
C ARG J 66 34.68 -18.45 -12.55
N ASP J 67 33.51 -18.93 -12.98
CA ASP J 67 32.55 -18.14 -13.76
C ASP J 67 32.01 -16.98 -12.94
N ALA J 68 32.04 -17.11 -11.62
CA ALA J 68 31.55 -16.09 -10.71
C ALA J 68 32.63 -15.08 -10.32
N SER J 69 33.86 -15.56 -10.13
CA SER J 69 34.99 -14.72 -9.72
C SER J 69 35.51 -13.84 -10.85
N GLN J 70 35.51 -14.39 -12.07
CA GLN J 70 35.88 -13.62 -13.26
C GLN J 70 34.82 -12.57 -13.57
N TRP J 71 33.57 -12.89 -13.24
CA TRP J 71 32.43 -11.98 -13.42
C TRP J 71 32.54 -10.75 -12.57
N ILE J 72 32.96 -10.92 -11.31
CA ILE J 72 33.17 -9.80 -10.40
C ILE J 72 34.27 -8.87 -10.92
N LYS J 73 35.39 -9.46 -11.33
CA LYS J 73 36.50 -8.69 -11.90
C LYS J 73 36.08 -8.04 -13.23
N ARG J 74 35.15 -8.67 -13.92
CA ARG J 74 34.55 -8.12 -15.15
C ARG J 74 33.69 -6.90 -14.82
N MET J 75 32.87 -7.02 -13.78
CA MET J 75 31.98 -5.93 -13.34
C MET J 75 32.74 -4.76 -12.72
N GLU J 76 33.79 -5.07 -11.96
CA GLU J 76 34.60 -4.05 -11.30
C GLU J 76 35.51 -3.30 -12.27
N ASP J 77 35.91 -3.97 -13.35
CA ASP J 77 36.69 -3.32 -14.40
C ASP J 77 35.86 -2.32 -15.19
N ILE J 78 34.59 -2.65 -15.46
CA ILE J 78 33.67 -1.75 -16.14
C ILE J 78 33.32 -0.56 -15.25
N GLY J 79 32.95 -0.85 -14.00
CA GLY J 79 32.59 0.19 -13.04
C GLY J 79 31.30 -0.12 -12.31
N LEU J 80 30.45 -0.95 -12.91
CA LEU J 80 29.19 -1.38 -12.30
C LEU J 80 29.46 -2.09 -10.99
N GLU J 81 28.73 -1.68 -9.94
CA GLU J 81 28.91 -2.24 -8.60
C GLU J 81 28.48 -3.70 -8.55
N ALA J 82 29.40 -4.55 -8.09
CA ALA J 82 29.13 -5.98 -7.93
C ALA J 82 28.66 -6.28 -6.52
N LEU J 83 27.35 -6.50 -6.39
CA LEU J 83 26.72 -6.74 -5.10
C LEU J 83 26.76 -8.23 -4.74
N GLY J 84 26.81 -8.52 -3.45
CA GLY J 84 26.79 -9.89 -2.95
C GLY J 84 28.08 -10.33 -2.27
N MET J 85 28.02 -11.47 -1.60
CA MET J 85 29.18 -12.06 -0.93
C MET J 85 30.21 -12.56 -1.94
N ASP J 86 31.29 -11.81 -2.08
CA ASP J 86 32.36 -12.13 -3.03
C ASP J 86 33.23 -13.30 -2.58
N ASP J 87 33.45 -13.41 -1.27
CA ASP J 87 34.17 -14.56 -0.72
C ASP J 87 33.22 -15.75 -0.65
N PHE J 88 33.25 -16.57 -1.69
CA PHE J 88 32.33 -17.70 -1.84
C PHE J 88 32.50 -18.76 -0.74
N LYS J 89 33.62 -18.67 -0.03
CA LYS J 89 33.94 -19.53 1.10
C LYS J 89 32.90 -19.39 2.21
N LEU J 90 32.42 -18.15 2.41
CA LEU J 90 31.43 -17.84 3.44
C LEU J 90 29.99 -18.03 2.94
N ALA J 91 29.78 -17.75 1.65
CA ALA J 91 28.46 -17.82 1.03
C ALA J 91 27.82 -19.20 1.14
N TYR J 92 28.59 -20.24 0.78
CA TYR J 92 28.14 -21.63 0.87
C TYR J 92 27.72 -21.99 2.29
N LEU J 93 28.54 -21.57 3.25
CA LEU J 93 28.34 -21.89 4.67
C LEU J 93 27.01 -21.34 5.20
N SER J 94 26.49 -20.30 4.55
CA SER J 94 25.23 -19.69 4.92
C SER J 94 24.02 -20.50 4.41
N ASP J 95 24.16 -21.06 3.21
CA ASP J 95 23.08 -21.84 2.58
C ASP J 95 22.90 -23.21 3.22
N THR J 96 24.01 -23.90 3.44
CA THR J 96 24.01 -25.26 3.97
C THR J 96 23.60 -25.29 5.45
N TYR J 97 23.96 -24.24 6.18
CA TYR J 97 23.68 -24.14 7.61
C TYR J 97 22.93 -22.85 7.93
N ASN J 98 21.73 -22.70 7.36
CA ASN J 98 20.90 -21.50 7.55
C ASN J 98 20.30 -21.40 8.96
N TYR J 99 20.33 -22.51 9.69
CA TYR J 99 19.84 -22.55 11.07
C TYR J 99 20.93 -22.14 12.07
N GLU J 100 20.55 -22.07 13.34
CA GLU J 100 21.47 -21.77 14.43
C GLU J 100 22.31 -23.01 14.73
N ILE J 101 23.63 -22.87 14.58
CA ILE J 101 24.55 -24.01 14.76
C ILE J 101 24.77 -24.33 16.25
N LYS J 102 24.35 -25.52 16.64
CA LYS J 102 24.60 -26.04 17.99
C LYS J 102 25.61 -27.16 17.88
N TYR J 103 26.84 -26.88 18.31
CA TYR J 103 27.97 -27.80 18.13
C TYR J 103 28.27 -28.62 19.37
N ASP J 104 29.01 -29.71 19.18
CA ASP J 104 29.49 -30.55 20.27
C ASP J 104 31.02 -30.69 20.17
N HIS J 105 31.72 -30.28 21.23
CA HIS J 105 33.19 -30.31 21.24
C HIS J 105 33.76 -31.70 21.37
N THR J 106 32.92 -32.65 21.76
CA THR J 106 33.31 -34.07 21.88
C THR J 106 33.58 -34.68 20.50
N LYS J 107 32.90 -34.17 19.48
CA LYS J 107 33.03 -34.68 18.11
C LYS J 107 34.20 -34.04 17.37
N ILE J 108 34.58 -32.83 17.77
CA ILE J 108 35.67 -32.08 17.13
C ILE J 108 37.03 -32.55 17.64
N ARG J 109 37.95 -32.79 16.70
CA ARG J 109 39.26 -33.34 17.00
C ARG J 109 40.31 -32.24 17.19
N VAL J 110 40.55 -31.87 18.45
CA VAL J 110 41.50 -30.83 18.79
C VAL J 110 42.88 -31.43 19.07
N ALA J 111 43.85 -31.14 18.21
CA ALA J 111 45.18 -31.74 18.31
C ALA J 111 46.32 -30.74 18.46
N ASN J 112 47.01 -30.82 19.59
CA ASN J 112 48.24 -30.04 19.80
C ASN J 112 49.49 -30.92 19.82
N PHE J 113 50.51 -30.49 19.08
CA PHE J 113 51.74 -31.27 18.96
C PHE J 113 52.99 -30.39 18.96
N ASP J 114 54.12 -30.98 19.35
CA ASP J 114 55.40 -30.26 19.39
C ASP J 114 56.54 -31.18 18.96
N ILE J 115 57.51 -30.61 18.23
CA ILE J 115 58.67 -31.36 17.72
C ILE J 115 60.01 -30.85 18.25
N GLU J 116 61.00 -31.72 18.28
CA GLU J 116 62.37 -31.36 18.68
C GLU J 116 63.38 -31.81 17.62
N VAL J 117 64.30 -30.91 17.28
CA VAL J 117 65.32 -31.18 16.26
C VAL J 117 66.72 -30.84 16.77
N THR J 118 67.65 -31.78 16.61
CA THR J 118 69.04 -31.59 17.02
C THR J 118 69.79 -30.75 15.99
N SER J 119 70.43 -29.68 16.46
CA SER J 119 71.21 -28.78 15.60
C SER J 119 72.54 -28.41 16.26
N PRO J 120 73.67 -28.86 15.68
CA PRO J 120 75.00 -28.60 16.24
C PRO J 120 75.52 -27.18 15.99
N ASP J 121 75.11 -26.56 14.88
CA ASP J 121 75.58 -25.23 14.50
C ASP J 121 74.99 -24.09 15.32
N GLY J 122 73.73 -24.24 15.72
CA GLY J 122 73.05 -23.22 16.53
C GLY J 122 71.54 -23.40 16.56
N PHE J 123 70.89 -23.11 15.44
CA PHE J 123 69.42 -23.17 15.34
C PHE J 123 68.98 -23.66 13.95
N PRO J 124 68.04 -24.62 13.91
CA PRO J 124 67.56 -25.18 12.64
C PRO J 124 66.62 -24.24 11.88
N GLU J 125 66.63 -24.36 10.55
CA GLU J 125 65.79 -23.51 9.71
C GLU J 125 64.72 -24.31 8.96
N PRO J 126 63.46 -23.85 9.00
CA PRO J 126 62.34 -24.51 8.32
C PRO J 126 62.37 -24.35 6.80
N SER J 127 63.15 -23.39 6.32
CA SER J 127 63.30 -23.14 4.88
C SER J 127 64.27 -24.12 4.23
N GLN J 128 65.36 -24.44 4.93
CA GLN J 128 66.38 -25.35 4.43
C GLN J 128 66.07 -26.81 4.75
N ALA J 129 65.66 -27.08 6.00
CA ALA J 129 65.40 -28.42 6.50
C ALA J 129 66.59 -29.36 6.29
N LYS J 130 67.72 -29.01 6.90
CA LYS J 130 68.98 -29.73 6.73
C LYS J 130 69.22 -30.80 7.81
N HIS J 131 68.63 -30.61 8.98
CA HIS J 131 68.78 -31.54 10.09
C HIS J 131 67.59 -32.45 10.20
N PRO J 132 67.82 -33.74 10.55
CA PRO J 132 66.73 -34.71 10.71
C PRO J 132 65.89 -34.49 11.97
N ILE J 133 64.63 -34.92 11.92
CA ILE J 133 63.72 -34.81 13.06
C ILE J 133 63.74 -36.14 13.84
N ASP J 134 63.94 -36.05 15.15
CA ASP J 134 64.08 -37.23 16.00
C ASP J 134 63.06 -37.34 17.14
N ALA J 135 62.16 -36.36 17.24
CA ALA J 135 61.15 -36.36 18.31
C ALA J 135 59.82 -35.74 17.89
N ILE J 136 58.74 -36.52 18.02
CA ILE J 136 57.39 -36.05 17.74
C ILE J 136 56.43 -36.55 18.84
N THR J 137 55.67 -35.62 19.42
CA THR J 137 54.64 -35.96 20.40
C THR J 137 53.30 -35.36 19.96
N HIS J 138 52.29 -36.22 19.86
CA HIS J 138 50.98 -35.83 19.33
C HIS J 138 49.86 -36.20 20.27
N TYR J 139 49.10 -35.19 20.71
CA TYR J 139 47.92 -35.41 21.53
C TYR J 139 46.64 -35.31 20.70
N ASP J 140 45.64 -36.11 21.08
CA ASP J 140 44.33 -36.08 20.44
C ASP J 140 43.25 -35.98 21.51
N SER J 141 42.30 -35.06 21.31
CA SER J 141 41.24 -34.81 22.29
C SER J 141 40.18 -35.91 22.35
N ILE J 142 39.89 -36.52 21.19
CA ILE J 142 38.89 -37.58 21.10
C ILE J 142 39.34 -38.86 21.78
N ASP J 143 40.58 -39.26 21.51
CA ASP J 143 41.18 -40.45 22.13
C ASP J 143 41.59 -40.20 23.58
N ASP J 144 41.97 -38.96 23.87
CA ASP J 144 42.56 -38.56 25.15
C ASP J 144 43.85 -39.36 25.42
N ARG J 145 44.64 -39.52 24.36
CA ARG J 145 45.88 -40.30 24.42
C ARG J 145 47.07 -39.49 23.93
N PHE J 146 48.24 -39.77 24.52
CA PHE J 146 49.49 -39.12 24.12
C PHE J 146 50.31 -40.04 23.22
N TYR J 147 50.35 -39.71 21.93
CA TYR J 147 51.08 -40.51 20.95
C TYR J 147 52.50 -39.99 20.77
N VAL J 148 53.48 -40.82 21.10
CA VAL J 148 54.89 -40.43 21.04
C VAL J 148 55.66 -41.25 19.99
N PHE J 149 56.24 -40.55 19.02
CA PHE J 149 56.98 -41.17 17.92
C PHE J 149 58.47 -40.86 18.05
N ASP J 150 59.28 -41.89 18.28
CA ASP J 150 60.69 -41.72 18.63
C ASP J 150 61.65 -42.44 17.68
N LEU J 151 62.76 -41.77 17.38
CA LEU J 151 63.83 -42.32 16.55
C LEU J 151 64.88 -43.01 17.41
N LEU J 152 65.51 -44.05 16.86
CA LEU J 152 66.54 -44.81 17.58
C LEU J 152 67.89 -44.78 16.88
N ASN J 153 67.87 -44.66 15.55
CA ASN J 153 69.11 -44.60 14.75
C ASN J 153 69.22 -43.29 13.97
N SER J 154 70.36 -42.62 14.14
CA SER J 154 70.61 -41.33 13.51
C SER J 154 72.12 -41.12 13.25
N PRO J 155 72.47 -40.25 12.28
CA PRO J 155 73.88 -39.91 12.05
C PRO J 155 74.51 -39.13 13.21
N TYR J 156 73.69 -38.72 14.18
CA TYR J 156 74.18 -38.02 15.37
C TYR J 156 74.29 -38.95 16.59
N GLY J 157 74.23 -40.25 16.34
CA GLY J 157 74.39 -41.25 17.39
C GLY J 157 73.24 -42.25 17.51
N ASN J 158 73.49 -43.33 18.25
CA ASN J 158 72.49 -44.36 18.51
C ASN J 158 72.01 -44.31 19.96
N VAL J 159 70.69 -44.35 20.15
CA VAL J 159 70.08 -44.22 21.48
C VAL J 159 69.22 -45.42 21.87
N GLU J 160 69.20 -45.73 23.16
CA GLU J 160 68.38 -46.80 23.73
C GLU J 160 66.92 -46.33 23.84
N GLU J 161 66.00 -47.28 23.92
CA GLU J 161 64.56 -46.98 24.03
C GLU J 161 64.19 -46.26 25.32
N TRP J 162 63.29 -45.29 25.20
CA TRP J 162 62.77 -44.55 26.35
C TRP J 162 61.89 -45.44 27.19
N SER J 163 62.06 -45.36 28.50
CA SER J 163 61.30 -46.18 29.44
C SER J 163 60.15 -45.39 30.08
N ILE J 164 58.96 -45.94 29.99
CA ILE J 164 57.75 -45.33 30.55
C ILE J 164 57.67 -45.52 32.08
N GLU J 165 58.42 -46.48 32.59
CA GLU J 165 58.50 -46.75 34.02
C GLU J 165 59.35 -45.72 34.76
N ILE J 166 60.46 -45.30 34.14
CA ILE J 166 61.38 -44.31 34.73
C ILE J 166 60.74 -42.92 34.77
N ALA J 167 59.87 -42.64 33.79
CA ALA J 167 59.17 -41.36 33.70
C ALA J 167 58.14 -41.14 34.83
N ALA J 168 57.76 -42.22 35.50
CA ALA J 168 56.83 -42.16 36.63
C ALA J 168 57.49 -41.71 37.93
N LYS J 169 58.80 -41.99 38.05
CA LYS J 169 59.58 -41.68 39.25
C LYS J 169 59.68 -40.18 39.55
N LEU J 170 60.17 -39.86 40.75
CA LEU J 170 60.46 -38.47 41.14
C LEU J 170 61.86 -38.07 40.67
N GLN J 171 62.26 -36.84 41.00
CA GLN J 171 63.55 -36.30 40.56
C GLN J 171 64.74 -36.96 41.25
N GLU J 172 64.56 -37.31 42.52
CA GLU J 172 65.62 -37.93 43.32
C GLU J 172 65.59 -39.47 43.27
N GLN J 173 64.82 -40.02 42.33
CA GLN J 173 64.72 -41.47 42.16
C GLN J 173 65.17 -41.93 40.78
N GLY J 174 65.01 -41.05 39.78
CA GLY J 174 65.41 -41.36 38.41
C GLY J 174 65.01 -40.29 37.40
N GLY J 175 64.69 -39.09 37.91
CA GLY J 175 64.29 -37.97 37.06
C GLY J 175 62.89 -38.09 36.49
N ASP J 176 62.57 -37.17 35.57
CA ASP J 176 61.26 -37.09 34.91
C ASP J 176 60.09 -36.96 35.88
N GLU J 177 59.87 -35.75 36.38
CA GLU J 177 58.75 -35.49 37.30
C GLU J 177 57.44 -35.31 36.53
N VAL J 178 56.89 -36.42 36.05
CA VAL J 178 55.65 -36.42 35.28
C VAL J 178 54.47 -36.76 36.18
N PRO J 179 53.44 -35.90 36.20
CA PRO J 179 52.19 -36.16 36.93
C PRO J 179 51.50 -37.44 36.45
N SER J 180 50.88 -38.16 37.38
CA SER J 180 50.24 -39.45 37.09
C SER J 180 48.89 -39.31 36.36
N GLU J 181 48.45 -38.07 36.14
CA GLU J 181 47.18 -37.81 35.45
C GLU J 181 47.22 -38.23 33.99
N ILE J 182 48.42 -38.29 33.41
CA ILE J 182 48.60 -38.59 31.99
C ILE J 182 49.36 -39.90 31.74
N ILE J 183 49.94 -40.46 32.79
CA ILE J 183 50.80 -41.65 32.68
C ILE J 183 50.08 -42.86 32.07
N ASP J 184 48.77 -42.93 32.27
CA ASP J 184 47.95 -44.03 31.72
C ASP J 184 47.48 -43.76 30.30
N LYS J 185 47.72 -42.53 29.83
CA LYS J 185 47.23 -42.07 28.53
C LYS J 185 48.29 -42.11 27.42
N ILE J 186 49.55 -42.36 27.80
CA ILE J 186 50.66 -42.34 26.85
C ILE J 186 50.75 -43.65 26.05
N ILE J 187 50.71 -43.52 24.73
CA ILE J 187 50.95 -44.64 23.82
C ILE J 187 52.27 -44.38 23.08
N TYR J 188 53.25 -45.24 23.32
CA TYR J 188 54.59 -45.07 22.77
C TYR J 188 54.89 -46.02 21.62
N MET J 189 55.35 -45.46 20.50
CA MET J 189 55.70 -46.24 19.31
C MET J 189 57.15 -45.96 18.92
N PRO J 190 58.04 -46.96 19.13
CA PRO J 190 59.46 -46.80 18.78
C PRO J 190 59.77 -47.11 17.32
N PHE J 191 60.67 -46.32 16.73
CA PHE J 191 61.08 -46.50 15.33
C PHE J 191 62.59 -46.42 15.16
N ASP J 192 63.11 -47.22 14.24
CA ASP J 192 64.56 -47.31 14.01
C ASP J 192 65.08 -46.21 13.10
N ASN J 193 64.72 -46.27 11.81
CA ASN J 193 65.18 -45.28 10.83
C ASN J 193 64.14 -44.18 10.56
N GLU J 194 64.60 -43.09 9.97
CA GLU J 194 63.76 -41.92 9.68
C GLU J 194 62.70 -42.22 8.62
N LYS J 195 63.04 -43.05 7.64
CA LYS J 195 62.15 -43.40 6.54
C LYS J 195 60.87 -44.10 7.01
N GLU J 196 61.03 -45.11 7.87
CA GLU J 196 59.89 -45.87 8.40
C GLU J 196 59.13 -45.10 9.49
N LEU J 197 59.81 -44.14 10.12
CA LEU J 197 59.20 -43.30 11.15
C LEU J 197 58.12 -42.39 10.56
N LEU J 198 58.44 -41.79 9.42
CA LEU J 198 57.51 -40.88 8.72
C LEU J 198 56.39 -41.64 8.00
N MET J 199 56.62 -42.93 7.76
CA MET J 199 55.62 -43.80 7.13
C MET J 199 54.39 -44.00 8.00
N GLU J 200 54.61 -44.35 9.26
CA GLU J 200 53.53 -44.64 10.21
C GLU J 200 52.76 -43.38 10.63
N TYR J 201 53.50 -42.29 10.84
CA TYR J 201 52.90 -41.02 11.26
C TYR J 201 51.99 -40.41 10.20
N LEU J 202 52.33 -40.65 8.92
CA LEU J 202 51.50 -40.23 7.80
C LEU J 202 50.20 -41.04 7.76
N ASN J 203 50.31 -42.33 8.04
CA ASN J 203 49.14 -43.21 8.20
C ASN J 203 48.34 -42.89 9.47
N PHE J 204 49.04 -42.39 10.48
CA PHE J 204 48.43 -41.91 11.72
C PHE J 204 47.68 -40.60 11.48
N TRP J 205 48.19 -39.81 10.54
CA TRP J 205 47.59 -38.54 10.15
C TRP J 205 46.32 -38.73 9.37
N GLN J 206 46.26 -39.80 8.59
CA GLN J 206 45.09 -40.08 7.74
C GLN J 206 43.89 -40.62 8.53
N GLN J 207 44.18 -41.41 9.57
CA GLN J 207 43.13 -42.03 10.39
C GLN J 207 42.64 -41.09 11.49
N LYS J 208 43.56 -40.36 12.12
CA LYS J 208 43.24 -39.42 13.19
C LYS J 208 43.46 -37.99 12.71
N THR J 209 42.80 -37.62 11.61
CA THR J 209 43.02 -36.32 10.95
C THR J 209 42.46 -35.16 11.79
N PRO J 210 43.35 -34.25 12.21
CA PRO J 210 42.99 -33.13 13.10
C PRO J 210 42.18 -32.04 12.41
N VAL J 211 41.16 -31.54 13.12
CA VAL J 211 40.35 -30.42 12.65
C VAL J 211 41.02 -29.11 13.07
N ILE J 212 41.25 -28.96 14.36
CA ILE J 212 41.95 -27.81 14.90
C ILE J 212 43.37 -28.23 15.29
N LEU J 213 44.35 -27.63 14.63
CA LEU J 213 45.76 -27.94 14.86
C LEU J 213 46.41 -26.83 15.67
N THR J 214 46.71 -27.14 16.94
CA THR J 214 47.30 -26.17 17.86
C THR J 214 48.70 -26.59 18.32
N GLY J 215 49.32 -25.77 19.18
CA GLY J 215 50.65 -26.04 19.68
C GLY J 215 51.40 -24.75 20.00
N TRP J 216 52.71 -24.87 20.22
CA TRP J 216 53.54 -23.71 20.51
C TRP J 216 54.48 -23.44 19.37
N ASN J 217 54.40 -22.23 18.81
CA ASN J 217 55.14 -21.83 17.60
C ASN J 217 54.99 -22.85 16.47
N VAL J 218 53.76 -23.34 16.29
CA VAL J 218 53.46 -24.38 15.31
C VAL J 218 53.30 -23.79 13.91
N GLU J 219 52.64 -22.64 13.81
CA GLU J 219 52.41 -21.94 12.55
C GLU J 219 53.71 -21.34 12.02
N SER J 220 54.61 -21.00 12.94
CA SER J 220 55.85 -20.30 12.62
C SER J 220 57.05 -21.23 12.41
N PHE J 221 57.07 -22.37 13.10
CA PHE J 221 58.24 -23.25 13.10
C PHE J 221 57.93 -24.74 12.93
N ALA J 222 56.97 -25.25 13.70
CA ALA J 222 56.71 -26.70 13.76
C ALA J 222 56.04 -27.29 12.50
N ILE J 223 55.20 -26.51 11.83
CA ILE J 223 54.57 -26.96 10.58
C ILE J 223 55.53 -26.89 9.37
N PRO J 224 56.16 -25.73 9.13
CA PRO J 224 57.01 -25.59 7.94
C PRO J 224 58.25 -26.49 7.90
N TYR J 225 58.65 -27.01 9.06
CA TYR J 225 59.81 -27.92 9.13
C TYR J 225 59.44 -29.34 8.71
N VAL J 226 58.25 -29.78 9.10
CA VAL J 226 57.77 -31.13 8.78
C VAL J 226 57.44 -31.27 7.29
N TYR J 227 56.79 -30.25 6.73
CA TYR J 227 56.40 -30.24 5.31
C TYR J 227 57.61 -30.22 4.38
N ASN J 228 58.65 -29.47 4.75
CA ASN J 228 59.87 -29.36 3.95
C ASN J 228 60.75 -30.60 3.97
N ARG J 229 60.78 -31.30 5.10
CA ARG J 229 61.61 -32.50 5.27
C ARG J 229 61.15 -33.64 4.35
N ILE J 230 59.84 -33.82 4.23
CA ILE J 230 59.27 -34.81 3.32
C ILE J 230 59.41 -34.34 1.86
N LYS J 231 59.31 -33.03 1.65
CA LYS J 231 59.43 -32.44 0.31
C LYS J 231 60.86 -32.54 -0.24
N ASN J 232 61.85 -32.53 0.66
CA ASN J 232 63.26 -32.60 0.28
C ASN J 232 63.81 -34.03 0.20
N ILE J 233 63.08 -34.98 0.78
CA ILE J 233 63.50 -36.39 0.77
C ILE J 233 62.59 -37.25 -0.11
N PHE J 234 61.30 -37.28 0.21
CA PHE J 234 60.32 -38.10 -0.53
C PHE J 234 59.88 -37.43 -1.83
N GLY J 235 59.53 -36.14 -1.74
CA GLY J 235 59.08 -35.38 -2.91
C GLY J 235 57.97 -34.40 -2.59
N GLU J 236 57.58 -33.61 -3.60
CA GLU J 236 56.56 -32.59 -3.45
C GLU J 236 55.16 -33.18 -3.22
N SER J 237 54.78 -34.14 -4.06
CA SER J 237 53.46 -34.76 -4.01
C SER J 237 53.25 -35.65 -2.77
N THR J 238 54.35 -36.13 -2.19
CA THR J 238 54.31 -36.93 -0.97
C THR J 238 54.13 -36.04 0.25
N ALA J 239 54.74 -34.85 0.22
CA ALA J 239 54.65 -33.89 1.31
C ALA J 239 53.28 -33.23 1.40
N LYS J 240 52.53 -33.28 0.30
CA LYS J 240 51.20 -32.68 0.21
C LYS J 240 50.09 -33.62 0.69
N ARG J 241 50.47 -34.72 1.34
CA ARG J 241 49.50 -35.66 1.92
C ARG J 241 49.10 -35.29 3.34
N LEU J 242 49.74 -34.24 3.89
CA LEU J 242 49.38 -33.69 5.19
C LEU J 242 48.02 -33.02 5.12
N SER J 243 47.74 -32.38 3.98
CA SER J 243 46.42 -31.83 3.70
C SER J 243 45.48 -32.94 3.27
N PRO J 244 44.30 -33.05 3.91
CA PRO J 244 43.31 -34.08 3.58
C PRO J 244 42.75 -33.97 2.16
N HIS J 245 42.95 -32.81 1.53
CA HIS J 245 42.47 -32.58 0.17
C HIS J 245 43.60 -32.44 -0.82
N ARG J 246 44.82 -32.63 -0.33
CA ARG J 246 46.04 -32.68 -1.14
C ARG J 246 46.42 -31.34 -1.82
N LYS J 247 46.59 -30.30 -1.01
CA LYS J 247 47.06 -29.00 -1.50
C LYS J 247 47.73 -28.17 -0.42
N THR J 248 48.87 -27.56 -0.76
CA THR J 248 49.62 -26.68 0.14
C THR J 248 50.03 -25.40 -0.59
N ARG J 249 50.20 -24.32 0.17
CA ARG J 249 50.64 -23.04 -0.40
C ARG J 249 51.66 -22.33 0.50
N VAL J 250 52.79 -21.98 -0.11
CA VAL J 250 53.86 -21.28 0.60
C VAL J 250 53.64 -19.77 0.51
N LYS J 251 53.60 -19.12 1.68
CA LYS J 251 53.37 -17.68 1.76
C LYS J 251 54.30 -17.05 2.80
N VAL J 252 54.97 -15.97 2.41
CA VAL J 252 55.90 -15.26 3.28
C VAL J 252 55.22 -14.07 3.95
N ILE J 253 55.26 -14.03 5.28
CA ILE J 253 54.64 -12.96 6.06
C ILE J 253 55.68 -11.93 6.53
N GLU J 254 55.34 -10.66 6.35
CA GLU J 254 56.12 -9.54 6.88
C GLU J 254 55.21 -8.41 7.35
N ASN J 255 55.25 -8.13 8.65
CA ASN J 255 54.42 -7.08 9.25
C ASN J 255 54.90 -5.68 8.91
N MET J 256 56.17 -5.40 9.24
CA MET J 256 56.79 -4.10 8.98
C MET J 256 58.31 -4.24 8.92
N TYR J 257 58.84 -5.15 9.73
CA TYR J 257 60.26 -5.47 9.74
C TYR J 257 60.47 -6.98 9.94
N GLY J 258 61.34 -7.57 9.13
CA GLY J 258 61.63 -9.01 9.20
C GLY J 258 60.61 -9.85 8.47
N SER J 259 61.05 -11.00 7.96
CA SER J 259 60.19 -11.90 7.17
C SER J 259 60.35 -13.36 7.57
N ARG J 260 59.23 -14.08 7.56
CA ARG J 260 59.22 -15.54 7.74
C ARG J 260 58.11 -16.18 6.91
N GLU J 261 58.27 -17.46 6.60
CA GLU J 261 57.33 -18.17 5.72
C GLU J 261 56.43 -19.16 6.46
N ILE J 262 55.15 -19.20 6.06
CA ILE J 262 54.18 -20.12 6.63
C ILE J 262 53.57 -21.05 5.57
N ILE J 263 53.10 -22.21 6.00
CA ILE J 263 52.44 -23.17 5.12
C ILE J 263 51.00 -23.40 5.57
N THR J 264 50.06 -23.10 4.68
CA THR J 264 48.63 -23.26 4.97
C THR J 264 48.13 -24.60 4.44
N LEU J 265 47.79 -25.50 5.36
CA LEU J 265 47.29 -26.83 5.01
C LEU J 265 45.77 -26.81 4.88
N PHE J 266 45.30 -26.85 3.63
CA PHE J 266 43.87 -26.78 3.32
C PHE J 266 43.09 -27.93 3.96
N GLY J 267 41.96 -27.60 4.57
CA GLY J 267 41.12 -28.60 5.23
C GLY J 267 41.39 -28.79 6.71
N ILE J 268 42.47 -28.17 7.19
CA ILE J 268 42.80 -28.20 8.62
C ILE J 268 42.89 -26.76 9.14
N SER J 269 42.11 -26.47 10.17
CA SER J 269 42.11 -25.14 10.79
C SER J 269 43.35 -24.93 11.65
N VAL J 270 44.24 -24.06 11.16
CA VAL J 270 45.50 -23.79 11.85
C VAL J 270 45.31 -22.67 12.87
N LEU J 271 45.42 -23.02 14.15
CA LEU J 271 45.33 -22.06 15.24
C LEU J 271 46.50 -22.21 16.19
N ASP J 272 47.55 -21.41 15.97
CA ASP J 272 48.73 -21.42 16.83
C ASP J 272 48.37 -20.78 18.16
N TYR J 273 48.69 -21.47 19.26
CA TYR J 273 48.32 -21.00 20.60
C TYR J 273 49.17 -19.82 21.07
N ILE J 274 50.36 -19.67 20.50
CA ILE J 274 51.21 -18.51 20.78
C ILE J 274 50.60 -17.24 20.19
N ASP J 275 49.90 -17.39 19.06
CA ASP J 275 49.18 -16.28 18.43
C ASP J 275 47.82 -16.08 19.10
N LEU J 276 47.24 -17.18 19.57
CA LEU J 276 45.93 -17.18 20.20
C LEU J 276 45.97 -16.60 21.61
N TYR J 277 47.09 -16.80 22.30
CA TYR J 277 47.27 -16.28 23.65
C TYR J 277 47.51 -14.77 23.65
N LYS J 278 48.35 -14.31 22.72
CA LYS J 278 48.69 -12.88 22.59
C LYS J 278 47.45 -12.01 22.37
N LYS J 279 46.47 -12.55 21.65
CA LYS J 279 45.27 -11.80 21.30
C LYS J 279 44.22 -11.76 22.42
N PHE J 280 44.18 -12.82 23.23
CA PHE J 280 43.13 -12.95 24.25
C PHE J 280 43.61 -12.90 25.71
N SER J 281 44.85 -12.47 25.93
CA SER J 281 45.39 -12.34 27.29
C SER J 281 45.29 -10.90 27.81
N PHE J 282 45.36 -9.95 26.88
CA PHE J 282 45.26 -8.51 27.18
C PHE J 282 46.40 -7.97 28.06
N THR J 283 47.26 -8.87 28.51
CA THR J 283 48.44 -8.52 29.32
C THR J 283 49.73 -8.85 28.57
N ASN J 284 50.68 -7.93 28.60
CA ASN J 284 51.95 -8.08 27.89
C ASN J 284 53.04 -8.70 28.76
N GLN J 285 53.61 -9.81 28.29
CA GLN J 285 54.66 -10.52 28.99
C GLN J 285 56.04 -10.07 28.49
N PRO J 286 57.09 -10.24 29.32
CA PRO J 286 58.45 -10.01 28.86
C PRO J 286 58.92 -11.05 27.86
N SER J 287 58.43 -12.29 28.00
CA SER J 287 58.78 -13.39 27.12
C SER J 287 57.57 -14.22 26.71
N TYR J 288 57.62 -14.77 25.51
CA TYR J 288 56.56 -15.65 25.01
C TYR J 288 57.06 -17.06 24.70
N SER J 289 58.03 -17.52 25.47
CA SER J 289 58.53 -18.89 25.38
C SER J 289 57.60 -19.82 26.16
N LEU J 290 57.58 -21.09 25.76
CA LEU J 290 56.72 -22.09 26.39
C LEU J 290 56.97 -22.23 27.90
N ASP J 291 58.24 -22.11 28.30
CA ASP J 291 58.64 -22.22 29.70
C ASP J 291 58.10 -21.07 30.55
N TYR J 292 58.13 -19.86 30.00
CA TYR J 292 57.75 -18.66 30.75
C TYR J 292 56.24 -18.55 30.98
N ILE J 293 55.45 -18.91 29.97
CA ILE J 293 54.00 -18.80 30.03
C ILE J 293 53.40 -19.86 30.96
N SER J 294 54.01 -21.05 30.95
CA SER J 294 53.60 -22.14 31.84
C SER J 294 53.83 -21.79 33.31
N GLU J 295 54.85 -20.96 33.56
CA GLU J 295 55.19 -20.49 34.89
C GLU J 295 54.12 -19.55 35.46
N PHE J 296 53.51 -18.75 34.58
CA PHE J 296 52.53 -17.75 35.00
C PHE J 296 51.16 -18.36 35.30
N GLU J 297 50.60 -19.08 34.33
CA GLU J 297 49.24 -19.58 34.42
C GLU J 297 49.04 -20.79 35.34
N LEU J 298 50.11 -21.57 35.53
CA LEU J 298 50.02 -22.82 36.28
C LEU J 298 50.85 -22.84 37.57
N ASN J 299 51.80 -21.92 37.66
CA ASN J 299 52.80 -21.91 38.75
C ASN J 299 53.59 -23.23 38.78
N VAL J 300 54.00 -23.69 37.60
CA VAL J 300 54.64 -24.99 37.44
C VAL J 300 56.14 -24.95 37.70
N GLY J 301 56.71 -26.09 38.06
CA GLY J 301 58.15 -26.23 38.31
C GLY J 301 58.99 -26.03 37.07
N LYS J 302 60.27 -25.74 37.28
CA LYS J 302 61.20 -25.46 36.18
C LYS J 302 61.47 -26.66 35.27
N LEU J 303 61.44 -26.42 33.97
CA LEU J 303 61.71 -27.44 32.97
C LEU J 303 63.21 -27.45 32.69
N LYS J 304 63.98 -28.07 33.59
CA LYS J 304 65.44 -28.00 33.57
C LYS J 304 66.11 -29.32 33.17
N TYR J 305 67.26 -29.18 32.51
CA TYR J 305 68.07 -30.33 32.07
C TYR J 305 69.57 -30.01 32.18
N ASP J 306 70.41 -31.00 31.90
CA ASP J 306 71.87 -30.84 31.96
C ASP J 306 72.45 -30.39 30.63
N GLY J 307 73.32 -29.38 30.68
CA GLY J 307 74.02 -28.87 29.50
C GLY J 307 73.15 -28.13 28.49
N PRO J 308 73.64 -28.02 27.24
CA PRO J 308 72.91 -27.36 26.14
C PRO J 308 71.72 -28.18 25.63
N ILE J 309 71.04 -27.64 24.62
CA ILE J 309 69.84 -28.27 24.04
C ILE J 309 70.21 -29.42 23.10
N SER J 310 71.18 -29.17 22.22
CA SER J 310 71.61 -30.15 21.22
C SER J 310 72.37 -31.33 21.84
N LYS J 311 73.07 -31.04 22.95
CA LYS J 311 73.88 -32.04 23.63
C LYS J 311 73.09 -32.84 24.66
N LEU J 312 71.78 -32.60 24.73
CA LEU J 312 70.90 -33.33 25.64
C LEU J 312 70.65 -34.76 25.16
N ARG J 313 70.39 -34.93 23.87
CA ARG J 313 70.17 -36.24 23.26
C ARG J 313 71.42 -37.12 23.31
N GLU J 314 72.59 -36.49 23.19
CA GLU J 314 73.88 -37.18 23.16
C GLU J 314 74.23 -37.78 24.53
N SER J 315 73.70 -37.20 25.60
CA SER J 315 74.00 -37.64 26.97
C SER J 315 72.84 -38.37 27.64
N ASN J 316 71.69 -37.70 27.74
CA ASN J 316 70.52 -38.25 28.42
C ASN J 316 69.28 -38.31 27.52
N HIS J 317 68.95 -39.50 27.05
CA HIS J 317 67.82 -39.70 26.15
C HIS J 317 66.51 -39.81 26.88
N GLN J 318 66.56 -40.26 28.13
CA GLN J 318 65.37 -40.43 28.96
C GLN J 318 64.71 -39.08 29.29
N ARG J 319 65.51 -38.10 29.66
CA ARG J 319 65.01 -36.76 29.97
C ARG J 319 64.60 -36.00 28.71
N TYR J 320 65.24 -36.34 27.59
CA TYR J 320 65.02 -35.68 26.30
C TYR J 320 63.62 -35.92 25.73
N ILE J 321 63.19 -37.18 25.70
CA ILE J 321 61.89 -37.55 25.14
C ILE J 321 60.74 -37.16 26.06
N SER J 322 60.93 -37.36 27.37
CA SER J 322 59.89 -37.08 28.37
C SER J 322 59.46 -35.62 28.39
N TYR J 323 60.40 -34.72 28.12
CA TYR J 323 60.13 -33.28 28.16
C TYR J 323 59.36 -32.76 26.94
N ASN J 324 59.45 -33.48 25.83
CA ASN J 324 58.66 -33.17 24.64
C ASN J 324 57.19 -33.56 24.82
N ILE J 325 56.96 -34.58 25.67
CA ILE J 325 55.62 -34.98 26.06
C ILE J 325 55.04 -33.94 27.02
N ILE J 326 55.89 -33.42 27.89
CA ILE J 326 55.53 -32.34 28.81
C ILE J 326 55.29 -31.04 28.05
N ALA J 327 56.08 -30.83 26.98
CA ALA J 327 55.94 -29.67 26.11
C ALA J 327 54.59 -29.62 25.40
N VAL J 328 54.00 -30.80 25.19
CA VAL J 328 52.66 -30.92 24.59
C VAL J 328 51.58 -30.80 25.67
N TYR J 329 51.85 -31.39 26.84
CA TYR J 329 50.89 -31.40 27.95
C TYR J 329 50.64 -30.01 28.53
N ARG J 330 51.67 -29.18 28.58
CA ARG J 330 51.57 -27.82 29.13
C ARG J 330 50.64 -26.92 28.30
N VAL J 331 50.53 -27.21 27.01
CA VAL J 331 49.61 -26.50 26.12
C VAL J 331 48.16 -26.76 26.54
N LEU J 332 47.84 -28.03 26.80
CA LEU J 332 46.50 -28.44 27.22
C LEU J 332 46.18 -27.99 28.64
N GLN J 333 47.21 -27.92 29.49
CA GLN J 333 47.07 -27.46 30.87
C GLN J 333 46.66 -25.99 30.95
N ILE J 334 47.26 -25.17 30.09
CA ILE J 334 46.92 -23.75 29.99
C ILE J 334 45.53 -23.58 29.36
N ASP J 335 45.27 -24.37 28.32
CA ASP J 335 43.99 -24.36 27.62
C ASP J 335 42.82 -24.76 28.52
N ALA J 336 43.10 -25.62 29.51
CA ALA J 336 42.11 -26.07 30.48
C ALA J 336 41.53 -24.93 31.32
N LYS J 337 42.34 -23.91 31.58
CA LYS J 337 41.93 -22.78 32.42
C LYS J 337 41.57 -21.52 31.61
N ARG J 338 42.02 -21.46 30.37
CA ARG J 338 41.80 -20.29 29.52
C ARG J 338 40.77 -20.51 28.41
N GLN J 339 40.68 -21.74 27.91
CA GLN J 339 39.63 -22.16 26.95
C GLN J 339 39.51 -21.25 25.72
N PHE J 340 40.64 -20.89 25.13
CA PHE J 340 40.66 -20.02 23.95
C PHE J 340 40.28 -20.77 22.67
N ILE J 341 40.54 -22.07 22.64
CA ILE J 341 40.14 -22.93 21.53
C ILE J 341 38.61 -23.02 21.49
N ASN J 342 38.01 -23.28 22.64
CA ASN J 342 36.56 -23.34 22.79
C ASN J 342 35.91 -21.98 22.53
N LEU J 343 36.66 -20.91 22.77
CA LEU J 343 36.21 -19.55 22.50
C LEU J 343 36.20 -19.25 21.00
N SER J 344 37.21 -19.78 20.30
CA SER J 344 37.34 -19.61 18.85
C SER J 344 36.26 -20.35 18.09
N LEU J 345 35.92 -21.54 18.58
CA LEU J 345 34.84 -22.35 17.99
C LEU J 345 33.49 -21.70 18.23
N ASP J 346 33.26 -21.24 19.46
CA ASP J 346 32.00 -20.59 19.84
C ASP J 346 31.71 -19.34 19.01
N MET J 347 32.74 -18.52 18.76
CA MET J 347 32.59 -17.32 17.94
C MET J 347 32.58 -17.67 16.45
N GLY J 348 33.43 -18.63 16.06
CA GLY J 348 33.50 -19.09 14.68
C GLY J 348 32.17 -19.63 14.18
N TYR J 349 31.48 -20.40 15.02
CA TYR J 349 30.17 -20.95 14.68
C TYR J 349 29.04 -19.94 14.83
N TYR J 350 29.25 -18.92 15.67
CA TYR J 350 28.27 -17.85 15.84
C TYR J 350 28.16 -17.01 14.56
N ALA J 351 29.32 -16.66 14.01
CA ALA J 351 29.40 -15.83 12.81
C ALA J 351 29.23 -16.67 11.54
N LYS J 352 29.42 -17.99 11.65
CA LYS J 352 29.43 -18.91 10.52
C LYS J 352 30.59 -18.58 9.60
N ILE J 353 31.80 -18.84 10.09
CA ILE J 353 33.05 -18.56 9.37
C ILE J 353 34.06 -19.69 9.55
N GLN J 354 35.20 -19.56 8.86
CA GLN J 354 36.36 -20.40 9.12
C GLN J 354 36.84 -20.13 10.53
N ILE J 355 37.18 -21.19 11.26
CA ILE J 355 37.63 -21.06 12.64
C ILE J 355 38.94 -20.28 12.72
N GLN J 356 39.75 -20.36 11.66
CA GLN J 356 41.03 -19.65 11.60
C GLN J 356 40.88 -18.13 11.51
N SER J 357 39.75 -17.69 10.96
CA SER J 357 39.53 -16.26 10.71
C SER J 357 38.88 -15.52 11.88
N VAL J 358 39.08 -16.03 13.09
CA VAL J 358 38.65 -15.34 14.31
C VAL J 358 39.70 -14.31 14.73
N PHE J 359 40.87 -14.36 14.09
CA PHE J 359 41.93 -13.37 14.28
C PHE J 359 41.59 -12.07 13.57
N SER J 360 40.76 -12.16 12.54
CA SER J 360 40.32 -10.99 11.77
C SER J 360 38.91 -10.57 12.17
N PRO J 361 38.78 -9.43 12.87
CA PRO J 361 37.46 -8.89 13.23
C PRO J 361 36.69 -8.41 12.00
N ILE J 362 37.41 -7.99 10.97
CA ILE J 362 36.84 -7.59 9.68
C ILE J 362 35.92 -8.68 9.15
N LYS J 363 36.48 -9.87 8.95
CA LYS J 363 35.76 -11.00 8.36
C LYS J 363 34.68 -11.55 9.29
N THR J 364 34.89 -11.41 10.60
CA THR J 364 33.90 -11.84 11.59
C THR J 364 32.64 -10.98 11.49
N TRP J 365 32.80 -9.66 11.63
CA TRP J 365 31.67 -8.73 11.54
C TRP J 365 31.02 -8.71 10.18
N ASP J 366 31.83 -8.86 9.14
CA ASP J 366 31.32 -8.92 7.77
C ASP J 366 30.37 -10.09 7.59
N ALA J 367 30.65 -11.20 8.26
CA ALA J 367 29.83 -12.40 8.19
C ALA J 367 28.52 -12.27 8.97
N ILE J 368 28.59 -11.70 10.16
CA ILE J 368 27.43 -11.54 11.04
C ILE J 368 26.38 -10.67 10.35
N ILE J 369 26.82 -9.52 9.83
CA ILE J 369 25.93 -8.58 9.14
C ILE J 369 25.37 -9.22 7.86
N PHE J 370 26.23 -9.93 7.12
CA PHE J 370 25.81 -10.66 5.93
C PHE J 370 24.69 -11.65 6.23
N ASN J 371 24.93 -12.53 7.20
CA ASN J 371 23.96 -13.55 7.59
C ASN J 371 22.65 -12.98 8.09
N SER J 372 22.72 -11.80 8.72
CA SER J 372 21.54 -11.11 9.20
C SER J 372 20.76 -10.46 8.07
N LEU J 373 21.49 -9.97 7.06
CA LEU J 373 20.87 -9.32 5.90
C LEU J 373 20.26 -10.33 4.91
N LYS J 374 20.75 -11.57 4.95
CA LYS J 374 20.27 -12.62 4.07
C LYS J 374 18.82 -13.01 4.38
N GLU J 375 18.50 -13.14 5.67
CA GLU J 375 17.16 -13.51 6.13
C GLU J 375 16.12 -12.46 5.68
N GLN J 376 16.58 -11.22 5.53
CA GLN J 376 15.74 -10.10 5.10
C GLN J 376 15.66 -9.99 3.58
N ASN J 377 16.34 -10.88 2.87
CA ASN J 377 16.52 -10.82 1.41
C ASN J 377 17.19 -9.52 0.95
N LYS J 378 18.08 -9.00 1.79
CA LYS J 378 18.81 -7.79 1.49
C LYS J 378 20.22 -8.12 0.97
N VAL J 379 20.74 -7.24 0.12
CA VAL J 379 22.04 -7.49 -0.53
C VAL J 379 23.15 -6.62 0.06
N ILE J 380 24.30 -7.25 0.30
CA ILE J 380 25.47 -6.55 0.87
C ILE J 380 26.23 -5.75 -0.20
N PRO J 381 26.78 -4.58 0.17
CA PRO J 381 27.53 -3.74 -0.77
C PRO J 381 28.89 -4.34 -1.18
N GLN J 382 29.54 -3.69 -2.15
CA GLN J 382 30.83 -4.13 -2.66
C GLN J 382 31.98 -3.55 -1.83
N GLY J 383 33.02 -4.36 -1.61
CA GLY J 383 34.18 -3.93 -0.85
C GLY J 383 35.13 -3.07 -1.66
N ARG J 384 35.08 -1.76 -1.42
CA ARG J 384 35.95 -0.80 -2.09
C ARG J 384 37.35 -0.82 -1.47
N SER J 385 38.36 -0.46 -2.28
CA SER J 385 39.73 -0.33 -1.79
C SER J 385 40.04 1.13 -1.47
N HIS J 386 39.72 1.53 -0.24
CA HIS J 386 39.83 2.93 0.19
C HIS J 386 41.24 3.36 0.48
N PRO J 387 41.50 4.69 0.44
CA PRO J 387 42.83 5.22 0.77
C PRO J 387 43.14 5.18 2.26
N VAL J 388 44.42 4.99 2.60
CA VAL J 388 44.87 4.95 3.99
C VAL J 388 44.84 6.36 4.58
N GLN J 389 44.09 6.53 5.66
CA GLN J 389 43.91 7.84 6.28
C GLN J 389 43.96 7.74 7.81
N PRO J 390 44.77 8.60 8.45
CA PRO J 390 44.80 8.68 9.90
C PRO J 390 43.79 9.70 10.44
N TYR J 391 42.54 9.26 10.61
CA TYR J 391 41.47 10.13 11.07
C TYR J 391 41.62 10.50 12.56
N PRO J 392 40.97 11.60 13.01
CA PRO J 392 41.12 12.06 14.39
C PRO J 392 40.71 11.03 15.45
N GLY J 393 41.40 11.05 16.58
CA GLY J 393 41.13 10.13 17.69
C GLY J 393 40.57 10.80 18.92
N ALA J 394 40.51 10.05 20.02
CA ALA J 394 39.88 10.51 21.27
C ALA J 394 40.69 11.58 21.99
N PHE J 395 39.99 12.41 22.78
CA PHE J 395 40.62 13.49 23.53
C PHE J 395 41.29 12.99 24.80
N VAL J 396 42.56 13.36 24.98
CA VAL J 396 43.31 13.05 26.19
C VAL J 396 43.73 14.35 26.86
N LYS J 397 43.07 14.65 27.98
CA LYS J 397 43.30 15.88 28.73
C LYS J 397 44.70 15.92 29.35
N GLU J 398 45.26 17.13 29.47
CA GLU J 398 46.55 17.33 30.12
C GLU J 398 46.40 17.29 31.64
N PRO J 399 47.03 16.30 32.31
CA PRO J 399 47.00 16.22 33.75
C PRO J 399 48.19 16.92 34.40
N ILE J 400 47.92 17.74 35.41
CA ILE J 400 48.98 18.45 36.13
C ILE J 400 49.72 17.46 37.04
N PRO J 401 51.05 17.34 36.86
CA PRO J 401 51.88 16.41 37.65
C PRO J 401 51.92 16.77 39.14
N ASN J 402 50.92 16.29 39.88
CA ASN J 402 50.77 16.59 41.30
C ASN J 402 50.19 15.40 42.08
N ARG J 403 50.30 15.47 43.40
CA ARG J 403 49.66 14.48 44.27
C ARG J 403 48.16 14.78 44.38
N TYR J 404 47.37 13.71 44.39
CA TYR J 404 45.92 13.83 44.58
C TYR J 404 45.47 12.85 45.65
N LYS J 405 44.89 13.38 46.72
CA LYS J 405 44.52 12.59 47.89
C LYS J 405 43.33 11.66 47.61
N TYR J 406 42.12 12.19 47.65
CA TYR J 406 40.92 11.40 47.41
C TYR J 406 40.52 11.47 45.93
N VAL J 407 40.45 10.31 45.29
CA VAL J 407 40.19 10.23 43.85
C VAL J 407 39.06 9.25 43.52
N MET J 408 38.13 9.69 42.67
CA MET J 408 37.06 8.84 42.14
C MET J 408 37.12 8.76 40.62
N SER J 409 36.81 7.58 40.09
CA SER J 409 36.82 7.35 38.64
C SER J 409 35.48 6.87 38.12
N PHE J 410 35.14 7.28 36.90
CA PHE J 410 33.88 6.91 36.26
C PHE J 410 34.14 6.35 34.86
N ASP J 411 33.35 5.35 34.46
CA ASP J 411 33.47 4.72 33.15
C ASP J 411 32.24 4.92 32.28
N LEU J 412 32.46 5.20 31.00
CA LEU J 412 31.39 5.23 30.01
C LEU J 412 31.25 3.84 29.40
N THR J 413 30.12 3.19 29.69
CA THR J 413 29.89 1.81 29.26
C THR J 413 29.82 1.70 27.74
N SER J 414 30.73 0.90 27.18
CA SER J 414 30.84 0.68 25.74
C SER J 414 30.55 1.95 24.94
N LEU J 415 31.41 2.95 25.13
CA LEU J 415 31.20 4.28 24.55
C LEU J 415 30.99 4.28 23.03
N TYR J 416 31.96 3.75 22.28
CA TYR J 416 31.92 3.80 20.82
C TYR J 416 30.73 3.07 20.18
N PRO J 417 30.40 1.85 20.64
CA PRO J 417 29.17 1.22 20.15
C PRO J 417 27.89 1.98 20.56
N SER J 418 27.87 2.54 21.77
CA SER J 418 26.73 3.29 22.26
C SER J 418 26.46 4.54 21.42
N ILE J 419 27.54 5.20 20.97
CA ILE J 419 27.44 6.35 20.06
C ILE J 419 26.82 5.93 18.72
N ILE J 420 27.30 4.81 18.18
CA ILE J 420 26.77 4.25 16.94
C ILE J 420 25.25 4.09 17.00
N ARG J 421 24.76 3.55 18.12
CA ARG J 421 23.33 3.31 18.32
C ARG J 421 22.54 4.59 18.58
N GLN J 422 23.06 5.44 19.47
CA GLN J 422 22.40 6.70 19.83
C GLN J 422 22.21 7.62 18.62
N VAL J 423 23.30 7.90 17.91
CA VAL J 423 23.28 8.82 16.77
C VAL J 423 22.72 8.14 15.51
N ASN J 424 22.60 6.81 15.56
CA ASN J 424 22.09 6.01 14.42
C ASN J 424 22.98 6.14 13.19
N ILE J 425 24.24 5.70 13.34
CA ILE J 425 25.26 5.88 12.30
C ILE J 425 25.48 4.61 11.48
N SER J 426 25.21 4.72 10.18
CA SER J 426 25.37 3.63 9.22
C SER J 426 25.51 4.23 7.81
N PRO J 427 26.15 3.49 6.89
CA PRO J 427 26.28 3.93 5.50
C PRO J 427 25.01 4.53 4.87
N GLU J 428 23.84 3.97 5.18
CA GLU J 428 22.57 4.41 4.58
C GLU J 428 21.97 5.62 5.28
N THR J 429 22.07 5.65 6.61
CA THR J 429 21.36 6.62 7.46
C THR J 429 21.80 8.08 7.32
N ILE J 430 22.85 8.31 6.52
CA ILE J 430 23.33 9.66 6.24
C ILE J 430 22.25 10.47 5.52
N ALA J 431 21.91 11.63 6.07
CA ALA J 431 20.89 12.49 5.49
C ALA J 431 21.47 13.75 4.84
N GLY J 432 22.54 14.29 5.43
CA GLY J 432 23.20 15.49 4.90
C GLY J 432 24.27 16.04 5.82
N THR J 433 24.64 17.30 5.60
CA THR J 433 25.64 18.00 6.42
C THR J 433 25.16 19.40 6.81
N PHE J 434 25.59 19.87 7.97
CA PHE J 434 25.23 21.21 8.46
C PHE J 434 26.45 22.10 8.66
N LYS J 435 26.20 23.40 8.84
CA LYS J 435 27.24 24.38 9.13
C LYS J 435 27.90 24.08 10.47
N VAL J 436 29.19 23.74 10.44
CA VAL J 436 29.88 23.24 11.64
C VAL J 436 30.71 24.30 12.37
N ALA J 437 30.37 24.51 13.64
CA ALA J 437 31.10 25.43 14.51
C ALA J 437 32.25 24.68 15.21
N PRO J 438 33.28 25.42 15.68
CA PRO J 438 34.38 24.81 16.43
C PRO J 438 33.88 23.88 17.53
N LEU J 439 34.58 22.75 17.72
CA LEU J 439 34.18 21.69 18.64
C LEU J 439 34.00 22.21 20.07
N HIS J 440 34.88 23.12 20.49
CA HIS J 440 34.87 23.71 21.83
C HIS J 440 33.57 24.40 22.15
N ASP J 441 32.92 24.96 21.12
CA ASP J 441 31.62 25.61 21.28
C ASP J 441 30.53 24.61 21.67
N TYR J 442 30.49 23.47 20.98
CA TYR J 442 29.51 22.43 21.26
C TYR J 442 29.67 21.83 22.65
N ILE J 443 30.90 21.85 23.17
CA ILE J 443 31.18 21.42 24.55
C ILE J 443 30.50 22.37 25.53
N ASN J 444 30.56 23.66 25.20
CA ASN J 444 30.02 24.71 26.07
C ASN J 444 28.56 25.08 25.72
N ALA J 445 27.99 24.36 24.76
CA ALA J 445 26.59 24.52 24.33
C ALA J 445 26.21 25.96 23.94
N VAL J 446 27.15 26.65 23.29
CA VAL J 446 26.93 28.03 22.85
C VAL J 446 26.62 28.12 21.36
N ALA J 447 27.06 27.11 20.61
CA ALA J 447 26.83 27.06 19.17
C ALA J 447 25.37 26.76 18.84
N GLU J 448 24.94 27.21 17.66
CA GLU J 448 23.58 26.99 17.17
C GLU J 448 23.25 25.49 17.09
N ARG J 449 22.05 25.13 17.56
CA ARG J 449 21.58 23.75 17.51
C ARG J 449 21.56 23.25 16.06
N PRO J 450 22.25 22.13 15.79
CA PRO J 450 22.47 21.62 14.44
C PRO J 450 21.20 21.37 13.62
N SER J 451 20.24 20.63 14.19
CA SER J 451 19.01 20.28 13.49
C SER J 451 17.83 20.04 14.42
N ASP J 452 16.63 20.01 13.84
CA ASP J 452 15.41 19.68 14.57
C ASP J 452 14.63 18.57 13.86
N VAL J 453 15.27 17.91 12.90
CA VAL J 453 14.65 16.83 12.14
C VAL J 453 15.53 15.59 11.99
N TYR J 454 16.84 15.75 12.21
CA TYR J 454 17.79 14.65 12.05
C TYR J 454 18.73 14.51 13.25
N SER J 455 19.28 13.31 13.42
CA SER J 455 20.26 13.03 14.46
C SER J 455 21.65 13.48 14.02
N CYS J 456 22.39 14.09 14.93
CA CYS J 456 23.63 14.79 14.56
C CYS J 456 24.88 14.41 15.34
N SER J 457 26.02 14.55 14.66
CA SER J 457 27.35 14.44 15.24
C SER J 457 28.09 15.75 14.95
N PRO J 458 28.81 16.28 15.96
CA PRO J 458 29.44 17.61 15.90
C PRO J 458 30.45 17.85 14.77
N ASN J 459 30.87 16.79 14.08
CA ASN J 459 31.76 16.95 12.93
C ASN J 459 31.03 17.45 11.68
N GLY J 460 29.70 17.49 11.76
CA GLY J 460 28.88 18.01 10.69
C GLY J 460 28.14 16.93 9.91
N MET J 461 27.68 15.90 10.61
CA MET J 461 26.98 14.79 9.97
C MET J 461 25.55 14.64 10.47
N MET J 462 24.63 14.41 9.54
CA MET J 462 23.21 14.24 9.88
C MET J 462 22.73 12.84 9.52
N TYR J 463 21.88 12.27 10.38
CA TYR J 463 21.38 10.92 10.19
C TYR J 463 19.88 10.84 10.41
N TYR J 464 19.23 9.98 9.63
CA TYR J 464 17.78 9.76 9.74
C TYR J 464 17.41 9.18 11.10
N LYS J 465 16.22 9.54 11.56
CA LYS J 465 15.64 8.96 12.78
C LYS J 465 14.44 8.08 12.40
N ASP J 466 14.05 8.15 11.13
CA ASP J 466 12.94 7.37 10.57
C ASP J 466 13.21 5.86 10.66
N ARG J 467 14.25 5.42 9.96
CA ARG J 467 14.64 4.01 9.94
C ARG J 467 15.79 3.73 10.91
N ASP J 468 15.89 2.48 11.36
CA ASP J 468 17.03 2.04 12.16
C ASP J 468 18.14 1.59 11.22
N GLY J 469 19.36 2.03 11.52
CA GLY J 469 20.52 1.70 10.68
C GLY J 469 20.90 0.23 10.69
N VAL J 470 21.50 -0.22 9.59
CA VAL J 470 21.91 -1.63 9.45
C VAL J 470 22.98 -2.00 10.47
N VAL J 471 24.04 -1.21 10.54
CA VAL J 471 25.10 -1.42 11.54
C VAL J 471 24.58 -1.26 12.99
N PRO J 472 23.86 -0.16 13.28
CA PRO J 472 23.23 0.00 14.60
C PRO J 472 22.34 -1.17 15.02
N THR J 473 21.57 -1.75 14.09
CA THR J 473 20.68 -2.87 14.41
C THR J 473 21.46 -4.11 14.86
N GLU J 474 22.57 -4.40 14.17
CA GLU J 474 23.38 -5.59 14.45
C GLU J 474 24.02 -5.56 15.84
N ILE J 475 24.50 -4.38 16.23
CA ILE J 475 25.15 -4.22 17.53
C ILE J 475 24.13 -4.12 18.66
N THR J 476 22.92 -3.65 18.36
CA THR J 476 21.81 -3.68 19.30
C THR J 476 21.36 -5.12 19.53
N LYS J 477 21.43 -5.94 18.47
CA LYS J 477 21.08 -7.35 18.53
C LYS J 477 22.09 -8.11 19.41
N VAL J 478 23.36 -7.74 19.32
CA VAL J 478 24.41 -8.34 20.12
C VAL J 478 24.32 -7.85 21.57
N PHE J 479 23.95 -6.58 21.76
CA PHE J 479 23.78 -6.01 23.10
C PHE J 479 22.67 -6.69 23.90
N ASN J 480 21.54 -6.95 23.23
CA ASN J 480 20.40 -7.61 23.85
C ASN J 480 20.69 -9.09 24.13
N GLN J 481 21.56 -9.68 23.32
CA GLN J 481 22.01 -11.05 23.51
C GLN J 481 22.94 -11.20 24.72
N ARG J 482 23.69 -10.15 25.03
CA ARG J 482 24.56 -10.14 26.21
C ARG J 482 23.71 -10.00 27.48
N LYS J 483 22.67 -9.18 27.40
CA LYS J 483 21.69 -9.03 28.49
C LYS J 483 20.91 -10.34 28.65
N GLU J 484 20.73 -11.06 27.54
CA GLU J 484 20.10 -12.38 27.54
C GLU J 484 20.84 -13.36 28.43
N HIS J 485 22.14 -13.50 28.21
CA HIS J 485 22.96 -14.49 28.89
C HIS J 485 23.46 -14.04 30.24
N LYS J 486 23.45 -12.73 30.48
CA LYS J 486 23.69 -12.18 31.81
C LYS J 486 22.52 -12.50 32.74
N GLY J 487 21.33 -12.58 32.15
CA GLY J 487 20.13 -12.99 32.89
C GLY J 487 20.18 -14.47 33.27
N TYR J 488 20.90 -15.26 32.50
CA TYR J 488 21.08 -16.68 32.77
C TYR J 488 22.17 -16.90 33.83
N MET J 489 23.21 -16.07 33.77
CA MET J 489 24.30 -16.13 34.74
C MET J 489 23.81 -15.74 36.13
N LEU J 490 23.18 -14.57 36.24
CA LEU J 490 22.69 -14.04 37.51
C LEU J 490 21.67 -14.93 38.21
N ALA J 491 20.77 -15.53 37.43
CA ALA J 491 19.71 -16.39 37.97
C ALA J 491 20.26 -17.71 38.52
N ALA J 492 21.19 -18.31 37.79
CA ALA J 492 21.80 -19.59 38.17
C ALA J 492 22.70 -19.47 39.42
N GLN J 493 23.39 -18.36 39.54
CA GLN J 493 24.25 -18.09 40.70
C GLN J 493 23.42 -17.87 41.97
N ARG J 494 22.27 -17.21 41.81
CA ARG J 494 21.31 -17.01 42.90
C ARG J 494 20.50 -18.27 43.17
N ASN J 495 20.39 -19.13 42.17
CA ASN J 495 19.78 -20.45 42.33
C ASN J 495 20.73 -21.38 43.08
N GLY J 496 22.02 -21.27 42.78
CA GLY J 496 23.07 -22.04 43.46
C GLY J 496 23.26 -21.58 44.90
N GLU J 497 22.72 -20.41 45.22
CA GLU J 497 22.73 -19.88 46.59
C GLU J 497 21.72 -20.65 47.46
N ILE J 498 20.55 -20.93 46.89
CA ILE J 498 19.49 -21.66 47.60
C ILE J 498 19.86 -23.14 47.79
N ILE J 499 20.57 -23.70 46.82
CA ILE J 499 21.06 -25.09 46.89
C ILE J 499 21.93 -25.30 48.12
N LYS J 500 22.90 -24.41 48.33
CA LYS J 500 23.86 -24.54 49.44
C LYS J 500 23.30 -24.11 50.79
N GLU J 501 22.23 -23.31 50.78
CA GLU J 501 21.53 -22.91 52.00
C GLU J 501 20.80 -24.11 52.64
N ALA J 502 20.21 -24.96 51.80
CA ALA J 502 19.57 -26.18 52.25
C ALA J 502 20.60 -27.27 52.53
N LEU J 503 21.77 -27.16 51.89
CA LEU J 503 22.87 -28.12 52.06
C LEU J 503 23.64 -27.95 53.38
N HIS J 504 23.34 -26.89 54.12
CA HIS J 504 23.91 -26.69 55.46
C HIS J 504 23.41 -27.77 56.39
N ASN J 505 22.16 -28.19 56.20
CA ASN J 505 21.60 -29.37 56.83
C ASN J 505 20.66 -30.12 55.88
N PRO J 506 21.22 -31.02 55.04
CA PRO J 506 20.45 -31.77 54.04
C PRO J 506 19.42 -32.71 54.66
N ASN J 507 18.35 -32.99 53.92
CA ASN J 507 17.28 -33.87 54.37
C ASN J 507 17.57 -35.33 54.00
N LEU J 508 17.65 -36.17 55.02
CA LEU J 508 18.06 -37.57 54.87
C LEU J 508 16.98 -38.44 54.20
N SER J 509 17.11 -38.62 52.89
CA SER J 509 16.16 -39.41 52.09
C SER J 509 16.82 -39.95 50.82
N VAL J 510 16.03 -40.67 50.01
CA VAL J 510 16.48 -41.17 48.71
C VAL J 510 15.52 -40.74 47.59
N ASP J 511 15.96 -39.77 46.80
CA ASP J 511 15.13 -39.22 45.71
C ASP J 511 15.97 -38.62 44.59
N GLU J 512 15.29 -38.07 43.59
CA GLU J 512 15.94 -37.37 42.48
C GLU J 512 15.15 -36.10 42.12
N PRO J 513 15.86 -35.00 41.79
CA PRO J 513 15.23 -33.69 41.57
C PRO J 513 14.20 -33.64 40.45
N LEU J 514 13.38 -32.59 40.45
CA LEU J 514 12.40 -32.35 39.39
C LEU J 514 12.97 -31.36 38.36
N ASP J 515 12.42 -31.40 37.14
CA ASP J 515 12.94 -30.63 36.01
C ASP J 515 12.68 -29.14 36.13
N VAL J 516 13.74 -28.37 36.37
CA VAL J 516 13.68 -26.90 36.38
C VAL J 516 14.88 -26.32 35.64
N ASP J 517 14.63 -25.29 34.84
CA ASP J 517 15.68 -24.58 34.12
C ASP J 517 16.39 -23.61 35.05
N TYR J 518 17.72 -23.69 35.08
CA TYR J 518 18.56 -22.87 35.95
C TYR J 518 18.82 -21.49 35.34
N ARG J 519 18.29 -21.26 34.15
CA ARG J 519 18.42 -19.98 33.45
C ARG J 519 17.52 -18.91 34.08
N PHE J 520 16.53 -19.35 34.85
CA PHE J 520 15.62 -18.46 35.55
C PHE J 520 15.45 -18.90 37.01
N ASP J 521 15.33 -17.92 37.91
CA ASP J 521 15.18 -18.18 39.35
C ASP J 521 13.87 -18.89 39.69
N PHE J 522 13.95 -19.81 40.66
CA PHE J 522 12.85 -20.73 41.01
C PHE J 522 11.60 -20.01 41.54
N SER J 523 10.45 -20.66 41.34
CA SER J 523 9.17 -20.17 41.86
C SER J 523 8.97 -20.60 43.32
N ASP J 524 7.82 -20.27 43.90
CA ASP J 524 7.49 -20.64 45.27
C ASP J 524 7.31 -22.16 45.44
N GLU J 525 6.69 -22.78 44.44
CA GLU J 525 6.38 -24.22 44.47
C GLU J 525 7.63 -25.09 44.53
N ILE J 526 8.62 -24.73 43.72
CA ILE J 526 9.89 -25.46 43.63
C ILE J 526 10.80 -25.15 44.83
N LYS J 527 10.73 -23.91 45.31
CA LYS J 527 11.56 -23.43 46.42
C LYS J 527 11.21 -24.10 47.77
N GLU J 528 10.06 -24.76 47.83
CA GLU J 528 9.62 -25.46 49.04
C GLU J 528 9.95 -26.96 48.97
N LYS J 529 9.87 -27.54 47.77
CA LYS J 529 10.21 -28.94 47.54
C LYS J 529 11.72 -29.18 47.58
N ILE J 530 12.49 -28.12 47.37
CA ILE J 530 13.95 -28.20 47.32
C ILE J 530 14.59 -28.36 48.70
N LYS J 531 13.86 -27.96 49.75
CA LYS J 531 14.38 -28.01 51.12
C LYS J 531 14.30 -29.42 51.71
N LYS J 532 13.50 -30.28 51.08
CA LYS J 532 13.31 -31.66 51.57
C LYS J 532 13.93 -32.73 50.65
N LEU J 533 14.93 -32.33 49.87
CA LEU J 533 15.59 -33.26 48.94
C LEU J 533 16.80 -33.95 49.56
N SER J 534 17.22 -35.05 48.93
CA SER J 534 18.35 -35.87 49.38
C SER J 534 19.69 -35.12 49.36
N ALA J 535 20.67 -35.66 50.08
CA ALA J 535 22.03 -35.10 50.09
C ALA J 535 22.70 -35.32 48.73
N LYS J 536 22.44 -36.47 48.12
CA LYS J 536 22.97 -36.82 46.81
C LYS J 536 22.37 -35.95 45.70
N SER J 537 21.08 -35.65 45.84
CA SER J 537 20.33 -34.89 44.82
C SER J 537 20.72 -33.42 44.75
N LEU J 538 20.98 -32.81 45.90
CA LEU J 538 21.39 -31.42 45.98
C LEU J 538 22.80 -31.18 45.42
N ASN J 539 23.64 -32.20 45.49
CA ASN J 539 24.98 -32.15 44.89
C ASN J 539 24.94 -32.14 43.36
N GLU J 540 24.03 -32.94 42.79
CA GLU J 540 23.84 -33.01 41.34
C GLU J 540 23.07 -31.78 40.83
N MET J 541 22.29 -31.16 41.71
CA MET J 541 21.49 -29.99 41.37
C MET J 541 22.36 -28.73 41.24
N LEU J 542 23.37 -28.62 42.08
CA LEU J 542 24.35 -27.53 42.03
C LEU J 542 25.30 -27.72 40.85
N PHE J 543 25.60 -28.99 40.53
CA PHE J 543 26.51 -29.35 39.44
C PHE J 543 26.00 -28.89 38.07
N ARG J 544 24.72 -29.16 37.80
CA ARG J 544 24.09 -28.76 36.54
C ARG J 544 23.73 -27.27 36.55
N ALA J 545 23.68 -26.67 37.73
CA ALA J 545 23.50 -25.23 37.90
C ALA J 545 24.76 -24.45 37.48
N GLN J 546 25.77 -25.18 36.99
CA GLN J 546 27.02 -24.59 36.51
C GLN J 546 27.51 -25.20 35.20
N ARG J 547 27.11 -26.45 34.92
CA ARG J 547 27.60 -27.23 33.78
C ARG J 547 27.47 -26.54 32.40
N THR J 548 26.23 -26.31 31.96
CA THR J 548 25.98 -25.65 30.68
C THR J 548 26.21 -24.14 30.81
N GLU J 549 26.26 -23.67 32.05
CA GLU J 549 26.53 -22.26 32.36
C GLU J 549 27.99 -21.90 32.09
N VAL J 550 28.84 -22.92 31.97
CA VAL J 550 30.23 -22.75 31.51
C VAL J 550 30.22 -22.25 30.06
N ALA J 551 29.41 -22.91 29.22
CA ALA J 551 29.18 -22.45 27.86
C ALA J 551 28.23 -21.24 27.84
N GLY J 552 27.51 -21.05 28.96
CA GLY J 552 26.62 -19.91 29.15
C GLY J 552 27.37 -18.61 29.34
N MET J 553 28.43 -18.65 30.14
CA MET J 553 29.31 -17.49 30.33
C MET J 553 30.22 -17.30 29.11
N THR J 554 30.66 -18.41 28.52
CA THR J 554 31.47 -18.39 27.30
C THR J 554 30.73 -17.66 26.16
N ALA J 555 29.40 -17.79 26.15
CA ALA J 555 28.56 -17.07 25.20
C ALA J 555 28.47 -15.59 25.57
N GLN J 556 28.37 -15.31 26.87
CA GLN J 556 28.22 -13.95 27.40
C GLN J 556 29.48 -13.10 27.19
N ILE J 557 30.65 -13.66 27.49
CA ILE J 557 31.92 -12.97 27.31
C ILE J 557 32.28 -12.83 25.82
N ASN J 558 31.68 -13.68 24.99
CA ASN J 558 31.91 -13.62 23.54
C ASN J 558 31.24 -12.41 22.91
N ARG J 559 30.06 -12.05 23.42
CA ARG J 559 29.35 -10.84 22.99
C ARG J 559 30.18 -9.60 23.26
N LYS J 560 30.87 -9.58 24.39
CA LYS J 560 31.78 -8.50 24.78
C LYS J 560 32.89 -8.31 23.74
N LEU J 561 33.40 -9.42 23.21
CA LEU J 561 34.45 -9.41 22.20
C LEU J 561 33.99 -8.80 20.87
N LEU J 562 32.74 -9.06 20.49
CA LEU J 562 32.17 -8.46 19.29
C LEU J 562 31.95 -6.96 19.45
N ILE J 563 31.38 -6.58 20.59
CA ILE J 563 31.11 -5.17 20.91
C ILE J 563 32.39 -4.33 20.91
N ASN J 564 33.47 -4.88 21.46
CA ASN J 564 34.76 -4.19 21.50
C ASN J 564 35.56 -4.32 20.19
N SER J 565 34.93 -4.85 19.15
CA SER J 565 35.58 -5.03 17.86
C SER J 565 35.04 -4.09 16.78
N LEU J 566 33.76 -3.74 16.90
CA LEU J 566 33.05 -2.98 15.87
C LEU J 566 33.69 -1.64 15.48
N TYR J 567 34.26 -0.94 16.46
CA TYR J 567 34.93 0.35 16.19
C TYR J 567 36.21 0.18 15.39
N GLY J 568 36.98 -0.86 15.72
CA GLY J 568 38.21 -1.18 15.01
C GLY J 568 37.94 -1.52 13.55
N ALA J 569 36.81 -2.18 13.31
CA ALA J 569 36.38 -2.56 11.96
C ALA J 569 35.83 -1.38 11.17
N LEU J 570 34.92 -0.61 11.78
CA LEU J 570 34.29 0.53 11.11
C LEU J 570 35.28 1.67 10.82
N GLY J 571 36.42 1.65 11.50
CA GLY J 571 37.50 2.60 11.24
C GLY J 571 38.64 1.97 10.48
N ASN J 572 38.39 0.78 9.92
CA ASN J 572 39.36 0.07 9.10
C ASN J 572 39.05 0.25 7.62
N VAL J 573 40.06 0.62 6.84
CA VAL J 573 39.90 0.99 5.43
C VAL J 573 39.40 -0.14 4.52
N TRP J 574 39.68 -1.38 4.90
CA TRP J 574 39.31 -2.55 4.10
C TRP J 574 37.91 -3.03 4.35
N PHE J 575 37.39 -2.75 5.54
CA PHE J 575 36.05 -3.21 5.95
C PHE J 575 34.96 -2.77 4.98
N ARG J 576 34.02 -3.67 4.73
CA ARG J 576 32.98 -3.50 3.71
C ARG J 576 32.07 -2.29 3.95
N TYR J 577 31.73 -2.05 5.22
CA TYR J 577 30.77 -1.00 5.56
C TYR J 577 31.48 0.26 6.09
N TYR J 578 32.73 0.45 5.64
CA TYR J 578 33.54 1.60 6.03
C TYR J 578 33.06 2.90 5.38
N ASP J 579 33.21 3.99 6.13
CA ASP J 579 32.91 5.34 5.66
C ASP J 579 33.66 6.31 6.55
N LEU J 580 34.57 7.08 5.95
CA LEU J 580 35.44 8.01 6.69
C LEU J 580 34.63 9.06 7.45
N ARG J 581 33.60 9.60 6.79
CA ARG J 581 32.69 10.56 7.39
C ARG J 581 32.05 10.00 8.66
N ASN J 582 31.61 8.75 8.59
CA ASN J 582 31.03 8.03 9.72
C ASN J 582 32.07 7.73 10.80
N ALA J 583 33.21 7.19 10.39
CA ALA J 583 34.30 6.87 11.30
C ALA J 583 34.74 8.07 12.14
N THR J 584 34.78 9.25 11.50
CA THR J 584 35.12 10.50 12.17
C THR J 584 33.99 10.94 13.10
N ALA J 585 32.76 10.80 12.63
CA ALA J 585 31.57 11.20 13.39
C ALA J 585 31.48 10.48 14.75
N ILE J 586 31.83 9.20 14.75
CA ILE J 586 31.82 8.37 15.96
C ILE J 586 32.87 8.84 16.97
N THR J 587 34.06 9.18 16.46
CA THR J 587 35.17 9.58 17.33
C THR J 587 35.01 11.02 17.82
N THR J 588 34.51 11.90 16.95
CA THR J 588 34.30 13.30 17.29
C THR J 588 33.22 13.45 18.37
N PHE J 589 32.14 12.68 18.22
CA PHE J 589 31.08 12.65 19.22
C PHE J 589 31.62 12.21 20.57
N GLY J 590 32.60 11.29 20.54
CA GLY J 590 33.25 10.78 21.74
C GLY J 590 34.03 11.85 22.52
N GLN J 591 34.67 12.75 21.79
CA GLN J 591 35.41 13.85 22.41
C GLN J 591 34.45 14.87 23.02
N MET J 592 33.36 15.15 22.31
CA MET J 592 32.34 16.08 22.78
C MET J 592 31.72 15.60 24.08
N ALA J 593 31.23 14.37 24.08
CA ALA J 593 30.59 13.75 25.24
C ALA J 593 31.48 13.72 26.47
N LEU J 594 32.77 13.43 26.26
CA LEU J 594 33.75 13.39 27.34
C LEU J 594 33.90 14.76 28.01
N GLN J 595 34.21 15.78 27.21
CA GLN J 595 34.40 17.14 27.72
C GLN J 595 33.09 17.81 28.13
N TRP J 596 31.98 17.30 27.60
CA TRP J 596 30.64 17.76 27.98
C TRP J 596 30.36 17.43 29.42
N ILE J 597 30.50 16.16 29.76
CA ILE J 597 30.23 15.68 31.12
C ILE J 597 31.31 16.14 32.10
N GLU J 598 32.52 16.38 31.59
CA GLU J 598 33.60 16.95 32.36
C GLU J 598 33.25 18.39 32.77
N ARG J 599 32.68 19.14 31.82
CA ARG J 599 32.21 20.50 32.07
C ARG J 599 31.00 20.49 33.01
N LYS J 600 30.11 19.52 32.81
CA LYS J 600 28.89 19.40 33.61
C LYS J 600 29.17 19.05 35.07
N VAL J 601 30.15 18.19 35.29
CA VAL J 601 30.56 17.78 36.64
C VAL J 601 31.20 18.96 37.40
N ASN J 602 32.01 19.74 36.69
CA ASN J 602 32.63 20.94 37.27
C ASN J 602 31.63 22.04 37.60
N GLU J 603 30.56 22.11 36.82
CA GLU J 603 29.46 23.05 37.09
C GLU J 603 28.64 22.58 38.29
N TYR J 604 28.52 21.26 38.42
CA TYR J 604 27.75 20.64 39.51
C TYR J 604 28.51 20.64 40.84
N LEU J 605 29.77 20.21 40.82
CA LEU J 605 30.57 20.10 42.05
C LEU J 605 31.01 21.45 42.62
N ASN J 606 30.95 22.50 41.80
CA ASN J 606 31.23 23.86 42.27
C ASN J 606 30.06 24.44 43.07
N GLU J 607 28.85 24.23 42.56
CA GLU J 607 27.64 24.77 43.19
C GLU J 607 27.34 24.11 44.53
N VAL J 608 27.52 22.79 44.60
CA VAL J 608 27.19 22.02 45.81
C VAL J 608 28.20 22.19 46.95
N CYS J 609 29.41 22.63 46.60
CA CYS J 609 30.47 22.84 47.60
C CYS J 609 30.65 24.32 47.97
N GLY J 610 30.01 25.20 47.20
CA GLY J 610 30.06 26.64 47.46
C GLY J 610 31.37 27.27 47.04
N THR J 611 31.82 26.96 45.83
CA THR J 611 33.04 27.53 45.26
C THR J 611 32.81 27.99 43.82
N GLU J 612 33.73 28.81 43.31
CA GLU J 612 33.63 29.35 41.95
C GLU J 612 34.81 28.98 41.06
N GLY J 613 34.52 28.34 39.94
CA GLY J 613 35.51 28.02 38.90
C GLY J 613 36.58 27.00 39.27
N GLU J 614 36.34 26.22 40.32
CA GLU J 614 37.30 25.23 40.80
C GLU J 614 37.46 24.04 39.84
N ALA J 615 38.64 23.42 39.90
CA ALA J 615 38.94 22.26 39.09
C ALA J 615 38.76 20.97 39.91
N PHE J 616 37.66 20.28 39.66
CA PHE J 616 37.38 19.00 40.31
C PHE J 616 37.87 17.83 39.46
N VAL J 617 37.61 17.91 38.15
CA VAL J 617 38.09 16.90 37.21
C VAL J 617 39.57 17.16 36.93
N LEU J 618 40.40 16.17 37.26
CA LEU J 618 41.84 16.28 37.05
C LEU J 618 42.28 15.65 35.72
N TYR J 619 41.58 14.60 35.30
CA TYR J 619 41.97 13.85 34.11
C TYR J 619 40.79 13.26 33.35
N GLY J 620 40.87 13.30 32.03
CA GLY J 620 39.87 12.71 31.15
C GLY J 620 40.52 11.87 30.07
N ASP J 621 40.01 10.65 29.89
CA ASP J 621 40.60 9.69 28.95
C ASP J 621 39.54 8.86 28.25
N THR J 622 39.21 9.26 27.02
CA THR J 622 38.26 8.55 26.16
C THR J 622 36.93 8.20 26.85
N ASP J 623 36.93 7.11 27.61
CA ASP J 623 35.75 6.64 28.31
C ASP J 623 35.67 7.10 29.77
N SER J 624 36.83 7.24 30.41
CA SER J 624 36.89 7.48 31.84
C SER J 624 37.34 8.88 32.23
N ILE J 625 36.65 9.47 33.20
CA ILE J 625 37.08 10.72 33.82
C ILE J 625 37.49 10.48 35.27
N TYR J 626 38.32 11.38 35.80
CA TYR J 626 38.83 11.27 37.17
C TYR J 626 38.55 12.56 37.96
N VAL J 627 37.87 12.41 39.09
CA VAL J 627 37.48 13.54 39.92
C VAL J 627 38.13 13.54 41.30
N SER J 628 38.61 14.70 41.73
CA SER J 628 39.21 14.86 43.05
C SER J 628 38.13 15.07 44.11
N ALA J 629 38.13 14.18 45.10
CA ALA J 629 37.18 14.26 46.21
C ALA J 629 37.77 15.02 47.40
N ASP J 630 38.88 15.71 47.17
CA ASP J 630 39.57 16.50 48.20
C ASP J 630 38.66 17.58 48.80
N LYS J 631 37.96 18.31 47.95
CA LYS J 631 37.07 19.38 48.39
C LYS J 631 35.77 18.84 49.00
N ILE J 632 35.38 17.64 48.56
CA ILE J 632 34.18 16.96 49.08
C ILE J 632 34.42 16.49 50.52
N ILE J 633 35.59 15.89 50.75
CA ILE J 633 35.99 15.43 52.09
C ILE J 633 36.26 16.60 53.03
N ASP J 634 36.88 17.66 52.50
CA ASP J 634 37.17 18.86 53.28
C ASP J 634 35.92 19.68 53.61
N LYS J 635 34.84 19.49 52.84
CA LYS J 635 33.58 20.16 53.10
C LYS J 635 32.94 19.68 54.40
N VAL J 636 33.04 18.37 54.65
CA VAL J 636 32.56 17.77 55.90
C VAL J 636 33.65 17.67 56.96
N GLY J 637 34.90 17.47 56.52
CA GLY J 637 36.04 17.31 57.41
C GLY J 637 36.32 15.86 57.76
N GLU J 638 37.60 15.54 57.93
CA GLU J 638 38.04 14.19 58.29
C GLU J 638 37.65 13.81 59.73
N SER J 639 37.32 14.83 60.53
CA SER J 639 36.87 14.64 61.91
C SER J 639 35.52 13.94 61.99
N LYS J 640 34.77 13.97 60.88
CA LYS J 640 33.45 13.36 60.81
C LYS J 640 33.47 11.84 60.66
N PHE J 641 34.62 11.29 60.25
CA PHE J 641 34.73 9.86 59.96
C PHE J 641 35.51 9.10 61.03
N ARG J 642 35.05 7.89 61.35
CA ARG J 642 35.64 7.07 62.40
C ARG J 642 36.88 6.29 61.93
N ASP J 643 36.73 5.54 60.84
CA ASP J 643 37.84 4.83 60.21
C ASP J 643 37.93 5.13 58.72
N THR J 644 38.55 4.23 57.95
CA THR J 644 38.73 4.42 56.52
C THR J 644 37.45 4.12 55.73
N ASN J 645 36.74 3.07 56.13
CA ASN J 645 35.51 2.65 55.46
C ASN J 645 34.37 3.68 55.45
N HIS J 646 34.35 4.54 56.47
CA HIS J 646 33.28 5.53 56.63
C HIS J 646 33.32 6.65 55.61
N TRP J 647 34.50 6.99 55.13
CA TRP J 647 34.61 8.00 54.06
C TRP J 647 34.51 7.39 52.68
N VAL J 648 34.78 6.09 52.59
CA VAL J 648 34.59 5.35 51.34
C VAL J 648 33.10 5.10 51.11
N ASP J 649 32.38 4.79 52.18
CA ASP J 649 30.92 4.64 52.12
C ASP J 649 30.22 5.98 51.86
N PHE J 650 30.86 7.06 52.33
CA PHE J 650 30.36 8.41 52.12
C PHE J 650 30.47 8.83 50.65
N LEU J 651 31.65 8.61 50.06
CA LEU J 651 31.88 8.93 48.65
C LEU J 651 31.04 8.06 47.73
N ASP J 652 30.86 6.79 48.12
CA ASP J 652 30.02 5.85 47.38
C ASP J 652 28.57 6.33 47.36
N LYS J 653 28.08 6.77 48.52
CA LYS J 653 26.74 7.31 48.65
C LYS J 653 26.59 8.63 47.90
N PHE J 654 27.64 9.45 47.95
CA PHE J 654 27.65 10.77 47.31
C PHE J 654 27.66 10.70 45.78
N ALA J 655 28.37 9.71 45.24
CA ALA J 655 28.42 9.51 43.78
C ALA J 655 27.12 8.92 43.25
N ARG J 656 26.65 7.85 43.89
CA ARG J 656 25.48 7.09 43.45
C ARG J 656 24.16 7.87 43.55
N GLU J 657 24.04 8.72 44.55
CA GLU J 657 22.77 9.40 44.84
C GLU J 657 22.72 10.88 44.45
N ARG J 658 23.88 11.51 44.29
CA ARG J 658 23.93 12.94 43.98
C ARG J 658 24.62 13.25 42.65
N MET J 659 25.74 12.58 42.37
CA MET J 659 26.49 12.79 41.14
C MET J 659 25.84 12.08 39.96
N GLU J 660 25.49 10.81 40.16
CA GLU J 660 24.88 9.99 39.12
C GLU J 660 23.68 10.64 38.41
N PRO J 661 22.67 11.13 39.19
CA PRO J 661 21.52 11.76 38.53
C PRO J 661 21.91 13.02 37.75
N ALA J 662 22.88 13.77 38.27
CA ALA J 662 23.38 14.99 37.63
C ALA J 662 24.15 14.68 36.35
N ILE J 663 24.85 13.55 36.36
CA ILE J 663 25.54 13.05 35.17
C ILE J 663 24.50 12.56 34.15
N ASP J 664 23.56 11.75 34.59
CA ASP J 664 22.51 11.19 33.74
C ASP J 664 21.63 12.30 33.13
N ARG J 665 21.34 13.33 33.93
CA ARG J 665 20.53 14.47 33.47
C ARG J 665 21.32 15.32 32.47
N GLY J 666 22.64 15.33 32.61
CA GLY J 666 23.53 16.06 31.70
C GLY J 666 23.62 15.45 30.32
N PHE J 667 23.63 14.12 30.25
CA PHE J 667 23.68 13.40 28.97
C PHE J 667 22.35 13.45 28.22
N ARG J 668 21.26 13.58 28.96
CA ARG J 668 19.93 13.72 28.37
C ARG J 668 19.78 15.05 27.66
N GLU J 669 20.44 16.07 28.20
CA GLU J 669 20.46 17.41 27.61
C GLU J 669 21.28 17.42 26.33
N MET J 670 22.36 16.64 26.31
CA MET J 670 23.24 16.52 25.15
C MET J 670 22.58 15.75 24.02
N CYS J 671 21.74 14.78 24.39
CA CYS J 671 20.99 13.97 23.42
C CYS J 671 19.94 14.79 22.69
N GLU J 672 19.29 15.71 23.40
CA GLU J 672 18.30 16.61 22.82
C GLU J 672 18.97 17.75 22.06
N TYR J 673 20.19 18.08 22.47
CA TYR J 673 21.00 19.12 21.82
C TYR J 673 21.46 18.67 20.43
N MET J 674 21.76 17.38 20.31
CA MET J 674 22.14 16.80 19.02
C MET J 674 20.93 16.24 18.28
N ASN J 675 19.80 16.16 18.98
CA ASN J 675 18.57 15.55 18.47
C ASN J 675 18.78 14.10 18.05
N ASN J 676 19.43 13.33 18.92
CA ASN J 676 19.71 11.91 18.67
C ASN J 676 18.47 11.05 18.81
N LYS J 677 18.52 9.86 18.21
CA LYS J 677 17.39 8.93 18.21
C LYS J 677 17.02 8.42 19.61
N GLN J 678 18.02 7.92 20.34
CA GLN J 678 17.78 7.32 21.66
C GLN J 678 18.92 7.65 22.62
N HIS J 679 18.56 8.01 23.86
CA HIS J 679 19.54 8.32 24.91
C HIS J 679 20.20 7.08 25.44
N LEU J 680 21.49 6.94 25.16
CA LEU J 680 22.25 5.74 25.52
C LEU J 680 23.63 6.02 26.12
N MET J 681 23.91 7.30 26.41
CA MET J 681 25.14 7.68 27.09
C MET J 681 25.00 7.42 28.58
N PHE J 682 25.76 6.46 29.09
CA PHE J 682 25.69 6.09 30.51
C PHE J 682 27.06 6.10 31.18
N MET J 683 27.09 6.59 32.41
CA MET J 683 28.30 6.62 33.20
C MET J 683 28.02 6.09 34.60
N ASP J 684 29.02 5.40 35.17
CA ASP J 684 28.89 4.81 36.51
C ASP J 684 30.22 4.80 37.26
N ARG J 685 30.12 4.78 38.59
CA ARG J 685 31.29 4.84 39.47
C ARG J 685 32.14 3.59 39.36
N GLU J 686 33.44 3.80 39.13
CA GLU J 686 34.38 2.70 38.91
C GLU J 686 35.23 2.41 40.14
N ALA J 687 36.04 3.38 40.57
CA ALA J 687 36.97 3.17 41.69
C ALA J 687 37.04 4.35 42.66
N ILE J 688 37.05 4.02 43.95
CA ILE J 688 37.24 5.01 45.01
C ILE J 688 38.62 4.81 45.63
N ALA J 689 39.47 5.83 45.50
CA ALA J 689 40.86 5.76 45.97
C ALA J 689 41.20 6.88 46.94
N GLY J 690 42.26 6.65 47.73
CA GLY J 690 42.70 7.60 48.74
C GLY J 690 43.54 6.92 49.82
N PRO J 691 44.18 7.72 50.69
CA PRO J 691 45.02 7.17 51.75
C PRO J 691 44.21 6.68 52.95
N PRO J 692 44.80 5.81 53.80
CA PRO J 692 44.16 5.42 55.05
C PRO J 692 43.98 6.60 56.00
N LEU J 693 42.91 6.60 56.77
CA LEU J 693 42.61 7.70 57.69
C LEU J 693 43.63 7.76 58.83
N GLY J 694 44.20 8.95 59.02
CA GLY J 694 45.19 9.18 60.07
C GLY J 694 46.63 8.99 59.62
N SER J 695 46.82 8.23 58.54
CA SER J 695 48.15 7.93 58.01
C SER J 695 48.77 9.12 57.28
N LYS J 696 50.04 8.99 56.92
CA LYS J 696 50.78 10.07 56.26
C LYS J 696 50.84 9.87 54.74
N GLY J 697 49.98 9.00 54.22
CA GLY J 697 49.96 8.66 52.80
C GLY J 697 49.41 9.75 51.89
N ILE J 698 49.76 9.67 50.61
CA ILE J 698 49.30 10.64 49.60
C ILE J 698 48.06 10.19 48.83
N GLY J 699 47.85 8.88 48.78
CA GLY J 699 46.67 8.31 48.13
C GLY J 699 46.83 8.01 46.65
N GLY J 700 47.37 8.97 45.90
CA GLY J 700 47.58 8.83 44.46
C GLY J 700 48.38 9.96 43.85
N PHE J 701 49.10 9.66 42.78
CA PHE J 701 49.90 10.67 42.07
C PHE J 701 49.83 10.52 40.55
N TRP J 702 50.12 11.62 39.86
CA TRP J 702 50.20 11.65 38.40
C TRP J 702 51.53 12.21 37.97
N THR J 703 52.20 11.50 37.07
CA THR J 703 53.46 11.97 36.50
C THR J 703 53.20 12.72 35.20
N GLY J 704 52.28 12.18 34.40
CA GLY J 704 51.88 12.80 33.13
C GLY J 704 50.64 12.14 32.53
N LYS J 705 50.51 12.25 31.22
CA LYS J 705 49.39 11.65 30.48
C LYS J 705 49.43 10.13 30.58
N LYS J 706 48.26 9.53 30.83
CA LYS J 706 48.10 8.07 30.90
C LYS J 706 49.04 7.39 31.92
N ARG J 707 49.55 8.17 32.86
CA ARG J 707 50.51 7.68 33.84
C ARG J 707 50.07 8.04 35.26
N TYR J 708 49.70 7.03 36.05
CA TYR J 708 49.27 7.23 37.44
C TYR J 708 49.31 5.95 38.28
N ALA J 709 49.16 6.12 39.58
CA ALA J 709 49.07 5.00 40.53
C ALA J 709 48.14 5.38 41.68
N LEU J 710 47.08 4.59 41.85
CA LEU J 710 46.07 4.86 42.88
C LEU J 710 45.93 3.71 43.88
N ASN J 711 45.68 4.08 45.13
CA ASN J 711 45.39 3.10 46.18
C ASN J 711 43.88 2.89 46.29
N VAL J 712 43.38 1.88 45.57
CA VAL J 712 41.95 1.64 45.46
C VAL J 712 41.41 0.83 46.64
N TRP J 713 40.28 1.28 47.19
CA TRP J 713 39.58 0.58 48.27
C TRP J 713 38.38 -0.17 47.78
N ASP J 714 37.64 0.44 46.85
CA ASP J 714 36.42 -0.16 46.30
C ASP J 714 36.39 -0.07 44.77
N MET J 715 36.02 -1.19 44.14
CA MET J 715 35.94 -1.26 42.68
C MET J 715 34.55 -1.70 42.20
N GLU J 716 33.80 -0.75 41.65
CA GLU J 716 32.45 -0.97 41.12
C GLU J 716 31.46 -1.55 42.14
N GLY J 717 31.54 -1.04 43.37
CA GLY J 717 30.70 -1.54 44.46
C GLY J 717 31.37 -2.57 45.35
N THR J 718 32.27 -3.35 44.77
CA THR J 718 32.99 -4.40 45.49
C THR J 718 34.10 -3.81 46.35
N ARG J 719 34.02 -4.04 47.65
CA ARG J 719 34.99 -3.52 48.62
C ARG J 719 36.10 -4.54 48.89
N TYR J 720 37.34 -4.06 48.91
CA TYR J 720 38.51 -4.91 49.14
C TYR J 720 38.81 -5.05 50.63
N ALA J 721 39.21 -6.25 51.04
CA ALA J 721 39.70 -6.49 52.39
C ALA J 721 41.08 -5.83 52.55
N GLU J 722 41.98 -6.17 51.64
CA GLU J 722 43.28 -5.50 51.54
C GLU J 722 43.25 -4.59 50.30
N PRO J 723 43.46 -3.28 50.50
CA PRO J 723 43.44 -2.29 49.41
C PRO J 723 44.43 -2.62 48.30
N LYS J 724 43.98 -2.49 47.05
CA LYS J 724 44.81 -2.85 45.90
C LYS J 724 45.33 -1.62 45.15
N LEU J 725 46.56 -1.74 44.66
CA LEU J 725 47.20 -0.66 43.92
C LEU J 725 46.92 -0.80 42.43
N LYS J 726 46.06 0.09 41.91
CA LYS J 726 45.78 0.11 40.48
C LYS J 726 46.78 1.03 39.80
N ILE J 727 47.89 0.45 39.36
CA ILE J 727 48.95 1.19 38.68
C ILE J 727 48.71 1.12 37.17
N MET J 728 48.88 2.25 36.50
CA MET J 728 48.55 2.36 35.07
C MET J 728 49.51 3.30 34.35
N GLY J 729 50.26 2.75 33.40
CA GLY J 729 51.13 3.56 32.52
C GLY J 729 52.56 3.70 33.01
N LEU J 730 52.79 3.47 34.30
CA LEU J 730 54.11 3.62 34.89
C LEU J 730 55.03 2.45 34.53
N GLU J 731 56.29 2.55 34.94
CA GLU J 731 57.33 1.58 34.58
C GLU J 731 57.12 0.18 35.17
N THR J 732 56.19 0.05 36.11
CA THR J 732 55.88 -1.24 36.72
C THR J 732 54.95 -2.09 35.85
N GLN J 733 54.11 -1.43 35.05
CA GLN J 733 53.21 -2.11 34.12
C GLN J 733 53.91 -2.48 32.80
N LYS J 734 54.98 -1.75 32.49
CA LYS J 734 55.77 -2.01 31.30
C LYS J 734 56.58 -3.30 31.47
N SER J 735 56.50 -4.17 30.46
CA SER J 735 57.15 -5.48 30.50
C SER J 735 58.68 -5.42 30.39
N SER J 736 59.19 -4.29 29.87
CA SER J 736 60.63 -4.07 29.74
C SER J 736 61.26 -3.52 31.02
N THR J 737 60.88 -4.11 32.15
CA THR J 737 61.35 -3.70 33.46
C THR J 737 61.75 -4.93 34.28
N PRO J 738 62.96 -4.93 34.87
CA PRO J 738 63.52 -6.05 35.65
C PRO J 738 62.61 -6.53 36.79
N LYS J 739 62.69 -7.82 37.10
CA LYS J 739 61.77 -8.48 38.04
C LYS J 739 61.96 -8.05 39.50
N ALA J 740 63.15 -8.26 40.04
CA ALA J 740 63.47 -7.87 41.43
C ALA J 740 63.29 -6.37 41.64
N VAL J 741 63.48 -5.61 40.57
CA VAL J 741 63.23 -4.17 40.57
C VAL J 741 61.73 -3.89 40.62
N GLN J 742 60.95 -4.60 39.81
CA GLN J 742 59.48 -4.47 39.80
C GLN J 742 58.84 -4.84 41.14
N LYS J 743 59.44 -5.81 41.84
CA LYS J 743 59.02 -6.18 43.18
C LYS J 743 59.32 -5.06 44.17
N ALA J 744 60.52 -4.49 44.04
CA ALA J 744 60.98 -3.41 44.91
C ALA J 744 60.23 -2.10 44.67
N LEU J 745 59.88 -1.83 43.41
CA LEU J 745 59.16 -0.62 43.03
C LEU J 745 57.71 -0.65 43.51
N LYS J 746 57.12 -1.83 43.57
CA LYS J 746 55.75 -1.99 44.07
C LYS J 746 55.63 -1.57 45.53
N GLU J 747 56.61 -1.95 46.35
CA GLU J 747 56.67 -1.56 47.75
C GLU J 747 56.89 -0.06 47.93
N CYS J 748 57.62 0.54 47.00
CA CYS J 748 57.87 1.98 47.02
C CYS J 748 56.61 2.79 46.75
N ILE J 749 55.77 2.29 45.86
CA ILE J 749 54.48 2.92 45.57
C ILE J 749 53.49 2.62 46.70
N ARG J 750 53.55 1.39 47.23
CA ARG J 750 52.69 0.97 48.32
C ARG J 750 52.93 1.81 49.57
N ARG J 751 54.19 2.11 49.84
CA ARG J 751 54.58 2.93 51.00
C ARG J 751 54.34 4.43 50.77
N MET J 752 54.34 4.84 49.50
CA MET J 752 54.04 6.23 49.14
C MET J 752 52.57 6.57 49.37
N LEU J 753 51.69 5.74 48.85
CA LEU J 753 50.26 6.01 48.87
C LEU J 753 49.60 5.75 50.22
N GLN J 754 50.26 4.97 51.07
CA GLN J 754 49.67 4.57 52.35
C GLN J 754 50.47 5.04 53.57
N GLU J 755 51.77 4.77 53.60
CA GLU J 755 52.58 4.96 54.80
C GLU J 755 53.24 6.34 54.94
N GLY J 756 53.59 6.96 53.82
CA GLY J 756 54.14 8.31 53.83
C GLY J 756 55.56 8.46 53.32
N GLU J 757 56.09 9.67 53.42
CA GLU J 757 57.44 10.00 52.96
C GLU J 757 58.53 9.39 53.84
N GLU J 758 58.23 9.25 55.13
CA GLU J 758 59.18 8.70 56.10
C GLU J 758 59.49 7.24 55.81
N SER J 759 58.47 6.47 55.46
CA SER J 759 58.62 5.05 55.14
C SER J 759 59.39 4.82 53.84
N LEU J 760 59.18 5.70 52.87
CA LEU J 760 59.92 5.69 51.60
C LEU J 760 61.41 5.78 51.89
N GLN J 761 61.80 6.75 52.72
CA GLN J 761 63.18 6.94 53.14
C GLN J 761 63.67 5.75 53.97
N GLU J 762 62.77 5.18 54.77
CA GLU J 762 63.07 4.01 55.60
C GLU J 762 63.23 2.73 54.78
N TYR J 763 62.75 2.76 53.53
CA TYR J 763 62.87 1.61 52.63
C TYR J 763 63.98 1.79 51.60
N PHE J 764 64.20 3.02 51.16
CA PHE J 764 65.24 3.33 50.17
C PHE J 764 66.64 3.11 50.72
N LYS J 765 66.86 3.53 51.98
CA LYS J 765 68.13 3.30 52.66
C LYS J 765 68.28 1.84 53.10
N GLU J 766 67.15 1.19 53.37
CA GLU J 766 67.13 -0.23 53.71
C GLU J 766 66.95 -1.06 52.43
N PHE J 767 67.82 -0.80 51.45
CA PHE J 767 67.81 -1.51 50.18
C PHE J 767 69.21 -1.62 49.60
N GLU J 768 70.04 -0.60 49.85
CA GLU J 768 71.43 -0.60 49.40
C GLU J 768 72.33 -1.55 50.19
N LYS J 769 71.91 -1.89 51.41
CA LYS J 769 72.65 -2.84 52.25
C LYS J 769 72.26 -4.29 51.97
N GLU J 770 71.06 -4.50 51.44
CA GLU J 770 70.57 -5.84 51.10
C GLU J 770 70.62 -6.14 49.60
N PHE J 771 70.84 -5.09 48.79
CA PHE J 771 71.01 -5.22 47.34
C PHE J 771 72.33 -5.91 47.01
N ARG J 772 73.36 -5.60 47.80
CA ARG J 772 74.68 -6.22 47.66
C ARG J 772 74.70 -7.62 48.26
N GLN J 773 73.79 -7.89 49.19
CA GLN J 773 73.67 -9.19 49.84
C GLN J 773 72.86 -10.21 49.03
N LEU J 774 72.18 -9.73 47.98
CA LEU J 774 71.39 -10.59 47.10
C LEU J 774 72.26 -11.33 46.09
N ASN J 775 71.75 -12.45 45.59
CA ASN J 775 72.43 -13.29 44.61
C ASN J 775 72.64 -12.58 43.28
N TYR J 776 73.70 -12.96 42.56
CA TYR J 776 74.04 -12.34 41.28
C TYR J 776 73.02 -12.60 40.18
N ILE J 777 72.29 -13.71 40.31
CA ILE J 777 71.20 -14.04 39.40
C ILE J 777 69.95 -13.23 39.75
N SER J 778 69.69 -13.09 41.05
CA SER J 778 68.47 -12.43 41.55
C SER J 778 68.49 -10.90 41.40
N ILE J 779 69.55 -10.34 40.82
CA ILE J 779 69.62 -8.89 40.56
C ILE J 779 69.96 -8.56 39.10
N ALA J 780 69.71 -9.50 38.20
CA ALA J 780 70.04 -9.34 36.78
C ALA J 780 68.82 -9.07 35.92
N SER J 781 68.98 -8.17 34.94
CA SER J 781 67.94 -7.84 33.97
C SER J 781 68.04 -8.77 32.75
N VAL J 782 66.90 -9.04 32.13
CA VAL J 782 66.84 -9.98 30.99
C VAL J 782 66.70 -9.24 29.66
N SER J 783 67.36 -9.76 28.63
CA SER J 783 67.30 -9.21 27.28
C SER J 783 67.37 -10.31 26.23
N SER J 784 66.51 -10.23 25.21
CA SER J 784 66.51 -11.19 24.10
C SER J 784 67.75 -11.00 23.25
N ALA J 785 68.32 -12.12 22.79
CA ALA J 785 69.59 -12.10 22.05
C ALA J 785 69.45 -12.42 20.55
N ASN J 786 68.48 -11.80 19.90
CA ASN J 786 68.30 -11.90 18.46
C ASN J 786 69.07 -10.81 17.71
N ASN J 787 69.37 -11.08 16.43
CA ASN J 787 70.03 -10.12 15.54
C ASN J 787 71.44 -9.73 16.01
N ILE J 788 72.41 -10.60 15.73
CA ILE J 788 73.82 -10.38 16.10
C ILE J 788 74.71 -10.22 14.85
N ALA J 789 74.15 -10.56 13.69
CA ALA J 789 74.90 -10.59 12.43
C ALA J 789 75.50 -9.23 12.02
N LYS J 790 74.77 -8.15 12.29
CA LYS J 790 75.21 -6.80 11.93
C LYS J 790 76.26 -6.24 12.90
N TYR J 791 76.33 -6.85 14.10
CA TYR J 791 77.19 -6.35 15.17
C TYR J 791 78.43 -7.19 15.44
N ASP J 792 78.48 -8.40 14.87
CA ASP J 792 79.62 -9.30 15.05
C ASP J 792 80.74 -8.99 14.05
N VAL J 793 81.81 -8.37 14.55
CA VAL J 793 82.99 -8.05 13.74
C VAL J 793 84.23 -8.72 14.37
N GLY J 794 84.32 -10.04 14.19
CA GLY J 794 85.45 -10.83 14.70
C GLY J 794 85.54 -10.89 16.21
N GLY J 795 84.43 -11.22 16.86
CA GLY J 795 84.37 -11.32 18.32
C GLY J 795 84.36 -9.99 19.05
N PHE J 796 84.05 -8.92 18.33
CA PHE J 796 83.97 -7.57 18.90
C PHE J 796 82.72 -6.85 18.40
N PRO J 797 82.14 -5.97 19.24
CA PRO J 797 80.91 -5.23 18.88
C PRO J 797 81.07 -4.32 17.67
N GLY J 798 79.99 -4.19 16.89
CA GLY J 798 80.00 -3.35 15.69
C GLY J 798 79.30 -2.02 15.88
N PRO J 799 78.99 -1.32 14.76
CA PRO J 799 78.36 -0.01 14.81
C PRO J 799 76.92 -0.06 15.32
N LYS J 800 76.57 0.91 16.19
CA LYS J 800 75.24 1.03 16.80
C LYS J 800 74.80 -0.26 17.53
N CYS J 801 75.73 -0.86 18.26
CA CYS J 801 75.46 -2.10 18.98
C CYS J 801 74.69 -1.86 20.28
N PRO J 802 73.62 -2.63 20.52
CA PRO J 802 72.89 -2.59 21.79
C PRO J 802 73.77 -3.04 22.96
N PHE J 803 73.39 -2.64 24.16
CA PHE J 803 74.16 -2.92 25.38
C PHE J 803 74.34 -4.42 25.64
N HIS J 804 73.31 -5.21 25.35
CA HIS J 804 73.32 -6.66 25.60
C HIS J 804 73.99 -7.47 24.53
N ILE J 805 73.86 -7.04 23.27
CA ILE J 805 74.55 -7.69 22.14
C ILE J 805 76.06 -7.44 22.22
N ARG J 806 76.43 -6.35 22.89
CA ARG J 806 77.82 -6.05 23.22
C ARG J 806 78.38 -7.06 24.22
N GLY J 807 77.55 -7.43 25.20
CA GLY J 807 77.98 -8.32 26.29
C GLY J 807 78.11 -9.79 25.93
N ILE J 808 77.49 -10.22 24.84
CA ILE J 808 77.52 -11.62 24.40
C ILE J 808 78.90 -12.02 23.88
N LEU J 809 79.44 -11.25 22.94
CA LEU J 809 80.75 -11.52 22.35
C LEU J 809 81.90 -11.19 23.30
N THR J 810 81.61 -10.42 24.35
CA THR J 810 82.56 -10.13 25.43
C THR J 810 82.82 -11.40 26.25
N TYR J 811 81.73 -12.07 26.61
CA TYR J 811 81.77 -13.37 27.30
C TYR J 811 82.44 -14.44 26.44
N ASN J 812 82.20 -14.38 25.13
CA ASN J 812 82.78 -15.31 24.17
C ASN J 812 84.31 -15.18 24.02
N ARG J 813 84.84 -13.99 24.30
CA ARG J 813 86.28 -13.76 24.32
C ARG J 813 86.93 -14.39 25.55
N ALA J 814 86.19 -14.42 26.65
CA ALA J 814 86.67 -15.00 27.91
C ALA J 814 86.76 -16.52 27.85
N ILE J 815 85.87 -17.14 27.10
CA ILE J 815 85.85 -18.61 26.94
C ILE J 815 86.50 -19.10 25.64
N LYS J 816 87.51 -18.34 25.19
CA LYS J 816 88.27 -18.67 23.98
C LYS J 816 89.12 -19.93 24.15
N GLY J 817 89.71 -20.09 25.34
CA GLY J 817 90.59 -21.21 25.64
C GLY J 817 89.89 -22.55 25.81
N ASN J 818 88.75 -22.54 26.49
CA ASN J 818 87.99 -23.76 26.78
C ASN J 818 86.71 -23.87 25.95
N ILE J 819 86.57 -24.98 25.23
CA ILE J 819 85.42 -25.23 24.36
C ILE J 819 84.27 -25.94 25.09
N ASP J 820 84.57 -26.43 26.30
CA ASP J 820 83.61 -27.14 27.12
C ASP J 820 82.58 -26.20 27.75
N ALA J 821 82.84 -24.90 27.66
CA ALA J 821 81.95 -23.86 28.18
C ALA J 821 80.64 -23.77 27.40
N PRO J 822 79.53 -23.38 28.09
CA PRO J 822 78.21 -23.28 27.45
C PRO J 822 78.17 -22.30 26.27
N GLN J 823 77.81 -22.82 25.10
CA GLN J 823 77.70 -22.02 23.88
C GLN J 823 76.39 -21.24 23.86
N VAL J 824 76.46 -19.97 23.47
CA VAL J 824 75.28 -19.11 23.40
C VAL J 824 74.54 -19.34 22.08
N VAL J 825 73.26 -19.68 22.18
CA VAL J 825 72.40 -19.91 21.01
C VAL J 825 71.83 -18.56 20.53
N GLU J 826 71.82 -18.37 19.22
CA GLU J 826 71.33 -17.15 18.60
C GLU J 826 69.82 -17.01 18.79
N GLY J 827 69.40 -15.94 19.45
CA GLY J 827 67.98 -15.68 19.68
C GLY J 827 67.56 -15.79 21.14
N GLU J 828 67.98 -16.88 21.79
CA GLU J 828 67.58 -17.18 23.17
C GLU J 828 68.09 -16.16 24.19
N LYS J 829 67.33 -15.99 25.28
CA LYS J 829 67.54 -14.91 26.23
C LYS J 829 68.81 -15.03 27.08
N VAL J 830 69.35 -13.88 27.47
CA VAL J 830 70.57 -13.79 28.28
C VAL J 830 70.46 -12.76 29.41
N TYR J 831 71.41 -12.80 30.35
CA TYR J 831 71.47 -11.83 31.46
C TYR J 831 72.24 -10.56 31.07
N VAL J 832 72.07 -9.50 31.86
CA VAL J 832 72.82 -8.25 31.68
C VAL J 832 73.35 -7.75 33.02
N LEU J 833 74.68 -7.65 33.14
CA LEU J 833 75.32 -7.06 34.31
C LEU J 833 76.47 -6.14 33.91
N PRO J 834 76.41 -4.85 34.32
CA PRO J 834 77.45 -3.89 33.98
C PRO J 834 78.76 -4.16 34.72
N LEU J 835 79.88 -3.79 34.09
CA LEU J 835 81.20 -3.98 34.68
C LEU J 835 81.95 -2.65 34.80
N ARG J 836 82.77 -2.54 35.85
CA ARG J 836 83.59 -1.35 36.08
C ARG J 836 84.77 -1.29 35.11
N GLU J 837 85.26 -0.06 34.86
CA GLU J 837 86.42 0.16 33.99
C GLU J 837 87.68 -0.43 34.64
N GLY J 838 88.59 -0.92 33.79
CA GLY J 838 89.83 -1.54 34.27
C GLY J 838 89.76 -3.05 34.27
N ASN J 839 88.58 -3.58 33.96
CA ASN J 839 88.36 -5.03 33.88
C ASN J 839 89.09 -5.67 32.70
N PRO J 840 89.53 -6.94 32.85
CA PRO J 840 90.23 -7.63 31.75
C PRO J 840 89.31 -8.06 30.60
N PHE J 841 88.00 -7.94 30.79
CA PHE J 841 87.01 -8.38 29.80
C PHE J 841 86.88 -7.43 28.61
N GLY J 842 87.29 -6.18 28.80
CA GLY J 842 87.28 -5.19 27.73
C GLY J 842 86.07 -4.28 27.75
N ASP J 843 84.91 -4.84 27.44
CA ASP J 843 83.66 -4.08 27.35
C ASP J 843 83.07 -3.71 28.71
N LYS J 844 81.97 -2.97 28.67
CA LYS J 844 81.32 -2.42 29.87
C LYS J 844 80.25 -3.33 30.51
N CYS J 845 80.14 -4.57 30.01
CA CYS J 845 79.16 -5.53 30.52
C CYS J 845 79.41 -6.97 30.04
N ILE J 846 78.86 -7.93 30.78
CA ILE J 846 78.94 -9.36 30.42
C ILE J 846 77.53 -9.97 30.31
N ALA J 847 77.41 -11.00 29.48
CA ALA J 847 76.13 -11.67 29.23
C ALA J 847 76.30 -13.18 29.03
N TRP J 848 75.43 -13.96 29.66
CA TRP J 848 75.46 -15.43 29.55
C TRP J 848 74.07 -16.02 29.54
N PRO J 849 73.92 -17.25 28.99
CA PRO J 849 72.63 -17.94 28.89
C PRO J 849 71.77 -17.83 30.16
N SER J 850 70.49 -17.53 29.97
CA SER J 850 69.56 -17.31 31.07
C SER J 850 69.20 -18.60 31.81
N GLY J 851 69.13 -18.51 33.14
CA GLY J 851 68.74 -19.64 33.98
C GLY J 851 69.86 -20.60 34.31
N THR J 852 71.08 -20.25 33.92
CA THR J 852 72.25 -21.11 34.14
C THR J 852 73.35 -20.42 34.94
N GLU J 853 74.24 -21.22 35.52
CA GLU J 853 75.41 -20.72 36.23
C GLU J 853 76.51 -20.38 35.21
N ILE J 854 77.34 -19.40 35.54
CA ILE J 854 78.50 -19.05 34.72
C ILE J 854 79.59 -20.11 34.93
N THR J 855 80.45 -20.29 33.94
CA THR J 855 81.62 -21.16 34.06
C THR J 855 82.50 -20.68 35.22
N ASP J 856 82.77 -21.59 36.16
CA ASP J 856 83.44 -21.26 37.43
C ASP J 856 84.85 -20.70 37.28
N LEU J 857 85.53 -21.08 36.19
CA LEU J 857 86.91 -20.69 35.95
C LEU J 857 87.08 -19.21 35.61
N ILE J 858 85.97 -18.54 35.27
CA ILE J 858 85.97 -17.10 34.98
C ILE J 858 84.83 -16.38 35.73
N LYS J 859 84.13 -17.13 36.58
CA LYS J 859 82.96 -16.63 37.32
C LYS J 859 83.29 -15.58 38.37
N ASP J 860 84.27 -15.87 39.23
CA ASP J 860 84.58 -15.03 40.39
C ASP J 860 85.29 -13.71 40.04
N ASP J 861 85.72 -13.58 38.79
CA ASP J 861 86.29 -12.32 38.29
C ASP J 861 85.20 -11.35 37.83
N VAL J 862 84.03 -11.90 37.49
CA VAL J 862 82.87 -11.11 37.09
C VAL J 862 82.24 -10.41 38.30
N LEU J 863 81.99 -11.18 39.35
CA LEU J 863 81.37 -10.66 40.58
C LEU J 863 82.29 -9.74 41.38
N HIS J 864 83.57 -9.75 41.04
CA HIS J 864 84.53 -8.82 41.63
C HIS J 864 84.55 -7.52 40.87
N TRP J 865 84.19 -7.57 39.60
CA TRP J 865 84.23 -6.40 38.72
C TRP J 865 82.88 -5.87 38.31
N MET J 866 81.81 -6.47 38.82
CA MET J 866 80.45 -5.99 38.50
C MET J 866 80.13 -4.70 39.26
N ASP J 867 79.41 -3.80 38.60
CA ASP J 867 79.09 -2.50 39.19
C ASP J 867 77.65 -2.44 39.70
N TYR J 868 77.50 -1.98 40.94
CA TYR J 868 76.20 -1.83 41.58
C TYR J 868 75.60 -0.45 41.35
N THR J 869 76.47 0.55 41.17
CA THR J 869 76.05 1.94 40.97
C THR J 869 75.40 2.16 39.60
N VAL J 870 76.09 1.73 38.54
CA VAL J 870 75.57 1.82 37.18
C VAL J 870 74.28 1.03 37.03
N LEU J 871 74.22 -0.12 37.69
CA LEU J 871 73.06 -1.01 37.66
C LEU J 871 71.82 -0.38 38.33
N LEU J 872 71.99 0.07 39.57
CA LEU J 872 70.88 0.57 40.38
C LEU J 872 70.36 1.94 39.93
N GLU J 873 71.26 2.77 39.40
CA GLU J 873 70.91 4.12 38.94
C GLU J 873 69.96 4.10 37.75
N LYS J 874 70.23 3.22 36.79
CA LYS J 874 69.46 3.19 35.53
C LYS J 874 68.17 2.37 35.61
N THR J 875 68.12 1.42 36.54
CA THR J 875 66.98 0.51 36.65
C THR J 875 65.97 0.90 37.74
N PHE J 876 66.49 1.37 38.87
CA PHE J 876 65.68 1.59 40.07
C PHE J 876 65.40 3.06 40.37
N ILE J 877 66.46 3.88 40.42
CA ILE J 877 66.36 5.29 40.80
C ILE J 877 65.74 6.16 39.69
N LYS J 878 66.16 5.90 38.45
CA LYS J 878 65.71 6.69 37.29
C LYS J 878 64.18 6.78 37.14
N PRO J 879 63.46 5.64 37.23
CA PRO J 879 62.00 5.74 37.18
C PRO J 879 61.39 6.28 38.48
N LEU J 880 62.05 6.02 39.61
CA LEU J 880 61.60 6.50 40.92
C LEU J 880 61.68 8.02 41.01
N GLU J 881 62.67 8.60 40.31
CA GLU J 881 62.80 10.04 40.16
C GLU J 881 61.54 10.65 39.55
N GLY J 882 61.00 9.97 38.53
CA GLY J 882 59.77 10.39 37.87
C GLY J 882 58.56 10.43 38.79
N PHE J 883 58.47 9.46 39.69
CA PHE J 883 57.33 9.35 40.60
C PHE J 883 57.40 10.36 41.75
N THR J 884 58.57 10.45 42.38
CA THR J 884 58.76 11.32 43.55
C THR J 884 58.63 12.80 43.24
N SER J 885 59.21 13.22 42.11
CA SER J 885 59.15 14.61 41.66
C SER J 885 57.72 15.02 41.26
N ALA J 886 56.90 14.03 40.96
CA ALA J 886 55.51 14.26 40.57
C ALA J 886 54.63 14.59 41.78
N ALA J 887 54.79 13.83 42.86
CA ALA J 887 53.98 13.99 44.08
C ALA J 887 54.64 14.92 45.10
N LYS J 888 55.70 15.60 44.69
CA LYS J 888 56.47 16.52 45.55
C LYS J 888 57.08 15.81 46.77
N LEU J 889 57.83 14.74 46.50
CA LEU J 889 58.46 13.94 47.54
C LEU J 889 59.94 13.74 47.29
N ASP J 890 60.66 13.32 48.34
CA ASP J 890 62.08 13.02 48.24
C ASP J 890 62.38 11.63 48.81
N TYR J 891 63.16 10.86 48.06
CA TYR J 891 63.63 9.56 48.55
C TYR J 891 64.74 9.72 49.58
N GLU J 892 65.47 10.84 49.49
CA GLU J 892 66.51 11.19 50.46
C GLU J 892 65.90 11.99 51.62
N LYS J 893 66.77 12.52 52.49
CA LYS J 893 66.33 13.31 53.63
C LYS J 893 67.16 14.59 53.77
N LYS J 894 66.48 15.68 54.11
CA LYS J 894 67.15 16.93 54.48
C LYS J 894 67.08 17.15 55.99
N ALA J 895 68.23 17.49 56.57
CA ALA J 895 68.35 17.67 58.02
C ALA J 895 67.75 19.00 58.49
N SER J 896 66.58 18.91 59.14
CA SER J 896 65.90 20.08 59.69
C SER J 896 66.31 20.32 61.15
N LEU J 897 65.74 21.34 61.76
CA LEU J 897 66.06 21.71 63.14
C LEU J 897 65.14 21.03 64.18
N PHE J 898 64.46 19.97 63.75
CA PHE J 898 63.58 19.19 64.63
C PHE J 898 64.15 17.82 64.95
N ASP J 899 64.62 17.12 63.91
CA ASP J 899 65.15 15.77 64.05
C ASP J 899 66.49 15.72 64.79
N MET J 900 67.25 16.81 64.71
CA MET J 900 68.56 16.89 65.34
C MET J 900 68.58 17.74 66.62
N PHE J 901 67.39 18.15 67.06
CA PHE J 901 67.25 18.91 68.31
C PHE J 901 66.23 18.26 69.26
N ASP J 902 65.29 17.52 68.69
CA ASP J 902 64.25 16.77 69.43
C ASP J 902 63.33 17.64 70.29
N PHE J 903 62.45 16.99 71.03
CA PHE J 903 61.56 17.66 71.98
C PHE J 903 62.30 17.93 73.30
P C37 K 3 43.63 -1.09 12.12
O1P C37 K 3 44.88 -1.54 12.79
O2P C37 K 3 43.58 -1.03 10.64
O5' C37 K 3 43.27 0.36 12.68
C5' C37 K 3 41.99 0.96 12.40
C4' C37 K 3 41.64 1.94 13.51
O4' C37 K 3 41.43 1.23 14.74
C3' C37 K 3 42.72 2.97 13.81
O3' C37 K 3 42.61 4.11 12.97
C2' C37 K 3 42.45 3.31 15.27
C1' C37 K 3 41.91 2.00 15.84
N1 C37 K 3 42.89 1.18 16.57
C2 C37 K 3 43.05 1.38 17.95
O2 C37 K 3 42.33 2.23 18.51
N3 C37 K 3 43.95 0.64 18.63
C4 C37 K 3 44.70 -0.26 17.98
N4 C37 K 3 45.58 -0.97 18.69
C5 C37 K 3 44.57 -0.48 16.57
C6 C37 K 3 43.67 0.27 15.92
F C37 K 3 45.31 -1.36 15.92
S SO4 M . -15.14 -19.38 -68.26
O1 SO4 M . -15.07 -20.64 -69.03
O2 SO4 M . -16.54 -18.95 -68.14
O3 SO4 M . -14.57 -19.60 -66.91
O4 SO4 M . -14.37 -18.33 -68.97
S SO4 N . -24.88 49.36 -10.49
O1 SO4 N . -24.42 48.05 -10.00
O2 SO4 N . -26.28 49.24 -10.97
O3 SO4 N . -24.82 50.35 -9.38
O4 SO4 N . -24.03 49.82 -11.60
S SO4 O . -19.99 -1.82 29.82
O1 SO4 O . -20.09 -2.19 28.40
O2 SO4 O . -20.90 -2.67 30.62
O3 SO4 O . -18.60 -2.02 30.28
O4 SO4 O . -20.39 -0.40 29.98
S SO4 P . 48.36 0.82 16.49
O1 SO4 P . 47.78 -0.24 15.65
O2 SO4 P . 47.85 0.71 17.87
O3 SO4 P . 49.83 0.68 16.51
O4 SO4 P . 47.99 2.15 15.94
#